data_3SBR
#
_entry.id   3SBR
#
_cell.length_a   96.577
_cell.length_b   106.453
_cell.length_c   130.876
_cell.angle_alpha   111.45
_cell.angle_beta   107.22
_cell.angle_gamma   90.72
#
_symmetry.space_group_name_H-M   'P 1'
#
loop_
_entity.id
_entity.type
_entity.pdbx_description
1 polymer 'Nitrous-oxide reductase'
2 non-polymer 'DINUCLEAR COPPER ION'
3 non-polymer '[4Cu:2S] cluster'
4 non-polymer 'CALCIUM ION'
5 non-polymer 'CHLORIDE ION'
6 non-polymer 'POTASSIUM ION'
7 non-polymer IMIDAZOLE
8 non-polymer 'NITROUS OXIDE'
9 water water
#
_entity_poly.entity_id   1
_entity_poly.type   'polypeptide(L)'
_entity_poly.pdbx_seq_one_letter_code
;MSDKDSKNTPQVPEKLGLSRRGFLGASAVTGAAVAATALGGAVMTRESWAQAVKESKQKIHVGPGELDDYYGFWSGGHQG
EVRVLGVPSMRELMRIPVFNVDSATGWGLTNESRHIMGDSAKFLNGDCHHPHISMTDGKYDGKYLFINDKANSRVARIRL
DIMKCDKMITVPNVQAIHGLRLQKVPHTKYVFANAEFIIPHPNDGKVFDLQDENSYTMYNAIDAETMEMAFQVIVDGNLD
NTDADYTGRFAAATCYNSEKAFDLGGMMRNERDWVVVFDIHAVEAAVKAGDFITLGDSKTPVLDGRKKDGKDSKFTRYVP
VPKNPHGCNTSSDGKYFIAAGKLSPTCSMIAIDKLPDLFAGKLADPRDVIVGEPELGLGPLHTTFDGRGNAYTTLFIDSQ
VVKWNMEEAVRAYKGEKVNYIKQKLDVHYQPGHLHASLCETNEADGKWLVALSKFSKDRFLPVGPLHPENDQLIDISGDE
MKLVHDGPTFAEPHDCIMARRDQIKTKKIWDRNDPFFAPTVEMAKKDGINLDTDNKVIRDGNKVRVYMTSMAPAFGVQEF
TVKQGDEVTVTITNIDQIEDVSHGFVVVNHGVSMEISPQQTSSITFVADKPGLHWYYCSWFCHALHMEMVGRMMVEPA
;
_entity_poly.pdbx_strand_id   A,B,C,D,E,F,G,H
#
# COMPACT_ATOMS: atom_id res chain seq x y z
N GLN A 58 17.36 32.20 12.33
CA GLN A 58 16.14 32.48 13.16
C GLN A 58 16.10 33.88 13.83
N LYS A 59 14.96 34.57 13.65
CA LYS A 59 14.42 35.62 14.57
C LYS A 59 15.30 36.70 15.21
N ILE A 60 15.58 36.51 16.48
CA ILE A 60 16.31 37.46 17.39
C ILE A 60 15.74 38.87 17.68
N HIS A 61 15.32 39.64 16.68
CA HIS A 61 14.93 41.05 16.97
C HIS A 61 13.42 41.36 16.94
N VAL A 62 12.89 41.84 18.06
CA VAL A 62 11.49 42.29 18.13
C VAL A 62 11.45 43.83 18.15
N GLY A 63 11.06 44.39 17.00
CA GLY A 63 11.01 45.84 16.82
C GLY A 63 9.71 46.48 17.30
N PRO A 64 9.67 47.82 17.36
CA PRO A 64 8.48 48.52 17.82
C PRO A 64 7.21 48.03 17.11
N GLY A 65 6.15 47.77 17.87
CA GLY A 65 4.89 47.31 17.29
C GLY A 65 4.82 45.80 17.09
N GLU A 66 5.97 45.13 17.08
CA GLU A 66 6.02 43.67 17.02
C GLU A 66 5.99 43.07 18.43
N LEU A 67 5.54 41.82 18.53
CA LEU A 67 5.44 41.12 19.81
C LEU A 67 6.32 39.86 19.85
N ASP A 68 6.74 39.49 21.06
CA ASP A 68 7.54 38.28 21.30
C ASP A 68 6.77 37.02 20.98
N ASP A 69 7.49 35.93 20.73
CA ASP A 69 6.91 34.64 20.36
C ASP A 69 6.66 33.69 21.54
N TYR A 70 7.45 33.85 22.60
CA TYR A 70 7.32 33.04 23.80
C TYR A 70 7.25 33.92 25.04
N TYR A 71 6.56 33.44 26.06
CA TYR A 71 6.74 33.98 27.39
C TYR A 71 7.91 33.28 28.02
N GLY A 72 8.72 34.02 28.77
CA GLY A 72 9.77 33.40 29.56
C GLY A 72 9.43 33.69 30.99
N PHE A 73 9.55 32.69 31.85
CA PHE A 73 9.40 32.89 33.29
C PHE A 73 10.70 32.63 34.07
N TRP A 74 11.31 33.72 34.56
CA TRP A 74 12.58 33.69 35.27
C TRP A 74 12.39 33.64 36.78
N SER A 75 13.18 32.82 37.46
CA SER A 75 13.28 32.94 38.91
C SER A 75 13.99 34.25 39.19
N GLY A 76 13.57 34.95 40.24
CA GLY A 76 14.27 36.16 40.67
C GLY A 76 15.47 35.86 41.55
N GLY A 77 15.73 34.58 41.77
CA GLY A 77 16.83 34.15 42.62
C GLY A 77 16.61 34.54 44.07
N HIS A 78 17.66 35.07 44.67
CA HIS A 78 17.61 35.54 46.05
C HIS A 78 17.06 36.96 46.19
N GLN A 79 16.65 37.57 45.08
CA GLN A 79 15.89 38.80 45.15
C GLN A 79 14.47 38.52 45.58
N GLY A 80 13.94 37.37 45.14
CA GLY A 80 12.72 36.84 45.71
C GLY A 80 11.49 36.79 44.84
N GLU A 81 11.50 37.48 43.70
CA GLU A 81 10.29 37.61 42.87
C GLU A 81 10.29 36.61 41.72
N VAL A 82 9.25 36.63 40.89
CA VAL A 82 9.30 35.97 39.60
C VAL A 82 9.32 37.05 38.51
N ARG A 83 10.08 36.83 37.44
CA ARG A 83 10.06 37.78 36.33
C ARG A 83 9.46 37.16 35.06
N VAL A 84 8.60 37.92 34.40
CA VAL A 84 8.05 37.55 33.08
C VAL A 84 8.82 38.27 31.96
N LEU A 85 9.37 37.48 31.03
CA LEU A 85 10.07 38.04 29.87
C LEU A 85 9.39 37.65 28.56
N GLY A 86 9.64 38.44 27.53
CA GLY A 86 9.30 38.03 26.17
C GLY A 86 10.53 37.41 25.55
N VAL A 87 10.35 36.29 24.85
CA VAL A 87 11.40 35.65 24.08
C VAL A 87 10.95 35.71 22.62
N PRO A 88 11.86 36.10 21.70
CA PRO A 88 13.31 36.21 21.83
C PRO A 88 13.88 37.58 22.19
N SER A 89 13.04 38.57 22.51
CA SER A 89 13.58 39.90 22.83
C SER A 89 14.41 39.90 24.11
N MET A 90 14.06 39.00 25.03
CA MET A 90 14.72 38.86 26.34
C MET A 90 14.43 40.03 27.30
N ARG A 91 13.34 40.74 27.01
CA ARG A 91 12.97 41.93 27.76
C ARG A 91 12.06 41.55 28.92
N GLU A 92 12.17 42.31 30.01
CA GLU A 92 11.40 42.05 31.19
C GLU A 92 10.09 42.80 31.11
N LEU A 93 9.03 42.03 30.91
CA LEU A 93 7.71 42.57 30.70
C LEU A 93 7.01 42.88 32.02
N MET A 94 7.23 42.04 33.03
CA MET A 94 6.52 42.16 34.33
C MET A 94 7.31 41.49 35.45
N ARG A 95 7.23 42.07 36.64
CA ARG A 95 7.70 41.43 37.88
C ARG A 95 6.50 40.99 38.72
N ILE A 96 6.57 39.77 39.23
CA ILE A 96 5.53 39.21 40.10
C ILE A 96 6.14 39.00 41.48
N PRO A 97 5.75 39.85 42.43
CA PRO A 97 6.39 39.71 43.72
C PRO A 97 5.93 38.43 44.40
N VAL A 98 6.83 37.77 45.11
CA VAL A 98 6.49 36.51 45.77
C VAL A 98 7.01 36.48 47.19
N PHE A 99 8.33 36.33 47.34
CA PHE A 99 8.93 36.24 48.67
C PHE A 99 9.55 37.56 49.05
N ASN A 100 9.75 38.42 48.05
CA ASN A 100 10.18 39.80 48.25
C ASN A 100 9.00 40.67 48.70
N VAL A 101 9.29 41.81 49.32
CA VAL A 101 8.27 42.81 49.65
C VAL A 101 8.30 43.84 48.53
N ASP A 102 7.19 43.99 47.80
CA ASP A 102 7.19 44.93 46.68
C ASP A 102 6.50 46.21 47.03
N SER A 103 7.27 47.27 47.10
CA SER A 103 6.78 48.59 47.47
C SER A 103 5.79 49.19 46.47
N ALA A 104 5.83 48.68 45.23
CA ALA A 104 5.03 49.23 44.15
C ALA A 104 3.58 48.82 44.29
N THR A 105 3.36 47.51 44.43
CA THR A 105 2.03 46.92 44.44
C THR A 105 1.56 46.62 45.88
N GLY A 106 2.51 46.69 46.81
CA GLY A 106 2.23 46.51 48.22
C GLY A 106 2.22 45.05 48.62
N TRP A 107 2.86 44.21 47.81
CA TRP A 107 2.95 42.79 48.15
C TRP A 107 3.83 42.68 49.37
N GLY A 108 3.24 42.15 50.45
CA GLY A 108 3.88 42.10 51.75
C GLY A 108 3.29 43.12 52.70
N LEU A 109 2.58 44.09 52.16
CA LEU A 109 2.02 45.17 52.96
C LEU A 109 0.49 45.10 53.05
N THR A 110 -0.14 44.72 51.94
CA THR A 110 -1.60 44.58 51.87
C THR A 110 -2.10 43.39 52.67
N ASN A 111 -3.36 43.45 53.08
CA ASN A 111 -3.96 42.34 53.78
C ASN A 111 -4.15 41.11 52.90
N GLU A 112 -4.36 41.31 51.59
CA GLU A 112 -4.55 40.19 50.67
C GLU A 112 -3.27 39.38 50.52
N SER A 113 -2.15 40.07 50.36
CA SER A 113 -0.85 39.42 50.21
C SER A 113 -0.39 38.80 51.53
N ARG A 114 -0.49 39.55 52.63
CA ARG A 114 -0.03 39.04 53.94
C ARG A 114 -0.82 37.81 54.35
N HIS A 115 -2.12 37.82 54.05
CA HIS A 115 -2.99 36.67 54.22
C HIS A 115 -2.53 35.48 53.39
N ILE A 116 -2.08 35.72 52.16
CA ILE A 116 -1.62 34.62 51.31
C ILE A 116 -0.34 34.04 51.93
N MET A 117 0.50 34.92 52.44
CA MET A 117 1.79 34.56 53.02
C MET A 117 1.68 33.89 54.40
N GLY A 118 0.51 33.99 55.02
CA GLY A 118 0.29 33.48 56.37
C GLY A 118 1.33 34.02 57.33
N ASP A 119 1.84 33.15 58.20
CA ASP A 119 2.83 33.53 59.22
C ASP A 119 4.14 34.07 58.64
N SER A 120 4.54 33.54 57.49
CA SER A 120 5.82 33.91 56.86
C SER A 120 5.87 35.36 56.37
N ALA A 121 4.71 36.01 56.34
CA ALA A 121 4.63 37.44 55.98
C ALA A 121 5.53 38.32 56.84
N LYS A 122 6.10 37.75 57.89
CA LYS A 122 7.12 38.45 58.68
C LYS A 122 8.49 38.49 57.99
N PHE A 123 8.72 37.54 57.08
CA PHE A 123 9.99 37.50 56.33
C PHE A 123 9.99 38.44 55.12
N LEU A 124 11.10 39.16 54.97
CA LEU A 124 11.27 40.11 53.88
C LEU A 124 12.17 39.51 52.77
N ASN A 125 12.55 38.25 52.92
CA ASN A 125 13.47 37.64 51.98
C ASN A 125 13.02 36.31 51.41
N GLY A 126 13.70 35.87 50.37
CA GLY A 126 13.41 34.61 49.73
C GLY A 126 14.58 34.25 48.87
N ASP A 127 14.57 33.03 48.33
CA ASP A 127 15.64 32.57 47.47
C ASP A 127 15.04 31.55 46.50
N CYS A 128 14.62 32.01 45.33
CA CYS A 128 13.95 31.08 44.42
C CYS A 128 14.80 30.64 43.22
N HIS A 129 14.53 29.43 42.75
CA HIS A 129 15.42 28.78 41.79
C HIS A 129 14.73 28.15 40.60
N HIS A 130 13.59 27.53 40.82
CA HIS A 130 13.05 26.59 39.88
C HIS A 130 11.59 26.86 39.56
N PRO A 131 11.32 27.68 38.51
CA PRO A 131 9.95 27.97 38.15
C PRO A 131 9.38 26.91 37.21
N HIS A 132 8.16 26.45 37.46
CA HIS A 132 7.57 25.40 36.62
C HIS A 132 6.07 25.56 36.38
N ILE A 133 5.65 25.25 35.17
CA ILE A 133 4.27 25.41 34.73
C ILE A 133 3.52 24.09 34.77
N SER A 134 2.31 24.13 35.35
CA SER A 134 1.45 22.96 35.43
C SER A 134 1.21 22.35 34.07
N MET A 135 1.04 21.04 34.07
CA MET A 135 0.90 20.26 32.86
C MET A 135 -0.33 19.35 32.89
N THR A 136 -0.81 18.98 31.70
CA THR A 136 -1.88 18.02 31.51
C THR A 136 -1.45 17.06 30.40
N ASP A 137 -1.33 15.78 30.73
CA ASP A 137 -0.83 14.77 29.80
C ASP A 137 0.49 15.15 29.14
N GLY A 138 1.44 15.62 29.96
CA GLY A 138 2.81 15.91 29.53
C GLY A 138 2.98 17.15 28.66
N LYS A 139 2.01 18.07 28.71
CA LYS A 139 1.99 19.31 27.91
C LYS A 139 1.58 20.47 28.83
N TYR A 140 2.19 21.66 28.67
CA TYR A 140 1.84 22.81 29.53
C TYR A 140 0.36 23.16 29.42
N ASP A 141 -0.27 23.51 30.54
CA ASP A 141 -1.68 23.89 30.54
C ASP A 141 -1.92 25.34 31.01
N GLY A 142 -0.83 26.04 31.35
CA GLY A 142 -0.85 27.48 31.64
C GLY A 142 -1.72 27.99 32.79
N LYS A 143 -2.13 27.09 33.69
CA LYS A 143 -2.92 27.49 34.85
C LYS A 143 -2.04 28.07 35.94
N TYR A 144 -1.02 27.31 36.37
CA TYR A 144 -0.17 27.77 37.46
C TYR A 144 1.31 27.70 37.15
N LEU A 145 2.06 28.62 37.75
CA LEU A 145 3.49 28.49 37.93
C LEU A 145 3.79 28.25 39.42
N PHE A 146 4.72 27.33 39.71
CA PHE A 146 5.17 27.06 41.08
C PHE A 146 6.65 27.38 41.21
N ILE A 147 7.06 27.81 42.39
CA ILE A 147 8.45 28.14 42.65
C ILE A 147 8.85 27.86 44.10
N ASN A 148 10.11 27.46 44.29
CA ASN A 148 10.62 27.17 45.61
C ASN A 148 11.16 28.43 46.30
N ASP A 149 11.26 28.37 47.61
CA ASP A 149 12.01 29.34 48.39
C ASP A 149 13.00 28.53 49.24
N LYS A 150 14.28 28.65 48.97
CA LYS A 150 15.27 27.93 49.75
C LYS A 150 15.49 28.56 51.12
N ALA A 151 15.40 29.90 51.18
CA ALA A 151 15.78 30.65 52.36
C ALA A 151 14.85 30.51 53.55
N ASN A 152 13.55 30.40 53.29
CA ASN A 152 12.60 30.26 54.39
C ASN A 152 11.65 29.08 54.21
N SER A 153 12.09 28.10 53.42
CA SER A 153 11.46 26.78 53.31
C SER A 153 10.03 26.80 52.76
N ARG A 154 9.83 27.55 51.68
CA ARG A 154 8.50 27.72 51.14
C ARG A 154 8.33 27.25 49.69
N VAL A 155 7.06 27.02 49.33
CA VAL A 155 6.66 26.80 47.95
C VAL A 155 5.54 27.81 47.63
N ALA A 156 5.67 28.57 46.54
CA ALA A 156 4.60 29.49 46.12
C ALA A 156 3.89 29.04 44.85
N ARG A 157 2.65 29.50 44.72
CA ARG A 157 1.84 29.28 43.53
C ARG A 157 1.45 30.61 42.94
N ILE A 158 1.68 30.75 41.63
CA ILE A 158 1.28 31.90 40.85
C ILE A 158 0.19 31.47 39.87
N ARG A 159 -0.91 32.22 39.85
CA ARG A 159 -1.96 32.04 38.87
C ARG A 159 -1.56 32.78 37.64
N LEU A 160 -1.47 32.06 36.53
CA LEU A 160 -0.97 32.62 35.29
C LEU A 160 -2.00 33.43 34.53
N ASP A 161 -3.26 33.42 34.98
CA ASP A 161 -4.27 34.25 34.34
C ASP A 161 -4.24 35.69 34.86
N ILE A 162 -3.85 35.86 36.13
CA ILE A 162 -3.73 37.19 36.72
C ILE A 162 -2.28 37.61 36.99
N MET A 163 -1.35 36.69 36.72
CA MET A 163 0.08 36.89 37.02
C MET A 163 0.31 37.38 38.46
N LYS A 164 -0.28 36.68 39.41
CA LYS A 164 -0.05 36.94 40.83
C LYS A 164 0.16 35.64 41.57
N CYS A 165 0.94 35.71 42.65
CA CYS A 165 1.00 34.63 43.59
C CYS A 165 -0.32 34.57 44.35
N ASP A 166 -0.97 33.42 44.37
CA ASP A 166 -2.26 33.29 45.07
C ASP A 166 -2.22 32.38 46.30
N LYS A 167 -1.21 31.50 46.37
CA LYS A 167 -1.07 30.52 47.46
C LYS A 167 0.39 30.33 47.85
N MET A 168 0.62 30.10 49.14
CA MET A 168 1.98 29.97 49.67
C MET A 168 1.99 29.13 50.94
N ILE A 169 2.90 28.15 50.98
CA ILE A 169 2.99 27.21 52.07
C ILE A 169 4.39 27.18 52.66
N THR A 170 4.47 27.21 53.99
CA THR A 170 5.70 26.84 54.66
C THR A 170 5.67 25.32 54.80
N VAL A 171 6.69 24.65 54.29
CA VAL A 171 6.76 23.19 54.36
C VAL A 171 7.26 22.77 55.75
N PRO A 172 6.45 21.95 56.47
CA PRO A 172 6.74 21.60 57.87
C PRO A 172 7.95 20.72 58.07
N ASN A 173 8.66 20.96 59.16
CA ASN A 173 9.69 20.05 59.66
C ASN A 173 10.83 19.81 58.69
N VAL A 174 11.12 20.82 57.87
CA VAL A 174 12.26 20.73 56.97
C VAL A 174 13.11 21.98 57.03
N GLN A 175 14.24 21.95 56.34
CA GLN A 175 15.04 23.16 56.13
C GLN A 175 15.52 23.30 54.68
N ALA A 176 15.24 24.46 54.10
CA ALA A 176 15.63 24.84 52.73
C ALA A 176 14.97 24.01 51.62
N ILE A 177 13.93 24.58 51.01
CA ILE A 177 13.26 23.95 49.86
C ILE A 177 13.99 24.38 48.59
N HIS A 178 14.66 23.42 47.96
CA HIS A 178 15.54 23.71 46.84
C HIS A 178 14.96 23.21 45.54
N GLY A 179 15.38 22.03 45.10
CA GLY A 179 14.84 21.37 43.91
C GLY A 179 13.33 21.32 43.92
N LEU A 180 12.73 21.51 42.75
CA LEU A 180 11.29 21.46 42.61
C LEU A 180 10.95 21.21 41.16
N ARG A 181 10.06 20.25 40.94
CA ARG A 181 9.39 20.07 39.65
C ARG A 181 7.99 19.51 39.83
N LEU A 182 7.26 19.42 38.72
CA LEU A 182 5.87 19.03 38.77
C LEU A 182 5.60 17.65 38.15
N GLN A 183 4.61 16.95 38.70
CA GLN A 183 4.08 15.75 38.07
C GLN A 183 3.58 16.13 36.67
N LYS A 184 3.89 15.28 35.67
CA LYS A 184 3.58 15.60 34.27
C LYS A 184 2.27 14.95 33.82
N VAL A 185 2.09 13.68 34.15
CA VAL A 185 1.02 12.86 33.60
C VAL A 185 0.30 12.13 34.74
N PRO A 186 -1.05 12.09 34.71
CA PRO A 186 -1.94 12.64 33.69
C PRO A 186 -2.12 14.16 33.81
N HIS A 187 -1.77 14.69 34.97
CA HIS A 187 -1.68 16.15 35.17
C HIS A 187 -0.84 16.50 36.40
N THR A 188 -0.67 17.78 36.67
CA THR A 188 0.05 18.21 37.85
C THR A 188 -0.84 18.09 39.09
N LYS A 189 -0.86 16.89 39.67
CA LYS A 189 -1.57 16.63 40.94
C LYS A 189 -0.65 17.03 42.08
N TYR A 190 0.60 16.57 42.03
CA TYR A 190 1.58 16.97 43.03
C TYR A 190 2.60 17.97 42.50
N VAL A 191 2.97 18.90 43.36
CA VAL A 191 4.21 19.64 43.23
C VAL A 191 5.21 18.88 44.07
N PHE A 192 6.33 18.48 43.48
CA PHE A 192 7.37 17.82 44.26
C PHE A 192 8.44 18.84 44.63
N ALA A 193 8.92 18.76 45.87
CA ALA A 193 9.92 19.71 46.37
C ALA A 193 10.93 19.03 47.28
N ASN A 194 12.21 19.35 47.06
CA ASN A 194 13.33 18.82 47.84
C ASN A 194 13.67 19.72 49.04
N ALA A 195 13.72 19.14 50.22
CA ALA A 195 14.31 19.83 51.36
C ALA A 195 15.78 19.44 51.42
N GLU A 196 16.69 20.41 51.39
CA GLU A 196 18.10 20.16 51.06
C GLU A 196 19.02 19.79 52.24
N PHE A 197 18.69 20.30 53.43
CA PHE A 197 19.58 20.18 54.56
C PHE A 197 19.10 19.22 55.63
N ILE A 198 20.05 18.47 56.18
CA ILE A 198 19.76 17.44 57.16
C ILE A 198 19.64 18.08 58.53
N ILE A 199 18.49 17.88 59.16
CA ILE A 199 18.23 18.41 60.50
C ILE A 199 17.71 17.32 61.45
N PRO A 200 17.84 17.54 62.77
CA PRO A 200 17.32 16.60 63.76
C PRO A 200 15.80 16.60 63.90
N HIS A 201 15.25 15.48 64.37
CA HIS A 201 13.81 15.33 64.61
C HIS A 201 13.55 14.57 65.93
N PRO A 202 13.05 15.30 66.96
CA PRO A 202 12.67 16.71 66.85
C PRO A 202 13.88 17.64 66.77
N ASN A 203 13.68 18.83 66.19
CA ASN A 203 14.71 19.85 66.16
C ASN A 203 14.51 20.85 67.30
N ASP A 204 15.05 20.50 68.47
CA ASP A 204 14.78 21.23 69.71
C ASP A 204 16.05 21.58 70.49
N GLY A 205 17.21 21.32 69.89
CA GLY A 205 18.49 21.62 70.53
C GLY A 205 18.98 20.56 71.49
N LYS A 206 18.41 19.36 71.42
CA LYS A 206 18.93 18.22 72.19
C LYS A 206 19.98 17.47 71.39
N VAL A 207 19.71 17.23 70.11
CA VAL A 207 20.70 16.62 69.20
C VAL A 207 21.13 17.61 68.11
N PHE A 208 22.44 17.66 67.83
CA PHE A 208 22.96 18.47 66.72
C PHE A 208 23.69 17.59 65.72
N ASP A 209 24.01 16.37 66.14
CA ASP A 209 24.74 15.39 65.34
C ASP A 209 23.95 14.91 64.12
N LEU A 210 24.52 15.12 62.93
CA LEU A 210 23.93 14.71 61.66
C LEU A 210 23.83 13.17 61.50
N GLN A 211 24.60 12.45 62.32
CA GLN A 211 24.66 10.99 62.26
C GLN A 211 23.57 10.29 63.09
N ASP A 212 22.83 11.05 63.89
CA ASP A 212 21.78 10.48 64.76
C ASP A 212 20.70 9.73 63.97
N GLU A 213 20.12 8.72 64.61
CA GLU A 213 19.00 7.93 64.09
C GLU A 213 17.88 8.81 63.52
N ASN A 214 17.68 9.99 64.10
CA ASN A 214 16.57 10.85 63.72
C ASN A 214 16.96 12.17 63.07
N SER A 215 18.24 12.32 62.75
CA SER A 215 18.71 13.44 61.94
C SER A 215 18.57 13.13 60.44
N TYR A 216 17.68 13.84 59.76
CA TYR A 216 17.43 13.61 58.32
C TYR A 216 16.71 14.74 57.59
N THR A 217 16.80 14.71 56.26
CA THR A 217 15.90 15.53 55.43
C THR A 217 14.83 14.68 54.74
N MET A 218 13.90 15.34 54.04
CA MET A 218 12.73 14.68 53.47
C MET A 218 12.35 15.19 52.08
N TYR A 219 11.73 14.30 51.30
CA TYR A 219 11.08 14.61 50.03
C TYR A 219 9.64 15.07 50.27
N ASN A 220 9.20 16.10 49.55
CA ASN A 220 7.87 16.67 49.83
C ASN A 220 6.93 16.65 48.63
N ALA A 221 5.67 16.30 48.89
CA ALA A 221 4.63 16.35 47.88
C ALA A 221 3.48 17.25 48.33
N ILE A 222 3.13 18.21 47.48
CA ILE A 222 2.06 19.17 47.74
C ILE A 222 0.96 19.00 46.71
N ASP A 223 -0.29 18.91 47.17
CA ASP A 223 -1.44 18.97 46.28
C ASP A 223 -1.38 20.31 45.58
N ALA A 224 -1.20 20.26 44.26
CA ALA A 224 -1.08 21.47 43.44
C ALA A 224 -2.32 22.35 43.50
N GLU A 225 -3.50 21.73 43.49
CA GLU A 225 -4.73 22.49 43.55
C GLU A 225 -5.03 23.13 44.91
N THR A 226 -4.87 22.37 45.99
CA THR A 226 -5.27 22.86 47.31
C THR A 226 -4.14 23.62 47.97
N MET A 227 -2.92 23.31 47.54
CA MET A 227 -1.68 23.86 48.13
C MET A 227 -1.50 23.43 49.57
N GLU A 228 -2.04 22.25 49.87
CA GLU A 228 -1.85 21.59 51.16
C GLU A 228 -0.76 20.54 51.03
N MET A 229 -0.11 20.18 52.13
CA MET A 229 0.82 19.04 52.13
C MET A 229 0.04 17.80 51.76
N ALA A 230 0.68 16.92 50.99
CA ALA A 230 0.05 15.66 50.62
C ALA A 230 0.78 14.51 51.31
N PHE A 231 2.11 14.57 51.31
CA PHE A 231 2.92 13.59 52.02
C PHE A 231 4.39 13.96 52.03
N GLN A 232 5.14 13.26 52.86
CA GLN A 232 6.57 13.47 52.99
C GLN A 232 7.25 12.10 53.10
N VAL A 233 8.43 12.01 52.49
CA VAL A 233 9.19 10.77 52.49
C VAL A 233 10.59 11.08 53.00
N ILE A 234 10.97 10.38 54.08
CA ILE A 234 12.29 10.45 54.65
C ILE A 234 13.26 9.74 53.73
N VAL A 235 14.42 10.35 53.50
CA VAL A 235 15.46 9.70 52.72
C VAL A 235 16.78 9.73 53.47
N ASP A 236 17.69 8.84 53.07
CA ASP A 236 19.09 8.92 53.49
C ASP A 236 19.74 10.06 52.71
N GLY A 237 20.96 10.44 53.11
CA GLY A 237 21.68 11.50 52.42
C GLY A 237 20.82 12.73 52.34
N ASN A 238 20.99 13.53 51.27
CA ASN A 238 20.19 14.74 51.11
C ASN A 238 19.47 14.80 49.77
N LEU A 239 19.03 16.00 49.40
CA LEU A 239 18.28 16.20 48.17
C LEU A 239 18.67 17.50 47.50
N ASP A 240 19.03 17.42 46.22
CA ASP A 240 19.48 18.58 45.49
C ASP A 240 18.41 19.03 44.50
N ASN A 241 18.36 18.39 43.32
CA ASN A 241 17.29 18.63 42.33
C ASN A 241 16.41 17.40 42.11
N THR A 242 15.23 17.62 41.51
CA THR A 242 14.25 16.55 41.26
C THR A 242 13.46 16.71 39.92
N ASP A 243 13.08 15.60 39.31
CA ASP A 243 12.13 15.61 38.18
C ASP A 243 11.15 14.42 38.26
N ALA A 244 10.13 14.42 37.41
CA ALA A 244 9.12 13.35 37.36
C ALA A 244 9.01 12.73 35.96
N ASP A 245 8.48 11.51 35.90
CA ASP A 245 8.33 10.77 34.64
C ASP A 245 7.13 11.24 33.82
N TYR A 246 6.77 10.47 32.80
CA TYR A 246 5.59 10.75 31.97
C TYR A 246 4.44 9.75 32.18
N THR A 247 4.28 9.30 33.42
CA THR A 247 3.20 8.36 33.78
C THR A 247 2.57 8.76 35.09
N GLY A 248 3.36 9.38 35.96
CA GLY A 248 2.90 9.74 37.29
C GLY A 248 3.35 8.77 38.39
N ARG A 249 3.78 7.58 37.99
CA ARG A 249 4.25 6.59 38.99
C ARG A 249 5.58 6.95 39.63
N PHE A 250 6.54 7.38 38.81
CA PHE A 250 7.88 7.60 39.28
C PHE A 250 8.26 9.08 39.38
N ALA A 251 9.17 9.36 40.32
CA ALA A 251 9.89 10.63 40.45
C ALA A 251 11.34 10.34 40.86
N ALA A 252 12.23 11.30 40.67
CA ALA A 252 13.63 11.12 41.03
C ALA A 252 14.23 12.38 41.59
N ALA A 253 15.29 12.21 42.39
CA ALA A 253 16.02 13.33 42.98
C ALA A 253 17.50 12.99 43.10
N THR A 254 18.35 14.01 42.95
CA THR A 254 19.79 13.84 43.14
C THR A 254 20.17 14.06 44.60
N CYS A 255 21.20 13.36 45.06
CA CYS A 255 21.79 13.57 46.40
C CYS A 255 23.30 13.81 46.29
N TYR A 256 23.81 14.79 47.04
CA TYR A 256 25.24 15.11 46.99
C TYR A 256 25.98 14.92 48.33
N ASN A 257 25.21 14.69 49.39
CA ASN A 257 25.74 14.53 50.74
C ASN A 257 25.29 13.19 51.34
N SER A 258 25.64 12.09 50.69
CA SER A 258 25.35 10.75 51.24
C SER A 258 26.19 10.47 52.49
N GLU A 259 27.25 11.25 52.68
CA GLU A 259 28.14 11.10 53.83
C GLU A 259 27.57 11.72 55.10
N LYS A 260 26.50 12.52 54.94
CA LYS A 260 25.92 13.33 56.01
C LYS A 260 27.01 14.08 56.79
N ALA A 261 27.90 14.72 56.04
CA ALA A 261 28.96 15.54 56.64
C ALA A 261 28.52 17.00 56.73
N PHE A 262 29.29 17.82 57.44
CA PHE A 262 29.01 19.26 57.51
C PHE A 262 30.13 20.10 56.92
N ASP A 263 31.28 19.47 56.67
CA ASP A 263 32.43 20.13 56.08
C ASP A 263 32.58 19.78 54.60
N LEU A 264 33.28 20.64 53.88
CA LEU A 264 33.47 20.53 52.44
C LEU A 264 34.08 19.19 51.99
N GLY A 265 35.21 18.80 52.58
CA GLY A 265 35.92 17.58 52.23
C GLY A 265 35.11 16.32 52.47
N GLY A 266 34.33 16.33 53.55
CA GLY A 266 33.51 15.18 53.92
C GLY A 266 32.30 14.96 53.03
N MET A 267 31.83 16.02 52.36
CA MET A 267 30.71 15.90 51.41
C MET A 267 31.18 15.30 50.08
N MET A 268 32.50 15.22 49.92
CA MET A 268 33.13 14.66 48.72
C MET A 268 33.85 13.34 49.02
N ARG A 269 33.39 12.65 50.06
CA ARG A 269 34.07 11.49 50.61
C ARG A 269 34.01 10.24 49.72
N ASN A 270 32.80 9.76 49.41
CA ASN A 270 32.68 8.59 48.55
C ASN A 270 32.56 8.93 47.07
N GLU A 271 33.07 8.04 46.22
CA GLU A 271 33.13 8.33 44.79
C GLU A 271 31.74 8.41 44.17
N ARG A 272 30.75 7.83 44.85
CA ARG A 272 29.35 7.95 44.40
C ARG A 272 28.42 8.34 45.53
N ASP A 273 27.45 9.19 45.20
CA ASP A 273 26.25 9.32 46.01
C ASP A 273 25.17 8.56 45.25
N TRP A 274 24.02 9.18 45.03
CA TRP A 274 22.95 8.52 44.31
C TRP A 274 21.95 9.51 43.75
N VAL A 275 21.13 9.03 42.83
CA VAL A 275 19.81 9.61 42.68
C VAL A 275 18.87 8.62 43.35
N VAL A 276 17.85 9.17 44.00
CA VAL A 276 16.89 8.38 44.73
C VAL A 276 15.60 8.42 43.94
N VAL A 277 15.07 7.23 43.63
CA VAL A 277 13.84 7.12 42.87
C VAL A 277 12.68 6.83 43.80
N PHE A 278 11.60 7.56 43.63
CA PHE A 278 10.39 7.37 44.46
C PHE A 278 9.32 6.64 43.69
N ASP A 279 8.61 5.76 44.39
CA ASP A 279 7.42 5.11 43.85
C ASP A 279 6.20 5.80 44.41
N ILE A 280 5.74 6.82 43.70
CA ILE A 280 4.62 7.64 44.12
C ILE A 280 3.34 6.81 44.32
N HIS A 281 3.13 5.82 43.46
CA HIS A 281 1.99 4.89 43.57
C HIS A 281 2.00 4.09 44.90
N ALA A 282 3.17 3.57 45.26
CA ALA A 282 3.37 2.89 46.54
C ALA A 282 3.15 3.83 47.74
N VAL A 283 3.69 5.05 47.64
CA VAL A 283 3.47 6.09 48.65
C VAL A 283 1.97 6.43 48.82
N GLU A 284 1.28 6.64 47.69
CA GLU A 284 -0.17 6.87 47.71
C GLU A 284 -0.94 5.69 48.28
N ALA A 285 -0.48 4.47 47.98
CA ALA A 285 -1.10 3.24 48.47
C ALA A 285 -1.03 3.11 50.00
N ALA A 286 0.12 3.45 50.57
CA ALA A 286 0.35 3.40 52.02
C ALA A 286 -0.38 4.50 52.81
N VAL A 287 -0.49 5.69 52.21
CA VAL A 287 -1.19 6.80 52.85
C VAL A 287 -2.68 6.49 53.04
N LYS A 288 -3.33 5.97 52.00
CA LYS A 288 -4.75 5.58 52.09
C LYS A 288 -4.96 4.29 52.87
N ALA A 289 -3.93 3.47 52.95
CA ALA A 289 -3.97 2.28 53.81
C ALA A 289 -3.55 2.62 55.24
N GLY A 290 -3.60 3.90 55.58
CA GLY A 290 -3.35 4.37 56.94
C GLY A 290 -1.92 4.30 57.45
N ASP A 291 -1.06 3.58 56.72
CA ASP A 291 0.30 3.30 57.18
C ASP A 291 1.28 4.49 57.06
N PHE A 292 1.14 5.46 57.96
CA PHE A 292 2.05 6.60 58.00
C PHE A 292 2.24 7.13 59.41
N ILE A 293 3.35 7.82 59.62
CA ILE A 293 3.68 8.46 60.88
C ILE A 293 3.43 9.97 60.75
N THR A 294 3.45 10.70 61.86
CA THR A 294 3.50 12.18 61.82
C THR A 294 4.59 12.73 62.73
N LEU A 295 5.04 13.95 62.42
CA LEU A 295 6.13 14.60 63.13
C LEU A 295 5.64 15.89 63.77
N GLY A 296 5.66 15.92 65.10
CA GLY A 296 5.12 17.04 65.87
C GLY A 296 3.66 17.35 65.54
N ASP A 297 3.33 18.63 65.50
CA ASP A 297 1.94 19.11 65.38
C ASP A 297 1.42 19.14 63.93
N SER A 298 2.18 18.51 63.02
CA SER A 298 1.84 18.49 61.61
C SER A 298 1.02 17.24 61.27
N LYS A 299 -0.07 17.44 60.52
CA LYS A 299 -0.95 16.35 60.12
C LYS A 299 -0.40 15.57 58.92
N THR A 300 0.65 16.09 58.29
CA THR A 300 1.20 15.52 57.06
C THR A 300 1.64 14.06 57.19
N PRO A 301 1.06 13.17 56.37
CA PRO A 301 1.47 11.76 56.38
C PRO A 301 2.93 11.60 55.97
N VAL A 302 3.71 10.97 56.84
CA VAL A 302 5.15 10.79 56.63
C VAL A 302 5.46 9.30 56.49
N LEU A 303 6.20 8.97 55.45
CA LEU A 303 6.56 7.59 55.16
C LEU A 303 8.07 7.46 55.19
N ASP A 304 8.56 6.26 55.46
CA ASP A 304 9.99 6.04 55.60
C ASP A 304 10.60 5.43 54.35
N GLY A 305 11.40 6.23 53.64
CA GLY A 305 12.09 5.79 52.44
C GLY A 305 13.58 5.58 52.64
N ARG A 306 14.00 5.60 53.91
CA ARG A 306 15.37 5.27 54.28
C ARG A 306 15.61 3.78 54.14
N LYS A 307 16.82 3.42 53.72
CA LYS A 307 17.27 2.04 53.80
C LYS A 307 17.38 1.62 55.26
N LYS A 308 16.89 0.41 55.54
CA LYS A 308 16.88 -0.15 56.88
C LYS A 308 18.25 -0.78 57.13
N ASP A 309 18.29 -2.11 57.21
CA ASP A 309 19.54 -2.81 57.47
C ASP A 309 20.11 -3.38 56.17
N GLY A 310 20.35 -2.50 55.21
CA GLY A 310 20.77 -2.87 53.86
C GLY A 310 19.60 -3.21 52.94
N LYS A 311 18.38 -3.22 53.48
CA LYS A 311 17.17 -3.55 52.71
C LYS A 311 16.34 -2.32 52.37
N ASP A 312 15.83 -2.28 51.14
CA ASP A 312 15.03 -1.16 50.65
C ASP A 312 13.69 -1.01 51.37
N SER A 313 13.13 0.20 51.33
CA SER A 313 11.71 0.40 51.62
C SER A 313 10.93 0.15 50.34
N LYS A 314 9.60 0.08 50.44
CA LYS A 314 8.76 -0.10 49.26
C LYS A 314 8.73 1.15 48.38
N PHE A 315 9.03 2.29 49.00
CA PHE A 315 8.83 3.60 48.37
C PHE A 315 10.02 4.09 47.55
N THR A 316 11.22 3.64 47.90
CA THR A 316 12.41 4.13 47.22
C THR A 316 13.38 3.07 46.73
N ARG A 317 14.30 3.52 45.86
CA ARG A 317 15.43 2.76 45.40
C ARG A 317 16.57 3.75 45.23
N TYR A 318 17.78 3.32 45.60
CA TYR A 318 18.96 4.18 45.56
C TYR A 318 19.97 3.72 44.50
N VAL A 319 20.17 4.57 43.48
CA VAL A 319 20.97 4.22 42.30
C VAL A 319 22.29 4.98 42.30
N PRO A 320 23.39 4.33 42.70
CA PRO A 320 24.65 5.08 42.87
C PRO A 320 25.06 5.90 41.63
N VAL A 321 25.46 7.16 41.87
CA VAL A 321 25.83 8.12 40.83
C VAL A 321 27.03 9.01 41.26
N PRO A 322 28.08 9.09 40.42
CA PRO A 322 29.18 10.01 40.72
C PRO A 322 28.91 11.40 40.15
N LYS A 323 29.37 12.47 40.79
CA LYS A 323 29.96 12.50 42.14
C LYS A 323 29.49 13.86 42.69
N ASN A 324 28.75 13.84 43.81
CA ASN A 324 27.96 15.02 44.23
C ASN A 324 27.00 15.51 43.12
N PRO A 325 26.21 14.58 42.53
CA PRO A 325 25.42 14.91 41.31
C PRO A 325 24.45 16.06 41.55
N HIS A 326 24.14 16.80 40.48
CA HIS A 326 23.38 18.04 40.64
C HIS A 326 22.02 18.13 39.93
N GLY A 327 22.02 18.49 38.65
CA GLY A 327 20.78 18.57 37.90
C GLY A 327 20.14 17.20 37.77
N CYS A 328 18.81 17.17 37.78
CA CYS A 328 18.02 15.96 37.59
C CYS A 328 16.91 16.30 36.60
N ASN A 329 17.02 15.75 35.38
CA ASN A 329 16.18 16.16 34.26
C ASN A 329 15.57 15.01 33.49
N THR A 330 14.25 15.03 33.31
CA THR A 330 13.58 14.02 32.50
C THR A 330 13.63 14.40 31.04
N SER A 331 14.08 13.49 30.19
CA SER A 331 14.11 13.73 28.74
C SER A 331 12.69 13.83 28.18
N SER A 332 12.56 14.50 27.03
CA SER A 332 11.22 14.83 26.48
C SER A 332 10.49 13.65 25.85
N ASP A 333 11.22 12.58 25.54
CA ASP A 333 10.62 11.31 25.12
C ASP A 333 10.26 10.45 26.33
N GLY A 334 10.62 10.93 27.52
CA GLY A 334 10.27 10.26 28.75
C GLY A 334 11.03 8.97 29.05
N LYS A 335 12.15 8.77 28.37
CA LYS A 335 12.91 7.53 28.52
C LYS A 335 13.89 7.62 29.67
N TYR A 336 14.37 8.83 29.98
CA TYR A 336 15.48 9.00 30.93
C TYR A 336 15.33 10.07 32.03
N PHE A 337 15.64 9.64 33.26
CA PHE A 337 16.05 10.57 34.29
C PHE A 337 17.55 10.76 34.08
N ILE A 338 17.99 11.99 33.78
CA ILE A 338 19.42 12.23 33.57
C ILE A 338 20.01 13.09 34.67
N ALA A 339 21.05 12.58 35.33
CA ALA A 339 21.71 13.32 36.41
C ALA A 339 23.04 13.87 35.97
N ALA A 340 23.23 15.18 36.12
CA ALA A 340 24.53 15.79 35.83
C ALA A 340 25.52 15.48 36.96
N GLY A 341 26.75 15.12 36.59
CA GLY A 341 27.74 14.55 37.50
C GLY A 341 28.53 15.48 38.41
N LYS A 342 28.52 16.78 38.08
CA LYS A 342 29.25 17.84 38.80
C LYS A 342 30.73 17.52 39.03
N LEU A 343 31.05 16.75 40.08
CA LEU A 343 32.45 16.37 40.31
C LEU A 343 32.93 15.25 39.37
N SER A 344 32.02 14.42 38.91
CA SER A 344 32.29 13.51 37.78
C SER A 344 32.09 14.24 36.45
N PRO A 345 33.04 14.09 35.49
CA PRO A 345 32.93 14.74 34.17
C PRO A 345 31.86 14.10 33.26
N THR A 346 30.81 13.55 33.88
CA THR A 346 29.84 12.71 33.18
C THR A 346 28.41 13.13 33.47
N CYS A 347 27.47 12.54 32.75
CA CYS A 347 26.07 12.53 33.16
C CYS A 347 25.69 11.08 33.39
N SER A 348 24.57 10.84 34.06
CA SER A 348 24.10 9.48 34.33
C SER A 348 22.67 9.32 33.88
N MET A 349 22.44 8.28 33.08
CA MET A 349 21.16 8.06 32.43
C MET A 349 20.44 6.88 33.05
N ILE A 350 19.33 7.16 33.74
CA ILE A 350 18.47 6.11 34.27
C ILE A 350 17.35 5.82 33.30
N ALA A 351 17.25 4.56 32.90
CA ALA A 351 16.20 4.12 32.01
C ALA A 351 14.89 3.99 32.79
N ILE A 352 13.95 4.89 32.53
CA ILE A 352 12.65 4.86 33.21
C ILE A 352 11.88 3.56 32.92
N ASP A 353 12.02 3.05 31.69
CA ASP A 353 11.76 1.65 31.29
C ASP A 353 11.93 0.59 32.37
N LYS A 354 13.01 0.74 33.14
CA LYS A 354 13.57 -0.34 33.97
C LYS A 354 13.19 -0.17 35.42
N LEU A 355 12.58 0.96 35.76
CA LEU A 355 12.20 1.23 37.14
C LEU A 355 11.15 0.25 37.70
N PRO A 356 10.16 -0.17 36.88
CA PRO A 356 9.19 -1.15 37.39
C PRO A 356 9.81 -2.49 37.81
N ASP A 357 10.81 -2.97 37.05
CA ASP A 357 11.54 -4.19 37.42
C ASP A 357 12.46 -4.02 38.63
N LEU A 358 12.98 -2.81 38.83
CA LEU A 358 13.78 -2.54 40.01
C LEU A 358 12.91 -2.64 41.28
N PHE A 359 11.79 -1.92 41.28
CA PHE A 359 10.89 -1.89 42.42
C PHE A 359 10.21 -3.23 42.69
N ALA A 360 10.14 -4.08 41.67
CA ALA A 360 9.56 -5.42 41.82
C ALA A 360 10.62 -6.47 42.20
N GLY A 361 11.89 -6.05 42.23
CA GLY A 361 12.99 -6.93 42.64
C GLY A 361 13.46 -7.90 41.57
N LYS A 362 13.04 -7.64 40.32
CA LYS A 362 13.42 -8.46 39.17
C LYS A 362 14.88 -8.20 38.72
N LEU A 363 15.46 -7.09 39.15
CA LEU A 363 16.81 -6.68 38.72
C LEU A 363 17.87 -6.91 39.79
N ALA A 364 19.02 -7.43 39.36
CA ALA A 364 20.07 -7.86 40.28
C ALA A 364 20.72 -6.75 41.13
N ASP A 365 21.00 -5.60 40.52
CA ASP A 365 21.72 -4.52 41.21
C ASP A 365 21.21 -3.14 40.78
N PRO A 366 21.17 -2.18 41.73
CA PRO A 366 20.69 -0.81 41.47
C PRO A 366 21.27 -0.16 40.20
N ARG A 367 22.56 -0.37 39.94
CA ARG A 367 23.21 0.17 38.75
C ARG A 367 22.66 -0.37 37.42
N ASP A 368 21.75 -1.33 37.48
CA ASP A 368 21.17 -1.96 36.28
C ASP A 368 20.25 -1.01 35.50
N VAL A 369 19.67 -0.04 36.20
CA VAL A 369 18.84 0.95 35.51
C VAL A 369 19.67 2.03 34.81
N ILE A 370 20.99 2.06 35.07
CA ILE A 370 21.92 2.94 34.40
C ILE A 370 22.27 2.40 33.01
N VAL A 371 21.76 3.04 31.97
CA VAL A 371 21.99 2.59 30.59
C VAL A 371 22.95 3.49 29.85
N GLY A 372 23.42 4.54 30.53
CA GLY A 372 24.43 5.44 29.97
C GLY A 372 25.12 6.35 30.96
N GLU A 373 26.44 6.47 30.81
CA GLU A 373 27.23 7.43 31.58
C GLU A 373 28.22 8.17 30.69
N PRO A 374 27.74 9.08 29.83
CA PRO A 374 28.63 9.70 28.87
C PRO A 374 29.61 10.66 29.50
N GLU A 375 30.86 10.63 29.04
CA GLU A 375 31.84 11.60 29.44
C GLU A 375 31.67 12.86 28.60
N LEU A 376 31.49 14.00 29.26
CA LEU A 376 31.05 15.21 28.57
C LEU A 376 31.99 16.40 28.72
N GLY A 377 32.63 16.52 29.89
CA GLY A 377 33.55 17.62 30.15
C GLY A 377 33.57 18.01 31.60
N LEU A 378 34.28 19.09 31.92
CA LEU A 378 34.53 19.44 33.32
C LEU A 378 33.38 20.20 34.00
N GLY A 379 32.69 19.51 34.91
CA GLY A 379 31.70 20.11 35.80
C GLY A 379 30.29 20.22 35.24
N PRO A 380 29.68 19.07 34.85
CA PRO A 380 28.32 19.12 34.31
C PRO A 380 27.29 19.45 35.39
N LEU A 381 26.41 20.41 35.12
CA LEU A 381 25.44 20.87 36.10
C LEU A 381 23.99 20.56 35.78
N HIS A 382 23.56 20.76 34.55
CA HIS A 382 22.16 20.58 34.18
C HIS A 382 21.97 20.12 32.75
N THR A 383 20.83 19.50 32.47
CA THR A 383 20.54 19.00 31.12
C THR A 383 19.16 19.43 30.60
N THR A 384 19.11 19.77 29.31
CA THR A 384 17.84 20.09 28.66
C THR A 384 17.74 19.38 27.30
N PHE A 385 16.61 19.52 26.62
CA PHE A 385 16.33 18.65 25.49
C PHE A 385 15.70 19.40 24.34
N ASP A 386 16.06 19.01 23.11
CA ASP A 386 15.52 19.67 21.91
C ASP A 386 14.31 18.95 21.32
N GLY A 387 14.08 17.74 21.81
CA GLY A 387 12.99 16.90 21.28
C GLY A 387 13.35 16.29 19.95
N ARG A 388 14.65 16.27 19.64
CA ARG A 388 15.18 15.67 18.41
C ARG A 388 16.14 14.52 18.72
N GLY A 389 16.20 14.11 19.99
CA GLY A 389 17.12 13.06 20.41
C GLY A 389 18.41 13.59 21.02
N ASN A 390 18.62 14.90 20.95
CA ASN A 390 19.81 15.51 21.55
C ASN A 390 19.56 16.08 22.93
N ALA A 391 20.61 16.00 23.75
CA ALA A 391 20.61 16.61 25.06
C ALA A 391 21.64 17.73 25.09
N TYR A 392 21.39 18.74 25.91
CA TYR A 392 22.24 19.91 26.03
C TYR A 392 22.59 20.06 27.50
N THR A 393 23.88 19.93 27.82
CA THR A 393 24.32 19.94 29.21
C THR A 393 25.26 21.10 29.44
N THR A 394 25.10 21.81 30.56
CA THR A 394 26.06 22.84 30.98
C THR A 394 27.30 22.22 31.60
N LEU A 395 28.45 22.79 31.26
CA LEU A 395 29.71 22.48 31.93
C LEU A 395 30.23 23.73 32.62
N PHE A 396 30.04 23.80 33.93
CA PHE A 396 30.44 24.97 34.72
C PHE A 396 31.93 25.28 34.74
N ILE A 397 32.75 24.24 34.78
CA ILE A 397 34.19 24.42 34.87
C ILE A 397 34.79 24.71 33.49
N ASP A 398 34.39 23.95 32.49
CA ASP A 398 34.78 24.23 31.10
C ASP A 398 34.07 25.45 30.49
N SER A 399 33.03 25.97 31.16
N SER A 399 33.05 25.97 31.18
CA SER A 399 32.22 27.11 30.67
CA SER A 399 32.19 27.08 30.70
C SER A 399 31.66 26.85 29.28
C SER A 399 31.66 26.84 29.29
N GLN A 400 30.90 25.77 29.12
CA GLN A 400 30.41 25.36 27.82
C GLN A 400 29.04 24.72 27.91
N VAL A 401 28.29 24.80 26.82
CA VAL A 401 27.14 23.93 26.62
C VAL A 401 27.61 22.79 25.70
N VAL A 402 27.48 21.55 26.14
CA VAL A 402 27.76 20.41 25.27
C VAL A 402 26.45 19.81 24.78
N LYS A 403 26.34 19.62 23.47
CA LYS A 403 25.17 18.99 22.85
C LYS A 403 25.50 17.54 22.57
N TRP A 404 24.65 16.62 22.98
CA TRP A 404 24.94 15.20 22.75
C TRP A 404 23.74 14.32 22.44
N ASN A 405 24.00 13.26 21.68
CA ASN A 405 22.94 12.36 21.30
C ASN A 405 22.75 11.30 22.38
N MET A 406 21.54 11.24 22.94
CA MET A 406 21.25 10.33 24.05
C MET A 406 21.35 8.87 23.66
N GLU A 407 20.59 8.48 22.63
CA GLU A 407 20.62 7.10 22.12
C GLU A 407 22.05 6.61 21.84
N GLU A 408 22.88 7.45 21.24
CA GLU A 408 24.29 7.11 21.00
C GLU A 408 25.10 6.94 22.30
N ALA A 409 24.84 7.78 23.30
CA ALA A 409 25.50 7.64 24.60
C ALA A 409 25.15 6.28 25.20
N VAL A 410 23.89 5.88 25.07
CA VAL A 410 23.42 4.59 25.56
C VAL A 410 24.17 3.45 24.88
N ARG A 411 24.30 3.54 23.56
CA ARG A 411 24.98 2.49 22.80
C ARG A 411 26.48 2.43 23.08
N ALA A 412 27.04 3.55 23.53
CA ALA A 412 28.46 3.63 23.89
C ALA A 412 28.77 3.06 25.29
N TYR A 413 27.75 3.07 26.16
CA TYR A 413 27.84 2.46 27.47
C TYR A 413 27.77 0.96 27.31
N LYS A 414 27.03 0.52 26.28
CA LYS A 414 26.84 -0.90 25.94
C LYS A 414 28.00 -1.47 25.11
N GLY A 415 29.03 -0.65 24.88
CA GLY A 415 30.24 -1.13 24.20
C GLY A 415 30.63 -0.44 22.89
N GLU A 416 29.66 -0.22 22.01
CA GLU A 416 29.91 0.39 20.68
C GLU A 416 30.78 1.66 20.77
N LYS A 417 31.59 1.89 19.75
CA LYS A 417 32.43 3.08 19.71
C LYS A 417 31.83 4.13 18.78
N VAL A 418 30.99 4.99 19.34
CA VAL A 418 30.45 6.12 18.59
C VAL A 418 30.68 7.43 19.35
N ASN A 419 31.10 8.45 18.62
CA ASN A 419 31.25 9.80 19.15
C ASN A 419 29.87 10.47 19.35
N TYR A 420 29.36 10.42 20.58
CA TYR A 420 28.01 10.93 20.89
C TYR A 420 27.97 12.44 21.08
N ILE A 421 29.11 13.04 21.37
CA ILE A 421 29.22 14.49 21.49
C ILE A 421 29.09 15.13 20.11
N LYS A 422 28.17 16.08 19.97
CA LYS A 422 27.99 16.79 18.71
C LYS A 422 28.68 18.16 18.61
N GLN A 423 28.56 18.99 19.65
CA GLN A 423 29.12 20.34 19.65
C GLN A 423 29.34 20.87 21.07
N LYS A 424 30.39 21.67 21.25
CA LYS A 424 30.59 22.40 22.51
C LYS A 424 30.59 23.88 22.22
N LEU A 425 29.67 24.61 22.85
CA LEU A 425 29.61 26.06 22.70
C LEU A 425 30.13 26.79 23.95
N ASP A 426 31.12 27.64 23.75
CA ASP A 426 31.65 28.43 24.87
C ASP A 426 30.61 29.48 25.28
N VAL A 427 30.37 29.57 26.59
CA VAL A 427 29.41 30.51 27.16
C VAL A 427 30.16 31.37 28.17
N HIS A 428 29.55 32.46 28.62
CA HIS A 428 30.32 33.50 29.33
C HIS A 428 29.65 34.05 30.60
N TYR A 429 29.91 33.48 31.77
CA TYR A 429 30.89 32.41 32.00
C TYR A 429 30.34 31.57 33.14
N GLN A 430 30.72 30.29 33.18
CA GLN A 430 30.34 29.40 34.29
C GLN A 430 28.81 29.19 34.34
N PRO A 431 28.27 28.43 33.38
CA PRO A 431 26.82 28.31 33.34
C PRO A 431 26.29 27.36 34.42
N GLY A 432 25.12 27.68 34.97
CA GLY A 432 24.41 26.76 35.86
C GLY A 432 23.32 26.00 35.13
N HIS A 433 22.09 26.46 35.24
CA HIS A 433 20.99 25.85 34.52
C HIS A 433 21.02 26.22 33.03
N LEU A 434 20.37 25.39 32.21
CA LEU A 434 19.97 25.76 30.86
C LEU A 434 18.58 25.25 30.57
N HIS A 435 17.90 25.89 29.63
CA HIS A 435 16.51 25.57 29.34
C HIS A 435 16.22 25.69 27.84
N ALA A 436 15.75 24.60 27.25
CA ALA A 436 15.30 24.61 25.88
C ALA A 436 13.77 24.72 25.82
N SER A 437 13.24 25.41 24.82
CA SER A 437 11.82 25.74 24.83
C SER A 437 10.93 24.50 24.80
N LEU A 438 10.01 24.44 25.76
CA LEU A 438 9.06 23.31 25.94
C LEU A 438 9.73 21.98 26.34
N CYS A 439 10.98 22.05 26.83
CA CYS A 439 11.77 20.86 27.12
C CYS A 439 11.16 19.91 28.15
N GLU A 440 10.27 20.44 28.98
CA GLU A 440 9.66 19.65 30.07
C GLU A 440 8.37 19.01 29.63
N THR A 441 8.08 19.11 28.34
CA THR A 441 6.86 18.56 27.77
C THR A 441 7.18 17.69 26.57
N ASN A 442 6.18 16.92 26.12
CA ASN A 442 6.37 16.10 24.92
C ASN A 442 6.24 16.92 23.63
N GLU A 443 6.20 18.24 23.79
CA GLU A 443 6.15 19.15 22.64
C GLU A 443 7.47 19.88 22.45
N ALA A 444 8.51 19.46 23.17
CA ALA A 444 9.84 20.09 23.08
C ALA A 444 10.15 20.38 21.63
N ASP A 445 10.33 21.65 21.31
CA ASP A 445 10.26 22.12 19.93
C ASP A 445 11.61 22.43 19.32
N GLY A 446 12.66 22.35 20.15
CA GLY A 446 14.03 22.51 19.69
C GLY A 446 14.36 23.84 19.03
N LYS A 447 13.67 24.90 19.42
CA LYS A 447 13.94 26.21 18.84
C LYS A 447 14.93 27.10 19.61
N TRP A 448 14.64 27.39 20.88
CA TRP A 448 15.50 28.26 21.70
C TRP A 448 16.17 27.59 22.90
N LEU A 449 17.34 28.10 23.25
CA LEU A 449 18.05 27.63 24.40
C LEU A 449 18.57 28.80 25.21
N VAL A 450 18.31 28.76 26.51
CA VAL A 450 18.88 29.75 27.40
C VAL A 450 19.83 29.05 28.37
N ALA A 451 21.10 29.46 28.33
CA ALA A 451 22.10 29.07 29.33
C ALA A 451 22.27 30.22 30.33
N LEU A 452 22.07 29.92 31.61
CA LEU A 452 22.11 30.95 32.67
C LEU A 452 23.43 30.94 33.44
N SER A 453 24.34 31.85 33.06
CA SER A 453 25.72 31.85 33.54
C SER A 453 26.02 32.82 34.68
N LYS A 454 26.90 32.38 35.58
CA LYS A 454 27.06 33.07 36.87
C LYS A 454 28.14 34.16 36.93
N PHE A 455 29.03 34.23 35.96
CA PHE A 455 30.03 35.30 35.95
C PHE A 455 30.02 36.08 34.65
N SER A 456 29.54 37.32 34.70
CA SER A 456 29.44 38.13 33.48
C SER A 456 30.77 38.78 33.09
N LYS A 457 31.72 38.79 34.02
CA LYS A 457 33.06 39.35 33.80
C LYS A 457 33.00 40.67 33.03
N ASP A 458 33.53 40.65 31.81
CA ASP A 458 33.60 41.80 30.89
C ASP A 458 32.48 41.89 29.82
N ARG A 459 31.44 41.06 29.94
CA ARG A 459 30.42 40.98 28.89
C ARG A 459 29.46 42.18 28.88
N PHE A 460 29.39 42.91 29.99
CA PHE A 460 28.58 44.13 30.08
C PHE A 460 29.43 45.24 30.64
N LEU A 461 28.91 46.47 30.57
CA LEU A 461 29.58 47.63 31.14
C LEU A 461 29.87 47.40 32.63
N PRO A 462 31.05 47.85 33.10
CA PRO A 462 31.33 47.78 34.53
C PRO A 462 30.26 48.53 35.32
N VAL A 463 29.66 47.88 36.31
CA VAL A 463 28.65 48.52 37.16
C VAL A 463 29.01 48.39 38.66
N GLY A 464 30.30 48.32 38.95
CA GLY A 464 30.74 48.19 40.33
C GLY A 464 31.13 46.78 40.74
N PRO A 465 31.48 46.59 42.03
CA PRO A 465 31.98 45.29 42.47
C PRO A 465 31.00 44.14 42.26
N LEU A 466 29.70 44.41 42.42
CA LEU A 466 28.68 43.40 42.18
C LEU A 466 28.26 43.33 40.70
N HIS A 467 28.35 42.14 40.11
CA HIS A 467 28.11 41.92 38.66
C HIS A 467 26.74 41.27 38.36
N PRO A 468 26.13 41.60 37.22
CA PRO A 468 24.94 40.86 36.77
C PRO A 468 25.28 39.42 36.40
N GLU A 469 24.26 38.59 36.26
CA GLU A 469 24.42 37.27 35.66
C GLU A 469 24.29 37.42 34.16
N ASN A 470 24.78 36.45 33.42
CA ASN A 470 24.63 36.49 31.99
C ASN A 470 23.79 35.32 31.51
N ASP A 471 22.55 35.63 31.12
CA ASP A 471 21.66 34.63 30.56
C ASP A 471 21.68 34.77 29.04
N GLN A 472 22.23 33.75 28.40
CA GLN A 472 22.52 33.82 26.97
C GLN A 472 21.53 33.07 26.13
N LEU A 473 20.94 33.77 25.17
CA LEU A 473 20.01 33.17 24.23
C LEU A 473 20.78 32.47 23.12
N ILE A 474 20.46 31.20 22.93
CA ILE A 474 21.13 30.35 21.96
C ILE A 474 20.10 29.77 20.98
N ASP A 475 20.36 29.95 19.69
CA ASP A 475 19.52 29.35 18.67
C ASP A 475 19.94 27.90 18.46
N ILE A 476 19.02 26.97 18.69
CA ILE A 476 19.28 25.55 18.47
C ILE A 476 18.34 24.93 17.42
N SER A 477 17.61 25.76 16.66
CA SER A 477 16.60 25.24 15.71
C SER A 477 17.23 24.47 14.56
N GLY A 478 18.48 24.81 14.24
CA GLY A 478 19.24 24.12 13.23
C GLY A 478 20.22 23.12 13.82
N ASP A 479 21.23 22.80 13.03
CA ASP A 479 22.21 21.79 13.38
C ASP A 479 23.27 22.30 14.33
N GLU A 480 23.60 23.59 14.22
CA GLU A 480 24.62 24.19 15.06
C GLU A 480 24.02 25.17 16.07
N MET A 481 24.39 25.00 17.35
CA MET A 481 24.07 25.98 18.38
C MET A 481 24.74 27.29 18.00
N LYS A 482 24.00 28.39 18.06
CA LYS A 482 24.64 29.69 17.90
C LYS A 482 24.13 30.72 18.89
N LEU A 483 25.10 31.41 19.50
CA LEU A 483 24.88 32.45 20.50
C LEU A 483 24.33 33.71 19.85
N VAL A 484 23.14 34.14 20.25
CA VAL A 484 22.57 35.32 19.59
C VAL A 484 22.42 36.53 20.47
N HIS A 485 22.35 36.33 21.78
CA HIS A 485 22.06 37.42 22.69
C HIS A 485 22.59 37.18 24.10
N ASP A 486 23.16 38.25 24.68
CA ASP A 486 23.58 38.26 26.09
C ASP A 486 22.60 39.08 26.92
N GLY A 487 21.90 38.43 27.83
CA GLY A 487 20.93 39.11 28.67
C GLY A 487 21.39 39.19 30.12
N PRO A 488 21.77 40.41 30.56
CA PRO A 488 22.17 40.66 31.94
C PRO A 488 20.95 40.63 32.86
N THR A 489 21.06 39.90 33.97
CA THR A 489 19.97 39.81 34.95
C THR A 489 20.49 40.02 36.37
N PHE A 490 19.62 40.55 37.23
CA PHE A 490 19.95 40.86 38.61
C PHE A 490 19.79 39.63 39.49
N ALA A 491 20.65 39.49 40.50
CA ALA A 491 20.38 38.61 41.67
C ALA A 491 20.29 37.11 41.40
N GLU A 492 21.04 36.63 40.43
CA GLU A 492 21.08 35.20 40.12
C GLU A 492 19.72 34.49 39.90
N PRO A 493 19.10 34.71 38.73
CA PRO A 493 18.09 33.73 38.33
C PRO A 493 18.78 32.37 38.20
N HIS A 494 18.13 31.30 38.62
CA HIS A 494 18.80 30.02 38.52
C HIS A 494 18.34 29.36 37.24
N ASP A 495 17.08 28.95 37.22
CA ASP A 495 16.44 28.36 36.06
C ASP A 495 15.40 29.35 35.50
N CYS A 496 14.75 28.96 34.40
CA CYS A 496 13.67 29.70 33.77
C CYS A 496 12.85 28.69 32.98
N ILE A 497 11.61 29.03 32.65
CA ILE A 497 10.74 28.22 31.77
C ILE A 497 10.15 29.06 30.67
N MET A 498 10.15 28.52 29.46
CA MET A 498 9.54 29.19 28.33
C MET A 498 8.21 28.52 28.01
N ALA A 499 7.27 29.30 27.47
CA ALA A 499 6.01 28.77 26.98
C ALA A 499 5.67 29.48 25.70
N ARG A 500 5.00 28.77 24.79
CA ARG A 500 4.48 29.38 23.56
C ARG A 500 3.54 30.53 23.96
N ARG A 501 3.49 31.57 23.15
CA ARG A 501 2.52 32.65 23.37
C ARG A 501 1.10 32.10 23.60
N ASP A 502 0.69 31.19 22.73
CA ASP A 502 -0.64 30.59 22.80
C ASP A 502 -0.86 29.62 23.95
N GLN A 503 0.11 29.50 24.86
CA GLN A 503 -0.04 28.61 26.02
C GLN A 503 -0.46 29.37 27.28
N ILE A 504 -0.33 30.70 27.22
CA ILE A 504 -0.68 31.58 28.32
C ILE A 504 -1.92 32.45 27.96
N LYS A 505 -2.90 32.51 28.87
CA LYS A 505 -4.09 33.35 28.68
C LYS A 505 -4.36 34.20 29.89
N THR A 506 -4.27 35.52 29.71
CA THR A 506 -4.31 36.43 30.84
C THR A 506 -5.56 37.29 30.85
N LYS A 507 -5.98 37.67 32.04
CA LYS A 507 -7.11 38.57 32.20
C LYS A 507 -6.69 39.99 31.88
N LYS A 508 -7.55 40.69 31.15
CA LYS A 508 -7.29 42.06 30.76
C LYS A 508 -7.67 43.00 31.90
N ILE A 509 -8.78 42.67 32.56
CA ILE A 509 -9.21 43.32 33.82
C ILE A 509 -9.60 42.25 34.84
N TRP A 510 -9.66 42.62 36.12
CA TRP A 510 -10.04 41.70 37.18
C TRP A 510 -11.53 41.37 37.11
N ASP A 511 -11.87 40.17 37.55
CA ASP A 511 -13.25 39.78 37.86
C ASP A 511 -13.57 40.21 39.29
N ARG A 512 -14.72 40.86 39.49
CA ARG A 512 -15.16 41.31 40.83
C ARG A 512 -15.23 40.17 41.86
N ASN A 513 -15.52 38.97 41.36
CA ASN A 513 -15.70 37.78 42.19
C ASN A 513 -14.41 36.96 42.38
N ASP A 514 -13.26 37.54 42.05
CA ASP A 514 -12.00 36.77 42.07
C ASP A 514 -11.62 36.31 43.47
N PRO A 515 -11.30 35.02 43.62
CA PRO A 515 -10.90 34.41 44.89
C PRO A 515 -9.82 35.19 45.62
N PHE A 516 -8.97 35.86 44.85
CA PHE A 516 -7.78 36.54 45.38
C PHE A 516 -8.13 37.52 46.49
N PHE A 517 -9.19 38.31 46.30
CA PHE A 517 -9.67 39.25 47.32
C PHE A 517 -11.08 38.94 47.81
N ALA A 518 -11.59 37.74 47.54
CA ALA A 518 -12.91 37.29 48.04
C ALA A 518 -13.07 37.42 49.56
N PRO A 519 -12.03 37.06 50.35
CA PRO A 519 -12.14 37.33 51.78
C PRO A 519 -12.42 38.81 52.13
N THR A 520 -11.83 39.73 51.37
CA THR A 520 -12.04 41.16 51.58
C THR A 520 -13.47 41.58 51.20
N VAL A 521 -14.01 40.94 50.16
CA VAL A 521 -15.41 41.10 49.76
C VAL A 521 -16.31 40.64 50.92
N GLU A 522 -16.03 39.45 51.44
CA GLU A 522 -16.81 38.89 52.54
C GLU A 522 -16.80 39.81 53.77
N MET A 523 -15.64 40.36 54.12
CA MET A 523 -15.56 41.28 55.25
C MET A 523 -16.41 42.54 55.03
N ALA A 524 -16.47 42.98 53.78
CA ALA A 524 -17.27 44.14 53.40
C ALA A 524 -18.77 43.94 53.61
N LYS A 525 -19.27 42.74 53.32
CA LYS A 525 -20.67 42.37 53.61
C LYS A 525 -20.99 42.68 55.07
N LYS A 526 -20.18 42.12 55.98
CA LYS A 526 -20.33 42.27 57.44
C LYS A 526 -20.49 43.71 57.94
N ASP A 527 -19.70 44.61 57.37
CA ASP A 527 -19.85 46.03 57.64
C ASP A 527 -21.03 46.67 56.87
N GLY A 528 -21.71 45.88 56.02
CA GLY A 528 -22.83 46.39 55.22
C GLY A 528 -22.42 47.26 54.02
N ILE A 529 -21.31 46.88 53.38
CA ILE A 529 -20.72 47.67 52.30
C ILE A 529 -20.86 47.01 50.94
N ASN A 530 -21.35 47.77 49.96
CA ASN A 530 -21.31 47.36 48.56
C ASN A 530 -20.08 47.99 47.89
N LEU A 531 -19.05 47.17 47.71
CA LEU A 531 -17.75 47.65 47.22
C LEU A 531 -17.78 48.34 45.86
N ASP A 532 -18.66 47.88 44.96
CA ASP A 532 -18.76 48.46 43.62
C ASP A 532 -19.25 49.90 43.62
N THR A 533 -19.79 50.37 44.75
CA THR A 533 -20.41 51.69 44.81
C THR A 533 -20.01 52.58 45.99
N ASP A 534 -19.73 51.98 47.16
CA ASP A 534 -19.70 52.74 48.42
C ASP A 534 -18.47 53.61 48.66
N ASN A 535 -18.72 54.72 49.35
CA ASN A 535 -17.68 55.62 49.85
C ASN A 535 -17.99 55.98 51.30
N LYS A 536 -17.62 55.09 52.20
CA LYS A 536 -18.04 55.16 53.61
C LYS A 536 -16.88 55.03 54.60
N VAL A 537 -17.12 55.49 55.83
CA VAL A 537 -16.21 55.32 56.94
C VAL A 537 -16.94 54.63 58.09
N ILE A 538 -16.41 53.51 58.54
CA ILE A 538 -17.01 52.70 59.59
C ILE A 538 -16.15 52.74 60.86
N ARG A 539 -16.71 53.30 61.94
CA ARG A 539 -16.03 53.39 63.23
C ARG A 539 -16.42 52.20 64.08
N ASP A 540 -15.42 51.57 64.71
CA ASP A 540 -15.65 50.39 65.54
C ASP A 540 -14.63 50.33 66.67
N GLY A 541 -14.84 51.17 67.68
CA GLY A 541 -13.91 51.30 68.80
C GLY A 541 -12.72 52.13 68.37
N ASN A 542 -11.54 51.52 68.40
CA ASN A 542 -10.28 52.12 67.94
C ASN A 542 -9.94 51.76 66.48
N LYS A 543 -10.83 50.99 65.86
CA LYS A 543 -10.66 50.56 64.48
C LYS A 543 -11.53 51.38 63.52
N VAL A 544 -10.88 52.04 62.56
CA VAL A 544 -11.56 52.76 61.49
C VAL A 544 -11.41 51.96 60.19
N ARG A 545 -12.50 51.79 59.45
CA ARG A 545 -12.46 51.02 58.20
C ARG A 545 -13.02 51.78 57.00
N VAL A 546 -12.12 52.45 56.26
CA VAL A 546 -12.48 53.28 55.11
C VAL A 546 -12.70 52.39 53.89
N TYR A 547 -13.86 52.55 53.27
CA TYR A 547 -14.16 51.90 52.00
C TYR A 547 -14.33 53.00 50.95
N MET A 548 -13.71 52.82 49.80
CA MET A 548 -13.88 53.80 48.74
C MET A 548 -13.67 53.17 47.39
N THR A 549 -14.38 53.69 46.40
CA THR A 549 -14.11 53.39 45.03
C THR A 549 -13.11 54.43 44.54
N SER A 550 -12.41 54.11 43.46
CA SER A 550 -11.51 55.05 42.84
C SER A 550 -11.80 55.06 41.35
N MET A 551 -11.77 56.25 40.78
CA MET A 551 -12.07 56.42 39.38
C MET A 551 -11.29 57.60 38.84
N ALA A 552 -10.33 57.31 37.96
CA ALA A 552 -9.41 58.33 37.44
C ALA A 552 -10.16 59.62 37.16
N PRO A 553 -9.68 60.76 37.72
CA PRO A 553 -8.54 60.93 38.61
C PRO A 553 -8.96 61.31 40.04
N ALA A 554 -10.02 60.68 40.53
CA ALA A 554 -10.55 61.01 41.85
C ALA A 554 -10.62 59.78 42.75
N PHE A 555 -10.10 59.92 43.97
CA PHE A 555 -10.42 59.00 45.06
C PHE A 555 -11.90 59.19 45.42
N GLY A 556 -12.55 58.12 45.81
CA GLY A 556 -13.95 58.21 46.23
C GLY A 556 -14.12 58.90 47.57
N VAL A 557 -13.16 58.69 48.47
CA VAL A 557 -13.10 59.41 49.73
C VAL A 557 -11.87 60.31 49.70
N GLN A 558 -12.10 61.62 49.74
CA GLN A 558 -11.03 62.60 49.56
C GLN A 558 -10.50 63.21 50.86
N GLU A 559 -11.25 63.03 51.93
CA GLU A 559 -10.77 63.30 53.27
C GLU A 559 -11.47 62.39 54.31
N PHE A 560 -10.73 62.02 55.34
CA PHE A 560 -11.31 61.49 56.55
C PHE A 560 -10.53 61.97 57.77
N THR A 561 -11.17 61.85 58.92
CA THR A 561 -10.64 62.28 60.20
C THR A 561 -10.63 61.06 61.13
N VAL A 562 -9.55 60.91 61.89
CA VAL A 562 -9.42 59.85 62.88
C VAL A 562 -8.69 60.40 64.09
N LYS A 563 -8.76 59.68 65.20
CA LYS A 563 -8.06 60.09 66.42
C LYS A 563 -6.71 59.40 66.54
N GLN A 564 -5.73 60.12 67.05
CA GLN A 564 -4.39 59.60 67.27
C GLN A 564 -4.43 58.23 67.91
N GLY A 565 -3.86 57.24 67.24
CA GLY A 565 -3.78 55.88 67.79
C GLY A 565 -4.68 54.85 67.13
N ASP A 566 -5.66 55.30 66.35
CA ASP A 566 -6.61 54.41 65.68
C ASP A 566 -5.94 53.43 64.70
N GLU A 567 -6.49 52.23 64.58
CA GLU A 567 -6.08 51.31 63.54
C GLU A 567 -6.94 51.50 62.28
N VAL A 568 -6.35 52.15 61.30
CA VAL A 568 -7.04 52.51 60.07
C VAL A 568 -6.79 51.47 58.98
N THR A 569 -7.89 50.91 58.48
CA THR A 569 -7.85 50.05 57.31
C THR A 569 -8.48 50.82 56.14
N VAL A 570 -7.73 50.96 55.06
CA VAL A 570 -8.29 51.58 53.84
C VAL A 570 -8.49 50.51 52.77
N THR A 571 -9.73 50.39 52.30
CA THR A 571 -10.11 49.45 51.25
C THR A 571 -10.51 50.25 49.99
N ILE A 572 -9.81 50.00 48.88
CA ILE A 572 -10.06 50.71 47.62
C ILE A 572 -10.45 49.72 46.52
N THR A 573 -11.51 50.07 45.79
CA THR A 573 -12.02 49.30 44.66
C THR A 573 -11.92 50.13 43.37
N ASN A 574 -11.11 49.66 42.43
CA ASN A 574 -10.87 50.36 41.18
C ASN A 574 -12.00 50.04 40.22
N ILE A 575 -12.90 51.00 40.04
CA ILE A 575 -14.08 50.75 39.21
C ILE A 575 -13.88 51.22 37.76
N ASP A 576 -12.69 51.68 37.43
CA ASP A 576 -12.37 52.02 36.04
C ASP A 576 -12.53 50.79 35.14
N GLN A 577 -13.05 51.01 33.92
CA GLN A 577 -13.32 49.90 32.99
C GLN A 577 -12.23 49.70 31.91
N ILE A 578 -11.51 50.77 31.60
CA ILE A 578 -10.46 50.73 30.58
C ILE A 578 -9.21 50.03 31.11
N GLU A 579 -8.67 49.12 30.29
CA GLU A 579 -7.41 48.41 30.57
C GLU A 579 -6.24 49.33 30.85
N ASP A 580 -5.33 48.87 31.71
CA ASP A 580 -4.09 49.59 32.04
C ASP A 580 -4.34 50.79 32.97
N VAL A 581 -5.60 51.13 33.25
CA VAL A 581 -5.90 52.27 34.13
C VAL A 581 -5.84 51.86 35.61
N SER A 582 -4.61 51.71 36.08
CA SER A 582 -4.32 51.30 37.46
C SER A 582 -4.24 52.55 38.33
N HIS A 583 -4.61 52.38 39.59
CA HIS A 583 -4.37 53.40 40.61
C HIS A 583 -3.39 52.91 41.68
N GLY A 584 -2.82 53.86 42.42
CA GLY A 584 -2.02 53.58 43.60
C GLY A 584 -2.56 54.28 44.82
N PHE A 585 -2.01 53.91 45.98
CA PHE A 585 -2.34 54.55 47.25
C PHE A 585 -1.11 54.58 48.16
N VAL A 586 -0.72 55.80 48.55
CA VAL A 586 0.46 56.00 49.39
C VAL A 586 0.12 57.00 50.47
N VAL A 587 0.30 56.62 51.74
CA VAL A 587 0.13 57.57 52.84
C VAL A 587 1.50 58.13 53.21
N VAL A 588 1.66 59.44 53.05
CA VAL A 588 2.97 60.08 53.24
C VAL A 588 3.54 59.88 54.66
N ASN A 589 4.81 59.50 54.72
CA ASN A 589 5.52 59.27 55.98
C ASN A 589 4.89 58.22 56.90
N HIS A 590 4.09 57.31 56.33
CA HIS A 590 3.44 56.22 57.10
C HIS A 590 3.81 54.80 56.63
N GLY A 591 4.73 54.69 55.69
CA GLY A 591 5.15 53.38 55.21
C GLY A 591 4.05 52.60 54.52
N VAL A 592 3.15 53.32 53.87
CA VAL A 592 1.94 52.75 53.28
C VAL A 592 1.89 52.97 51.76
N SER A 593 1.76 51.87 51.01
CA SER A 593 1.86 51.88 49.55
C SER A 593 1.20 50.63 48.93
N MET A 594 0.37 50.81 47.90
CA MET A 594 -0.29 49.66 47.21
C MET A 594 -0.85 49.95 45.81
N GLU A 595 -1.00 48.89 45.02
CA GLU A 595 -1.58 48.93 43.66
C GLU A 595 -3.04 48.58 43.74
N ILE A 596 -3.84 49.22 42.89
CA ILE A 596 -5.22 48.79 42.62
C ILE A 596 -5.51 48.91 41.11
N SER A 597 -5.59 47.75 40.44
CA SER A 597 -5.80 47.68 39.00
C SER A 597 -7.30 47.58 38.68
N PRO A 598 -7.70 47.88 37.43
CA PRO A 598 -9.13 47.89 37.09
C PRO A 598 -9.91 46.66 37.61
N GLN A 599 -11.00 46.96 38.34
CA GLN A 599 -11.94 45.98 38.92
C GLN A 599 -11.42 45.23 40.14
N GLN A 600 -10.26 45.65 40.66
CA GLN A 600 -9.65 45.02 41.82
C GLN A 600 -10.03 45.71 43.13
N THR A 601 -10.10 44.92 44.21
CA THR A 601 -10.19 45.45 45.58
C THR A 601 -8.91 45.12 46.34
N SER A 602 -8.23 46.15 46.84
CA SER A 602 -7.04 45.99 47.69
C SER A 602 -7.26 46.72 49.02
N SER A 603 -6.66 46.20 50.09
CA SER A 603 -6.79 46.81 51.41
C SER A 603 -5.47 46.81 52.17
N ILE A 604 -5.21 47.92 52.86
CA ILE A 604 -3.99 48.09 53.64
C ILE A 604 -4.35 48.68 55.02
N THR A 605 -3.68 48.19 56.06
CA THR A 605 -3.94 48.58 57.44
C THR A 605 -2.67 49.14 58.08
N PHE A 606 -2.82 50.18 58.89
CA PHE A 606 -1.69 50.87 59.51
C PHE A 606 -2.18 51.65 60.72
N VAL A 607 -1.23 52.16 61.51
CA VAL A 607 -1.56 52.94 62.71
C VAL A 607 -1.28 54.44 62.52
N ALA A 608 -2.36 55.22 62.51
CA ALA A 608 -2.25 56.67 62.46
C ALA A 608 -1.83 57.11 63.85
N ASP A 609 -0.52 57.10 64.06
CA ASP A 609 0.05 57.42 65.36
C ASP A 609 0.63 58.84 65.39
N LYS A 610 0.46 59.56 64.28
CA LYS A 610 1.03 60.90 64.13
C LYS A 610 -0.09 61.91 64.01
N PRO A 611 -0.15 62.89 64.93
CA PRO A 611 -1.21 63.90 64.87
C PRO A 611 -0.95 64.84 63.70
N GLY A 612 -1.99 65.47 63.20
CA GLY A 612 -1.84 66.47 62.14
C GLY A 612 -2.58 66.13 60.87
N LEU A 613 -2.23 66.87 59.81
CA LEU A 613 -2.74 66.65 58.44
C LEU A 613 -1.80 65.71 57.69
N HIS A 614 -2.36 64.67 57.08
CA HIS A 614 -1.52 63.69 56.37
C HIS A 614 -2.05 63.31 54.99
N TRP A 615 -1.31 63.73 53.97
CA TRP A 615 -1.74 63.57 52.60
C TRP A 615 -1.60 62.13 52.14
N TYR A 616 -2.62 61.65 51.45
CA TYR A 616 -2.45 60.47 50.64
C TYR A 616 -2.60 60.79 49.15
N TYR A 617 -1.90 60.05 48.31
CA TYR A 617 -1.90 60.31 46.86
C TYR A 617 -1.85 59.03 46.05
N CYS A 618 -2.34 59.11 44.82
CA CYS A 618 -2.29 57.99 43.89
C CYS A 618 -0.88 57.93 43.30
N SER A 619 -0.25 56.76 43.39
CA SER A 619 1.10 56.57 42.89
C SER A 619 1.14 56.21 41.39
N TRP A 620 0.07 55.62 40.88
CA TRP A 620 0.04 55.15 39.49
C TRP A 620 -0.51 56.14 38.49
N PHE A 621 0.32 56.53 37.52
CA PHE A 621 -0.06 57.60 36.56
C PHE A 621 -1.24 57.15 35.71
N CYS A 622 -2.38 57.79 35.95
CA CYS A 622 -3.66 57.23 35.56
C CYS A 622 -4.47 58.14 34.64
N HIS A 623 -4.01 59.38 34.48
CA HIS A 623 -4.82 60.47 33.95
C HIS A 623 -3.96 61.73 33.81
N ALA A 624 -4.43 62.72 33.06
CA ALA A 624 -3.77 64.02 32.99
C ALA A 624 -3.73 64.76 34.34
N LEU A 625 -4.75 64.54 35.16
CA LEU A 625 -4.86 65.21 36.46
C LEU A 625 -4.44 64.29 37.60
N HIS A 626 -3.41 63.47 37.36
CA HIS A 626 -2.98 62.45 38.31
C HIS A 626 -2.26 63.06 39.50
N MET A 627 -1.43 64.06 39.23
CA MET A 627 -0.73 64.82 40.25
C MET A 627 -1.71 65.30 41.31
N GLU A 628 -2.95 65.55 40.87
CA GLU A 628 -4.00 66.12 41.71
C GLU A 628 -4.93 65.05 42.32
N MET A 629 -4.69 63.79 41.98
CA MET A 629 -5.43 62.69 42.60
C MET A 629 -4.93 62.45 44.02
N VAL A 630 -5.37 63.30 44.94
CA VAL A 630 -4.91 63.27 46.33
C VAL A 630 -6.06 63.28 47.34
N GLY A 631 -5.72 63.17 48.62
CA GLY A 631 -6.68 63.15 49.71
C GLY A 631 -6.02 63.45 51.05
N ARG A 632 -6.84 63.73 52.05
CA ARG A 632 -6.32 64.06 53.38
C ARG A 632 -6.79 63.10 54.47
N MET A 633 -5.85 62.64 55.28
CA MET A 633 -6.15 62.03 56.55
C MET A 633 -5.77 63.04 57.61
N MET A 634 -6.76 63.37 58.45
CA MET A 634 -6.56 64.33 59.52
C MET A 634 -6.62 63.59 60.84
N VAL A 635 -5.62 63.82 61.68
CA VAL A 635 -5.47 63.07 62.93
C VAL A 635 -5.69 63.99 64.13
N GLU A 636 -6.78 63.71 64.88
CA GLU A 636 -7.10 64.43 66.12
C GLU A 636 -6.10 64.08 67.24
N PRO A 637 -5.46 65.13 67.83
CA PRO A 637 -4.43 65.04 68.88
C PRO A 637 -4.80 64.13 70.05
N ALA A 638 -3.76 63.66 70.76
CA ALA A 638 -3.89 62.70 71.88
C ALA A 638 -4.76 63.24 72.99
N GLN B 58 22.19 55.04 12.81
CA GLN B 58 22.89 55.01 14.14
C GLN B 58 22.70 53.70 14.89
N LYS B 59 23.83 53.08 15.25
CA LYS B 59 23.93 51.95 16.21
C LYS B 59 22.70 51.04 16.32
N ILE B 60 22.30 50.80 17.57
CA ILE B 60 21.07 50.06 17.96
C ILE B 60 21.24 48.67 18.60
N HIS B 61 21.83 47.73 17.88
CA HIS B 61 21.96 46.38 18.38
C HIS B 61 23.34 46.13 18.98
N VAL B 62 23.38 45.75 20.25
CA VAL B 62 24.63 45.35 20.89
C VAL B 62 24.66 43.83 20.93
N GLY B 63 25.39 43.23 20.00
CA GLY B 63 25.52 41.78 19.92
C GLY B 63 26.42 41.24 21.01
N PRO B 64 26.51 39.91 21.14
CA PRO B 64 27.38 39.33 22.17
C PRO B 64 28.82 39.86 22.09
N GLY B 65 29.43 40.12 23.24
CA GLY B 65 30.81 40.60 23.29
C GLY B 65 30.94 42.12 23.21
N GLU B 66 29.99 42.75 22.52
CA GLU B 66 30.01 44.19 22.33
C GLU B 66 29.53 44.86 23.61
N LEU B 67 29.87 46.14 23.79
CA LEU B 67 29.42 46.92 24.94
C LEU B 67 28.57 48.11 24.51
N ASP B 68 27.62 48.48 25.37
CA ASP B 68 26.83 49.72 25.24
C ASP B 68 27.72 50.99 25.28
N ASP B 69 27.17 52.12 24.82
CA ASP B 69 27.89 53.38 24.66
C ASP B 69 27.67 54.34 25.82
N TYR B 70 26.49 54.23 26.42
CA TYR B 70 26.09 55.08 27.52
C TYR B 70 25.57 54.23 28.66
N TYR B 71 25.71 54.74 29.88
CA TYR B 71 24.95 54.22 31.00
C TYR B 71 23.63 54.97 31.02
N GLY B 72 22.57 54.24 31.40
CA GLY B 72 21.30 54.85 31.78
C GLY B 72 21.05 54.63 33.27
N PHE B 73 20.59 55.66 33.96
CA PHE B 73 20.16 55.50 35.34
C PHE B 73 18.69 55.86 35.40
N TRP B 74 17.86 54.84 35.56
CA TRP B 74 16.40 54.94 35.59
C TRP B 74 15.96 55.01 37.03
N SER B 75 14.95 55.83 37.33
CA SER B 75 14.26 55.68 38.60
C SER B 75 13.46 54.38 38.59
N GLY B 76 13.29 53.77 39.75
CA GLY B 76 12.45 52.58 39.89
C GLY B 76 10.99 52.91 40.17
N GLY B 77 10.68 54.19 40.31
CA GLY B 77 9.30 54.61 40.55
C GLY B 77 8.81 54.19 41.91
N HIS B 78 7.64 53.58 41.94
CA HIS B 78 6.94 53.20 43.18
C HIS B 78 7.57 51.96 43.82
N GLN B 79 8.46 51.32 43.09
CA GLN B 79 9.13 50.13 43.54
C GLN B 79 10.30 50.51 44.45
N GLY B 80 10.86 51.69 44.21
CA GLY B 80 11.79 52.33 45.12
C GLY B 80 13.28 52.22 44.87
N GLU B 81 13.68 51.49 43.83
CA GLU B 81 15.12 51.30 43.56
C GLU B 81 15.65 52.23 42.45
N VAL B 82 16.95 52.16 42.19
CA VAL B 82 17.53 52.79 41.00
C VAL B 82 18.04 51.66 40.10
N ARG B 83 17.84 51.82 38.79
CA ARG B 83 18.22 50.79 37.84
C ARG B 83 19.23 51.36 36.82
N VAL B 84 20.33 50.61 36.62
CA VAL B 84 21.38 50.94 35.67
C VAL B 84 21.17 50.11 34.41
N LEU B 85 21.04 50.80 33.28
CA LEU B 85 20.92 50.12 31.99
C LEU B 85 22.06 50.52 31.07
N GLY B 86 22.27 49.71 30.06
CA GLY B 86 23.16 50.06 28.98
C GLY B 86 22.34 50.66 27.86
N VAL B 87 22.85 51.74 27.29
CA VAL B 87 22.22 52.37 26.13
C VAL B 87 23.20 52.14 24.99
N PRO B 88 22.71 51.75 23.81
CA PRO B 88 21.30 51.72 23.41
C PRO B 88 20.63 50.36 23.49
N SER B 89 21.26 49.38 24.14
CA SER B 89 20.66 48.05 24.23
C SER B 89 19.39 48.09 25.07
N MET B 90 19.36 49.00 26.05
CA MET B 90 18.21 49.16 26.95
C MET B 90 18.03 47.96 27.88
N ARG B 91 19.09 47.17 28.04
CA ARG B 91 19.09 46.08 28.99
C ARG B 91 19.46 46.60 30.39
N GLU B 92 18.89 45.98 31.42
CA GLU B 92 19.13 46.36 32.80
C GLU B 92 20.36 45.63 33.32
N LEU B 93 21.36 46.39 33.73
CA LEU B 93 22.65 45.82 34.12
C LEU B 93 22.75 45.59 35.61
N MET B 94 22.12 46.47 36.37
CA MET B 94 22.20 46.42 37.81
C MET B 94 20.94 47.04 38.41
N ARG B 95 20.53 46.50 39.56
CA ARG B 95 19.50 47.11 40.41
C ARG B 95 20.20 47.64 41.65
N ILE B 96 19.97 48.93 41.91
CA ILE B 96 20.50 49.62 43.07
C ILE B 96 19.38 49.86 44.07
N PRO B 97 19.31 49.04 45.15
CA PRO B 97 18.31 49.25 46.19
C PRO B 97 18.53 50.57 46.93
N VAL B 98 17.47 51.35 47.09
CA VAL B 98 17.55 52.63 47.78
C VAL B 98 16.48 52.70 48.88
N PHE B 99 15.22 52.81 48.49
CA PHE B 99 14.12 52.91 49.44
C PHE B 99 13.36 51.59 49.58
N ASN B 100 13.59 50.67 48.66
CA ASN B 100 13.05 49.30 48.72
C ASN B 100 13.90 48.44 49.63
N VAL B 101 13.34 47.33 50.12
CA VAL B 101 14.11 46.31 50.82
C VAL B 101 14.45 45.21 49.83
N ASP B 102 15.75 44.98 49.61
CA ASP B 102 16.17 43.97 48.66
C ASP B 102 16.73 42.75 49.37
N SER B 103 16.07 41.62 49.10
CA SER B 103 16.38 40.33 49.69
C SER B 103 17.74 39.81 49.22
N ALA B 104 18.11 40.18 47.99
CA ALA B 104 19.36 39.74 47.39
C ALA B 104 20.54 40.29 48.14
N THR B 105 20.67 41.61 48.20
CA THR B 105 21.85 42.21 48.81
C THR B 105 21.71 42.31 50.32
N GLY B 106 20.47 42.29 50.80
CA GLY B 106 20.18 42.52 52.21
C GLY B 106 20.09 44.00 52.51
N TRP B 107 19.90 44.84 51.49
CA TRP B 107 19.68 46.27 51.71
C TRP B 107 18.35 46.41 52.40
N GLY B 108 18.37 47.06 53.56
CA GLY B 108 17.21 47.14 54.44
C GLY B 108 17.29 46.13 55.58
N LEU B 109 18.20 45.17 55.45
CA LEU B 109 18.39 44.10 56.43
C LEU B 109 19.74 44.16 57.15
N THR B 110 20.77 44.62 56.45
CA THR B 110 22.13 44.67 56.99
C THR B 110 22.30 45.86 57.91
N ASN B 111 23.29 45.79 58.80
CA ASN B 111 23.62 46.91 59.69
C ASN B 111 24.14 48.14 58.97
N GLU B 112 24.92 47.92 57.91
CA GLU B 112 25.41 49.01 57.08
C GLU B 112 24.27 49.79 56.41
N SER B 113 23.30 49.07 55.85
CA SER B 113 22.19 49.70 55.13
C SER B 113 21.25 50.41 56.10
N ARG B 114 20.84 49.72 57.16
CA ARG B 114 20.01 50.32 58.19
C ARG B 114 20.64 51.57 58.85
N HIS B 115 21.96 51.61 58.97
CA HIS B 115 22.63 52.78 59.54
C HIS B 115 22.50 53.98 58.62
N ILE B 116 22.72 53.76 57.32
CA ILE B 116 22.53 54.81 56.31
C ILE B 116 21.09 55.35 56.29
N MET B 117 20.11 54.45 56.35
CA MET B 117 18.70 54.82 56.33
C MET B 117 18.26 55.57 57.59
N GLY B 118 18.89 55.29 58.72
CA GLY B 118 18.52 55.89 59.99
C GLY B 118 17.19 55.32 60.46
N ASP B 119 16.33 56.19 60.99
CA ASP B 119 15.02 55.77 61.46
C ASP B 119 14.06 55.29 60.38
N SER B 120 14.23 55.81 59.16
CA SER B 120 13.37 55.44 58.02
C SER B 120 13.54 53.97 57.61
N ALA B 121 14.49 53.28 58.25
CA ALA B 121 14.69 51.85 58.03
C ALA B 121 13.44 51.03 58.36
N LYS B 122 12.50 51.64 59.07
CA LYS B 122 11.23 51.00 59.39
C LYS B 122 10.26 50.94 58.19
N PHE B 123 10.53 51.75 57.16
CA PHE B 123 9.68 51.80 55.98
C PHE B 123 10.13 50.81 54.93
N LEU B 124 9.19 50.06 54.38
CA LEU B 124 9.52 49.04 53.40
C LEU B 124 9.30 49.55 51.96
N ASN B 125 8.92 50.82 51.83
CA ASN B 125 8.52 51.42 50.55
C ASN B 125 9.16 52.76 50.25
N GLY B 126 8.98 53.19 49.01
CA GLY B 126 9.50 54.45 48.53
C GLY B 126 8.80 54.78 47.24
N ASP B 127 9.07 55.97 46.71
CA ASP B 127 8.50 56.37 45.45
C ASP B 127 9.42 57.38 44.76
N CYS B 128 10.28 56.89 43.87
CA CYS B 128 11.20 57.76 43.15
C CYS B 128 10.80 58.12 41.74
N HIS B 129 11.36 59.23 41.27
CA HIS B 129 10.94 59.87 40.02
C HIS B 129 12.13 60.45 39.28
N HIS B 130 13.09 61.02 40.02
CA HIS B 130 14.07 61.94 39.47
C HIS B 130 15.53 61.63 39.86
N PRO B 131 16.20 60.76 39.07
CA PRO B 131 17.62 60.49 39.27
C PRO B 131 18.50 61.57 38.63
N HIS B 132 19.46 62.14 39.37
CA HIS B 132 20.36 63.15 38.75
C HIS B 132 21.81 63.01 39.13
N ILE B 133 22.71 63.34 38.20
CA ILE B 133 24.15 63.09 38.37
C ILE B 133 24.87 64.38 38.71
N SER B 134 25.78 64.32 39.68
CA SER B 134 26.51 65.50 40.14
C SER B 134 27.33 66.11 39.00
N MET B 135 27.40 67.44 39.00
CA MET B 135 28.10 68.18 37.96
C MET B 135 29.25 69.05 38.47
N THR B 136 30.17 69.40 37.55
CA THR B 136 31.22 70.36 37.78
C THR B 136 31.33 71.20 36.52
N ASP B 137 31.18 72.52 36.65
CA ASP B 137 31.16 73.46 35.51
C ASP B 137 30.12 73.11 34.44
N GLY B 138 28.94 72.66 34.88
CA GLY B 138 27.85 72.34 33.97
C GLY B 138 28.09 71.09 33.15
N LYS B 139 28.84 70.15 33.75
CA LYS B 139 29.25 68.92 33.11
C LYS B 139 29.18 67.78 34.13
N TYR B 140 28.77 66.58 33.72
CA TYR B 140 28.72 65.45 34.65
C TYR B 140 30.13 65.15 35.18
N ASP B 141 30.25 65.00 36.49
CA ASP B 141 31.54 64.62 37.07
C ASP B 141 31.54 63.14 37.49
N GLY B 142 30.37 62.53 37.46
CA GLY B 142 30.23 61.09 37.72
C GLY B 142 30.56 60.66 39.14
N LYS B 143 30.45 61.57 40.10
CA LYS B 143 30.67 61.21 41.50
C LYS B 143 29.40 60.65 42.17
N TYR B 144 28.28 61.34 41.97
CA TYR B 144 27.07 61.03 42.68
C TYR B 144 25.83 61.02 41.78
N LEU B 145 24.88 60.15 42.11
CA LEU B 145 23.50 60.25 41.68
C LEU B 145 22.62 60.53 42.91
N PHE B 146 21.65 61.43 42.75
CA PHE B 146 20.74 61.74 43.83
C PHE B 146 19.35 61.43 43.34
N ILE B 147 18.47 61.01 44.24
CA ILE B 147 17.08 60.71 43.89
C ILE B 147 16.13 60.98 45.06
N ASN B 148 14.89 61.29 44.71
CA ASN B 148 13.83 61.61 45.67
C ASN B 148 13.05 60.37 46.10
N ASP B 149 12.42 60.47 47.27
CA ASP B 149 11.34 59.56 47.68
C ASP B 149 10.12 60.41 48.03
N LYS B 150 9.07 60.29 47.22
CA LYS B 150 7.81 60.99 47.50
C LYS B 150 7.03 60.38 48.67
N ALA B 151 7.05 59.06 48.78
CA ALA B 151 6.30 58.32 49.79
C ALA B 151 6.66 58.72 51.23
N ASN B 152 7.94 58.68 51.56
CA ASN B 152 8.38 58.98 52.92
C ASN B 152 9.36 60.15 53.07
N SER B 153 9.34 61.07 52.11
CA SER B 153 9.93 62.40 52.23
C SER B 153 11.45 62.43 52.37
N ARG B 154 12.12 61.62 51.54
CA ARG B 154 13.56 61.44 51.62
C ARG B 154 14.31 61.87 50.35
N VAL B 155 15.61 62.12 50.55
CA VAL B 155 16.56 62.29 49.46
C VAL B 155 17.70 61.33 49.70
N ALA B 156 18.16 60.68 48.64
CA ALA B 156 19.21 59.67 48.74
C ALA B 156 20.35 59.94 47.78
N ARG B 157 21.56 59.59 48.22
CA ARG B 157 22.77 59.66 47.42
C ARG B 157 23.24 58.26 47.07
N ILE B 158 23.60 58.09 45.79
CA ILE B 158 24.28 56.91 45.30
C ILE B 158 25.70 57.33 44.89
N ARG B 159 26.70 56.60 45.37
CA ARG B 159 28.06 56.77 44.91
C ARG B 159 28.20 55.94 43.63
N LEU B 160 28.58 56.62 42.54
CA LEU B 160 28.62 55.98 41.24
C LEU B 160 29.85 55.09 41.08
N ASP B 161 30.82 55.24 41.98
CA ASP B 161 31.97 54.36 41.96
C ASP B 161 31.64 52.94 42.45
N ILE B 162 30.79 52.82 43.46
CA ILE B 162 30.45 51.49 43.98
C ILE B 162 29.05 51.02 43.54
N MET B 163 28.25 51.97 43.05
CA MET B 163 26.86 51.69 42.65
C MET B 163 26.04 51.23 43.84
N LYS B 164 26.19 51.95 44.95
CA LYS B 164 25.40 51.72 46.15
C LYS B 164 24.89 53.05 46.68
N CYS B 165 23.76 53.03 47.37
CA CYS B 165 23.32 54.17 48.16
C CYS B 165 24.17 54.30 49.42
N ASP B 166 24.80 55.44 49.62
CA ASP B 166 25.70 55.62 50.77
C ASP B 166 25.25 56.72 51.74
N LYS B 167 24.28 57.52 51.32
CA LYS B 167 23.68 58.53 52.19
C LYS B 167 22.19 58.62 51.91
N MET B 168 21.44 58.90 52.97
CA MET B 168 20.02 59.06 52.90
C MET B 168 19.61 60.01 54.03
N ILE B 169 18.76 60.98 53.69
CA ILE B 169 18.23 61.96 54.65
C ILE B 169 16.69 62.06 54.50
N THR B 170 15.99 62.17 55.62
CA THR B 170 14.58 62.54 55.61
C THR B 170 14.52 64.07 55.73
N VAL B 171 13.79 64.72 54.83
CA VAL B 171 13.70 66.17 54.88
C VAL B 171 12.74 66.56 56.00
N PRO B 172 13.21 67.40 56.94
CA PRO B 172 12.39 67.78 58.09
C PRO B 172 11.25 68.77 57.77
N ASN B 173 10.17 68.70 58.55
CA ASN B 173 9.08 69.66 58.52
C ASN B 173 8.38 69.80 57.16
N VAL B 174 8.46 68.76 56.34
CA VAL B 174 7.79 68.79 55.02
C VAL B 174 7.10 67.48 54.70
N GLN B 175 6.26 67.49 53.68
CA GLN B 175 5.65 66.26 53.21
C GLN B 175 5.76 66.08 51.70
N ALA B 176 6.36 64.96 51.29
CA ALA B 176 6.41 64.46 49.90
C ALA B 176 7.47 65.10 49.03
N ILE B 177 8.67 64.50 49.02
CA ILE B 177 9.76 64.99 48.20
C ILE B 177 9.58 64.45 46.79
N HIS B 178 9.24 65.37 45.89
CA HIS B 178 8.92 65.01 44.52
C HIS B 178 10.00 65.55 43.60
N GLY B 179 9.80 66.76 43.09
CA GLY B 179 10.80 67.41 42.24
C GLY B 179 12.17 67.50 42.89
N LEU B 180 13.20 67.22 42.11
CA LEU B 180 14.58 67.28 42.57
C LEU B 180 15.45 67.49 41.35
N ARG B 181 16.36 68.47 41.44
CA ARG B 181 17.50 68.60 40.52
C ARG B 181 18.74 69.18 41.20
N LEU B 182 19.84 69.21 40.45
CA LEU B 182 21.14 69.52 41.00
C LEU B 182 21.69 70.87 40.54
N GLN B 183 22.36 71.57 41.45
CA GLN B 183 23.12 72.75 41.08
C GLN B 183 24.15 72.32 40.04
N LYS B 184 24.31 73.15 39.01
CA LYS B 184 25.17 72.84 37.88
C LYS B 184 26.53 73.50 38.05
N VAL B 185 26.50 74.76 38.49
CA VAL B 185 27.67 75.61 38.43
C VAL B 185 27.76 76.40 39.72
N PRO B 186 28.98 76.55 40.29
CA PRO B 186 30.27 75.99 39.81
C PRO B 186 30.37 74.47 39.91
N HIS B 187 29.57 73.88 40.79
CA HIS B 187 29.40 72.43 40.84
C HIS B 187 28.15 72.10 41.65
N THR B 188 27.91 70.83 41.89
CA THR B 188 26.77 70.40 42.70
C THR B 188 27.13 70.57 44.18
N LYS B 189 26.99 71.79 44.66
CA LYS B 189 27.09 72.05 46.10
C LYS B 189 25.76 71.71 46.75
N TYR B 190 24.68 72.16 46.11
CA TYR B 190 23.32 71.90 46.59
C TYR B 190 22.53 70.90 45.74
N VAL B 191 21.79 70.05 46.46
CA VAL B 191 20.73 69.26 45.88
C VAL B 191 19.47 70.03 46.18
N PHE B 192 18.84 70.57 45.15
CA PHE B 192 17.56 71.21 45.35
C PHE B 192 16.46 70.18 45.21
N ALA B 193 15.50 70.24 46.11
CA ALA B 193 14.45 69.23 46.23
C ALA B 193 13.11 69.87 46.65
N ASN B 194 12.03 69.48 45.98
CA ASN B 194 10.69 70.01 46.20
C ASN B 194 9.89 69.20 47.20
N ALA B 195 9.27 69.89 48.16
CA ALA B 195 8.21 69.31 48.96
C ALA B 195 6.87 69.72 48.36
N GLU B 196 6.09 68.72 47.91
CA GLU B 196 4.90 68.96 47.07
C GLU B 196 3.67 69.46 47.83
N PHE B 197 3.47 68.95 49.04
CA PHE B 197 2.17 69.16 49.68
C PHE B 197 2.19 70.25 50.77
N ILE B 198 1.11 71.03 50.80
CA ILE B 198 0.88 72.06 51.81
C ILE B 198 0.48 71.43 53.13
N ILE B 199 1.18 71.80 54.21
CA ILE B 199 0.88 71.26 55.56
C ILE B 199 0.98 72.35 56.64
N PRO B 200 0.27 72.15 57.79
CA PRO B 200 0.33 73.12 58.87
C PRO B 200 1.66 73.10 59.62
N HIS B 201 2.02 74.26 60.18
CA HIS B 201 3.21 74.39 61.01
C HIS B 201 2.88 75.12 62.32
N PRO B 202 2.97 74.39 63.46
CA PRO B 202 3.34 72.97 63.56
C PRO B 202 2.20 72.03 63.16
N ASN B 203 2.52 70.82 62.77
CA ASN B 203 1.51 69.85 62.39
C ASN B 203 1.11 68.97 63.57
N ASP B 204 0.38 69.55 64.50
CA ASP B 204 0.02 68.85 65.74
C ASP B 204 -1.44 68.41 65.83
N GLY B 205 -2.24 68.72 64.81
CA GLY B 205 -3.65 68.32 64.81
C GLY B 205 -4.61 69.39 65.33
N LYS B 206 -4.10 70.58 65.60
CA LYS B 206 -4.94 71.69 66.05
C LYS B 206 -5.49 72.47 64.88
N VAL B 207 -4.66 72.70 63.87
CA VAL B 207 -5.08 73.41 62.68
C VAL B 207 -4.95 72.45 61.49
N PHE B 208 -5.99 72.41 60.65
CA PHE B 208 -5.99 71.60 59.43
C PHE B 208 -6.11 72.43 58.15
N ASP B 209 -6.48 73.70 58.32
CA ASP B 209 -6.73 74.60 57.20
C ASP B 209 -5.47 74.94 56.38
N LEU B 210 -5.57 74.76 55.07
CA LEU B 210 -4.51 75.09 54.12
C LEU B 210 -4.38 76.60 53.97
N GLN B 211 -5.47 77.31 54.24
CA GLN B 211 -5.49 78.77 54.08
C GLN B 211 -4.81 79.44 55.27
N ASP B 212 -4.65 78.70 56.37
CA ASP B 212 -4.04 79.20 57.57
C ASP B 212 -2.69 79.81 57.27
N GLU B 213 -2.41 80.95 57.90
N GLU B 213 -2.41 80.94 57.91
CA GLU B 213 -1.15 81.68 57.71
CA GLU B 213 -1.17 81.69 57.72
C GLU B 213 0.08 80.79 57.75
C GLU B 213 0.07 80.78 57.75
N ASN B 214 0.10 79.83 58.70
CA ASN B 214 1.23 78.93 58.88
C ASN B 214 1.09 77.54 58.22
N SER B 215 0.20 77.46 57.23
CA SER B 215 0.13 76.27 56.39
C SER B 215 0.78 76.55 55.04
N TYR B 216 1.86 75.82 54.78
CA TYR B 216 2.68 76.06 53.60
C TYR B 216 3.57 74.85 53.33
N THR B 217 4.34 74.93 52.25
CA THR B 217 5.40 73.96 52.02
C THR B 217 6.73 74.68 51.81
N MET B 218 7.81 73.91 51.64
CA MET B 218 9.13 74.53 51.51
C MET B 218 9.99 73.93 50.40
N TYR B 219 10.78 74.81 49.78
CA TYR B 219 11.80 74.42 48.84
C TYR B 219 13.06 74.08 49.64
N ASN B 220 13.66 72.93 49.33
CA ASN B 220 14.71 72.37 50.15
C ASN B 220 16.07 72.32 49.46
N ALA B 221 17.11 72.76 50.18
CA ALA B 221 18.49 72.66 49.72
C ALA B 221 19.32 71.76 50.63
N ILE B 222 19.96 70.76 50.04
CA ILE B 222 20.77 69.80 50.80
C ILE B 222 22.21 69.92 50.36
N ASP B 223 23.13 69.91 51.32
CA ASP B 223 24.54 69.92 50.98
C ASP B 223 24.85 68.56 50.36
N ALA B 224 25.33 68.60 49.12
CA ALA B 224 25.49 67.39 48.32
C ALA B 224 26.54 66.46 48.91
N GLU B 225 27.61 67.07 49.41
CA GLU B 225 28.75 66.35 49.99
C GLU B 225 28.51 65.78 51.38
N THR B 226 27.92 66.60 52.26
CA THR B 226 27.64 66.19 53.65
C THR B 226 26.33 65.42 53.79
N MET B 227 25.38 65.68 52.90
CA MET B 227 24.01 65.15 53.00
C MET B 227 23.29 65.61 54.27
N GLU B 228 23.59 66.85 54.65
CA GLU B 228 22.85 67.53 55.69
C GLU B 228 22.08 68.67 55.03
N MET B 229 20.91 68.98 55.58
CA MET B 229 20.18 70.18 55.20
C MET B 229 21.09 71.40 55.23
N ALA B 230 20.95 72.27 54.23
CA ALA B 230 21.72 73.50 54.20
C ALA B 230 20.81 74.70 54.49
N PHE B 231 19.62 74.70 53.89
CA PHE B 231 18.56 75.66 54.19
C PHE B 231 17.22 75.23 53.61
N GLN B 232 16.17 75.94 54.00
CA GLN B 232 14.85 75.80 53.41
C GLN B 232 14.24 77.17 53.14
N VAL B 233 13.41 77.25 52.12
CA VAL B 233 12.73 78.48 51.78
C VAL B 233 11.23 78.21 51.77
N ILE B 234 10.49 79.03 52.50
CA ILE B 234 9.05 78.91 52.57
C ILE B 234 8.49 79.55 51.31
N VAL B 235 7.52 78.90 50.68
CA VAL B 235 6.88 79.48 49.49
C VAL B 235 5.38 79.53 49.61
N ASP B 236 4.80 80.44 48.82
CA ASP B 236 3.37 80.45 48.56
C ASP B 236 3.06 79.21 47.73
N GLY B 237 1.77 78.93 47.52
CA GLY B 237 1.34 77.77 46.72
C GLY B 237 2.05 76.48 47.09
N ASN B 238 2.34 75.66 46.08
CA ASN B 238 3.15 74.45 46.29
C ASN B 238 4.34 74.35 45.31
N LEU B 239 4.91 73.16 45.23
CA LEU B 239 6.02 72.89 44.33
C LEU B 239 5.83 71.57 43.58
N ASP B 240 6.13 71.59 42.29
CA ASP B 240 6.06 70.38 41.47
C ASP B 240 7.49 69.90 41.09
N ASN B 241 8.01 70.34 39.95
CA ASN B 241 9.40 70.06 39.54
C ASN B 241 10.28 71.31 39.68
N THR B 242 11.59 71.12 39.56
CA THR B 242 12.61 72.18 39.73
C THR B 242 13.85 71.97 38.83
N ASP B 243 14.59 73.07 38.57
CA ASP B 243 15.87 73.00 37.86
C ASP B 243 16.69 74.24 38.25
N ALA B 244 17.93 74.31 37.77
CA ALA B 244 18.91 75.31 38.21
C ALA B 244 19.63 75.90 37.01
N ASP B 245 20.23 77.08 37.19
CA ASP B 245 20.84 77.79 36.09
C ASP B 245 22.25 77.26 35.84
N TYR B 246 23.04 78.01 35.06
CA TYR B 246 24.42 77.68 34.80
C TYR B 246 25.37 78.70 35.43
N THR B 247 24.94 79.33 36.52
CA THR B 247 25.80 80.25 37.30
C THR B 247 25.78 79.95 38.80
N GLY B 248 24.70 79.33 39.26
CA GLY B 248 24.56 78.94 40.65
C GLY B 248 23.78 79.94 41.47
N ARG B 249 23.43 81.07 40.85
CA ARG B 249 22.68 82.13 41.53
C ARG B 249 21.17 81.87 41.55
N PHE B 250 20.65 81.26 40.50
CA PHE B 250 19.21 81.05 40.36
C PHE B 250 18.81 79.58 40.27
N ALA B 251 17.65 79.29 40.84
CA ALA B 251 16.98 78.01 40.69
C ALA B 251 15.51 78.36 40.53
N ALA B 252 14.74 77.50 39.89
CA ALA B 252 13.32 77.77 39.64
C ALA B 252 12.52 76.53 39.98
N ALA B 253 11.24 76.72 40.27
CA ALA B 253 10.35 75.58 40.50
C ALA B 253 8.93 75.87 40.01
N THR B 254 8.27 74.83 39.48
CA THR B 254 6.87 74.94 39.07
C THR B 254 5.89 74.76 40.23
N CYS B 255 4.69 75.33 40.07
CA CYS B 255 3.63 75.27 41.08
C CYS B 255 2.29 75.11 40.36
N TYR B 256 1.52 74.10 40.76
CA TYR B 256 0.21 73.85 40.17
C TYR B 256 -0.91 74.19 41.12
N ASN B 257 -0.59 74.32 42.41
CA ASN B 257 -1.59 74.63 43.42
C ASN B 257 -1.35 76.00 44.07
N SER B 258 -1.33 77.05 43.25
CA SER B 258 -1.24 78.41 43.77
C SER B 258 -2.53 78.77 44.50
N GLU B 259 -3.58 77.97 44.30
CA GLU B 259 -4.89 78.18 44.94
C GLU B 259 -4.96 77.74 46.40
N LYS B 260 -4.00 76.91 46.82
CA LYS B 260 -3.98 76.30 48.16
C LYS B 260 -5.28 75.53 48.47
N ALA B 261 -5.81 74.87 47.44
CA ALA B 261 -7.06 74.11 47.52
C ALA B 261 -6.78 72.63 47.74
N PHE B 262 -7.79 71.89 48.22
CA PHE B 262 -7.68 70.45 48.42
C PHE B 262 -8.51 69.64 47.43
N ASP B 263 -9.50 70.30 46.83
CA ASP B 263 -10.39 69.66 45.85
C ASP B 263 -9.83 69.84 44.44
N LEU B 264 -10.24 68.95 43.55
CA LEU B 264 -9.75 68.95 42.17
C LEU B 264 -10.04 70.24 41.39
N GLY B 265 -11.27 70.73 41.45
CA GLY B 265 -11.63 71.97 40.78
C GLY B 265 -10.93 73.18 41.34
N GLY B 266 -10.72 73.21 42.66
CA GLY B 266 -10.04 74.31 43.32
C GLY B 266 -8.59 74.50 42.86
N MET B 267 -7.87 73.39 42.67
CA MET B 267 -6.47 73.41 42.20
C MET B 267 -6.36 73.87 40.74
N MET B 268 -7.47 73.85 40.02
CA MET B 268 -7.50 74.25 38.61
C MET B 268 -8.12 75.62 38.41
N ARG B 269 -8.46 76.30 39.50
CA ARG B 269 -9.23 77.54 39.43
C ARG B 269 -8.50 78.70 38.71
N ASN B 270 -7.30 79.06 39.16
CA ASN B 270 -6.53 80.16 38.55
C ASN B 270 -6.14 79.85 37.11
N GLU B 271 -6.22 80.85 36.24
CA GLU B 271 -5.80 80.65 34.85
C GLU B 271 -4.29 80.45 34.76
N ARG B 272 -3.55 81.17 35.59
CA ARG B 272 -2.11 80.95 35.72
C ARG B 272 -1.77 80.58 37.15
N ASP B 273 -0.84 79.65 37.30
CA ASP B 273 -0.15 79.46 38.56
C ASP B 273 1.16 80.22 38.47
N TRP B 274 2.30 79.54 38.64
CA TRP B 274 3.58 80.21 38.47
C TRP B 274 4.75 79.25 38.50
N VAL B 275 5.88 79.73 38.00
CA VAL B 275 7.16 79.21 38.47
C VAL B 275 7.80 80.23 39.40
N VAL B 276 8.21 79.74 40.56
CA VAL B 276 8.87 80.61 41.53
C VAL B 276 10.37 80.58 41.27
N VAL B 277 10.99 81.75 41.16
CA VAL B 277 12.44 81.85 41.01
C VAL B 277 13.11 82.15 42.35
N PHE B 278 14.23 81.48 42.60
CA PHE B 278 14.98 81.63 43.86
C PHE B 278 16.35 82.30 43.64
N ASP B 279 16.64 83.34 44.41
CA ASP B 279 18.00 83.90 44.44
C ASP B 279 18.86 83.19 45.51
N ILE B 280 19.49 82.09 45.11
CA ILE B 280 20.25 81.22 46.03
C ILE B 280 21.36 82.00 46.73
N HIS B 281 21.96 82.95 46.02
CA HIS B 281 23.00 83.84 46.55
C HIS B 281 22.48 84.76 47.66
N ALA B 282 21.33 85.37 47.45
CA ALA B 282 20.69 86.20 48.47
C ALA B 282 20.33 85.36 49.70
N VAL B 283 19.84 84.15 49.47
CA VAL B 283 19.52 83.21 50.54
C VAL B 283 20.78 82.93 51.39
N GLU B 284 21.84 82.46 50.74
CA GLU B 284 23.12 82.14 51.40
C GLU B 284 23.69 83.29 52.23
N ALA B 285 23.62 84.49 51.68
CA ALA B 285 24.05 85.72 52.38
C ALA B 285 23.21 85.99 53.64
N ALA B 286 21.91 85.71 53.58
CA ALA B 286 21.01 85.87 54.72
C ALA B 286 21.25 84.81 55.81
N VAL B 287 21.49 83.57 55.39
CA VAL B 287 21.86 82.48 56.32
C VAL B 287 23.16 82.84 57.03
N LYS B 288 24.09 83.40 56.27
CA LYS B 288 25.41 83.76 56.76
C LYS B 288 25.32 84.94 57.70
N ALA B 289 24.45 85.90 57.40
CA ALA B 289 24.27 87.05 58.29
C ALA B 289 23.43 86.71 59.53
N GLY B 290 22.96 85.47 59.60
CA GLY B 290 22.17 84.98 60.74
C GLY B 290 20.73 85.45 60.74
N ASP B 291 20.23 85.83 59.57
CA ASP B 291 18.85 86.28 59.42
C ASP B 291 17.96 85.14 58.91
N PHE B 292 17.51 84.31 59.84
CA PHE B 292 16.64 83.17 59.55
C PHE B 292 15.99 82.68 60.83
N ILE B 293 15.04 81.75 60.69
CA ILE B 293 14.36 81.14 61.83
C ILE B 293 14.43 79.60 61.79
N THR B 294 14.02 78.93 62.87
CA THR B 294 13.86 77.47 62.87
C THR B 294 12.42 77.05 63.20
N LEU B 295 12.09 75.80 62.88
CA LEU B 295 10.78 75.23 63.21
C LEU B 295 10.96 73.93 63.98
N GLY B 296 10.11 73.72 64.98
CA GLY B 296 10.14 72.51 65.82
C GLY B 296 11.52 72.00 66.19
N ASP B 297 11.75 70.71 65.91
CA ASP B 297 12.98 70.03 66.34
C ASP B 297 14.14 70.05 65.34
N SER B 298 14.08 70.94 64.35
CA SER B 298 15.12 71.03 63.31
C SER B 298 16.02 72.25 63.48
N LYS B 299 17.32 72.05 63.33
CA LYS B 299 18.28 73.15 63.36
C LYS B 299 18.37 73.92 62.03
N THR B 300 17.77 73.34 60.98
CA THR B 300 17.84 73.86 59.60
C THR B 300 17.34 75.30 59.43
N PRO B 301 18.21 76.19 58.92
CA PRO B 301 17.84 77.59 58.67
C PRO B 301 16.63 77.69 57.73
N VAL B 302 15.63 78.47 58.13
CA VAL B 302 14.38 78.61 57.37
C VAL B 302 14.21 80.05 56.95
N LEU B 303 13.97 80.26 55.66
CA LEU B 303 13.87 81.60 55.13
C LEU B 303 12.49 81.82 54.54
N ASP B 304 12.04 83.06 54.53
CA ASP B 304 10.67 83.36 54.12
C ASP B 304 10.61 83.91 52.70
N GLY B 305 10.08 83.10 51.79
CA GLY B 305 9.96 83.46 50.37
C GLY B 305 8.53 83.62 49.89
N ARG B 306 7.60 83.75 50.84
CA ARG B 306 6.22 84.13 50.53
C ARG B 306 6.14 85.61 50.22
N LYS B 307 5.08 86.02 49.53
CA LYS B 307 4.78 87.42 49.36
C LYS B 307 3.95 87.92 50.54
N LYS B 308 4.44 89.01 51.16
CA LYS B 308 3.73 89.73 52.23
C LYS B 308 3.06 91.00 51.69
N ASP B 309 1.72 91.05 51.83
CA ASP B 309 0.91 92.21 51.47
C ASP B 309 1.23 92.72 50.05
N GLY B 310 1.23 91.79 49.10
CA GLY B 310 1.49 92.12 47.71
C GLY B 310 2.91 92.52 47.34
N LYS B 311 3.87 92.37 48.25
CA LYS B 311 5.28 92.67 47.92
C LYS B 311 6.22 91.47 48.13
N ASP B 312 7.15 91.33 47.18
CA ASP B 312 8.10 90.21 47.14
C ASP B 312 9.04 90.11 48.33
N SER B 313 9.17 88.90 48.84
CA SER B 313 10.32 88.55 49.64
C SER B 313 11.55 88.75 48.75
N LYS B 314 12.68 89.05 49.35
CA LYS B 314 13.88 89.36 48.59
C LYS B 314 14.59 88.09 48.11
N PHE B 315 14.06 86.95 48.51
CA PHE B 315 14.62 85.65 48.14
C PHE B 315 14.01 85.07 46.88
N THR B 316 12.81 85.54 46.52
CA THR B 316 12.04 84.89 45.46
C THR B 316 11.35 85.85 44.48
N ARG B 317 11.09 85.35 43.27
CA ARG B 317 10.16 86.00 42.35
C ARG B 317 9.13 84.99 41.83
N TYR B 318 7.92 85.48 41.60
CA TYR B 318 6.84 84.65 41.10
C TYR B 318 6.49 85.09 39.70
N VAL B 319 6.72 84.20 38.74
CA VAL B 319 6.44 84.48 37.34
C VAL B 319 5.21 83.67 36.93
N PRO B 320 4.07 84.36 36.70
CA PRO B 320 2.81 83.65 36.41
C PRO B 320 2.91 82.85 35.11
N VAL B 321 2.39 81.63 35.14
CA VAL B 321 2.55 80.66 34.06
C VAL B 321 1.29 79.78 34.05
N PRO B 322 0.62 79.67 32.87
CA PRO B 322 -0.52 78.76 32.73
C PRO B 322 0.00 77.35 32.42
N LYS B 323 -0.67 76.28 32.87
CA LYS B 323 -1.77 76.26 33.84
C LYS B 323 -1.66 74.91 34.51
N ASN B 324 -1.49 74.92 35.82
CA ASN B 324 -0.95 73.78 36.57
C ASN B 324 0.33 73.25 35.91
N PRO B 325 1.30 74.15 35.66
CA PRO B 325 2.54 73.76 35.00
C PRO B 325 3.19 72.56 35.67
N HIS B 326 3.98 71.81 34.90
CA HIS B 326 4.60 70.61 35.44
C HIS B 326 6.13 70.60 35.33
N GLY B 327 6.66 70.27 34.17
CA GLY B 327 8.11 70.23 33.97
C GLY B 327 8.76 71.59 34.23
N CYS B 328 10.00 71.55 34.67
CA CYS B 328 10.80 72.74 34.85
C CYS B 328 12.23 72.41 34.42
N ASN B 329 12.54 72.76 33.17
CA ASN B 329 13.78 72.31 32.55
C ASN B 329 14.66 73.47 32.07
N THR B 330 15.96 73.36 32.35
CA THR B 330 16.90 74.37 31.92
C THR B 330 17.59 73.95 30.60
N SER B 331 17.51 74.83 29.59
CA SER B 331 18.14 74.63 28.30
C SER B 331 19.66 74.48 28.44
N SER B 332 20.24 73.65 27.58
CA SER B 332 21.66 73.29 27.70
C SER B 332 22.62 74.45 27.41
N ASP B 333 22.08 75.58 26.95
CA ASP B 333 22.88 76.79 26.68
C ASP B 333 22.82 77.78 27.85
N GLY B 334 21.96 77.45 28.81
CA GLY B 334 21.79 78.24 30.02
C GLY B 334 20.85 79.43 29.91
N LYS B 335 20.15 79.55 28.78
CA LYS B 335 19.31 80.73 28.56
C LYS B 335 17.93 80.69 29.24
N TYR B 336 17.34 79.50 29.35
CA TYR B 336 15.92 79.40 29.72
C TYR B 336 15.61 78.38 30.81
N PHE B 337 14.67 78.77 31.67
CA PHE B 337 13.89 77.84 32.45
C PHE B 337 12.62 77.66 31.65
N ILE B 338 12.35 76.42 31.24
CA ILE B 338 11.17 76.08 30.46
C ILE B 338 10.16 75.27 31.27
N ALA B 339 9.04 75.91 31.55
CA ALA B 339 7.95 75.26 32.25
C ALA B 339 6.99 74.66 31.22
N ALA B 340 6.60 73.41 31.45
CA ALA B 340 5.58 72.79 30.62
C ALA B 340 4.18 73.11 31.16
N GLY B 341 3.32 73.58 30.26
CA GLY B 341 2.03 74.17 30.65
C GLY B 341 0.94 73.24 31.12
N LYS B 342 1.14 71.93 30.92
CA LYS B 342 0.15 70.85 31.24
C LYS B 342 -1.29 71.11 30.81
N LEU B 343 -2.03 71.85 31.62
CA LEU B 343 -3.40 72.20 31.28
C LEU B 343 -3.43 73.31 30.21
N SER B 344 -2.33 74.04 30.09
CA SER B 344 -2.15 74.98 28.99
C SER B 344 -1.35 74.23 27.93
N PRO B 345 -1.81 74.29 26.66
CA PRO B 345 -1.10 73.59 25.57
C PRO B 345 0.22 74.27 25.16
N THR B 346 0.97 74.76 26.14
CA THR B 346 2.18 75.54 25.89
C THR B 346 3.37 75.14 26.75
N CYS B 347 4.52 75.75 26.45
CA CYS B 347 5.61 75.91 27.41
C CYS B 347 5.82 77.42 27.61
N SER B 348 6.24 77.79 28.83
CA SER B 348 6.62 79.17 29.12
C SER B 348 8.15 79.20 29.24
N MET B 349 8.74 80.11 28.46
CA MET B 349 10.19 80.32 28.43
C MET B 349 10.59 81.55 29.24
N ILE B 350 11.28 81.32 30.35
CA ILE B 350 11.78 82.41 31.16
C ILE B 350 13.25 82.64 30.82
N ALA B 351 13.65 83.91 30.66
CA ALA B 351 15.03 84.20 30.29
C ALA B 351 15.87 84.52 31.52
N ILE B 352 16.79 83.61 31.81
CA ILE B 352 17.68 83.70 32.96
C ILE B 352 18.50 84.97 32.88
N ASP B 353 18.77 85.39 31.65
CA ASP B 353 19.36 86.70 31.34
C ASP B 353 18.72 87.88 32.05
N LYS B 354 17.41 87.79 32.24
CA LYS B 354 16.62 88.94 32.67
C LYS B 354 16.39 88.92 34.18
N LEU B 355 16.72 87.78 34.80
CA LEU B 355 16.48 87.52 36.21
C LEU B 355 17.16 88.51 37.18
N PRO B 356 18.46 88.84 36.97
CA PRO B 356 19.06 89.86 37.83
C PRO B 356 18.26 91.15 37.87
N ASP B 357 17.84 91.64 36.69
CA ASP B 357 16.98 92.83 36.62
C ASP B 357 15.64 92.69 37.34
N LEU B 358 15.09 91.48 37.38
CA LEU B 358 13.80 91.22 38.05
C LEU B 358 13.95 91.31 39.57
N PHE B 359 15.09 90.80 40.06
CA PHE B 359 15.41 90.80 41.49
C PHE B 359 15.96 92.14 42.00
N ALA B 360 16.42 92.98 41.06
CA ALA B 360 16.84 94.34 41.35
C ALA B 360 15.67 95.30 41.12
N GLY B 361 14.46 94.76 41.10
CA GLY B 361 13.26 95.57 40.96
C GLY B 361 13.24 96.48 39.74
N LYS B 362 13.99 96.11 38.71
CA LYS B 362 14.10 96.96 37.51
C LYS B 362 13.06 96.66 36.42
N LEU B 363 12.18 95.70 36.68
CA LEU B 363 11.17 95.28 35.71
C LEU B 363 9.77 95.42 36.26
N ALA B 364 8.93 96.12 35.50
CA ALA B 364 7.57 96.48 35.93
C ALA B 364 6.71 95.27 36.33
N ASP B 365 6.57 94.32 35.40
CA ASP B 365 5.74 93.11 35.56
C ASP B 365 6.63 91.86 35.53
N PRO B 366 6.40 90.90 36.45
CA PRO B 366 7.15 89.63 36.45
C PRO B 366 7.02 88.82 35.15
N ARG B 367 5.95 89.04 34.39
CA ARG B 367 5.76 88.43 33.05
C ARG B 367 6.75 88.95 32.00
N ASP B 368 7.51 90.00 32.35
CA ASP B 368 8.52 90.57 31.44
C ASP B 368 9.69 89.62 31.20
N VAL B 369 9.92 88.68 32.12
CA VAL B 369 10.99 87.70 31.96
C VAL B 369 10.55 86.50 31.10
N ILE B 370 9.24 86.44 30.77
CA ILE B 370 8.72 85.50 29.75
C ILE B 370 9.14 86.03 28.38
N VAL B 371 9.88 85.21 27.62
CA VAL B 371 10.34 85.62 26.29
C VAL B 371 9.75 84.76 25.18
N GLY B 372 8.98 83.75 25.57
CA GLY B 372 8.41 82.80 24.65
C GLY B 372 7.39 81.93 25.35
N GLU B 373 6.23 81.79 24.71
CA GLU B 373 5.14 81.00 25.25
C GLU B 373 4.46 80.29 24.09
N PRO B 374 5.18 79.35 23.45
CA PRO B 374 4.68 78.76 22.22
C PRO B 374 3.57 77.72 22.45
N GLU B 375 2.60 77.71 21.54
CA GLU B 375 1.62 76.65 21.51
C GLU B 375 2.29 75.41 20.93
N LEU B 376 2.11 74.26 21.58
CA LEU B 376 2.79 73.03 21.15
C LEU B 376 1.83 71.87 20.88
N GLY B 377 0.78 71.78 21.67
CA GLY B 377 -0.19 70.69 21.58
C GLY B 377 -0.72 70.36 22.97
N LEU B 378 -1.57 69.34 23.05
CA LEU B 378 -2.29 69.03 24.30
C LEU B 378 -1.52 68.18 25.31
N GLY B 379 -1.38 68.70 26.52
CA GLY B 379 -0.75 67.97 27.61
C GLY B 379 0.76 68.00 27.68
N PRO B 380 1.39 69.20 27.49
CA PRO B 380 2.85 69.32 27.66
C PRO B 380 3.29 69.10 29.10
N LEU B 381 4.19 68.13 29.32
CA LEU B 381 4.63 67.75 30.67
C LEU B 381 6.10 68.05 30.96
N HIS B 382 6.98 67.73 30.00
N HIS B 382 6.97 67.79 29.98
CA HIS B 382 8.42 67.87 30.20
CA HIS B 382 8.43 67.75 30.20
C HIS B 382 9.14 68.23 28.92
C HIS B 382 9.18 68.14 28.93
N THR B 383 10.30 68.84 29.10
CA THR B 383 11.12 69.31 27.98
C THR B 383 12.56 68.86 28.16
N THR B 384 13.18 68.45 27.06
CA THR B 384 14.60 68.15 27.02
C THR B 384 15.25 68.81 25.79
N PHE B 385 16.58 68.65 25.64
CA PHE B 385 17.35 69.43 24.67
C PHE B 385 18.33 68.59 23.84
N ASP B 386 18.54 68.97 22.58
CA ASP B 386 19.53 68.25 21.77
C ASP B 386 20.90 68.92 21.70
N GLY B 387 20.98 70.13 22.25
CA GLY B 387 22.20 70.92 22.20
C GLY B 387 22.44 71.56 20.84
N ARG B 388 21.45 71.48 19.94
CA ARG B 388 21.52 72.09 18.59
C ARG B 388 20.55 73.27 18.51
N GLY B 389 19.88 73.57 19.62
CA GLY B 389 18.92 74.68 19.62
C GLY B 389 17.48 74.21 19.65
N ASN B 390 17.33 72.88 19.63
CA ASN B 390 16.01 72.27 19.70
C ASN B 390 15.64 71.83 21.11
N ALA B 391 14.34 71.97 21.39
CA ALA B 391 13.69 71.43 22.57
C ALA B 391 12.77 70.33 22.10
N TYR B 392 12.53 69.38 22.98
CA TYR B 392 11.70 68.23 22.71
C TYR B 392 10.78 68.07 23.90
N THR B 393 9.47 68.20 23.64
CA THR B 393 8.44 68.16 24.69
C THR B 393 7.44 66.99 24.54
N THR B 394 7.16 66.33 25.66
CA THR B 394 6.16 65.26 25.73
C THR B 394 4.80 65.92 25.71
N LEU B 395 3.88 65.41 24.91
CA LEU B 395 2.50 65.85 24.97
C LEU B 395 1.74 64.65 25.43
N PHE B 396 1.28 64.67 26.68
CA PHE B 396 0.61 63.53 27.29
C PHE B 396 -0.66 63.13 26.55
N ILE B 397 -1.54 64.10 26.32
CA ILE B 397 -2.86 63.85 25.75
C ILE B 397 -2.79 63.50 24.27
N ASP B 398 -2.03 64.29 23.52
CA ASP B 398 -1.79 64.00 22.09
C ASP B 398 -0.90 62.77 21.91
N SER B 399 -0.26 62.33 23.00
N SER B 399 -0.27 62.32 22.99
CA SER B 399 0.68 61.19 23.02
CA SER B 399 0.68 61.19 23.01
C SER B 399 1.78 61.32 21.97
C SER B 399 1.78 61.32 21.97
N GLN B 400 2.50 62.44 22.02
CA GLN B 400 3.56 62.73 21.07
C GLN B 400 4.78 63.35 21.75
N VAL B 401 5.93 63.25 21.09
CA VAL B 401 7.07 64.13 21.38
C VAL B 401 7.06 65.23 20.31
N VAL B 402 7.16 66.48 20.77
CA VAL B 402 7.23 67.61 19.84
C VAL B 402 8.61 68.23 19.86
N LYS B 403 9.22 68.31 18.69
CA LYS B 403 10.52 68.92 18.46
C LYS B 403 10.33 70.35 17.95
N TRP B 404 10.94 71.31 18.65
CA TRP B 404 10.78 72.72 18.31
C TRP B 404 12.04 73.56 18.52
N ASN B 405 12.21 74.57 17.67
CA ASN B 405 13.32 75.49 17.79
C ASN B 405 13.06 76.59 18.82
N MET B 406 13.80 76.54 19.91
CA MET B 406 13.66 77.52 21.00
C MET B 406 13.78 78.97 20.55
N GLU B 407 14.80 79.27 19.74
CA GLU B 407 15.05 80.64 19.36
C GLU B 407 13.99 81.18 18.39
N GLU B 408 13.39 80.29 17.58
CA GLU B 408 12.26 80.66 16.73
C GLU B 408 10.95 80.92 17.52
N ALA B 409 10.72 80.16 18.59
CA ALA B 409 9.63 80.44 19.51
C ALA B 409 9.74 81.83 20.13
N VAL B 410 10.97 82.22 20.47
CA VAL B 410 11.25 83.53 21.03
C VAL B 410 10.88 84.59 19.99
N ARG B 411 11.28 84.34 18.75
CA ARG B 411 10.89 85.20 17.65
C ARG B 411 9.37 85.25 17.49
N ALA B 412 8.71 84.08 17.53
CA ALA B 412 7.25 84.01 17.38
C ALA B 412 6.54 84.85 18.42
N TYR B 413 7.04 84.79 19.66
CA TYR B 413 6.44 85.50 20.77
C TYR B 413 6.41 86.99 20.51
N LYS B 414 7.46 87.49 19.84
CA LYS B 414 7.55 88.91 19.47
C LYS B 414 6.72 89.25 18.22
N GLY B 415 5.98 88.28 17.70
CA GLY B 415 5.06 88.50 16.60
C GLY B 415 5.60 88.09 15.24
N GLU B 416 6.86 87.66 15.21
CA GLU B 416 7.49 87.23 13.97
C GLU B 416 6.77 86.00 13.46
N LYS B 417 6.49 86.00 12.16
CA LYS B 417 5.83 84.88 11.48
C LYS B 417 6.84 83.76 11.21
N VAL B 418 6.71 82.65 11.94
CA VAL B 418 7.69 81.56 11.82
C VAL B 418 7.17 80.22 12.36
N ASN B 419 7.59 79.13 11.73
CA ASN B 419 7.20 77.82 12.22
C ASN B 419 8.28 77.11 13.03
N TYR B 420 8.24 77.36 14.35
CA TYR B 420 9.18 76.80 15.31
C TYR B 420 9.02 75.28 15.55
N ILE B 421 7.85 74.74 15.24
CA ILE B 421 7.64 73.28 15.31
C ILE B 421 8.28 72.58 14.11
N LYS B 422 9.13 71.59 14.37
CA LYS B 422 9.82 70.89 13.29
C LYS B 422 9.20 69.53 12.98
N GLN B 423 8.66 68.88 14.02
CA GLN B 423 8.23 67.49 13.95
C GLN B 423 7.43 67.07 15.18
N LYS B 424 6.42 66.25 14.96
CA LYS B 424 5.74 65.53 16.02
C LYS B 424 5.82 64.03 15.73
N LEU B 425 6.27 63.29 16.73
CA LEU B 425 6.40 61.84 16.63
C LEU B 425 5.42 61.15 17.59
N ASP B 426 4.62 60.22 17.08
CA ASP B 426 3.67 59.48 17.92
C ASP B 426 4.42 58.53 18.84
N VAL B 427 4.06 58.55 20.13
CA VAL B 427 4.61 57.58 21.08
C VAL B 427 3.50 56.77 21.75
N HIS B 428 3.86 55.68 22.42
CA HIS B 428 2.87 54.69 22.78
C HIS B 428 2.96 54.20 24.24
N TYR B 429 2.16 54.78 25.16
CA TYR B 429 1.21 55.87 24.92
C TYR B 429 1.23 56.81 26.12
N GLN B 430 0.89 58.08 25.90
CA GLN B 430 0.81 59.04 27.01
C GLN B 430 2.17 59.20 27.70
N PRO B 431 3.10 59.93 27.04
CA PRO B 431 4.43 60.16 27.61
C PRO B 431 4.38 61.09 28.82
N GLY B 432 5.19 60.80 29.83
CA GLY B 432 5.37 61.71 30.97
C GLY B 432 6.65 62.50 30.75
N HIS B 433 7.76 61.94 31.22
CA HIS B 433 9.06 62.54 31.07
C HIS B 433 9.73 62.10 29.78
N LEU B 434 10.68 62.92 29.31
CA LEU B 434 11.59 62.51 28.25
C LEU B 434 13.01 62.97 28.57
N HIS B 435 14.00 62.31 27.99
CA HIS B 435 15.40 62.61 28.31
C HIS B 435 16.30 62.39 27.12
N ALA B 436 16.98 63.45 26.69
CA ALA B 436 17.98 63.36 25.62
C ALA B 436 19.39 63.29 26.21
N SER B 437 20.29 62.54 25.58
CA SER B 437 21.60 62.27 26.20
C SER B 437 22.39 63.54 26.56
N LEU B 438 22.83 63.61 27.82
CA LEU B 438 23.60 64.73 28.41
C LEU B 438 22.85 66.06 28.42
N CYS B 439 21.50 66.00 28.34
CA CYS B 439 20.67 67.19 28.15
C CYS B 439 20.80 68.19 29.27
N GLU B 440 21.14 67.69 30.45
CA GLU B 440 21.25 68.55 31.63
C GLU B 440 22.63 69.23 31.75
N THR B 441 23.47 69.02 30.75
CA THR B 441 24.81 69.58 30.73
C THR B 441 25.05 70.43 29.50
N ASN B 442 26.08 71.27 29.58
CA ASN B 442 26.51 72.05 28.42
C ASN B 442 27.09 71.20 27.29
N GLU B 443 27.13 69.89 27.51
CA GLU B 443 27.67 68.93 26.53
C GLU B 443 26.57 68.13 25.84
N ALA B 444 25.32 68.58 25.96
CA ALA B 444 24.22 67.88 25.32
C ALA B 444 24.61 67.55 23.90
N ASP B 445 24.49 66.27 23.54
CA ASP B 445 25.07 65.76 22.32
C ASP B 445 24.08 65.41 21.21
N GLY B 446 22.78 65.61 21.49
CA GLY B 446 21.71 65.36 20.51
C GLY B 446 21.66 64.01 19.82
N LYS B 447 22.04 62.94 20.54
CA LYS B 447 22.11 61.60 19.93
C LYS B 447 20.92 60.71 20.22
N TRP B 448 20.62 60.52 21.50
CA TRP B 448 19.52 59.64 21.91
C TRP B 448 18.44 60.35 22.74
N LEU B 449 17.23 59.81 22.65
CA LEU B 449 16.12 60.34 23.43
C LEU B 449 15.29 59.19 23.98
N VAL B 450 15.00 59.25 25.26
CA VAL B 450 14.07 58.31 25.87
C VAL B 450 12.79 59.04 26.29
N ALA B 451 11.66 58.56 25.80
CA ALA B 451 10.34 59.06 26.20
C ALA B 451 9.63 57.97 26.99
N LEU B 452 9.32 58.26 28.24
CA LEU B 452 8.76 57.28 29.18
C LEU B 452 7.23 57.42 29.23
N SER B 453 6.55 56.52 28.52
CA SER B 453 5.10 56.55 28.38
C SER B 453 4.35 55.65 29.38
N LYS B 454 3.20 56.12 29.84
CA LYS B 454 2.54 55.51 30.97
C LYS B 454 1.67 54.30 30.60
N PHE B 455 1.03 54.32 29.43
CA PHE B 455 0.16 53.22 29.02
C PHE B 455 0.73 52.44 27.85
N SER B 456 1.12 51.19 28.09
CA SER B 456 1.75 50.36 27.07
C SER B 456 0.76 49.57 26.21
N LYS B 457 -0.48 49.51 26.66
CA LYS B 457 -1.54 48.81 25.94
C LYS B 457 -1.08 47.47 25.37
N ASP B 458 -0.90 47.43 24.05
CA ASP B 458 -0.67 46.21 23.28
C ASP B 458 0.75 46.18 22.70
N ARG B 459 1.63 47.03 23.20
CA ARG B 459 2.97 47.15 22.65
C ARG B 459 3.86 45.98 23.05
N PHE B 460 3.39 45.23 24.04
CA PHE B 460 4.08 44.03 24.57
C PHE B 460 3.04 42.95 24.83
N LEU B 461 3.49 41.71 24.94
CA LEU B 461 2.60 40.59 25.29
C LEU B 461 1.74 40.90 26.52
N PRO B 462 0.48 40.42 26.53
CA PRO B 462 -0.37 40.58 27.71
C PRO B 462 0.24 39.90 28.93
N VAL B 463 0.30 40.59 30.05
CA VAL B 463 0.84 39.99 31.27
C VAL B 463 -0.12 40.14 32.45
N GLY B 464 -1.41 40.10 32.17
CA GLY B 464 -2.42 40.32 33.20
C GLY B 464 -2.88 41.77 33.22
N PRO B 465 -3.67 42.14 34.26
CA PRO B 465 -4.26 43.48 34.39
C PRO B 465 -3.27 44.60 34.72
N LEU B 466 -2.12 44.24 35.30
CA LEU B 466 -1.04 45.21 35.50
C LEU B 466 -0.15 45.27 34.27
N HIS B 467 0.08 46.47 33.74
CA HIS B 467 0.88 46.61 32.52
C HIS B 467 2.24 47.22 32.85
N PRO B 468 3.24 46.97 31.98
CA PRO B 468 4.50 47.70 32.15
C PRO B 468 4.44 49.13 31.56
N GLU B 469 5.40 49.96 31.92
CA GLU B 469 5.56 51.25 31.27
C GLU B 469 6.32 51.02 29.97
N ASN B 470 6.12 51.94 29.02
CA ASN B 470 6.85 51.86 27.77
C ASN B 470 7.84 53.01 27.59
N ASP B 471 9.12 52.73 27.82
CA ASP B 471 10.18 53.71 27.65
C ASP B 471 10.82 53.54 26.28
N GLN B 472 10.55 54.49 25.40
CA GLN B 472 10.91 54.32 24.00
C GLN B 472 12.18 55.08 23.61
N LEU B 473 13.14 54.34 23.03
CA LEU B 473 14.39 54.93 22.57
C LEU B 473 14.18 55.55 21.18
N ILE B 474 14.44 56.84 21.08
CA ILE B 474 14.28 57.61 19.86
C ILE B 474 15.62 58.19 19.37
N ASP B 475 15.91 57.97 18.10
CA ASP B 475 17.12 58.50 17.48
C ASP B 475 16.86 59.95 17.13
N ILE B 476 17.69 60.83 17.68
CA ILE B 476 17.55 62.27 17.43
C ILE B 476 18.75 62.91 16.74
N SER B 477 19.76 62.11 16.36
CA SER B 477 20.98 62.63 15.76
C SER B 477 20.73 63.30 14.40
N GLY B 478 19.63 62.93 13.74
CA GLY B 478 19.25 63.50 12.45
C GLY B 478 18.17 64.57 12.57
N ASP B 479 17.76 65.12 11.42
CA ASP B 479 16.63 66.04 11.35
C ASP B 479 15.37 65.37 11.85
N GLU B 480 15.20 64.11 11.49
CA GLU B 480 14.00 63.34 11.81
C GLU B 480 14.21 62.40 13.00
N MET B 481 13.33 62.51 14.00
CA MET B 481 13.24 61.58 15.12
C MET B 481 12.77 60.23 14.64
N LYS B 482 13.56 59.19 14.90
CA LYS B 482 13.17 57.83 14.53
C LYS B 482 13.06 56.98 15.78
N LEU B 483 11.84 56.52 16.06
CA LEU B 483 11.59 55.51 17.09
C LEU B 483 12.37 54.22 16.82
N VAL B 484 13.26 53.82 17.74
CA VAL B 484 14.08 52.63 17.47
C VAL B 484 13.81 51.39 18.33
N HIS B 485 13.30 51.58 19.55
CA HIS B 485 13.13 50.48 20.52
C HIS B 485 12.02 50.78 21.54
N ASP B 486 11.19 49.78 21.79
CA ASP B 486 10.22 49.85 22.90
C ASP B 486 10.78 49.09 24.11
N GLY B 487 10.92 49.77 25.23
CA GLY B 487 11.52 49.16 26.42
C GLY B 487 10.54 49.04 27.57
N PRO B 488 10.03 47.81 27.82
CA PRO B 488 9.09 47.58 28.92
C PRO B 488 9.80 47.70 30.26
N THR B 489 9.23 48.48 31.18
CA THR B 489 9.79 48.65 32.51
C THR B 489 8.70 48.53 33.59
N PHE B 490 9.12 48.15 34.79
CA PHE B 490 8.23 47.88 35.91
C PHE B 490 8.02 49.07 36.84
N ALA B 491 6.78 49.26 37.31
CA ALA B 491 6.50 50.19 38.43
C ALA B 491 6.82 51.64 38.10
N GLU B 492 6.77 51.99 36.83
CA GLU B 492 6.74 53.37 36.43
C GLU B 492 8.01 54.20 36.81
N PRO B 493 9.13 53.95 36.13
CA PRO B 493 10.22 54.90 36.21
C PRO B 493 9.67 56.17 35.60
N HIS B 494 9.75 57.28 36.29
CA HIS B 494 9.10 58.46 35.69
C HIS B 494 10.10 59.07 34.71
N ASP B 495 11.35 59.20 35.18
CA ASP B 495 12.41 59.87 34.46
C ASP B 495 13.74 59.10 34.59
N CYS B 496 14.74 59.52 33.82
CA CYS B 496 16.04 58.86 33.75
C CYS B 496 17.12 59.84 33.30
N ILE B 497 18.36 59.41 33.35
CA ILE B 497 19.48 60.23 32.93
C ILE B 497 20.54 59.36 32.29
N MET B 498 21.15 59.88 31.24
CA MET B 498 22.18 59.14 30.51
C MET B 498 23.54 59.79 30.72
N ALA B 499 24.57 58.96 30.81
CA ALA B 499 25.97 59.42 30.85
C ALA B 499 26.81 58.64 29.84
N ARG B 500 27.80 59.31 29.25
CA ARG B 500 28.78 58.62 28.41
C ARG B 500 29.44 57.49 29.22
N ARG B 501 29.88 56.43 28.56
CA ARG B 501 30.62 55.39 29.25
C ARG B 501 31.88 55.98 29.95
N ASP B 502 32.53 56.94 29.29
CA ASP B 502 33.76 57.54 29.85
C ASP B 502 33.48 58.55 30.96
N GLN B 503 32.20 58.75 31.28
CA GLN B 503 31.83 59.64 32.37
C GLN B 503 31.63 58.87 33.68
N ILE B 504 31.68 57.54 33.61
CA ILE B 504 31.47 56.69 34.78
C ILE B 504 32.70 55.80 35.06
N LYS B 505 33.25 55.92 36.26
CA LYS B 505 34.38 55.07 36.68
C LYS B 505 34.01 54.28 37.93
N THR B 506 33.94 52.96 37.79
CA THR B 506 33.43 52.10 38.86
C THR B 506 34.54 51.26 39.47
N LYS B 507 34.50 51.07 40.79
CA LYS B 507 35.42 50.15 41.43
C LYS B 507 35.20 48.73 40.95
N LYS B 508 36.29 48.08 40.60
CA LYS B 508 36.29 46.69 40.20
C LYS B 508 36.11 45.81 41.44
N ILE B 509 36.81 46.18 42.52
CA ILE B 509 36.62 45.55 43.83
C ILE B 509 36.62 46.63 44.94
N TRP B 510 36.12 46.26 46.13
CA TRP B 510 36.04 47.18 47.25
C TRP B 510 37.43 47.48 47.82
N ASP B 511 37.63 48.70 48.29
CA ASP B 511 38.84 49.05 49.07
C ASP B 511 38.51 48.79 50.53
N ARG B 512 39.46 48.28 51.29
CA ARG B 512 39.19 47.89 52.68
C ARG B 512 38.86 49.08 53.60
N ASN B 513 39.35 50.27 53.24
CA ASN B 513 39.03 51.48 54.00
C ASN B 513 37.75 52.21 53.57
N ASP B 514 36.95 51.58 52.71
CA ASP B 514 35.73 52.22 52.19
C ASP B 514 34.77 52.68 53.29
N PRO B 515 34.30 53.94 53.17
CA PRO B 515 33.38 54.55 54.14
C PRO B 515 32.12 53.72 54.38
N PHE B 516 31.63 53.04 53.34
CA PHE B 516 30.38 52.26 53.39
C PHE B 516 30.24 51.30 54.60
N PHE B 517 31.33 50.64 54.96
CA PHE B 517 31.34 49.76 56.12
C PHE B 517 32.38 50.18 57.17
N ALA B 518 32.85 51.43 57.07
CA ALA B 518 33.78 52.00 58.07
C ALA B 518 33.27 51.90 59.52
N PRO B 519 31.95 52.08 59.76
CA PRO B 519 31.50 51.89 61.14
C PRO B 519 31.67 50.45 61.64
N THR B 520 31.48 49.49 60.74
CA THR B 520 31.58 48.07 61.08
C THR B 520 33.05 47.72 61.32
N VAL B 521 33.93 48.43 60.63
CA VAL B 521 35.36 48.32 60.85
C VAL B 521 35.73 48.88 62.24
N GLU B 522 35.14 50.01 62.60
CA GLU B 522 35.37 50.64 63.91
C GLU B 522 34.90 49.73 65.06
N MET B 523 33.73 49.10 64.89
CA MET B 523 33.22 48.13 65.87
C MET B 523 34.16 46.95 66.03
N ALA B 524 34.82 46.58 64.94
CA ALA B 524 35.70 45.44 64.94
C ALA B 524 37.00 45.75 65.67
N LYS B 525 37.47 46.99 65.59
CA LYS B 525 38.70 47.39 66.29
C LYS B 525 38.51 47.53 67.80
N LYS B 526 37.33 48.01 68.21
CA LYS B 526 36.91 48.00 69.62
C LYS B 526 36.91 46.58 70.20
N ASP B 527 36.75 45.59 69.34
CA ASP B 527 36.78 44.18 69.73
C ASP B 527 38.17 43.58 69.62
N GLY B 528 39.13 44.37 69.10
CA GLY B 528 40.47 43.87 68.78
C GLY B 528 40.46 42.83 67.66
N ILE B 529 39.41 42.86 66.84
CA ILE B 529 39.24 41.97 65.71
C ILE B 529 39.79 42.63 64.45
N ASN B 530 40.71 41.93 63.79
CA ASN B 530 41.20 42.30 62.47
C ASN B 530 40.36 41.58 61.41
N LEU B 531 39.51 42.32 60.71
CA LEU B 531 38.59 41.74 59.74
C LEU B 531 39.25 40.98 58.59
N ASP B 532 40.40 41.48 58.13
CA ASP B 532 41.16 40.85 57.04
C ASP B 532 41.62 39.42 57.33
N THR B 533 41.75 39.07 58.60
CA THR B 533 42.37 37.78 58.97
C THR B 533 41.51 36.88 59.86
N ASP B 534 40.67 37.49 60.69
CA ASP B 534 40.15 36.84 61.89
C ASP B 534 38.87 36.04 61.72
N ASN B 535 38.81 34.92 62.44
CA ASN B 535 37.64 34.06 62.51
C ASN B 535 37.30 33.69 63.95
N LYS B 536 36.59 34.57 64.63
CA LYS B 536 36.35 34.41 66.07
C LYS B 536 34.89 34.67 66.47
N VAL B 537 34.54 34.19 67.65
CA VAL B 537 33.23 34.45 68.25
C VAL B 537 33.43 35.22 69.56
N ILE B 538 32.90 36.44 69.60
CA ILE B 538 32.98 37.30 70.77
C ILE B 538 31.65 37.20 71.53
N ARG B 539 31.72 36.96 72.84
CA ARG B 539 30.50 36.88 73.66
C ARG B 539 30.43 37.98 74.71
N ASP B 540 29.23 38.53 74.88
CA ASP B 540 29.02 39.68 75.74
C ASP B 540 27.56 39.68 76.20
N GLY B 541 27.31 38.98 77.29
CA GLY B 541 25.95 38.78 77.79
C GLY B 541 25.25 37.81 76.88
N ASN B 542 24.05 38.17 76.45
CA ASN B 542 23.42 37.41 75.36
C ASN B 542 23.58 38.08 73.99
N LYS B 543 24.59 38.95 73.87
CA LYS B 543 25.10 39.38 72.59
C LYS B 543 26.21 38.44 72.11
N VAL B 544 26.07 37.97 70.87
CA VAL B 544 27.10 37.16 70.20
C VAL B 544 27.56 37.89 68.92
N ARG B 545 28.87 38.11 68.79
CA ARG B 545 29.43 38.78 67.62
C ARG B 545 30.39 37.89 66.83
N VAL B 546 29.85 37.24 65.80
CA VAL B 546 30.63 36.38 64.91
C VAL B 546 31.33 37.24 63.87
N TYR B 547 32.64 37.08 63.77
CA TYR B 547 33.45 37.76 62.78
C TYR B 547 34.13 36.68 61.93
N MET B 548 33.98 36.76 60.61
CA MET B 548 34.56 35.73 59.74
C MET B 548 35.04 36.23 58.39
N THR B 549 36.05 35.55 57.86
CA THR B 549 36.43 35.71 56.46
C THR B 549 35.57 34.78 55.61
N SER B 550 35.37 35.12 54.35
CA SER B 550 34.74 34.19 53.42
C SER B 550 35.59 34.06 52.17
N MET B 551 35.68 32.82 51.68
CA MET B 551 36.51 32.45 50.56
C MET B 551 35.87 31.27 49.80
N ALA B 552 35.48 31.49 48.55
CA ALA B 552 34.94 30.40 47.72
C ALA B 552 35.88 29.21 47.79
N PRO B 553 35.37 28.03 48.20
CA PRO B 553 33.98 27.78 48.55
C PRO B 553 33.71 27.47 50.04
N ALA B 554 34.30 28.24 50.95
CA ALA B 554 34.09 27.99 52.39
C ALA B 554 33.89 29.24 53.24
N PHE B 555 33.04 29.12 54.25
CA PHE B 555 32.91 30.17 55.25
C PHE B 555 34.08 30.06 56.24
N GLY B 556 34.60 31.20 56.67
CA GLY B 556 35.66 31.24 57.69
C GLY B 556 35.24 30.66 59.03
N VAL B 557 33.99 30.89 59.42
CA VAL B 557 33.41 30.24 60.58
C VAL B 557 32.25 29.34 60.13
N GLN B 558 32.42 28.05 60.37
CA GLN B 558 31.54 27.01 59.83
C GLN B 558 30.56 26.44 60.85
N GLU B 559 30.78 26.78 62.11
CA GLU B 559 29.84 26.40 63.17
C GLU B 559 29.99 27.32 64.38
N PHE B 560 28.86 27.59 65.03
CA PHE B 560 28.84 28.29 66.30
C PHE B 560 27.57 27.95 67.08
N THR B 561 27.72 27.93 68.40
CA THR B 561 26.64 27.60 69.32
C THR B 561 26.26 28.84 70.14
N VAL B 562 24.95 29.00 70.38
CA VAL B 562 24.38 30.14 71.12
C VAL B 562 23.23 29.63 72.02
N LYS B 563 22.63 30.53 72.82
CA LYS B 563 21.45 30.22 73.63
C LYS B 563 20.17 30.78 72.99
N GLN B 564 19.04 30.08 73.18
CA GLN B 564 17.73 30.52 72.66
C GLN B 564 17.35 31.89 73.20
N GLY B 565 17.40 32.89 72.34
CA GLY B 565 17.13 34.27 72.74
C GLY B 565 18.33 35.18 72.61
N ASP B 566 19.50 34.60 72.33
CA ASP B 566 20.73 35.37 72.10
C ASP B 566 20.59 36.27 70.86
N GLU B 567 21.15 37.48 70.94
CA GLU B 567 21.19 38.39 69.78
C GLU B 567 22.49 38.24 69.01
N VAL B 568 22.39 37.63 67.83
CA VAL B 568 23.57 37.28 67.02
C VAL B 568 23.85 38.33 65.94
N THR B 569 25.09 38.82 65.90
CA THR B 569 25.57 39.63 64.77
C THR B 569 26.69 38.89 64.04
N VAL B 570 26.50 38.66 62.74
CA VAL B 570 27.50 37.99 61.90
C VAL B 570 28.13 38.99 60.95
N THR B 571 29.45 39.15 61.06
CA THR B 571 30.19 40.09 60.23
C THR B 571 31.12 39.35 59.29
N ILE B 572 30.86 39.47 57.99
CA ILE B 572 31.58 38.72 56.98
C ILE B 572 32.38 39.64 56.07
N THR B 573 33.63 39.25 55.87
CA THR B 573 34.58 39.98 55.05
C THR B 573 34.97 39.08 53.88
N ASN B 574 34.69 39.51 52.66
CA ASN B 574 35.00 38.69 51.49
C ASN B 574 36.44 38.98 51.11
N ILE B 575 37.31 38.00 51.34
CA ILE B 575 38.75 38.17 51.15
C ILE B 575 39.25 37.72 49.77
N ASP B 576 38.35 37.14 48.97
CA ASP B 576 38.68 36.80 47.58
C ASP B 576 39.15 38.04 46.83
N GLN B 577 40.14 37.87 45.97
CA GLN B 577 40.65 38.96 45.14
C GLN B 577 40.10 38.94 43.70
N ILE B 578 39.73 37.76 43.20
CA ILE B 578 39.12 37.65 41.86
C ILE B 578 37.86 38.54 41.75
N GLU B 579 37.82 39.41 40.73
CA GLU B 579 36.63 40.22 40.44
C GLU B 579 35.40 39.35 40.21
N ASP B 580 34.24 39.83 40.67
CA ASP B 580 32.95 39.19 40.39
C ASP B 580 32.69 37.98 41.29
N VAL B 581 33.63 37.63 42.15
CA VAL B 581 33.39 36.52 43.08
C VAL B 581 32.67 37.00 44.37
N SER B 582 31.38 37.21 44.24
CA SER B 582 30.52 37.56 45.36
C SER B 582 30.20 36.33 46.21
N HIS B 583 29.92 36.56 47.49
CA HIS B 583 29.32 35.56 48.35
C HIS B 583 28.00 36.09 48.92
N GLY B 584 27.26 35.17 49.52
CA GLY B 584 26.02 35.48 50.19
C GLY B 584 26.00 34.78 51.52
N PHE B 585 25.07 35.20 52.37
CA PHE B 585 24.89 34.63 53.69
C PHE B 585 23.41 34.68 54.02
N VAL B 586 22.79 33.50 53.99
CA VAL B 586 21.40 33.35 54.36
C VAL B 586 21.31 32.39 55.53
N VAL B 587 20.57 32.79 56.57
CA VAL B 587 20.20 31.88 57.67
C VAL B 587 18.79 31.35 57.43
N VAL B 588 18.67 30.04 57.20
CA VAL B 588 17.39 29.38 56.89
C VAL B 588 16.31 29.60 57.95
N ASN B 589 15.11 29.97 57.50
CA ASN B 589 13.94 30.19 58.37
C ASN B 589 14.07 31.31 59.42
N HIS B 590 15.07 32.16 59.23
CA HIS B 590 15.29 33.27 60.15
C HIS B 590 15.17 34.65 59.50
N GLY B 591 14.81 34.69 58.20
CA GLY B 591 14.66 35.94 57.47
C GLY B 591 15.94 36.77 57.40
N VAL B 592 17.06 36.07 57.19
CA VAL B 592 18.37 36.70 57.11
C VAL B 592 19.00 36.40 55.75
N SER B 593 19.46 37.45 55.08
CA SER B 593 19.98 37.38 53.73
C SER B 593 20.84 38.62 53.50
N MET B 594 22.05 38.42 52.99
CA MET B 594 22.93 39.53 52.58
C MET B 594 24.00 39.12 51.56
N GLU B 595 24.55 40.12 50.88
CA GLU B 595 25.65 39.94 49.92
C GLU B 595 26.98 40.45 50.47
N ILE B 596 28.05 39.75 50.15
CA ILE B 596 29.38 40.22 50.47
C ILE B 596 30.22 40.10 49.22
N SER B 597 30.43 41.24 48.54
CA SER B 597 31.23 41.27 47.32
C SER B 597 32.75 41.27 47.63
N PRO B 598 33.61 41.07 46.61
CA PRO B 598 35.03 40.96 46.93
C PRO B 598 35.61 42.16 47.68
N GLN B 599 36.32 41.86 48.78
CA GLN B 599 36.94 42.84 49.67
C GLN B 599 35.94 43.67 50.49
N GLN B 600 34.68 43.25 50.48
CA GLN B 600 33.65 43.92 51.28
C GLN B 600 33.48 43.27 52.67
N THR B 601 33.13 44.09 53.66
CA THR B 601 32.65 43.61 54.95
C THR B 601 31.16 43.94 55.07
N SER B 602 30.33 42.93 55.32
CA SER B 602 28.91 43.12 55.64
C SER B 602 28.56 42.42 56.94
N SER B 603 27.62 43.03 57.66
CA SER B 603 27.14 42.46 58.92
C SER B 603 25.63 42.53 59.00
N ILE B 604 25.05 41.64 59.80
CA ILE B 604 23.60 41.50 59.94
C ILE B 604 23.30 41.00 61.35
N THR B 605 22.29 41.58 61.98
CA THR B 605 21.90 41.23 63.35
C THR B 605 20.50 40.57 63.36
N PHE B 606 20.39 39.48 64.10
CA PHE B 606 19.12 38.76 64.24
C PHE B 606 19.04 38.02 65.58
N VAL B 607 17.84 37.58 65.95
CA VAL B 607 17.57 36.86 67.18
C VAL B 607 17.39 35.37 66.91
N ALA B 608 18.13 34.53 67.64
CA ALA B 608 17.99 33.09 67.54
C ALA B 608 16.90 32.61 68.48
N ASP B 609 15.66 32.87 68.10
CA ASP B 609 14.49 32.52 68.93
C ASP B 609 14.15 31.03 68.88
N LYS B 610 14.77 30.32 67.94
CA LYS B 610 14.43 28.93 67.67
C LYS B 610 15.59 28.03 68.07
N PRO B 611 15.35 27.10 69.02
CA PRO B 611 16.40 26.15 69.41
C PRO B 611 16.57 25.09 68.34
N GLY B 612 17.76 24.48 68.33
CA GLY B 612 18.11 23.44 67.37
C GLY B 612 19.23 23.85 66.46
N LEU B 613 19.55 22.96 65.52
CA LEU B 613 20.51 23.23 64.46
C LEU B 613 19.83 24.08 63.37
N HIS B 614 20.52 25.12 62.92
CA HIS B 614 19.99 25.94 61.84
C HIS B 614 21.07 26.24 60.84
N TRP B 615 20.77 25.95 59.58
CA TRP B 615 21.77 26.06 58.53
C TRP B 615 21.89 27.49 58.01
N TYR B 616 23.12 27.88 57.69
CA TYR B 616 23.38 29.07 56.91
C TYR B 616 24.22 28.72 55.67
N TYR B 617 23.81 29.25 54.52
CA TYR B 617 24.44 28.91 53.25
C TYR B 617 24.79 30.16 52.45
N CYS B 618 25.74 30.03 51.53
CA CYS B 618 26.03 31.09 50.59
C CYS B 618 24.95 31.13 49.49
N SER B 619 24.40 32.31 49.26
CA SER B 619 23.32 32.46 48.29
C SER B 619 23.84 32.76 46.89
N TRP B 620 25.04 33.33 46.80
CA TRP B 620 25.64 33.69 45.51
C TRP B 620 26.49 32.57 44.90
N PHE B 621 26.09 32.09 43.72
CA PHE B 621 26.83 31.02 43.04
C PHE B 621 28.25 31.51 42.75
N CYS B 622 29.23 30.90 43.42
CA CYS B 622 30.57 31.48 43.50
C CYS B 622 31.68 30.53 43.04
N HIS B 623 31.33 29.27 42.78
CA HIS B 623 32.31 28.19 42.69
C HIS B 623 31.64 26.89 42.32
N ALA B 624 32.42 25.92 41.85
CA ALA B 624 31.89 24.59 41.55
C ALA B 624 31.27 23.92 42.79
N LEU B 625 31.88 24.15 43.95
CA LEU B 625 31.39 23.62 45.24
C LEU B 625 30.58 24.64 46.06
N HIS B 626 29.77 25.42 45.35
CA HIS B 626 28.90 26.45 45.97
C HIS B 626 27.79 25.85 46.84
N MET B 627 27.14 24.80 46.35
CA MET B 627 26.08 24.09 47.08
C MET B 627 26.56 23.63 48.44
N GLU B 628 27.86 23.37 48.52
CA GLU B 628 28.50 22.90 49.74
C GLU B 628 29.06 24.04 50.61
N MET B 629 28.91 25.29 50.17
CA MET B 629 29.40 26.42 50.97
C MET B 629 28.39 26.78 52.05
N VAL B 630 28.53 26.12 53.19
CA VAL B 630 27.51 26.17 54.23
C VAL B 630 28.14 26.16 55.62
N GLY B 631 27.31 26.40 56.63
CA GLY B 631 27.71 26.31 58.01
C GLY B 631 26.52 26.07 58.90
N ARG B 632 26.77 25.92 60.20
CA ARG B 632 25.71 25.52 61.13
C ARG B 632 25.68 26.44 62.37
N MET B 633 24.53 27.05 62.60
CA MET B 633 24.25 27.71 63.85
C MET B 633 23.45 26.76 64.72
N MET B 634 24.01 26.44 65.88
CA MET B 634 23.41 25.50 66.81
C MET B 634 22.90 26.26 68.03
N VAL B 635 21.60 26.21 68.26
CA VAL B 635 20.98 26.98 69.33
C VAL B 635 20.54 26.06 70.48
N GLU B 636 21.15 26.27 71.65
CA GLU B 636 20.79 25.56 72.87
C GLU B 636 19.39 25.92 73.38
N PRO B 637 18.68 24.95 73.96
CA PRO B 637 17.36 25.24 74.54
C PRO B 637 17.41 26.35 75.59
N ALA B 638 16.28 27.04 75.76
CA ALA B 638 16.14 28.06 76.80
C ALA B 638 15.77 27.40 78.13
N GLN C 58 -4.43 -24.65 -9.46
CA GLN C 58 -5.66 -24.86 -8.66
C GLN C 58 -6.09 -23.59 -7.92
N LYS C 59 -7.32 -23.14 -8.20
CA LYS C 59 -8.02 -22.05 -7.48
C LYS C 59 -7.26 -21.22 -6.45
N ILE C 60 -7.64 -21.45 -5.19
CA ILE C 60 -7.27 -20.72 -3.94
C ILE C 60 -8.04 -19.44 -3.60
N HIS C 61 -8.25 -18.56 -4.57
CA HIS C 61 -8.93 -17.30 -4.27
C HIS C 61 -10.38 -17.25 -4.72
N VAL C 62 -11.26 -16.93 -3.78
CA VAL C 62 -12.71 -16.87 -4.01
C VAL C 62 -13.15 -15.42 -3.85
N GLY C 63 -13.32 -14.76 -4.99
CA GLY C 63 -13.63 -13.34 -5.04
C GLY C 63 -15.08 -13.04 -4.70
N PRO C 64 -15.39 -11.74 -4.47
CA PRO C 64 -16.77 -11.40 -4.14
C PRO C 64 -17.70 -11.91 -5.22
N GLY C 65 -18.75 -12.61 -4.82
CA GLY C 65 -19.70 -13.14 -5.78
C GLY C 65 -19.44 -14.59 -6.19
N GLU C 66 -18.23 -15.09 -5.94
CA GLU C 66 -17.89 -16.49 -6.24
C GLU C 66 -18.11 -17.39 -5.00
N LEU C 67 -18.33 -18.68 -5.22
CA LEU C 67 -18.61 -19.58 -4.13
C LEU C 67 -17.50 -20.57 -3.93
N ASP C 68 -17.33 -21.02 -2.69
CA ASP C 68 -16.40 -22.10 -2.35
C ASP C 68 -16.80 -23.44 -3.01
N ASP C 69 -15.81 -24.32 -3.17
CA ASP C 69 -15.96 -25.60 -3.86
C ASP C 69 -16.31 -26.72 -2.88
N TYR C 70 -15.84 -26.59 -1.64
CA TYR C 70 -16.07 -27.59 -0.63
C TYR C 70 -16.56 -26.94 0.65
N TYR C 71 -17.28 -27.71 1.45
CA TYR C 71 -17.51 -27.41 2.83
C TYR C 71 -16.39 -28.05 3.65
N GLY C 72 -16.01 -27.35 4.70
CA GLY C 72 -15.17 -27.93 5.73
C GLY C 72 -15.94 -27.91 7.04
N PHE C 73 -15.76 -28.95 7.86
CA PHE C 73 -16.35 -28.99 9.19
C PHE C 73 -15.22 -29.18 10.16
N TRP C 74 -14.93 -28.11 10.91
CA TRP C 74 -13.83 -28.04 11.86
C TRP C 74 -14.36 -28.38 13.27
N SER C 75 -13.59 -29.15 14.05
CA SER C 75 -13.85 -29.25 15.49
C SER C 75 -13.54 -27.88 16.08
N GLY C 76 -14.33 -27.45 17.07
CA GLY C 76 -13.99 -26.26 17.83
C GLY C 76 -13.00 -26.54 18.95
N GLY C 77 -12.50 -27.77 18.99
CA GLY C 77 -11.56 -28.15 20.04
C GLY C 77 -12.20 -27.96 21.40
N HIS C 78 -11.44 -27.35 22.33
CA HIS C 78 -11.95 -27.16 23.67
C HIS C 78 -12.89 -25.98 23.79
N GLN C 79 -13.20 -25.32 22.68
CA GLN C 79 -14.19 -24.26 22.72
C GLN C 79 -15.56 -24.90 22.62
N GLY C 80 -15.62 -26.13 22.12
CA GLY C 80 -16.86 -26.92 22.21
C GLY C 80 -17.84 -26.94 21.07
N GLU C 81 -17.65 -26.09 20.05
CA GLU C 81 -18.59 -25.93 18.93
C GLU C 81 -18.15 -26.69 17.68
N VAL C 82 -18.95 -26.66 16.62
CA VAL C 82 -18.49 -27.13 15.31
C VAL C 82 -18.53 -25.91 14.40
N ARG C 83 -17.52 -25.77 13.55
CA ARG C 83 -17.41 -24.60 12.67
C ARG C 83 -17.45 -25.06 11.23
N VAL C 84 -18.32 -24.41 10.44
CA VAL C 84 -18.46 -24.66 9.01
C VAL C 84 -17.61 -23.67 8.23
N LEU C 85 -16.69 -24.18 7.41
CA LEU C 85 -15.88 -23.33 6.52
C LEU C 85 -16.09 -23.59 5.01
N GLY C 86 -15.73 -22.59 4.21
CA GLY C 86 -15.68 -22.72 2.79
C GLY C 86 -14.24 -23.01 2.43
N VAL C 87 -14.04 -24.05 1.64
CA VAL C 87 -12.72 -24.39 1.15
C VAL C 87 -12.78 -24.14 -0.36
N PRO C 88 -11.73 -23.52 -0.94
CA PRO C 88 -10.41 -23.16 -0.44
C PRO C 88 -10.24 -21.76 0.19
N SER C 89 -11.27 -20.93 0.21
CA SER C 89 -11.10 -19.61 0.82
C SER C 89 -10.76 -19.70 2.33
N MET C 90 -11.11 -20.83 2.96
CA MET C 90 -10.87 -21.08 4.39
C MET C 90 -11.66 -20.14 5.33
N ARG C 91 -12.69 -19.48 4.81
CA ARG C 91 -13.48 -18.57 5.64
C ARG C 91 -14.52 -19.36 6.42
N GLU C 92 -14.84 -18.85 7.61
CA GLU C 92 -15.83 -19.45 8.45
C GLU C 92 -17.23 -18.93 8.12
N LEU C 93 -18.06 -19.84 7.63
CA LEU C 93 -19.41 -19.54 7.18
C LEU C 93 -20.43 -19.59 8.31
N MET C 94 -20.19 -20.47 9.30
CA MET C 94 -21.19 -20.71 10.34
C MET C 94 -20.54 -21.43 11.53
N ARG C 95 -21.01 -21.08 12.73
CA ARG C 95 -20.67 -21.81 13.94
C ARG C 95 -21.92 -22.59 14.34
N ILE C 96 -21.73 -23.88 14.63
CA ILE C 96 -22.82 -24.75 15.09
C ILE C 96 -22.53 -25.08 16.55
N PRO C 97 -23.33 -24.51 17.46
CA PRO C 97 -23.06 -24.73 18.87
C PRO C 97 -23.42 -26.16 19.26
N VAL C 98 -22.60 -26.76 20.13
CA VAL C 98 -22.80 -28.14 20.53
C VAL C 98 -22.62 -28.27 22.03
N PHE C 99 -21.38 -28.27 22.51
CA PHE C 99 -21.13 -28.44 23.94
C PHE C 99 -20.96 -27.12 24.67
N ASN C 100 -20.76 -26.05 23.88
CA ASN C 100 -20.71 -24.67 24.36
C ASN C 100 -22.10 -24.07 24.53
N VAL C 101 -22.23 -23.06 25.39
CA VAL C 101 -23.44 -22.26 25.46
C VAL C 101 -23.22 -21.08 24.54
N ASP C 102 -24.09 -20.95 23.54
CA ASP C 102 -24.00 -19.86 22.60
C ASP C 102 -25.02 -18.79 22.95
N SER C 103 -24.53 -17.64 23.32
CA SER C 103 -25.36 -16.47 23.62
C SER C 103 -26.21 -16.03 22.40
N ALA C 104 -25.72 -16.24 21.18
CA ALA C 104 -26.44 -15.76 19.99
C ALA C 104 -27.73 -16.51 19.70
N THR C 105 -27.62 -17.82 19.47
CA THR C 105 -28.76 -18.65 19.15
C THR C 105 -29.54 -19.09 20.40
N GLY C 106 -28.87 -19.00 21.56
CA GLY C 106 -29.46 -19.45 22.80
C GLY C 106 -29.34 -20.95 23.01
N TRP C 107 -28.50 -21.61 22.21
CA TRP C 107 -28.13 -22.99 22.48
C TRP C 107 -27.56 -23.16 23.91
N GLY C 108 -28.17 -24.04 24.70
CA GLY C 108 -27.85 -24.18 26.15
C GLY C 108 -28.72 -23.31 27.07
N LEU C 109 -29.55 -22.46 26.45
CA LEU C 109 -30.48 -21.60 27.15
C LEU C 109 -31.94 -21.97 26.81
N THR C 110 -32.21 -22.17 25.52
CA THR C 110 -33.55 -22.55 25.07
C THR C 110 -33.96 -23.92 25.60
N ASN C 111 -35.27 -24.12 25.72
CA ASN C 111 -35.81 -25.43 26.08
C ASN C 111 -35.48 -26.52 25.08
N GLU C 112 -35.53 -26.20 23.78
CA GLU C 112 -35.25 -27.22 22.76
C GLU C 112 -33.84 -27.77 22.89
N SER C 113 -32.89 -26.86 23.08
CA SER C 113 -31.48 -27.22 23.18
C SER C 113 -31.20 -28.00 24.47
N ARG C 114 -31.76 -27.54 25.59
CA ARG C 114 -31.55 -28.21 26.88
C ARG C 114 -32.14 -29.60 26.92
N HIS C 115 -33.29 -29.78 26.28
CA HIS C 115 -33.89 -31.11 26.17
C HIS C 115 -32.99 -32.05 25.38
N ILE C 116 -32.40 -31.56 24.30
CA ILE C 116 -31.48 -32.35 23.50
C ILE C 116 -30.25 -32.75 24.33
N MET C 117 -29.71 -31.80 25.11
CA MET C 117 -28.53 -32.05 25.94
C MET C 117 -28.83 -32.96 27.12
N GLY C 118 -30.08 -32.97 27.57
CA GLY C 118 -30.50 -33.79 28.71
C GLY C 118 -29.90 -33.24 29.99
N ASP C 119 -29.45 -34.14 30.85
N ASP C 119 -29.45 -34.14 30.86
CA ASP C 119 -28.85 -33.76 32.15
CA ASP C 119 -28.85 -33.75 32.14
C ASP C 119 -27.50 -33.07 32.00
C ASP C 119 -27.58 -32.94 31.92
N SER C 120 -26.87 -33.23 30.83
CA SER C 120 -25.55 -32.62 30.59
C SER C 120 -25.65 -31.13 30.25
N ALA C 121 -26.89 -30.63 30.09
CA ALA C 121 -27.16 -29.21 29.91
C ALA C 121 -26.61 -28.38 31.07
N LYS C 122 -26.34 -29.03 32.20
CA LYS C 122 -25.73 -28.33 33.33
C LYS C 122 -24.27 -27.95 33.06
N PHE C 123 -23.63 -28.58 32.08
CA PHE C 123 -22.25 -28.31 31.74
C PHE C 123 -22.11 -27.21 30.70
N LEU C 124 -21.19 -26.28 30.94
CA LEU C 124 -20.97 -25.15 30.04
C LEU C 124 -19.75 -25.33 29.16
N ASN C 125 -19.19 -26.54 29.17
CA ASN C 125 -17.98 -26.85 28.44
C ASN C 125 -18.04 -28.18 27.70
N GLY C 126 -17.17 -28.27 26.70
CA GLY C 126 -16.88 -29.52 26.01
C GLY C 126 -15.50 -29.42 25.37
N ASP C 127 -15.05 -30.54 24.83
CA ASP C 127 -13.75 -30.62 24.19
C ASP C 127 -13.89 -31.55 22.97
N CYS C 128 -13.97 -30.96 21.80
CA CYS C 128 -14.22 -31.81 20.63
C CYS C 128 -13.08 -31.87 19.63
N HIS C 129 -12.86 -33.04 19.04
CA HIS C 129 -11.65 -33.31 18.24
C HIS C 129 -11.91 -33.82 16.83
N HIS C 130 -12.93 -34.66 16.68
CA HIS C 130 -13.04 -35.51 15.50
C HIS C 130 -14.41 -35.43 14.85
N PRO C 131 -14.58 -34.52 13.88
CA PRO C 131 -15.88 -34.46 13.20
C PRO C 131 -15.94 -35.44 12.03
N HIS C 132 -17.03 -36.16 11.89
CA HIS C 132 -17.16 -37.14 10.77
C HIS C 132 -18.56 -37.14 10.17
N ILE C 133 -18.63 -37.38 8.87
CA ILE C 133 -19.86 -37.30 8.09
C ILE C 133 -20.36 -38.70 7.74
N SER C 134 -21.65 -38.93 7.96
CA SER C 134 -22.24 -40.23 7.70
C SER C 134 -22.02 -40.67 6.25
N MET C 135 -22.02 -41.98 6.04
CA MET C 135 -21.62 -42.57 4.79
C MET C 135 -22.54 -43.69 4.36
N THR C 136 -22.68 -43.83 3.05
CA THR C 136 -23.43 -44.91 2.43
C THR C 136 -22.51 -45.49 1.37
N ASP C 137 -22.27 -46.79 1.46
CA ASP C 137 -21.43 -47.50 0.49
C ASP C 137 -20.02 -46.94 0.41
N GLY C 138 -19.45 -46.51 1.54
CA GLY C 138 -18.11 -45.90 1.54
C GLY C 138 -17.99 -44.54 0.88
N LYS C 139 -19.10 -43.83 0.74
CA LYS C 139 -19.14 -42.46 0.20
C LYS C 139 -19.94 -41.58 1.17
N TYR C 140 -19.60 -40.30 1.27
CA TYR C 140 -20.38 -39.41 2.14
C TYR C 140 -21.82 -39.36 1.64
N ASP C 141 -22.78 -39.46 2.56
CA ASP C 141 -24.20 -39.29 2.21
C ASP C 141 -24.80 -37.97 2.74
N GLY C 142 -23.99 -37.18 3.45
CA GLY C 142 -24.35 -35.80 3.83
C GLY C 142 -25.53 -35.65 4.79
N LYS C 143 -25.89 -36.73 5.46
CA LYS C 143 -27.03 -36.69 6.37
C LYS C 143 -26.65 -36.09 7.75
N TYR C 144 -25.66 -36.68 8.38
CA TYR C 144 -25.26 -36.26 9.71
C TYR C 144 -23.79 -35.99 9.84
N LEU C 145 -23.43 -35.10 10.76
CA LEU C 145 -22.07 -35.03 11.29
C LEU C 145 -22.03 -35.49 12.75
N PHE C 146 -21.06 -36.33 13.09
CA PHE C 146 -20.87 -36.72 14.48
C PHE C 146 -19.58 -36.15 15.07
N ILE C 147 -19.59 -35.92 16.38
CA ILE C 147 -18.40 -35.38 17.06
C ILE C 147 -18.38 -35.80 18.53
N ASN C 148 -17.16 -35.90 19.06
CA ASN C 148 -16.90 -36.32 20.44
C ASN C 148 -16.82 -35.15 21.39
N ASP C 149 -17.01 -35.46 22.68
CA ASP C 149 -16.69 -34.55 23.78
C ASP C 149 -15.82 -35.28 24.80
N LYS C 150 -14.55 -34.94 24.84
CA LYS C 150 -13.60 -35.60 25.73
C LYS C 150 -13.86 -35.16 27.16
N ALA C 151 -14.36 -33.93 27.32
CA ALA C 151 -14.47 -33.33 28.64
C ALA C 151 -15.60 -33.93 29.48
N ASN C 152 -16.80 -34.04 28.91
CA ASN C 152 -17.92 -34.57 29.66
C ASN C 152 -18.50 -35.84 29.02
N SER C 153 -17.65 -36.54 28.27
CA SER C 153 -17.91 -37.92 27.85
C SER C 153 -19.17 -38.09 27.00
N ARG C 154 -19.26 -37.27 25.96
CA ARG C 154 -20.45 -37.24 25.09
C ARG C 154 -20.18 -37.47 23.62
N VAL C 155 -21.24 -37.86 22.90
CA VAL C 155 -21.24 -37.83 21.44
C VAL C 155 -22.43 -36.97 20.98
N ALA C 156 -22.18 -36.10 20.02
CA ALA C 156 -23.23 -35.28 19.43
C ALA C 156 -23.43 -35.60 17.94
N ARG C 157 -24.68 -35.42 17.49
CA ARG C 157 -25.03 -35.55 16.08
C ARG C 157 -25.54 -34.22 15.57
N ILE C 158 -25.04 -33.82 14.41
CA ILE C 158 -25.51 -32.61 13.74
C ILE C 158 -26.31 -33.03 12.50
N ARG C 159 -27.55 -32.54 12.38
CA ARG C 159 -28.28 -32.69 11.11
C ARG C 159 -27.74 -31.70 10.08
N LEU C 160 -27.27 -32.22 8.95
CA LEU C 160 -26.62 -31.37 8.00
C LEU C 160 -27.60 -30.63 7.09
N ASP C 161 -28.90 -30.90 7.23
CA ASP C 161 -29.86 -30.13 6.43
C ASP C 161 -30.14 -28.79 7.08
N ILE C 162 -30.06 -28.76 8.41
CA ILE C 162 -30.41 -27.56 9.17
C ILE C 162 -29.18 -26.95 9.91
N MET C 163 -28.07 -27.68 9.87
CA MET C 163 -26.81 -27.28 10.54
C MET C 163 -26.98 -26.96 12.02
N LYS C 164 -27.63 -27.88 12.73
CA LYS C 164 -27.82 -27.79 14.17
C LYS C 164 -27.53 -29.15 14.79
N CYS C 165 -27.05 -29.15 16.03
CA CYS C 165 -26.99 -30.39 16.80
C CYS C 165 -28.42 -30.79 17.12
N ASP C 166 -28.80 -32.04 16.80
CA ASP C 166 -30.17 -32.49 17.10
C ASP C 166 -30.26 -33.62 18.13
N LYS C 167 -29.13 -34.25 18.41
CA LYS C 167 -29.07 -35.32 19.40
C LYS C 167 -27.78 -35.21 20.18
N MET C 168 -27.79 -35.76 21.39
CA MET C 168 -26.60 -35.86 22.20
C MET C 168 -26.76 -36.99 23.23
N ILE C 169 -25.71 -37.79 23.42
CA ILE C 169 -25.73 -38.82 24.44
C ILE C 169 -24.53 -38.70 25.36
N THR C 170 -24.76 -38.87 26.66
CA THR C 170 -23.66 -39.12 27.57
C THR C 170 -23.40 -40.63 27.61
N VAL C 171 -22.21 -41.03 27.17
CA VAL C 171 -21.85 -42.43 27.12
C VAL C 171 -21.73 -42.92 28.56
N PRO C 172 -22.41 -44.03 28.91
CA PRO C 172 -22.45 -44.49 30.29
C PRO C 172 -21.21 -45.27 30.69
N ASN C 173 -20.85 -45.21 31.98
CA ASN C 173 -19.82 -46.07 32.57
C ASN C 173 -18.42 -45.92 31.97
N VAL C 174 -18.12 -44.71 31.48
CA VAL C 174 -16.82 -44.42 30.88
C VAL C 174 -16.37 -43.02 31.28
N GLN C 175 -15.09 -42.72 31.06
CA GLN C 175 -14.57 -41.35 31.14
C GLN C 175 -13.77 -40.95 29.89
N ALA C 176 -14.15 -39.81 29.32
CA ALA C 176 -13.49 -39.18 28.17
C ALA C 176 -13.69 -39.88 26.82
N ILE C 177 -14.66 -39.39 26.05
CA ILE C 177 -14.80 -39.83 24.66
C ILE C 177 -13.87 -39.03 23.80
N HIS C 178 -12.86 -39.70 23.27
CA HIS C 178 -11.82 -39.06 22.47
C HIS C 178 -11.93 -39.50 21.01
N GLY C 179 -11.30 -40.63 20.66
CA GLY C 179 -11.39 -41.20 19.31
C GLY C 179 -12.82 -41.42 18.87
N LEU C 180 -13.13 -41.11 17.62
CA LEU C 180 -14.45 -41.35 17.08
C LEU C 180 -14.33 -41.45 15.59
N ARG C 181 -15.00 -42.46 15.02
CA ARG C 181 -15.21 -42.55 13.56
C ARG C 181 -16.45 -43.37 13.20
N LEU C 182 -16.81 -43.33 11.92
CA LEU C 182 -18.05 -43.96 11.50
C LEU C 182 -17.87 -45.22 10.67
N GLN C 183 -18.84 -46.12 10.79
CA GLN C 183 -18.92 -47.26 9.90
C GLN C 183 -19.09 -46.72 8.50
N LYS C 184 -18.40 -47.36 7.56
CA LYS C 184 -18.38 -46.88 6.18
C LYS C 184 -19.36 -47.66 5.33
N VAL C 185 -19.47 -48.95 5.57
CA VAL C 185 -20.14 -49.90 4.67
C VAL C 185 -20.95 -50.91 5.48
N PRO C 186 -22.17 -51.27 5.01
CA PRO C 186 -22.89 -50.74 3.84
C PRO C 186 -23.30 -49.30 4.04
N HIS C 187 -23.36 -48.86 5.30
CA HIS C 187 -23.62 -47.47 5.65
C HIS C 187 -23.22 -47.25 7.10
N THR C 188 -23.32 -46.00 7.54
CA THR C 188 -23.07 -45.64 8.92
C THR C 188 -24.19 -46.17 9.82
N LYS C 189 -24.13 -47.45 10.16
CA LYS C 189 -25.04 -48.01 11.14
C LYS C 189 -24.56 -47.64 12.55
N TYR C 190 -23.26 -47.82 12.77
CA TYR C 190 -22.65 -47.51 14.06
C TYR C 190 -21.81 -46.24 14.02
N VAL C 191 -21.81 -45.52 15.14
CA VAL C 191 -20.81 -44.52 15.44
C VAL C 191 -19.89 -45.21 16.43
N PHE C 192 -18.59 -45.26 16.14
CA PHE C 192 -17.64 -45.86 17.07
C PHE C 192 -16.93 -44.77 17.88
N ALA C 193 -16.89 -44.96 19.19
CA ALA C 193 -16.32 -43.96 20.08
C ALA C 193 -15.40 -44.58 21.16
N ASN C 194 -14.17 -44.06 21.24
CA ASN C 194 -13.19 -44.48 22.26
C ASN C 194 -13.42 -43.76 23.59
N ALA C 195 -13.43 -44.51 24.68
CA ALA C 195 -13.24 -43.88 25.97
C ALA C 195 -11.77 -44.02 26.34
N GLU C 196 -11.12 -42.88 26.56
CA GLU C 196 -9.68 -42.84 26.71
C GLU C 196 -9.14 -43.36 28.04
N PHE C 197 -9.89 -43.14 29.12
CA PHE C 197 -9.34 -43.35 30.48
C PHE C 197 -9.81 -44.62 31.25
N ILE C 198 -8.85 -45.38 31.76
CA ILE C 198 -9.10 -46.55 32.59
C ILE C 198 -9.74 -46.12 33.91
N ILE C 199 -10.89 -46.72 34.24
CA ILE C 199 -11.56 -46.42 35.50
C ILE C 199 -12.04 -47.68 36.20
N PRO C 200 -12.23 -47.63 37.53
CA PRO C 200 -12.84 -48.75 38.23
C PRO C 200 -14.31 -48.95 37.88
N HIS C 201 -14.76 -50.20 37.90
CA HIS C 201 -16.14 -50.61 37.76
C HIS C 201 -16.53 -51.53 38.94
N PRO C 202 -17.41 -51.05 39.85
CA PRO C 202 -18.02 -49.72 39.83
C PRO C 202 -17.02 -48.65 40.30
N ASN C 203 -17.28 -47.40 39.92
CA ASN C 203 -16.44 -46.29 40.32
C ASN C 203 -16.95 -45.68 41.62
N ASP C 204 -16.95 -46.51 42.68
CA ASP C 204 -17.63 -46.17 43.94
C ASP C 204 -16.71 -45.63 45.03
N GLY C 205 -15.43 -45.51 44.71
CA GLY C 205 -14.47 -44.93 45.65
C GLY C 205 -13.90 -45.93 46.63
N LYS C 206 -14.15 -47.21 46.40
CA LYS C 206 -13.62 -48.29 47.25
C LYS C 206 -12.28 -48.84 46.75
N VAL C 207 -12.08 -48.76 45.43
CA VAL C 207 -10.83 -49.13 44.73
C VAL C 207 -10.47 -48.02 43.72
N PHE C 208 -9.21 -47.60 43.75
CA PHE C 208 -8.69 -46.66 42.75
C PHE C 208 -7.65 -47.31 41.80
N ASP C 209 -7.14 -48.47 42.21
CA ASP C 209 -6.09 -49.20 41.46
C ASP C 209 -6.44 -49.47 40.01
N LEU C 210 -5.63 -48.97 39.08
CA LEU C 210 -5.81 -49.20 37.64
C LEU C 210 -5.53 -50.66 37.25
N GLN C 211 -4.78 -51.37 38.09
CA GLN C 211 -4.42 -52.78 37.85
C GLN C 211 -5.46 -53.74 38.39
N ASP C 212 -6.47 -53.21 39.08
CA ASP C 212 -7.52 -54.05 39.62
C ASP C 212 -8.25 -54.74 38.48
N GLU C 213 -8.79 -55.93 38.75
N GLU C 213 -8.81 -55.92 38.75
CA GLU C 213 -9.48 -56.76 37.76
CA GLU C 213 -9.46 -56.74 37.74
C GLU C 213 -10.65 -56.03 37.08
C GLU C 213 -10.69 -56.07 37.10
N ASN C 214 -11.35 -55.19 37.83
CA ASN C 214 -12.49 -54.46 37.28
C ASN C 214 -12.22 -53.00 36.90
N SER C 215 -10.94 -52.66 36.80
CA SER C 215 -10.53 -51.35 36.24
C SER C 215 -10.17 -51.54 34.78
N TYR C 216 -10.79 -50.74 33.93
CA TYR C 216 -10.66 -50.88 32.49
C TYR C 216 -11.38 -49.72 31.81
N THR C 217 -11.21 -49.60 30.50
CA THR C 217 -12.03 -48.70 29.71
C THR C 217 -12.74 -49.54 28.66
N MET C 218 -13.57 -48.89 27.83
CA MET C 218 -14.40 -49.62 26.86
C MET C 218 -14.50 -48.94 25.49
N TYR C 219 -14.64 -49.77 24.46
CA TYR C 219 -15.00 -49.36 23.10
C TYR C 219 -16.50 -49.23 22.98
N ASN C 220 -16.95 -48.16 22.35
CA ASN C 220 -18.36 -47.80 22.36
C ASN C 220 -18.99 -47.73 20.99
N ALA C 221 -20.14 -48.40 20.85
CA ALA C 221 -20.94 -48.31 19.61
C ALA C 221 -22.29 -47.64 19.87
N ILE C 222 -22.61 -46.66 19.03
CA ILE C 222 -23.86 -45.91 19.12
C ILE C 222 -24.61 -46.09 17.80
N ASP C 223 -25.90 -46.43 17.90
CA ASP C 223 -26.77 -46.44 16.71
C ASP C 223 -26.83 -45.03 16.17
N ALA C 224 -26.40 -44.85 14.94
CA ALA C 224 -26.34 -43.53 14.30
C ALA C 224 -27.70 -42.84 14.14
N GLU C 225 -28.73 -43.64 13.85
CA GLU C 225 -30.07 -43.12 13.66
C GLU C 225 -30.79 -42.85 14.97
N THR C 226 -30.65 -43.74 15.94
CA THR C 226 -31.40 -43.56 17.19
C THR C 226 -30.59 -42.76 18.19
N MET C 227 -29.29 -42.67 17.95
CA MET C 227 -28.38 -42.06 18.93
C MET C 227 -28.55 -42.66 20.32
N GLU C 228 -28.93 -43.94 20.36
CA GLU C 228 -28.88 -44.75 21.57
C GLU C 228 -27.64 -45.69 21.53
N MET C 229 -27.10 -45.98 22.71
CA MET C 229 -26.03 -46.95 22.82
C MET C 229 -26.44 -48.26 22.18
N ALA C 230 -25.54 -48.85 21.39
CA ALA C 230 -25.78 -50.15 20.82
C ALA C 230 -25.01 -51.22 21.59
N PHE C 231 -23.73 -50.97 21.86
CA PHE C 231 -22.94 -51.86 22.75
C PHE C 231 -21.62 -51.26 23.19
N GLN C 232 -20.96 -51.96 24.12
CA GLN C 232 -19.65 -51.59 24.64
C GLN C 232 -18.73 -52.79 24.75
N VAL C 233 -17.46 -52.61 24.41
CA VAL C 233 -16.51 -53.70 24.46
C VAL C 233 -15.33 -53.37 25.37
N ILE C 234 -15.23 -54.13 26.47
CA ILE C 234 -14.13 -53.97 27.43
C ILE C 234 -12.84 -54.44 26.78
N VAL C 235 -11.79 -53.65 26.92
CA VAL C 235 -10.50 -53.92 26.31
C VAL C 235 -9.41 -53.82 27.38
N ASP C 236 -8.26 -54.43 27.09
CA ASP C 236 -7.06 -54.22 27.87
C ASP C 236 -6.51 -52.84 27.48
N GLY C 237 -5.57 -52.35 28.28
CA GLY C 237 -4.93 -51.04 28.07
C GLY C 237 -5.94 -49.91 27.97
N ASN C 238 -5.78 -49.06 26.95
CA ASN C 238 -6.76 -47.99 26.74
C ASN C 238 -7.08 -47.79 25.26
N LEU C 239 -7.69 -46.66 24.93
CA LEU C 239 -8.08 -46.34 23.57
C LEU C 239 -7.78 -44.86 23.21
N ASP C 240 -7.20 -44.64 22.04
CA ASP C 240 -6.82 -43.30 21.62
C ASP C 240 -7.64 -42.88 20.38
N ASN C 241 -7.22 -43.27 19.17
CA ASN C 241 -8.01 -42.99 17.97
C ASN C 241 -8.57 -44.29 17.38
N THR C 242 -9.55 -44.17 16.49
CA THR C 242 -10.23 -45.32 15.89
C THR C 242 -10.64 -45.07 14.41
N ASP C 243 -10.60 -46.13 13.59
CA ASP C 243 -11.20 -46.10 12.24
C ASP C 243 -11.88 -47.42 11.91
N ALA C 244 -12.65 -47.44 10.83
CA ALA C 244 -13.38 -48.62 10.41
C ALA C 244 -12.98 -49.06 9.02
N ASP C 245 -13.30 -50.30 8.67
CA ASP C 245 -12.96 -50.82 7.35
C ASP C 245 -14.01 -50.43 6.28
N TYR C 246 -13.94 -51.08 5.11
CA TYR C 246 -14.89 -50.90 4.03
C TYR C 246 -15.76 -52.15 3.83
N THR C 247 -16.03 -52.89 4.90
CA THR C 247 -16.94 -54.03 4.76
C THR C 247 -18.06 -53.96 5.79
N GLY C 248 -17.79 -53.27 6.90
CA GLY C 248 -18.66 -53.32 8.07
C GLY C 248 -18.22 -54.34 9.09
N ARG C 249 -17.24 -55.19 8.76
CA ARG C 249 -16.80 -56.23 9.69
C ARG C 249 -15.82 -55.79 10.80
N PHE C 250 -14.78 -55.06 10.41
CA PHE C 250 -13.73 -54.73 11.35
C PHE C 250 -13.67 -53.25 11.68
N ALA C 251 -13.27 -52.98 12.91
CA ALA C 251 -12.93 -51.63 13.35
C ALA C 251 -11.60 -51.75 14.08
N ALA C 252 -10.93 -50.64 14.30
CA ALA C 252 -9.65 -50.70 14.99
C ALA C 252 -9.46 -49.47 15.86
N ALA C 253 -8.62 -49.61 16.87
CA ALA C 253 -8.26 -48.45 17.67
C ALA C 253 -6.83 -48.60 18.19
N THR C 254 -6.13 -47.48 18.34
CA THR C 254 -4.81 -47.49 18.94
C THR C 254 -4.90 -47.44 20.46
N CYS C 255 -3.85 -47.92 21.09
CA CYS C 255 -3.74 -47.89 22.52
C CYS C 255 -2.38 -47.29 22.84
N TYR C 256 -2.30 -46.39 23.83
CA TYR C 256 -0.99 -45.94 24.28
C TYR C 256 -0.65 -46.39 25.70
N ASN C 257 -1.66 -46.79 26.47
CA ASN C 257 -1.42 -47.16 27.87
C ASN C 257 -1.68 -48.66 28.10
N SER C 258 -1.01 -49.51 27.34
CA SER C 258 -1.11 -50.95 27.55
C SER C 258 -0.64 -51.27 28.96
N GLU C 259 0.15 -50.35 29.53
CA GLU C 259 0.75 -50.54 30.83
C GLU C 259 -0.26 -50.36 31.95
N LYS C 260 -1.34 -49.63 31.66
CA LYS C 260 -2.34 -49.28 32.69
C LYS C 260 -1.67 -48.51 33.84
N ALA C 261 -0.75 -47.62 33.47
CA ALA C 261 -0.03 -46.78 34.40
C ALA C 261 -0.76 -45.45 34.57
N PHE C 262 -0.54 -44.79 35.70
CA PHE C 262 -1.02 -43.41 35.87
C PHE C 262 0.07 -42.36 35.70
N ASP C 263 1.32 -42.80 35.64
CA ASP C 263 2.45 -41.87 35.51
C ASP C 263 3.08 -41.90 34.11
N LEU C 264 3.79 -40.82 33.79
CA LEU C 264 4.34 -40.58 32.47
C LEU C 264 5.33 -41.65 32.04
N GLY C 265 6.28 -41.94 32.92
CA GLY C 265 7.26 -42.98 32.70
C GLY C 265 6.62 -44.33 32.46
N GLY C 266 5.71 -44.70 33.35
CA GLY C 266 5.00 -45.96 33.22
C GLY C 266 4.22 -46.08 31.92
N MET C 267 3.64 -44.98 31.42
CA MET C 267 2.83 -45.04 30.20
C MET C 267 3.72 -45.23 28.99
N MET C 268 5.04 -45.05 29.18
CA MET C 268 6.04 -45.25 28.12
C MET C 268 6.89 -46.50 28.36
N ARG C 269 6.46 -47.40 29.25
CA ARG C 269 7.30 -48.53 29.61
C ARG C 269 7.45 -49.57 28.51
N ASN C 270 6.32 -50.02 27.95
CA ASN C 270 6.36 -51.06 26.90
C ASN C 270 6.96 -50.54 25.60
N GLU C 271 7.78 -51.35 24.95
CA GLU C 271 8.32 -51.02 23.62
C GLU C 271 7.18 -50.92 22.60
N ARG C 272 6.19 -51.80 22.76
CA ARG C 272 4.97 -51.74 21.99
C ARG C 272 3.73 -51.71 22.86
N ASP C 273 2.78 -50.88 22.46
CA ASP C 273 1.41 -51.05 22.86
C ASP C 273 0.80 -51.83 21.70
N TRP C 274 -0.35 -51.39 21.20
CA TRP C 274 -1.01 -52.13 20.12
C TRP C 274 -2.07 -51.31 19.42
N VAL C 275 -2.52 -51.80 18.27
CA VAL C 275 -3.88 -51.52 17.85
C VAL C 275 -4.77 -52.71 18.16
N VAL C 276 -5.88 -52.41 18.83
CA VAL C 276 -6.86 -53.42 19.09
C VAL C 276 -7.81 -53.40 17.89
N VAL C 277 -8.05 -54.58 17.32
CA VAL C 277 -8.98 -54.74 16.19
C VAL C 277 -10.23 -55.43 16.69
N PHE C 278 -11.40 -54.93 16.29
CA PHE C 278 -12.69 -55.51 16.70
C PHE C 278 -13.41 -56.25 15.57
N ASP C 279 -13.82 -57.48 15.83
CA ASP C 279 -14.73 -58.20 14.94
C ASP C 279 -16.18 -57.82 15.27
N ILE C 280 -16.69 -56.83 14.54
CA ILE C 280 -18.03 -56.33 14.78
C ILE C 280 -19.08 -57.41 14.57
N HIS C 281 -18.99 -58.17 13.48
CA HIS C 281 -19.93 -59.30 13.24
C HIS C 281 -20.05 -60.25 14.44
N ALA C 282 -18.94 -60.58 15.09
CA ALA C 282 -18.97 -61.42 16.30
C ALA C 282 -19.62 -60.74 17.52
N VAL C 283 -19.33 -59.44 17.71
CA VAL C 283 -19.97 -58.66 18.75
C VAL C 283 -21.50 -58.66 18.54
N GLU C 284 -21.94 -58.41 17.32
CA GLU C 284 -23.39 -58.39 17.00
C GLU C 284 -24.09 -59.72 17.28
N ALA C 285 -23.42 -60.83 17.01
CA ALA C 285 -23.95 -62.17 17.25
C ALA C 285 -23.99 -62.48 18.73
N ALA C 286 -22.99 -62.01 19.48
CA ALA C 286 -23.02 -62.16 20.93
C ALA C 286 -24.14 -61.35 21.59
N VAL C 287 -24.48 -60.20 21.02
CA VAL C 287 -25.58 -59.37 21.52
C VAL C 287 -26.93 -60.02 21.21
N LYS C 288 -27.10 -60.43 19.95
CA LYS C 288 -28.23 -61.25 19.52
C LYS C 288 -28.38 -62.55 20.36
N ALA C 289 -27.27 -63.24 20.62
CA ALA C 289 -27.30 -64.47 21.44
C ALA C 289 -27.62 -64.23 22.93
N GLY C 290 -27.59 -62.95 23.33
CA GLY C 290 -27.85 -62.56 24.71
C GLY C 290 -26.67 -62.75 25.64
N ASP C 291 -25.51 -63.11 25.08
CA ASP C 291 -24.30 -63.38 25.88
C ASP C 291 -23.53 -62.10 26.21
N PHE C 292 -24.07 -61.32 27.14
CA PHE C 292 -23.43 -60.07 27.55
C PHE C 292 -23.79 -59.75 28.98
N ILE C 293 -23.15 -58.73 29.53
CA ILE C 293 -23.48 -58.25 30.87
C ILE C 293 -23.95 -56.80 30.81
N THR C 294 -24.52 -56.32 31.91
CA THR C 294 -24.79 -54.90 32.04
C THR C 294 -24.01 -54.32 33.22
N LEU C 295 -23.77 -53.03 33.17
CA LEU C 295 -23.07 -52.34 34.25
C LEU C 295 -23.95 -51.27 34.88
N GLY C 296 -24.04 -51.29 36.20
CA GLY C 296 -24.76 -50.28 36.96
C GLY C 296 -26.22 -50.31 36.58
N ASP C 297 -26.79 -49.14 36.28
CA ASP C 297 -28.18 -49.08 35.81
C ASP C 297 -28.30 -48.87 34.28
N SER C 298 -27.21 -49.09 33.56
CA SER C 298 -27.22 -49.00 32.09
C SER C 298 -27.70 -50.33 31.47
N LYS C 299 -28.62 -50.25 30.50
CA LYS C 299 -29.10 -51.44 29.78
C LYS C 299 -28.19 -51.84 28.61
N THR C 300 -27.17 -51.02 28.34
CA THR C 300 -26.22 -51.25 27.25
C THR C 300 -25.55 -52.61 27.41
N PRO C 301 -25.61 -53.47 26.37
CA PRO C 301 -24.93 -54.76 26.42
C PRO C 301 -23.41 -54.58 26.41
N VAL C 302 -22.74 -55.15 27.40
CA VAL C 302 -21.29 -55.01 27.54
C VAL C 302 -20.62 -56.35 27.28
N LEU C 303 -19.69 -56.36 26.33
CA LEU C 303 -18.97 -57.57 25.96
C LEU C 303 -17.53 -57.48 26.41
N ASP C 304 -16.93 -58.62 26.78
CA ASP C 304 -15.58 -58.62 27.31
C ASP C 304 -14.58 -58.94 26.22
N GLY C 305 -13.81 -57.93 25.81
CA GLY C 305 -12.82 -58.10 24.75
C GLY C 305 -11.41 -58.20 25.27
N ARG C 306 -11.30 -58.42 26.57
CA ARG C 306 -10.00 -58.63 27.21
C ARG C 306 -9.41 -60.01 26.87
N LYS C 307 -8.08 -60.10 26.93
CA LYS C 307 -7.43 -61.39 26.95
C LYS C 307 -7.61 -61.97 28.35
N LYS C 308 -7.73 -63.28 28.40
CA LYS C 308 -7.86 -63.99 29.67
C LYS C 308 -6.85 -65.13 29.61
N ASP C 309 -5.89 -65.08 30.54
CA ASP C 309 -4.76 -66.03 30.63
C ASP C 309 -4.14 -66.32 29.28
N GLY C 310 -3.95 -65.27 28.50
CA GLY C 310 -3.32 -65.41 27.21
C GLY C 310 -4.25 -65.67 26.04
N LYS C 311 -5.40 -66.29 26.28
CA LYS C 311 -6.30 -66.54 25.15
C LYS C 311 -7.19 -65.35 24.76
N ASP C 312 -7.28 -65.15 23.46
CA ASP C 312 -8.04 -64.07 22.91
C ASP C 312 -9.51 -64.28 23.10
N SER C 313 -10.21 -63.16 23.34
CA SER C 313 -11.65 -63.03 23.21
C SER C 313 -12.02 -63.21 21.73
N LYS C 314 -13.29 -63.52 21.45
CA LYS C 314 -13.74 -63.69 20.07
C LYS C 314 -14.04 -62.34 19.39
N PHE C 315 -14.09 -61.28 20.20
CA PHE C 315 -14.43 -59.94 19.74
C PHE C 315 -13.24 -59.09 19.36
N THR C 316 -12.06 -59.51 19.80
CA THR C 316 -10.87 -58.66 19.63
C THR C 316 -9.61 -59.42 19.36
N ARG C 317 -8.69 -58.72 18.67
CA ARG C 317 -7.32 -59.16 18.52
C ARG C 317 -6.42 -57.96 18.78
N TYR C 318 -5.26 -58.22 19.40
CA TYR C 318 -4.32 -57.15 19.72
C TYR C 318 -3.05 -57.27 18.88
N VAL C 319 -2.83 -56.31 18.00
CA VAL C 319 -1.63 -56.29 17.16
C VAL C 319 -0.58 -55.31 17.71
N PRO C 320 0.53 -55.83 18.28
CA PRO C 320 1.61 -55.02 18.82
C PRO C 320 2.14 -53.99 17.83
N VAL C 321 2.14 -52.72 18.24
CA VAL C 321 2.56 -51.57 17.43
C VAL C 321 3.33 -50.64 18.36
N PRO C 322 4.55 -50.24 17.97
CA PRO C 322 5.27 -49.24 18.76
C PRO C 322 4.86 -47.84 18.30
N LYS C 323 4.89 -46.84 19.18
CA LYS C 323 5.03 -46.97 20.63
C LYS C 323 4.27 -45.77 21.18
N ASN C 324 3.30 -46.02 22.07
CA ASN C 324 2.26 -45.02 22.36
C ASN C 324 1.67 -44.47 21.05
N PRO C 325 1.25 -45.36 20.13
CA PRO C 325 0.76 -44.89 18.84
C PRO C 325 -0.48 -44.03 19.01
N HIS C 326 -0.78 -43.20 18.01
CA HIS C 326 -1.80 -42.19 18.14
C HIS C 326 -2.85 -42.30 17.04
N GLY C 327 -2.55 -41.77 15.86
CA GLY C 327 -3.49 -41.86 14.74
C GLY C 327 -3.82 -43.27 14.30
N CYS C 328 -5.07 -43.47 13.91
CA CYS C 328 -5.54 -44.75 13.39
C CYS C 328 -6.44 -44.47 12.15
N ASN C 329 -5.88 -44.72 10.96
CA ASN C 329 -6.47 -44.21 9.72
C ASN C 329 -6.62 -45.29 8.65
N THR C 330 -7.84 -45.47 8.16
CA THR C 330 -8.08 -46.45 7.09
C THR C 330 -7.81 -45.85 5.70
N SER C 331 -6.93 -46.50 4.94
CA SER C 331 -6.60 -46.02 3.59
C SER C 331 -7.81 -46.08 2.69
N SER C 332 -7.84 -45.18 1.70
CA SER C 332 -9.05 -45.01 0.88
C SER C 332 -9.37 -46.18 -0.05
N ASP C 333 -8.38 -47.04 -0.29
CA ASP C 333 -8.54 -48.30 -1.04
C ASP C 333 -8.99 -49.46 -0.13
N GLY C 334 -9.18 -49.16 1.15
CA GLY C 334 -9.65 -50.16 2.13
C GLY C 334 -8.69 -51.30 2.44
N LYS C 335 -7.43 -51.15 2.03
CA LYS C 335 -6.41 -52.17 2.28
C LYS C 335 -5.83 -52.18 3.71
N TYR C 336 -5.61 -51.00 4.28
CA TYR C 336 -4.82 -50.86 5.52
C TYR C 336 -5.46 -50.04 6.65
N PHE C 337 -5.33 -50.53 7.89
CA PHE C 337 -5.41 -49.67 9.08
C PHE C 337 -3.98 -49.23 9.27
N ILE C 338 -3.77 -47.91 9.37
CA ILE C 338 -2.41 -47.36 9.56
C ILE C 338 -2.28 -46.61 10.87
N ALA C 339 -1.48 -47.14 11.78
CA ALA C 339 -1.30 -46.58 13.11
C ALA C 339 -0.06 -45.70 13.08
N ALA C 340 -0.19 -44.44 13.53
CA ALA C 340 0.95 -43.52 13.54
C ALA C 340 1.74 -43.72 14.82
N GLY C 341 3.05 -43.88 14.69
CA GLY C 341 3.89 -44.37 15.80
C GLY C 341 4.17 -43.47 16.98
N LYS C 342 3.98 -42.16 16.80
CA LYS C 342 4.23 -41.13 17.81
C LYS C 342 5.65 -41.21 18.38
N LEU C 343 5.84 -42.01 19.43
CA LEU C 343 7.17 -42.20 20.02
C LEU C 343 8.11 -43.06 19.14
N SER C 344 7.54 -43.95 18.33
CA SER C 344 8.30 -44.65 17.29
C SER C 344 8.24 -43.80 16.02
N PRO C 345 9.39 -43.59 15.33
CA PRO C 345 9.44 -42.73 14.15
C PRO C 345 8.90 -43.44 12.92
N THR C 346 7.79 -44.16 13.09
CA THR C 346 7.23 -45.05 12.10
C THR C 346 5.71 -44.92 11.98
N CYS C 347 5.15 -45.50 10.92
CA CYS C 347 3.73 -45.93 10.90
C CYS C 347 3.69 -47.45 10.80
N SER C 348 2.64 -48.08 11.32
CA SER C 348 2.46 -49.52 11.15
C SER C 348 1.25 -49.80 10.26
N MET C 349 1.41 -50.73 9.33
CA MET C 349 0.36 -50.99 8.35
C MET C 349 -0.24 -52.37 8.56
N ILE C 350 -1.51 -52.38 8.88
CA ILE C 350 -2.23 -53.61 9.14
C ILE C 350 -3.00 -53.97 7.88
N ALA C 351 -2.75 -55.17 7.35
CA ALA C 351 -3.43 -55.64 6.17
C ALA C 351 -4.82 -56.08 6.60
N ILE C 352 -5.82 -55.32 6.22
CA ILE C 352 -7.21 -55.65 6.52
C ILE C 352 -7.57 -57.05 5.96
N ASP C 353 -7.00 -57.36 4.79
CA ASP C 353 -7.06 -58.69 4.14
C ASP C 353 -6.75 -59.86 5.05
N LYS C 354 -5.81 -59.65 5.98
CA LYS C 354 -5.32 -60.76 6.81
C LYS C 354 -6.09 -60.92 8.12
N LEU C 355 -7.04 -60.02 8.37
CA LEU C 355 -7.80 -60.02 9.60
C LEU C 355 -8.74 -61.23 9.75
N PRO C 356 -9.42 -61.66 8.66
CA PRO C 356 -10.21 -62.88 8.84
C PRO C 356 -9.34 -64.07 9.32
N ASP C 357 -8.21 -64.30 8.66
CA ASP C 357 -7.26 -65.33 9.13
C ASP C 357 -6.81 -65.16 10.61
N LEU C 358 -6.53 -63.92 11.02
CA LEU C 358 -6.17 -63.62 12.40
C LEU C 358 -7.26 -64.03 13.40
N PHE C 359 -8.51 -63.63 13.16
CA PHE C 359 -9.63 -64.00 14.06
C PHE C 359 -10.05 -65.48 13.97
N ALA C 360 -9.82 -66.10 12.81
CA ALA C 360 -10.08 -67.54 12.66
C ALA C 360 -8.94 -68.37 13.27
N GLY C 361 -7.96 -67.69 13.88
CA GLY C 361 -6.85 -68.37 14.55
C GLY C 361 -5.86 -69.07 13.62
N LYS C 362 -5.82 -68.63 12.37
CA LYS C 362 -4.94 -69.21 11.36
C LYS C 362 -3.53 -68.59 11.33
N LEU C 363 -3.28 -67.57 12.15
CA LEU C 363 -1.99 -66.90 12.16
C LEU C 363 -1.30 -67.03 13.50
N ALA C 364 -0.11 -67.59 13.48
CA ALA C 364 0.62 -67.95 14.70
C ALA C 364 1.14 -66.76 15.55
N ASP C 365 1.25 -65.60 14.91
CA ASP C 365 1.71 -64.37 15.56
C ASP C 365 0.82 -63.22 15.06
N PRO C 366 0.31 -62.39 15.99
CA PRO C 366 -0.54 -61.31 15.49
C PRO C 366 0.24 -60.26 14.70
N ARG C 367 1.57 -60.25 14.84
CA ARG C 367 2.45 -59.40 14.03
C ARG C 367 2.43 -59.77 12.53
N ASP C 368 1.91 -60.95 12.20
CA ASP C 368 1.76 -61.38 10.80
C ASP C 368 0.78 -60.52 9.98
N VAL C 369 -0.15 -59.81 10.65
CA VAL C 369 -1.02 -58.91 9.90
C VAL C 369 -0.32 -57.60 9.51
N ILE C 370 0.81 -57.28 10.15
CA ILE C 370 1.61 -56.10 9.81
C ILE C 370 2.34 -56.38 8.50
N VAL C 371 2.12 -55.54 7.50
CA VAL C 371 2.76 -55.69 6.17
C VAL C 371 3.69 -54.53 5.84
N GLY C 372 3.75 -53.55 6.73
CA GLY C 372 4.60 -52.39 6.53
C GLY C 372 4.82 -51.67 7.83
N GLU C 373 6.02 -51.14 7.99
CA GLU C 373 6.37 -50.35 9.16
C GLU C 373 7.43 -49.31 8.78
N PRO C 374 7.08 -48.43 7.82
CA PRO C 374 8.02 -47.47 7.29
C PRO C 374 8.52 -46.48 8.35
N GLU C 375 9.80 -46.16 8.25
CA GLU C 375 10.37 -45.11 9.04
C GLU C 375 10.13 -43.78 8.31
N LEU C 376 9.51 -42.83 8.99
CA LEU C 376 9.09 -41.59 8.35
C LEU C 376 9.77 -40.33 8.90
N GLY C 377 10.06 -40.33 10.20
CA GLY C 377 10.60 -39.14 10.88
C GLY C 377 10.09 -39.02 12.32
N LEU C 378 10.41 -37.89 12.97
CA LEU C 378 10.12 -37.77 14.41
C LEU C 378 8.68 -37.34 14.76
N GLY C 379 8.02 -38.19 15.54
CA GLY C 379 6.69 -37.92 16.06
C GLY C 379 5.51 -38.03 15.09
N PRO C 380 5.42 -39.16 14.35
CA PRO C 380 4.26 -39.37 13.46
C PRO C 380 2.98 -39.40 14.27
N LEU C 381 2.02 -38.53 13.93
CA LEU C 381 0.75 -38.47 14.68
C LEU C 381 -0.49 -38.99 13.96
N HIS C 382 -0.61 -38.70 12.67
CA HIS C 382 -1.82 -38.98 11.86
C HIS C 382 -1.48 -39.11 10.39
N THR C 383 -2.34 -39.81 9.66
CA THR C 383 -2.14 -40.14 8.26
C THR C 383 -3.42 -39.93 7.48
N THR C 384 -3.29 -39.39 6.27
CA THR C 384 -4.42 -39.24 5.36
C THR C 384 -4.00 -39.70 3.95
N PHE C 385 -4.87 -39.52 2.95
CA PHE C 385 -4.74 -40.21 1.65
C PHE C 385 -5.20 -39.41 0.46
N ASP C 386 -4.39 -39.40 -0.62
CA ASP C 386 -4.78 -38.72 -1.86
C ASP C 386 -5.67 -39.55 -2.80
N GLY C 387 -5.89 -40.81 -2.45
CA GLY C 387 -6.62 -41.73 -3.34
C GLY C 387 -5.82 -42.15 -4.57
N ARG C 388 -4.57 -41.71 -4.67
CA ARG C 388 -3.71 -42.07 -5.80
C ARG C 388 -2.65 -43.07 -5.35
N GLY C 389 -2.81 -43.57 -4.13
CA GLY C 389 -1.88 -44.58 -3.59
C GLY C 389 -0.87 -44.04 -2.60
N ASN C 390 -0.89 -42.73 -2.34
CA ASN C 390 0.02 -42.15 -1.35
C ASN C 390 -0.63 -41.89 0.00
N ALA C 391 0.22 -41.87 1.02
CA ALA C 391 -0.17 -41.51 2.36
C ALA C 391 0.57 -40.24 2.76
N TYR C 392 -0.02 -39.47 3.67
CA TYR C 392 0.49 -38.18 4.07
C TYR C 392 0.43 -38.15 5.59
N THR C 393 1.58 -38.07 6.23
CA THR C 393 1.68 -38.19 7.67
C THR C 393 2.29 -36.94 8.30
N THR C 394 1.66 -36.47 9.37
CA THR C 394 2.20 -35.38 10.18
C THR C 394 3.35 -35.87 11.06
N LEU C 395 4.45 -35.13 11.03
CA LEU C 395 5.56 -35.35 11.95
C LEU C 395 5.61 -34.20 12.94
N PHE C 396 5.16 -34.46 14.18
CA PHE C 396 5.00 -33.41 15.19
C PHE C 396 6.32 -32.74 15.60
N ILE C 397 7.33 -33.56 15.86
CA ILE C 397 8.64 -33.11 16.29
C ILE C 397 9.44 -32.48 15.13
N ASP C 398 9.47 -33.15 13.97
CA ASP C 398 10.09 -32.58 12.76
C ASP C 398 9.30 -31.43 12.10
N SER C 399 8.07 -31.19 12.56
N SER C 399 8.06 -31.19 12.56
CA SER C 399 7.17 -30.15 12.02
CA SER C 399 7.20 -30.13 12.01
C SER C 399 7.06 -30.19 10.50
C SER C 399 7.06 -30.17 10.49
N GLN C 400 6.71 -31.35 9.98
CA GLN C 400 6.60 -31.59 8.54
C GLN C 400 5.37 -32.43 8.24
N VAL C 401 4.96 -32.39 6.98
CA VAL C 401 4.10 -33.43 6.42
C VAL C 401 4.96 -34.28 5.49
N VAL C 402 5.00 -35.60 5.74
CA VAL C 402 5.71 -36.53 4.87
C VAL C 402 4.74 -37.28 3.96
N LYS C 403 4.93 -37.11 2.66
CA LYS C 403 4.22 -37.86 1.67
C LYS C 403 5.02 -39.12 1.37
N TRP C 404 4.34 -40.26 1.45
CA TRP C 404 4.97 -41.54 1.17
C TRP C 404 4.03 -42.53 0.46
N ASN C 405 4.62 -43.45 -0.30
CA ASN C 405 3.83 -44.39 -1.10
C ASN C 405 3.66 -45.68 -0.35
N MET C 406 2.40 -46.10 -0.21
CA MET C 406 2.09 -47.24 0.61
C MET C 406 2.64 -48.54 0.07
N GLU C 407 2.51 -48.77 -1.23
CA GLU C 407 2.96 -50.05 -1.78
C GLU C 407 4.49 -50.21 -1.76
N GLU C 408 5.21 -49.11 -1.99
CA GLU C 408 6.66 -49.11 -1.80
C GLU C 408 7.09 -49.37 -0.35
N ALA C 409 6.34 -48.83 0.61
CA ALA C 409 6.61 -49.10 2.02
C ALA C 409 6.40 -50.58 2.31
N VAL C 410 5.37 -51.14 1.68
CA VAL C 410 5.04 -52.57 1.82
C VAL C 410 6.19 -53.39 1.23
N ARG C 411 6.64 -53.00 0.05
CA ARG C 411 7.80 -53.64 -0.56
C ARG C 411 9.08 -53.51 0.28
N ALA C 412 9.33 -52.32 0.84
CA ALA C 412 10.51 -52.11 1.71
C ALA C 412 10.48 -53.02 2.94
N TYR C 413 9.27 -53.24 3.46
CA TYR C 413 9.06 -54.14 4.60
C TYR C 413 9.52 -55.55 4.26
N LYS C 414 9.29 -55.96 3.01
CA LYS C 414 9.77 -57.25 2.50
C LYS C 414 11.29 -57.29 2.26
N GLY C 415 12.00 -56.18 2.45
CA GLY C 415 13.45 -56.15 2.27
C GLY C 415 13.93 -55.52 0.97
N GLU C 416 13.00 -55.14 0.11
CA GLU C 416 13.33 -54.49 -1.16
C GLU C 416 13.96 -53.12 -0.89
N LYS C 417 14.93 -52.73 -1.72
CA LYS C 417 15.61 -51.44 -1.52
C LYS C 417 14.90 -50.36 -2.33
N VAL C 418 13.91 -49.72 -1.73
CA VAL C 418 13.11 -48.69 -2.42
C VAL C 418 12.80 -47.56 -1.46
N ASN C 419 12.93 -46.33 -1.92
CA ASN C 419 12.58 -45.18 -1.10
C ASN C 419 11.08 -44.87 -1.27
N TYR C 420 10.31 -45.18 -0.22
CA TYR C 420 8.88 -44.90 -0.20
C TYR C 420 8.56 -43.43 0.07
N ILE C 421 9.54 -42.68 0.59
CA ILE C 421 9.36 -41.25 0.88
C ILE C 421 9.49 -40.37 -0.37
N LYS C 422 8.46 -39.57 -0.64
CA LYS C 422 8.38 -38.77 -1.88
C LYS C 422 8.77 -37.32 -1.64
N GLN C 423 8.35 -36.79 -0.50
CA GLN C 423 8.52 -35.40 -0.16
C GLN C 423 8.25 -35.15 1.32
N LYS C 424 8.97 -34.18 1.89
CA LYS C 424 8.69 -33.65 3.22
C LYS C 424 8.45 -32.15 3.13
N LEU C 425 7.23 -31.72 3.48
CA LEU C 425 6.91 -30.31 3.45
C LEU C 425 6.95 -29.78 4.87
N ASP C 426 7.70 -28.70 5.07
CA ASP C 426 7.77 -28.02 6.35
C ASP C 426 6.47 -27.32 6.64
N VAL C 427 5.95 -27.51 7.86
CA VAL C 427 4.75 -26.78 8.31
C VAL C 427 5.03 -26.05 9.61
N HIS C 428 4.09 -25.20 10.03
CA HIS C 428 4.39 -24.12 10.98
C HIS C 428 3.31 -23.92 12.05
N TYR C 429 3.41 -24.60 13.20
CA TYR C 429 4.45 -25.55 13.54
C TYR C 429 3.84 -26.60 14.45
N GLN C 430 4.42 -27.80 14.43
CA GLN C 430 3.99 -28.92 15.28
C GLN C 430 2.61 -29.43 14.87
N PRO C 431 2.54 -30.14 13.73
CA PRO C 431 1.26 -30.59 13.21
C PRO C 431 0.71 -31.76 13.99
N GLY C 432 -0.61 -31.74 14.20
CA GLY C 432 -1.32 -32.86 14.81
C GLY C 432 -2.03 -33.69 13.75
N HIS C 433 -3.30 -33.39 13.51
CA HIS C 433 -4.10 -34.07 12.48
C HIS C 433 -3.87 -33.44 11.13
N LEU C 434 -4.16 -34.19 10.08
CA LEU C 434 -4.23 -33.67 8.72
C LEU C 434 -5.36 -34.36 7.95
N HIS C 435 -5.89 -33.67 6.95
CA HIS C 435 -7.06 -34.18 6.26
C HIS C 435 -7.00 -33.86 4.78
N ALA C 436 -7.01 -34.90 3.95
CA ALA C 436 -7.13 -34.70 2.51
C ALA C 436 -8.58 -34.84 2.07
N SER C 437 -8.99 -34.01 1.12
CA SER C 437 -10.38 -33.99 0.68
C SER C 437 -10.84 -35.36 0.24
N LEU C 438 -11.95 -35.78 0.85
CA LEU C 438 -12.64 -37.06 0.62
C LEU C 438 -11.89 -38.31 1.07
N CYS C 439 -10.82 -38.13 1.85
CA CYS C 439 -9.95 -39.22 2.28
C CYS C 439 -10.64 -40.38 3.02
N GLU C 440 -11.72 -40.12 3.73
CA GLU C 440 -12.40 -41.20 4.47
C GLU C 440 -13.33 -42.04 3.58
N THR C 441 -13.34 -41.74 2.28
CA THR C 441 -14.23 -42.43 1.34
C THR C 441 -13.46 -43.00 0.17
N ASN C 442 -14.10 -43.92 -0.55
CA ASN C 442 -13.51 -44.46 -1.76
C ASN C 442 -13.48 -43.48 -2.94
N GLU C 443 -13.87 -42.23 -2.70
CA GLU C 443 -13.77 -41.12 -3.65
C GLU C 443 -12.61 -40.15 -3.32
N ALA C 444 -11.71 -40.54 -2.42
CA ALA C 444 -10.55 -39.71 -2.06
C ALA C 444 -10.05 -39.07 -3.34
N ASP C 445 -10.14 -37.74 -3.45
CA ASP C 445 -9.95 -37.07 -4.76
C ASP C 445 -8.57 -36.44 -4.90
N GLY C 446 -7.80 -36.46 -3.83
CA GLY C 446 -6.43 -35.95 -3.86
C GLY C 446 -6.22 -34.53 -4.34
N LYS C 447 -7.11 -33.61 -3.97
CA LYS C 447 -7.02 -32.21 -4.41
C LYS C 447 -6.49 -31.26 -3.34
N TRP C 448 -7.12 -31.26 -2.16
CA TRP C 448 -6.70 -30.41 -1.05
C TRP C 448 -6.26 -31.19 0.17
N LEU C 449 -5.36 -30.60 0.94
CA LEU C 449 -4.89 -31.19 2.17
C LEU C 449 -4.82 -30.09 3.23
N VAL C 450 -5.38 -30.35 4.40
CA VAL C 450 -5.19 -29.39 5.50
C VAL C 450 -4.38 -30.03 6.60
N ALA C 451 -3.32 -29.35 7.01
CA ALA C 451 -2.52 -29.75 8.16
C ALA C 451 -2.80 -28.78 9.29
N LEU C 452 -3.12 -29.32 10.46
CA LEU C 452 -3.57 -28.52 11.59
C LEU C 452 -2.50 -28.51 12.69
N SER C 453 -1.75 -27.40 12.76
CA SER C 453 -0.55 -27.28 13.58
C SER C 453 -0.73 -26.48 14.88
N LYS C 454 0.00 -26.87 15.90
CA LYS C 454 -0.28 -26.44 17.26
C LYS C 454 0.42 -25.15 17.72
N PHE C 455 1.52 -24.76 17.07
CA PHE C 455 2.28 -23.56 17.50
C PHE C 455 2.50 -22.56 16.35
N SER C 456 1.60 -21.58 16.22
CA SER C 456 1.71 -20.59 15.15
C SER C 456 2.91 -19.64 15.28
N LYS C 457 3.49 -19.56 16.47
CA LYS C 457 4.62 -18.66 16.74
C LYS C 457 4.41 -17.26 16.13
N ASP C 458 5.15 -16.96 15.07
CA ASP C 458 5.10 -15.66 14.39
C ASP C 458 4.46 -15.67 13.02
N ARG C 459 3.62 -16.65 12.71
CA ARG C 459 2.94 -16.69 11.42
C ARG C 459 1.82 -15.65 11.30
N PHE C 460 1.38 -15.12 12.44
CA PHE C 460 0.29 -14.14 12.47
C PHE C 460 0.69 -12.99 13.38
N LEU C 461 0.02 -11.86 13.23
CA LEU C 461 0.22 -10.73 14.11
C LEU C 461 0.20 -11.22 15.57
N PRO C 462 1.08 -10.66 16.43
CA PRO C 462 1.05 -11.02 17.86
C PRO C 462 -0.28 -10.59 18.49
N VAL C 463 -0.85 -11.46 19.32
CA VAL C 463 -2.14 -11.20 19.96
C VAL C 463 -2.08 -11.48 21.47
N GLY C 464 -0.88 -11.57 22.02
CA GLY C 464 -0.73 -11.87 23.45
C GLY C 464 -0.29 -13.30 23.74
N PRO C 465 -0.19 -13.66 25.04
CA PRO C 465 0.36 -14.96 25.44
C PRO C 465 -0.31 -16.16 24.76
N LEU C 466 -1.63 -16.09 24.56
CA LEU C 466 -2.37 -17.13 23.86
C LEU C 466 -2.32 -16.96 22.34
N HIS C 467 -1.91 -18.01 21.63
CA HIS C 467 -1.80 -17.96 20.17
C HIS C 467 -2.91 -18.74 19.50
N PRO C 468 -3.17 -18.43 18.22
CA PRO C 468 -4.06 -19.27 17.43
C PRO C 468 -3.36 -20.56 17.01
N GLU C 469 -4.14 -21.50 16.50
CA GLU C 469 -3.57 -22.63 15.78
C GLU C 469 -3.36 -22.18 14.35
N ASN C 470 -2.57 -22.95 13.59
CA ASN C 470 -2.31 -22.69 12.19
C ASN C 470 -2.69 -23.91 11.36
N ASP C 471 -3.85 -23.82 10.74
CA ASP C 471 -4.36 -24.85 9.86
C ASP C 471 -3.97 -24.44 8.45
N GLN C 472 -3.09 -25.21 7.84
CA GLN C 472 -2.52 -24.75 6.58
C GLN C 472 -3.12 -25.53 5.43
N LEU C 473 -3.57 -24.81 4.40
CA LEU C 473 -4.09 -25.42 3.19
C LEU C 473 -2.96 -25.73 2.22
N ILE C 474 -2.91 -26.98 1.80
CA ILE C 474 -1.85 -27.54 0.96
C ILE C 474 -2.46 -28.19 -0.26
N ASP C 475 -2.05 -27.69 -1.43
CA ASP C 475 -2.40 -28.24 -2.70
C ASP C 475 -1.64 -29.54 -2.96
N ILE C 476 -2.36 -30.63 -3.12
CA ILE C 476 -1.75 -31.94 -3.30
C ILE C 476 -2.21 -32.55 -4.61
N SER C 477 -2.73 -31.70 -5.48
CA SER C 477 -3.28 -32.14 -6.77
C SER C 477 -2.20 -32.74 -7.68
N GLY C 478 -0.96 -32.30 -7.49
CA GLY C 478 0.18 -32.75 -8.28
C GLY C 478 1.16 -33.54 -7.44
N ASP C 479 2.31 -33.88 -8.03
CA ASP C 479 3.32 -34.69 -7.34
C ASP C 479 3.96 -33.96 -6.17
N GLU C 480 4.07 -32.63 -6.31
CA GLU C 480 4.67 -31.80 -5.29
C GLU C 480 3.61 -31.09 -4.44
N MET C 481 3.66 -31.32 -3.13
CA MET C 481 2.88 -30.60 -2.14
C MET C 481 3.28 -29.13 -2.12
N LYS C 482 2.28 -28.25 -2.23
CA LYS C 482 2.48 -26.82 -2.22
C LYS C 482 1.68 -26.16 -1.11
N LEU C 483 2.38 -25.50 -0.18
CA LEU C 483 1.72 -24.71 0.85
C LEU C 483 1.09 -23.49 0.19
N VAL C 484 -0.22 -23.31 0.34
CA VAL C 484 -0.88 -22.16 -0.29
C VAL C 484 -1.51 -21.14 0.66
N HIS C 485 -1.93 -21.56 1.86
CA HIS C 485 -2.64 -20.65 2.80
C HIS C 485 -2.49 -21.05 4.26
N ASP C 486 -2.17 -20.04 5.09
CA ASP C 486 -2.15 -20.16 6.55
C ASP C 486 -3.49 -19.65 7.12
N GLY C 487 -4.19 -20.53 7.83
CA GLY C 487 -5.49 -20.20 8.39
C GLY C 487 -5.42 -20.30 9.90
N PRO C 488 -5.41 -19.14 10.59
CA PRO C 488 -5.40 -19.09 12.03
C PRO C 488 -6.77 -19.49 12.53
N THR C 489 -6.81 -20.24 13.62
CA THR C 489 -8.07 -20.67 14.21
C THR C 489 -7.94 -20.66 15.73
N PHE C 490 -9.09 -20.43 16.36
CA PHE C 490 -9.21 -20.35 17.80
C PHE C 490 -9.36 -21.74 18.44
N ALA C 491 -8.75 -21.91 19.61
CA ALA C 491 -9.06 -23.01 20.54
C ALA C 491 -8.80 -24.38 19.97
N GLU C 492 -7.80 -24.48 19.12
CA GLU C 492 -7.28 -25.77 18.73
C GLU C 492 -8.30 -26.73 18.13
N PRO C 493 -8.75 -26.46 16.90
CA PRO C 493 -9.44 -27.53 16.19
C PRO C 493 -8.43 -28.64 16.07
N HIS C 494 -8.86 -29.89 16.24
CA HIS C 494 -7.85 -30.94 16.18
C HIS C 494 -7.86 -31.49 14.77
N ASP C 495 -9.04 -31.92 14.34
CA ASP C 495 -9.24 -32.49 13.03
C ASP C 495 -10.40 -31.76 12.32
N CYS C 496 -10.61 -32.09 11.05
CA CYS C 496 -11.65 -31.48 10.24
C CYS C 496 -11.99 -32.44 9.12
N ILE C 497 -13.14 -32.24 8.48
CA ILE C 497 -13.57 -33.07 7.34
C ILE C 497 -14.07 -32.17 6.24
N MET C 498 -13.72 -32.52 5.00
CA MET C 498 -14.18 -31.77 3.86
C MET C 498 -15.24 -32.58 3.11
N ALA C 499 -16.20 -31.89 2.53
CA ALA C 499 -17.16 -32.53 1.65
C ALA C 499 -17.42 -31.66 0.42
N ARG C 500 -17.63 -32.28 -0.72
CA ARG C 500 -17.97 -31.56 -1.96
C ARG C 500 -19.22 -30.72 -1.72
N ARG C 501 -19.32 -29.56 -2.37
CA ARG C 501 -20.54 -28.76 -2.28
C ARG C 501 -21.80 -29.61 -2.60
N ASP C 502 -21.75 -30.42 -3.66
CA ASP C 502 -22.88 -31.28 -4.03
C ASP C 502 -23.16 -32.42 -3.04
N GLN C 503 -22.27 -32.65 -2.08
CA GLN C 503 -22.54 -33.69 -1.07
C GLN C 503 -23.38 -33.16 0.10
N ILE C 504 -23.62 -31.85 0.12
CA ILE C 504 -24.35 -31.22 1.22
C ILE C 504 -25.59 -30.49 0.70
N LYS C 505 -26.77 -30.81 1.23
CA LYS C 505 -27.98 -30.06 0.89
C LYS C 505 -28.74 -29.57 2.11
N THR C 506 -28.94 -28.26 2.18
CA THR C 506 -29.49 -27.62 3.35
C THR C 506 -30.85 -27.00 3.09
N LYS C 507 -31.65 -26.91 4.16
CA LYS C 507 -32.95 -26.24 4.11
C LYS C 507 -32.80 -24.73 4.10
N LYS C 508 -33.58 -24.10 3.23
CA LYS C 508 -33.54 -22.64 3.08
C LYS C 508 -34.31 -21.96 4.23
N ILE C 509 -35.40 -22.59 4.64
CA ILE C 509 -36.19 -22.18 5.77
C ILE C 509 -36.64 -23.46 6.47
N TRP C 510 -37.11 -23.30 7.70
CA TRP C 510 -37.57 -24.44 8.51
C TRP C 510 -38.90 -24.97 8.03
N ASP C 511 -39.11 -26.26 8.21
CA ASP C 511 -40.44 -26.87 8.10
C ASP C 511 -41.14 -26.75 9.44
N ARG C 512 -42.43 -26.43 9.40
CA ARG C 512 -43.25 -26.28 10.59
C ARG C 512 -43.35 -27.56 11.42
N ASN C 513 -43.22 -28.70 10.78
CA ASN C 513 -43.30 -29.97 11.49
C ASN C 513 -41.94 -30.61 11.76
N ASP C 514 -40.87 -29.81 11.74
CA ASP C 514 -39.53 -30.32 12.01
C ASP C 514 -39.43 -30.94 13.40
N PRO C 515 -38.86 -32.16 13.51
CA PRO C 515 -38.70 -32.86 14.80
C PRO C 515 -37.89 -32.08 15.85
N PHE C 516 -37.16 -31.07 15.41
CA PHE C 516 -36.29 -30.30 16.30
C PHE C 516 -37.10 -29.57 17.37
N PHE C 517 -38.19 -28.93 16.97
CA PHE C 517 -39.06 -28.29 17.94
C PHE C 517 -40.41 -28.95 18.04
N ALA C 518 -40.54 -30.18 17.55
CA ALA C 518 -41.83 -30.90 17.62
C ALA C 518 -42.38 -31.13 19.04
N PRO C 519 -41.51 -31.36 20.04
CA PRO C 519 -42.05 -31.44 21.42
C PRO C 519 -42.65 -30.11 21.94
N THR C 520 -42.12 -28.99 21.49
CA THR C 520 -42.69 -27.67 21.81
C THR C 520 -44.04 -27.49 21.10
N VAL C 521 -44.12 -27.88 19.83
CA VAL C 521 -45.41 -27.95 19.14
C VAL C 521 -46.42 -28.81 19.94
N GLU C 522 -45.94 -29.88 20.55
CA GLU C 522 -46.79 -30.74 21.38
C GLU C 522 -47.34 -30.00 22.60
N MET C 523 -46.42 -29.43 23.40
CA MET C 523 -46.77 -28.58 24.55
C MET C 523 -47.83 -27.58 24.13
N ALA C 524 -47.56 -26.84 23.06
CA ALA C 524 -48.46 -25.79 22.58
C ALA C 524 -49.89 -26.29 22.33
N LYS C 525 -50.04 -27.45 21.67
CA LYS C 525 -51.36 -28.04 21.47
C LYS C 525 -52.10 -28.51 22.73
N LYS C 526 -51.36 -28.87 23.78
CA LYS C 526 -51.96 -29.07 25.11
C LYS C 526 -52.55 -27.75 25.64
N ASP C 527 -51.86 -26.65 25.41
CA ASP C 527 -52.37 -25.35 25.82
C ASP C 527 -53.47 -24.83 24.89
N GLY C 528 -53.78 -25.60 23.85
CA GLY C 528 -54.77 -25.24 22.84
C GLY C 528 -54.25 -24.23 21.83
N ILE C 529 -52.93 -24.13 21.72
CA ILE C 529 -52.30 -23.09 20.91
C ILE C 529 -52.07 -23.55 19.46
N ASN C 530 -52.55 -22.72 18.52
CA ASN C 530 -52.08 -22.76 17.13
C ASN C 530 -50.84 -21.87 16.97
N LEU C 531 -49.66 -22.50 16.91
CA LEU C 531 -48.41 -21.76 16.88
C LEU C 531 -48.29 -20.81 15.69
N ASP C 532 -48.87 -21.20 14.57
CA ASP C 532 -48.78 -20.42 13.32
C ASP C 532 -49.52 -19.08 13.40
N THR C 533 -50.57 -19.04 14.20
CA THR C 533 -51.46 -17.87 14.24
C THR C 533 -51.50 -17.17 15.61
N ASP C 534 -51.25 -17.90 16.70
CA ASP C 534 -51.63 -17.43 18.06
C ASP C 534 -50.69 -16.47 18.81
N ASN C 535 -51.32 -15.51 19.46
CA ASN C 535 -50.64 -14.55 20.32
C ASN C 535 -51.34 -14.54 21.69
N LYS C 536 -51.07 -15.56 22.50
CA LYS C 536 -51.80 -15.78 23.75
C LYS C 536 -50.89 -15.81 24.98
N VAL C 537 -51.45 -15.41 26.11
CA VAL C 537 -50.78 -15.53 27.42
C VAL C 537 -51.55 -16.51 28.33
N ILE C 538 -51.01 -17.70 28.53
CA ILE C 538 -51.65 -18.72 29.36
C ILE C 538 -51.06 -18.66 30.77
N ARG C 539 -51.93 -18.61 31.78
CA ARG C 539 -51.48 -18.52 33.17
C ARG C 539 -51.93 -19.74 33.96
N ASP C 540 -51.08 -20.18 34.89
CA ASP C 540 -51.37 -21.32 35.73
C ASP C 540 -50.59 -21.25 37.04
N GLY C 541 -51.25 -20.80 38.10
CA GLY C 541 -50.56 -20.51 39.37
C GLY C 541 -49.48 -19.46 39.20
N ASN C 542 -48.23 -19.86 39.41
CA ASN C 542 -47.07 -18.97 39.25
C ASN C 542 -46.27 -19.33 38.01
N LYS C 543 -46.95 -19.90 37.03
CA LYS C 543 -46.39 -20.20 35.73
C LYS C 543 -47.09 -19.41 34.64
N VAL C 544 -46.30 -18.84 33.73
CA VAL C 544 -46.82 -18.08 32.62
C VAL C 544 -46.22 -18.61 31.33
N ARG C 545 -47.07 -18.84 30.32
CA ARG C 545 -46.64 -19.32 29.03
C ARG C 545 -47.12 -18.36 27.95
N VAL C 546 -46.18 -17.56 27.45
CA VAL C 546 -46.45 -16.59 26.42
C VAL C 546 -46.22 -17.27 25.08
N TYR C 547 -47.25 -17.28 24.24
CA TYR C 547 -47.10 -17.75 22.88
C TYR C 547 -47.25 -16.55 21.96
N MET C 548 -46.26 -16.33 21.11
CA MET C 548 -46.40 -15.29 20.08
C MET C 548 -45.82 -15.67 18.72
N THR C 549 -46.38 -15.08 17.67
CA THR C 549 -45.77 -15.05 16.35
C THR C 549 -44.89 -13.80 16.24
N SER C 550 -44.02 -13.78 15.24
CA SER C 550 -43.18 -12.62 15.02
C SER C 550 -42.91 -12.46 13.54
N MET C 551 -42.96 -11.21 13.09
CA MET C 551 -42.87 -10.86 11.70
C MET C 551 -42.30 -9.42 11.69
N ALA C 552 -41.14 -9.26 11.05
CA ALA C 552 -40.37 -8.02 11.14
C ALA C 552 -41.22 -6.83 10.71
N PRO C 553 -41.17 -5.73 11.45
CA PRO C 553 -40.34 -5.54 12.64
C PRO C 553 -41.17 -5.55 13.95
N ALA C 554 -42.09 -6.51 14.09
CA ALA C 554 -42.95 -6.61 15.30
C ALA C 554 -43.10 -8.01 15.93
N PHE C 555 -43.03 -8.03 17.25
CA PHE C 555 -43.42 -9.20 18.01
C PHE C 555 -44.94 -9.21 18.06
N GLY C 556 -45.54 -10.40 17.99
CA GLY C 556 -47.01 -10.53 18.06
C GLY C 556 -47.65 -10.25 19.42
N VAL C 557 -46.85 -10.40 20.48
CA VAL C 557 -47.22 -10.03 21.84
C VAL C 557 -46.20 -8.99 22.29
N GLN C 558 -46.62 -7.73 22.39
CA GLN C 558 -45.71 -6.61 22.65
C GLN C 558 -45.74 -6.15 24.11
N GLU C 559 -46.58 -6.81 24.90
CA GLU C 559 -46.71 -6.54 26.34
C GLU C 559 -47.39 -7.73 27.06
N PHE C 560 -46.90 -8.04 28.25
CA PHE C 560 -47.63 -8.92 29.16
C PHE C 560 -47.21 -8.59 30.59
N THR C 561 -48.10 -8.91 31.54
CA THR C 561 -47.87 -8.64 32.95
C THR C 561 -47.81 -9.95 33.72
N VAL C 562 -46.88 -10.04 34.66
CA VAL C 562 -46.71 -11.23 35.50
C VAL C 562 -46.56 -10.81 36.97
N LYS C 563 -46.63 -11.79 37.86
CA LYS C 563 -46.35 -11.59 39.28
C LYS C 563 -44.88 -11.84 39.53
N GLN C 564 -44.30 -11.05 40.42
CA GLN C 564 -42.94 -11.28 40.85
C GLN C 564 -42.77 -12.74 41.23
N GLY C 565 -41.70 -13.37 40.72
CA GLY C 565 -41.39 -14.75 41.06
C GLY C 565 -42.02 -15.81 40.16
N ASP C 566 -42.93 -15.39 39.27
CA ASP C 566 -43.53 -16.29 38.29
C ASP C 566 -42.46 -16.89 37.39
N GLU C 567 -42.66 -18.13 36.97
CA GLU C 567 -41.79 -18.74 35.99
C GLU C 567 -42.40 -18.53 34.61
N VAL C 568 -41.65 -17.85 33.76
CA VAL C 568 -42.18 -17.35 32.49
C VAL C 568 -41.52 -18.13 31.34
N THR C 569 -42.33 -18.84 30.56
CA THR C 569 -41.86 -19.51 29.36
C THR C 569 -42.38 -18.71 28.16
N VAL C 570 -41.47 -18.31 27.27
CA VAL C 570 -41.81 -17.56 26.07
C VAL C 570 -41.52 -18.38 24.82
N THR C 571 -42.59 -18.65 24.07
CA THR C 571 -42.53 -19.43 22.86
C THR C 571 -42.80 -18.50 21.65
N ILE C 572 -41.79 -18.36 20.79
CA ILE C 572 -41.88 -17.49 19.61
C ILE C 572 -41.85 -18.32 18.32
N THR C 573 -42.80 -18.04 17.43
CA THR C 573 -42.82 -18.64 16.10
C THR C 573 -42.60 -17.53 15.06
N ASN C 574 -41.49 -17.64 14.32
CA ASN C 574 -41.16 -16.71 13.25
C ASN C 574 -41.99 -17.05 12.00
N ILE C 575 -42.97 -16.21 11.68
CA ILE C 575 -43.82 -16.50 10.52
C ILE C 575 -43.39 -15.74 9.26
N ASP C 576 -42.26 -15.03 9.33
CA ASP C 576 -41.65 -14.56 8.08
C ASP C 576 -41.37 -15.75 7.16
N GLN C 577 -41.56 -15.54 5.87
CA GLN C 577 -41.31 -16.56 4.86
C GLN C 577 -40.00 -16.34 4.07
N ILE C 578 -39.50 -15.10 4.06
CA ILE C 578 -38.30 -14.72 3.30
C ILE C 578 -37.05 -15.27 3.97
N GLU C 579 -36.19 -15.93 3.20
CA GLU C 579 -34.90 -16.43 3.68
C GLU C 579 -34.08 -15.33 4.33
N ASP C 580 -33.36 -15.70 5.39
CA ASP C 580 -32.39 -14.80 6.04
C ASP C 580 -33.01 -13.77 6.98
N VAL C 581 -34.35 -13.74 7.08
CA VAL C 581 -35.03 -12.84 8.02
C VAL C 581 -35.27 -13.57 9.36
N SER C 582 -34.17 -13.82 10.08
CA SER C 582 -34.17 -14.32 11.45
C SER C 582 -34.51 -13.20 12.41
N HIS C 583 -35.19 -13.57 13.50
CA HIS C 583 -35.35 -12.69 14.65
C HIS C 583 -34.62 -13.21 15.87
N GLY C 584 -34.44 -12.30 16.82
CA GLY C 584 -33.90 -12.63 18.13
C GLY C 584 -34.88 -12.30 19.22
N PHE C 585 -34.54 -12.67 20.44
CA PHE C 585 -35.35 -12.35 21.60
C PHE C 585 -34.44 -12.28 22.80
N VAL C 586 -34.37 -11.09 23.39
CA VAL C 586 -33.53 -10.88 24.57
C VAL C 586 -34.36 -10.18 25.62
N VAL C 587 -34.30 -10.69 26.85
CA VAL C 587 -34.93 -9.97 27.95
C VAL C 587 -33.85 -9.27 28.75
N VAL C 588 -33.96 -7.96 28.89
CA VAL C 588 -32.88 -7.18 29.46
C VAL C 588 -32.61 -7.50 30.92
N ASN C 589 -31.32 -7.64 31.26
CA ASN C 589 -30.86 -7.96 32.63
C ASN C 589 -31.41 -9.26 33.21
N HIS C 590 -31.85 -10.18 32.34
CA HIS C 590 -32.42 -11.46 32.79
C HIS C 590 -31.64 -12.73 32.36
N GLY C 591 -30.57 -12.56 31.58
CA GLY C 591 -29.76 -13.71 31.15
C GLY C 591 -30.48 -14.56 30.09
N VAL C 592 -31.30 -13.89 29.28
CA VAL C 592 -32.20 -14.59 28.35
C VAL C 592 -31.95 -14.08 26.94
N SER C 593 -31.64 -15.01 26.04
CA SER C 593 -31.24 -14.68 24.68
C SER C 593 -31.49 -15.90 23.77
N MET C 594 -32.18 -15.71 22.63
CA MET C 594 -32.36 -16.82 21.66
C MET C 594 -32.59 -16.37 20.22
N GLU C 595 -32.37 -17.29 19.28
CA GLU C 595 -32.59 -17.07 17.85
C GLU C 595 -33.94 -17.66 17.46
N ILE C 596 -34.62 -17.03 16.50
CA ILE C 596 -35.74 -17.66 15.83
C ILE C 596 -35.63 -17.36 14.36
N SER C 597 -35.26 -18.35 13.58
CA SER C 597 -35.13 -18.20 12.12
C SER C 597 -36.48 -18.42 11.45
N PRO C 598 -36.57 -18.15 10.11
CA PRO C 598 -37.87 -18.27 9.44
C PRO C 598 -38.54 -19.62 9.58
N GLN C 599 -39.79 -19.60 10.04
CA GLN C 599 -40.65 -20.79 10.24
C GLN C 599 -40.22 -21.65 11.43
N GLN C 600 -39.25 -21.17 12.20
CA GLN C 600 -38.82 -21.87 13.42
C GLN C 600 -39.74 -21.52 14.60
N THR C 601 -39.89 -22.49 15.52
CA THR C 601 -40.43 -22.23 16.85
C THR C 601 -39.31 -22.40 17.90
N SER C 602 -39.10 -21.38 18.72
CA SER C 602 -38.13 -21.42 19.83
C SER C 602 -38.80 -21.05 21.13
N SER C 603 -38.31 -21.60 22.24
CA SER C 603 -38.88 -21.31 23.54
C SER C 603 -37.82 -21.22 24.60
N ILE C 604 -38.08 -20.39 25.59
CA ILE C 604 -37.11 -20.14 26.64
C ILE C 604 -37.86 -19.84 27.96
N THR C 605 -37.30 -20.30 29.08
CA THR C 605 -37.94 -20.15 30.37
C THR C 605 -37.00 -19.41 31.32
N PHE C 606 -37.57 -18.55 32.16
CA PHE C 606 -36.80 -17.78 33.15
C PHE C 606 -37.75 -17.34 34.24
N VAL C 607 -37.19 -16.81 35.34
CA VAL C 607 -37.97 -16.37 36.48
C VAL C 607 -38.02 -14.86 36.48
N ALA C 608 -39.22 -14.29 36.50
CA ALA C 608 -39.35 -12.85 36.56
C ALA C 608 -39.17 -12.41 38.01
N ASP C 609 -37.91 -12.37 38.47
CA ASP C 609 -37.59 -12.18 39.88
C ASP C 609 -37.53 -10.70 40.33
N LYS C 610 -37.54 -9.79 39.37
CA LYS C 610 -37.44 -8.34 39.63
C LYS C 610 -38.75 -7.62 39.28
N PRO C 611 -39.32 -6.89 40.24
CA PRO C 611 -40.49 -6.05 39.98
C PRO C 611 -40.17 -4.92 39.00
N GLY C 612 -41.22 -4.39 38.38
CA GLY C 612 -41.11 -3.22 37.53
C GLY C 612 -41.17 -3.56 36.06
N LEU C 613 -40.83 -2.57 35.23
CA LEU C 613 -40.86 -2.73 33.79
C LEU C 613 -39.53 -3.29 33.30
N HIS C 614 -39.59 -4.30 32.45
CA HIS C 614 -38.42 -4.90 31.85
C HIS C 614 -38.58 -5.11 30.35
N TRP C 615 -37.69 -4.50 29.59
CA TRP C 615 -37.78 -4.53 28.15
C TRP C 615 -37.25 -5.82 27.54
N TYR C 616 -37.86 -6.23 26.44
CA TYR C 616 -37.30 -7.26 25.60
C TYR C 616 -37.25 -6.76 24.17
N TYR C 617 -36.23 -7.19 23.43
CA TYR C 617 -36.00 -6.65 22.08
C TYR C 617 -35.55 -7.75 21.16
N CYS C 618 -35.64 -7.50 19.85
CA CYS C 618 -35.18 -8.46 18.87
C CYS C 618 -33.69 -8.25 18.68
N SER C 619 -32.93 -9.33 18.80
CA SER C 619 -31.47 -9.23 18.70
C SER C 619 -30.92 -9.36 17.28
N TRP C 620 -31.65 -10.01 16.38
CA TRP C 620 -31.16 -10.20 15.01
C TRP C 620 -31.63 -9.10 14.09
N PHE C 621 -30.67 -8.40 13.46
CA PHE C 621 -31.02 -7.26 12.61
C PHE C 621 -31.89 -7.78 11.47
N CYS C 622 -33.12 -7.29 11.40
CA CYS C 622 -34.15 -7.95 10.61
C CYS C 622 -34.93 -7.05 9.66
N HIS C 623 -34.77 -5.72 9.83
CA HIS C 623 -35.65 -4.74 9.20
C HIS C 623 -35.08 -3.34 9.51
N ALA C 624 -35.47 -2.35 8.71
CA ALA C 624 -35.09 -0.95 8.93
C ALA C 624 -35.50 -0.49 10.33
N LEU C 625 -36.54 -1.12 10.86
CA LEU C 625 -37.12 -0.77 12.16
C LEU C 625 -36.80 -1.80 13.23
N HIS C 626 -35.70 -2.51 13.02
CA HIS C 626 -35.14 -3.44 13.99
C HIS C 626 -35.07 -2.88 15.41
N MET C 627 -34.49 -1.67 15.56
CA MET C 627 -34.30 -1.03 16.86
C MET C 627 -35.63 -0.89 17.59
N GLU C 628 -36.71 -0.76 16.81
CA GLU C 628 -38.06 -0.55 17.34
C GLU C 628 -38.82 -1.86 17.55
N MET C 629 -38.18 -3.00 17.25
CA MET C 629 -38.81 -4.30 17.51
C MET C 629 -38.55 -4.68 18.97
N VAL C 630 -39.43 -4.20 19.84
CA VAL C 630 -39.31 -4.37 21.28
C VAL C 630 -40.67 -4.70 21.88
N GLY C 631 -40.67 -5.02 23.17
CA GLY C 631 -41.92 -5.23 23.95
C GLY C 631 -41.62 -5.00 25.42
N ARG C 632 -42.65 -5.06 26.29
CA ARG C 632 -42.46 -4.88 27.74
C ARG C 632 -43.02 -6.01 28.59
N MET C 633 -42.20 -6.51 29.51
CA MET C 633 -42.66 -7.37 30.57
C MET C 633 -42.84 -6.56 31.84
N MET C 634 -44.05 -6.59 32.40
CA MET C 634 -44.35 -5.81 33.59
C MET C 634 -44.51 -6.76 34.76
N VAL C 635 -43.72 -6.52 35.79
CA VAL C 635 -43.67 -7.42 36.94
C VAL C 635 -44.24 -6.70 38.16
N GLU C 636 -45.35 -7.25 38.67
CA GLU C 636 -46.01 -6.71 39.85
C GLU C 636 -45.15 -6.93 41.09
N PRO C 637 -45.21 -6.01 42.06
CA PRO C 637 -44.36 -6.14 43.25
C PRO C 637 -44.67 -7.38 44.07
N ALA C 638 -43.65 -7.86 44.79
CA ALA C 638 -43.83 -8.80 45.89
C ALA C 638 -44.89 -8.28 46.83
N GLN D 51 -1.93 11.12 -10.98
CA GLN D 51 -2.12 12.28 -10.05
C GLN D 51 -3.52 12.88 -10.19
N ALA D 52 -3.95 13.16 -11.42
CA ALA D 52 -5.34 13.51 -11.66
C ALA D 52 -6.26 12.37 -11.19
N VAL D 53 -5.88 11.15 -11.56
CA VAL D 53 -6.68 9.95 -11.30
C VAL D 53 -5.88 9.01 -10.42
N LYS D 54 -6.43 8.69 -9.25
CA LYS D 54 -5.79 7.73 -8.35
C LYS D 54 -6.60 6.45 -8.29
N GLU D 55 -5.93 5.34 -8.56
CA GLU D 55 -6.53 4.02 -8.52
C GLU D 55 -6.65 3.48 -7.10
N SER D 56 -7.64 2.62 -6.87
CA SER D 56 -7.70 1.82 -5.67
C SER D 56 -7.12 0.46 -6.02
N LYS D 57 -5.85 0.25 -5.68
CA LYS D 57 -5.16 -0.96 -6.11
C LYS D 57 -4.35 -1.64 -4.99
N GLN D 58 -4.67 -1.32 -3.74
CA GLN D 58 -4.01 -1.95 -2.60
C GLN D 58 -4.03 -3.48 -2.63
N LYS D 59 -2.91 -4.08 -2.20
CA LYS D 59 -2.87 -5.34 -1.43
C LYS D 59 -3.91 -6.43 -1.64
N ILE D 60 -4.58 -6.71 -0.53
CA ILE D 60 -5.59 -7.77 -0.30
C ILE D 60 -5.05 -9.14 0.11
N HIS D 61 -4.15 -9.75 -0.64
CA HIS D 61 -3.71 -11.11 -0.29
C HIS D 61 -2.49 -11.14 0.64
N VAL D 62 -2.61 -11.83 1.78
CA VAL D 62 -1.51 -11.94 2.73
C VAL D 62 -1.00 -13.38 2.68
N GLY D 63 0.14 -13.58 2.02
CA GLY D 63 0.65 -14.90 1.73
C GLY D 63 1.21 -15.59 2.96
N PRO D 64 1.32 -16.93 2.91
CA PRO D 64 1.92 -17.68 4.01
C PRO D 64 3.26 -17.11 4.38
N GLY D 65 3.41 -16.68 5.63
CA GLY D 65 4.67 -16.11 6.10
C GLY D 65 4.65 -14.59 6.20
N GLU D 66 3.74 -13.96 5.45
CA GLU D 66 3.55 -12.51 5.52
C GLU D 66 2.53 -12.17 6.60
N LEU D 67 2.57 -10.93 7.07
CA LEU D 67 1.71 -10.49 8.15
C LEU D 67 0.72 -9.43 7.66
N ASP D 68 -0.37 -9.29 8.39
CA ASP D 68 -1.39 -8.31 8.07
C ASP D 68 -0.87 -6.92 8.44
N ASP D 69 -1.54 -5.90 7.91
CA ASP D 69 -1.11 -4.50 8.10
C ASP D 69 -1.84 -3.78 9.22
N TYR D 70 -3.04 -4.26 9.53
CA TYR D 70 -3.88 -3.68 10.57
C TYR D 70 -4.39 -4.79 11.48
N TYR D 71 -4.67 -4.41 12.72
CA TYR D 71 -5.53 -5.21 13.57
C TYR D 71 -6.95 -4.72 13.35
N GLY D 72 -7.90 -5.67 13.30
CA GLY D 72 -9.32 -5.35 13.39
C GLY D 72 -9.94 -5.89 14.68
N PHE D 73 -10.76 -5.08 15.34
CA PHE D 73 -11.46 -5.57 16.50
C PHE D 73 -12.95 -5.53 16.20
N TRP D 74 -13.52 -6.72 16.01
CA TRP D 74 -14.92 -6.90 15.66
C TRP D 74 -15.72 -7.12 16.92
N SER D 75 -16.92 -6.53 17.02
CA SER D 75 -17.87 -6.93 18.04
C SER D 75 -18.41 -8.33 17.72
N GLY D 76 -18.63 -9.14 18.74
CA GLY D 76 -19.25 -10.45 18.55
C GLY D 76 -20.76 -10.46 18.48
N GLY D 77 -21.39 -9.28 18.54
CA GLY D 77 -22.83 -9.16 18.50
C GLY D 77 -23.52 -9.85 19.68
N HIS D 78 -24.58 -10.58 19.37
CA HIS D 78 -25.29 -11.33 20.41
C HIS D 78 -24.63 -12.63 20.79
N GLN D 79 -23.45 -12.90 20.21
CA GLN D 79 -22.64 -14.05 20.67
C GLN D 79 -21.76 -13.66 21.88
N GLY D 80 -21.55 -12.35 22.06
CA GLY D 80 -20.97 -11.81 23.30
C GLY D 80 -19.47 -11.57 23.41
N GLU D 81 -18.69 -12.05 22.44
CA GLU D 81 -17.23 -11.90 22.49
C GLU D 81 -16.71 -10.72 21.66
N VAL D 82 -15.41 -10.48 21.78
CA VAL D 82 -14.67 -9.62 20.86
C VAL D 82 -13.72 -10.49 20.03
N ARG D 83 -13.66 -10.22 18.73
CA ARG D 83 -12.82 -10.98 17.81
C ARG D 83 -11.72 -10.07 17.26
N VAL D 84 -10.51 -10.62 17.21
CA VAL D 84 -9.35 -9.94 16.65
C VAL D 84 -9.13 -10.48 15.25
N LEU D 85 -9.12 -9.58 14.26
CA LEU D 85 -8.82 -9.98 12.89
C LEU D 85 -7.52 -9.34 12.37
N GLY D 86 -6.94 -9.93 11.33
CA GLY D 86 -5.89 -9.30 10.57
C GLY D 86 -6.52 -8.64 9.34
N VAL D 87 -6.10 -7.41 9.04
CA VAL D 87 -6.55 -6.71 7.82
C VAL D 87 -5.29 -6.44 6.99
N PRO D 88 -5.33 -6.72 5.67
CA PRO D 88 -6.51 -7.02 4.87
C PRO D 88 -6.92 -8.48 4.68
N SER D 89 -6.28 -9.45 5.33
CA SER D 89 -6.68 -10.82 5.07
C SER D 89 -8.10 -11.14 5.59
N MET D 90 -8.55 -10.44 6.63
CA MET D 90 -9.89 -10.63 7.25
C MET D 90 -10.01 -11.99 7.95
N ARG D 91 -8.86 -12.56 8.28
CA ARG D 91 -8.75 -13.78 9.04
C ARG D 91 -8.88 -13.46 10.52
N GLU D 92 -9.50 -14.37 11.27
CA GLU D 92 -9.70 -14.21 12.69
C GLU D 92 -8.52 -14.79 13.45
N LEU D 93 -7.75 -13.92 14.10
CA LEU D 93 -6.54 -14.33 14.78
C LEU D 93 -6.78 -14.81 16.20
N MET D 94 -7.80 -14.26 16.86
CA MET D 94 -8.03 -14.54 18.28
C MET D 94 -9.46 -14.18 18.65
N ARG D 95 -9.97 -14.86 19.68
CA ARG D 95 -11.28 -14.53 20.25
C ARG D 95 -11.05 -14.19 21.69
N ILE D 96 -11.60 -13.06 22.10
CA ILE D 96 -11.50 -12.58 23.47
C ILE D 96 -12.87 -12.70 24.14
N PRO D 97 -13.03 -13.68 25.03
CA PRO D 97 -14.33 -13.78 25.69
C PRO D 97 -14.60 -12.58 26.60
N VAL D 98 -15.86 -12.13 26.60
CA VAL D 98 -16.26 -10.97 27.38
C VAL D 98 -17.56 -11.32 28.12
N PHE D 99 -18.66 -11.40 27.38
CA PHE D 99 -19.96 -11.64 27.97
C PHE D 99 -20.44 -13.09 27.76
N ASN D 100 -19.80 -13.79 26.81
CA ASN D 100 -19.96 -15.22 26.60
C ASN D 100 -19.19 -16.03 27.63
N VAL D 101 -19.61 -17.28 27.82
CA VAL D 101 -18.84 -18.25 28.59
C VAL D 101 -17.99 -19.04 27.62
N ASP D 102 -16.68 -18.99 27.80
CA ASP D 102 -15.78 -19.68 26.89
C ASP D 102 -15.22 -20.94 27.51
N SER D 103 -15.60 -22.07 26.91
CA SER D 103 -15.16 -23.37 27.35
C SER D 103 -13.64 -23.54 27.29
N ALA D 104 -13.00 -22.94 26.28
CA ALA D 104 -11.60 -23.20 26.03
C ALA D 104 -10.73 -22.55 27.08
N THR D 105 -10.88 -21.24 27.29
CA THR D 105 -10.03 -20.55 28.24
C THR D 105 -10.59 -20.62 29.65
N GLY D 106 -11.86 -20.92 29.77
CA GLY D 106 -12.48 -20.99 31.08
C GLY D 106 -13.08 -19.68 31.53
N TRP D 107 -13.07 -18.66 30.67
CA TRP D 107 -13.77 -17.40 30.95
C TRP D 107 -15.27 -17.58 31.27
N GLY D 108 -15.62 -17.24 32.52
CA GLY D 108 -16.96 -17.47 33.06
C GLY D 108 -17.00 -18.69 33.99
N LEU D 109 -15.87 -19.40 34.10
CA LEU D 109 -15.73 -20.57 35.00
C LEU D 109 -14.60 -20.41 36.00
N THR D 110 -13.49 -19.81 35.55
CA THR D 110 -12.35 -19.55 36.43
C THR D 110 -12.70 -18.54 37.51
N ASN D 111 -11.99 -18.62 38.64
CA ASN D 111 -12.21 -17.63 39.68
C ASN D 111 -11.82 -16.23 39.24
N GLU D 112 -10.77 -16.11 38.42
CA GLU D 112 -10.31 -14.80 37.99
C GLU D 112 -11.36 -14.08 37.15
N SER D 113 -11.97 -14.82 36.22
CA SER D 113 -12.91 -14.25 35.29
C SER D 113 -14.21 -13.90 36.03
N ARG D 114 -14.66 -14.78 36.93
CA ARG D 114 -15.88 -14.50 37.73
C ARG D 114 -15.75 -13.31 38.70
N HIS D 115 -14.58 -13.15 39.29
CA HIS D 115 -14.25 -11.96 40.06
C HIS D 115 -14.33 -10.65 39.19
N ILE D 116 -13.86 -10.72 37.95
CA ILE D 116 -13.99 -9.59 37.04
C ILE D 116 -15.47 -9.31 36.68
N MET D 117 -16.23 -10.37 36.40
CA MET D 117 -17.63 -10.22 36.01
C MET D 117 -18.53 -9.83 37.17
N GLY D 118 -18.11 -10.17 38.39
CA GLY D 118 -18.87 -9.83 39.59
C GLY D 118 -20.13 -10.65 39.65
N ASP D 119 -21.21 -10.05 40.15
CA ASP D 119 -22.50 -10.71 40.22
C ASP D 119 -23.04 -11.09 38.85
N SER D 120 -22.67 -10.32 37.81
CA SER D 120 -23.08 -10.61 36.43
C SER D 120 -22.48 -11.92 35.85
N ALA D 121 -21.55 -12.53 36.58
CA ALA D 121 -21.03 -13.86 36.21
C ALA D 121 -22.17 -14.86 36.06
N LYS D 122 -23.30 -14.56 36.71
CA LYS D 122 -24.46 -15.43 36.65
C LYS D 122 -25.11 -15.47 35.25
N PHE D 123 -24.85 -14.46 34.42
CA PHE D 123 -25.39 -14.49 33.06
C PHE D 123 -24.47 -15.19 32.08
N LEU D 124 -25.07 -15.92 31.14
CA LEU D 124 -24.31 -16.64 30.14
C LEU D 124 -24.39 -15.96 28.76
N ASN D 125 -24.98 -14.76 28.72
CA ASN D 125 -25.15 -14.06 27.45
C ASN D 125 -24.70 -12.62 27.47
N GLY D 126 -24.51 -12.07 26.29
CA GLY D 126 -24.23 -10.67 26.10
C GLY D 126 -24.66 -10.24 24.72
N ASP D 127 -24.63 -8.94 24.49
CA ASP D 127 -24.97 -8.40 23.19
C ASP D 127 -24.15 -7.15 22.97
N CYS D 128 -22.99 -7.33 22.35
CA CYS D 128 -22.05 -6.22 22.18
C CYS D 128 -22.05 -5.70 20.75
N HIS D 129 -21.89 -4.39 20.61
CA HIS D 129 -22.07 -3.70 19.35
C HIS D 129 -20.87 -2.86 18.94
N HIS D 130 -20.27 -2.20 19.91
CA HIS D 130 -19.46 -1.01 19.67
C HIS D 130 -18.11 -1.07 20.34
N PRO D 131 -17.10 -1.63 19.63
CA PRO D 131 -15.75 -1.71 20.17
C PRO D 131 -14.96 -0.44 19.84
N HIS D 132 -14.28 0.12 20.85
CA HIS D 132 -13.47 1.32 20.68
C HIS D 132 -12.14 1.29 21.45
N ILE D 133 -11.11 1.90 20.86
CA ILE D 133 -9.76 1.90 21.43
C ILE D 133 -9.44 3.24 22.11
N SER D 134 -8.86 3.18 23.31
CA SER D 134 -8.53 4.39 24.04
C SER D 134 -7.58 5.25 23.21
N MET D 135 -7.71 6.55 23.41
CA MET D 135 -7.02 7.54 22.61
C MET D 135 -6.31 8.56 23.48
N THR D 136 -5.19 9.07 22.97
CA THR D 136 -4.47 10.18 23.57
C THR D 136 -4.27 11.21 22.45
N ASP D 137 -4.47 12.48 22.78
CA ASP D 137 -4.27 13.56 21.83
C ASP D 137 -4.96 13.22 20.50
N GLY D 138 -6.08 12.51 20.59
CA GLY D 138 -6.92 12.23 19.42
C GLY D 138 -6.39 11.17 18.49
N LYS D 139 -5.50 10.32 19.02
CA LYS D 139 -4.92 9.21 18.27
C LYS D 139 -5.04 7.97 19.14
N TYR D 140 -5.25 6.80 18.52
CA TYR D 140 -5.26 5.57 19.30
C TYR D 140 -3.95 5.47 20.11
N ASP D 141 -4.04 5.07 21.37
CA ASP D 141 -2.84 4.87 22.18
C ASP D 141 -2.64 3.38 22.46
N GLY D 142 -3.63 2.58 22.06
CA GLY D 142 -3.55 1.12 22.09
C GLY D 142 -3.54 0.45 23.46
N LYS D 143 -3.96 1.19 24.50
CA LYS D 143 -3.94 0.63 25.85
C LYS D 143 -5.14 -0.27 26.15
N TYR D 144 -6.34 0.21 25.83
CA TYR D 144 -7.61 -0.42 26.20
C TYR D 144 -8.58 -0.45 25.04
N LEU D 145 -9.38 -1.53 24.97
CA LEU D 145 -10.59 -1.54 24.16
C LEU D 145 -11.83 -1.64 25.08
N PHE D 146 -12.90 -0.92 24.75
CA PHE D 146 -14.15 -0.96 25.51
C PHE D 146 -15.29 -1.35 24.61
N ILE D 147 -16.30 -1.99 25.20
CA ILE D 147 -17.42 -2.50 24.45
C ILE D 147 -18.67 -2.62 25.35
N ASN D 148 -19.84 -2.56 24.72
CA ASN D 148 -21.09 -2.53 25.45
C ASN D 148 -21.69 -3.91 25.52
N ASP D 149 -22.69 -4.05 26.39
CA ASP D 149 -23.56 -5.21 26.44
C ASP D 149 -24.98 -4.68 26.57
N LYS D 150 -25.71 -4.80 25.48
CA LYS D 150 -27.09 -4.36 25.46
C LYS D 150 -27.97 -5.34 26.23
N ALA D 151 -27.59 -6.61 26.31
CA ALA D 151 -28.45 -7.61 26.97
C ALA D 151 -28.52 -7.44 28.48
N ASN D 152 -27.36 -7.41 29.12
CA ASN D 152 -27.35 -7.24 30.58
C ASN D 152 -26.73 -5.93 31.08
N SER D 153 -26.83 -4.89 30.25
CA SER D 153 -26.57 -3.49 30.66
C SER D 153 -25.18 -3.26 31.30
N ARG D 154 -24.13 -3.68 30.59
CA ARG D 154 -22.77 -3.61 31.11
C ARG D 154 -21.83 -2.86 30.17
N VAL D 155 -20.68 -2.47 30.72
CA VAL D 155 -19.55 -2.01 29.94
C VAL D 155 -18.34 -2.88 30.28
N ALA D 156 -17.62 -3.36 29.27
CA ALA D 156 -16.38 -4.12 29.52
C ALA D 156 -15.17 -3.43 28.93
N ARG D 157 -14.01 -3.70 29.54
CA ARG D 157 -12.74 -3.16 29.13
C ARG D 157 -11.81 -4.34 28.86
N ILE D 158 -11.10 -4.26 27.72
CA ILE D 158 -10.08 -5.24 27.35
C ILE D 158 -8.73 -4.55 27.38
N ARG D 159 -7.76 -5.18 28.03
CA ARG D 159 -6.38 -4.71 27.98
C ARG D 159 -5.76 -5.26 26.71
N LEU D 160 -5.27 -4.36 25.86
CA LEU D 160 -4.75 -4.79 24.57
C LEU D 160 -3.35 -5.36 24.64
N ASP D 161 -2.71 -5.31 25.79
CA ASP D 161 -1.39 -5.93 25.91
C ASP D 161 -1.53 -7.43 26.08
N ILE D 162 -2.54 -7.89 26.81
CA ILE D 162 -2.73 -9.32 27.03
C ILE D 162 -3.91 -9.89 26.24
N MET D 163 -4.71 -8.99 25.66
CA MET D 163 -5.92 -9.35 24.91
C MET D 163 -6.92 -10.16 25.75
N LYS D 164 -7.22 -9.63 26.95
CA LYS D 164 -8.22 -10.19 27.85
C LYS D 164 -9.06 -9.06 28.40
N CYS D 165 -10.32 -9.37 28.71
CA CYS D 165 -11.17 -8.51 29.50
C CYS D 165 -10.61 -8.44 30.93
N ASP D 166 -10.27 -7.24 31.39
CA ASP D 166 -9.68 -7.12 32.72
C ASP D 166 -10.61 -6.41 33.71
N LYS D 167 -11.64 -5.75 33.18
CA LYS D 167 -12.64 -5.04 33.99
C LYS D 167 -14.01 -5.12 33.35
N MET D 168 -15.06 -5.05 34.19
CA MET D 168 -16.44 -5.04 33.72
C MET D 168 -17.31 -4.32 34.74
N ILE D 169 -18.33 -3.61 34.24
CA ILE D 169 -19.29 -2.96 35.12
C ILE D 169 -20.74 -3.11 34.64
N THR D 170 -21.65 -3.29 35.59
CA THR D 170 -23.07 -3.22 35.33
C THR D 170 -23.49 -1.79 35.63
N VAL D 171 -23.95 -1.07 34.61
CA VAL D 171 -24.30 0.32 34.80
C VAL D 171 -25.58 0.38 35.63
N PRO D 172 -25.55 1.12 36.74
CA PRO D 172 -26.70 1.18 37.68
C PRO D 172 -27.89 2.01 37.16
N ASN D 173 -29.11 1.57 37.49
CA ASN D 173 -30.33 2.34 37.26
C ASN D 173 -30.69 2.59 35.77
N VAL D 174 -30.26 1.67 34.91
CA VAL D 174 -30.58 1.77 33.50
C VAL D 174 -30.93 0.41 32.87
N GLN D 175 -31.45 0.45 31.66
CA GLN D 175 -31.62 -0.77 30.89
C GLN D 175 -31.08 -0.59 29.49
N ALA D 176 -30.24 -1.55 29.10
CA ALA D 176 -29.73 -1.70 27.73
C ALA D 176 -28.65 -0.70 27.34
N ILE D 177 -27.40 -1.07 27.55
CA ILE D 177 -26.28 -0.27 27.11
C ILE D 177 -26.04 -0.56 25.63
N HIS D 178 -26.29 0.44 24.80
CA HIS D 178 -26.20 0.29 23.37
C HIS D 178 -25.02 1.13 22.84
N GLY D 179 -25.29 2.38 22.50
CA GLY D 179 -24.25 3.29 22.00
C GLY D 179 -23.11 3.41 22.99
N LEU D 180 -21.89 3.34 22.48
CA LEU D 180 -20.70 3.55 23.28
C LEU D 180 -19.65 4.21 22.43
N ARG D 181 -18.95 5.19 22.99
CA ARG D 181 -17.76 5.80 22.37
C ARG D 181 -16.96 6.54 23.43
N LEU D 182 -15.73 6.92 23.07
CA LEU D 182 -14.75 7.38 24.01
C LEU D 182 -14.39 8.84 23.78
N GLN D 183 -13.95 9.49 24.86
CA GLN D 183 -13.39 10.82 24.78
C GLN D 183 -12.12 10.76 23.95
N LYS D 184 -11.89 11.80 23.15
CA LYS D 184 -10.75 11.79 22.23
C LYS D 184 -9.57 12.57 22.77
N VAL D 185 -9.86 13.68 23.45
CA VAL D 185 -8.88 14.68 23.83
C VAL D 185 -9.19 15.14 25.27
N PRO D 186 -8.13 15.39 26.09
CA PRO D 186 -6.70 15.12 25.89
C PRO D 186 -6.38 13.63 25.89
N HIS D 187 -7.24 12.84 26.53
CA HIS D 187 -7.24 11.39 26.40
C HIS D 187 -8.63 10.86 26.78
N THR D 188 -8.82 9.54 26.68
CA THR D 188 -10.05 8.89 27.06
C THR D 188 -10.16 8.87 28.58
N LYS D 189 -10.62 9.98 29.14
CA LYS D 189 -10.84 10.09 30.57
C LYS D 189 -12.12 9.30 30.87
N TYR D 190 -13.13 9.54 30.05
CA TYR D 190 -14.43 8.88 30.13
C TYR D 190 -14.76 7.97 28.95
N VAL D 191 -15.46 6.89 29.28
CA VAL D 191 -16.19 6.06 28.33
C VAL D 191 -17.64 6.54 28.39
N PHE D 192 -18.20 6.91 27.25
CA PHE D 192 -19.58 7.38 27.23
C PHE D 192 -20.45 6.23 26.73
N ALA D 193 -21.52 5.94 27.46
CA ALA D 193 -22.37 4.83 27.11
C ALA D 193 -23.85 5.22 27.20
N ASN D 194 -24.64 4.79 26.22
CA ASN D 194 -26.07 5.09 26.13
C ASN D 194 -26.89 3.96 26.72
N ALA D 195 -27.87 4.32 27.53
CA ALA D 195 -28.91 3.38 27.91
C ALA D 195 -30.09 3.64 27.00
N GLU D 196 -30.47 2.63 26.22
CA GLU D 196 -31.44 2.80 25.14
C GLU D 196 -32.88 2.94 25.61
N PHE D 197 -33.24 2.27 26.69
CA PHE D 197 -34.65 2.11 27.03
C PHE D 197 -35.15 2.95 28.23
N ILE D 198 -36.30 3.58 28.03
CA ILE D 198 -36.95 4.38 29.06
C ILE D 198 -37.54 3.46 30.15
N ILE D 199 -37.19 3.74 31.42
CA ILE D 199 -37.71 2.97 32.57
C ILE D 199 -38.18 3.82 33.78
N PRO D 200 -39.05 3.25 34.64
CA PRO D 200 -39.42 3.99 35.86
C PRO D 200 -38.25 4.10 36.83
N HIS D 201 -38.28 5.14 37.66
CA HIS D 201 -37.35 5.31 38.78
C HIS D 201 -38.15 5.79 40.00
N PRO D 202 -38.28 4.92 41.02
CA PRO D 202 -37.69 3.58 41.05
C PRO D 202 -38.43 2.61 40.12
N ASN D 203 -37.72 1.56 39.68
CA ASN D 203 -38.40 0.51 38.92
C ASN D 203 -38.92 -0.58 39.83
N ASP D 204 -39.93 -0.24 40.65
CA ASP D 204 -40.38 -1.11 41.75
C ASP D 204 -41.71 -1.84 41.52
N GLY D 205 -42.30 -1.63 40.34
CA GLY D 205 -43.51 -2.33 39.93
C GLY D 205 -44.78 -1.53 40.21
N LYS D 206 -44.62 -0.31 40.71
CA LYS D 206 -45.76 0.53 41.01
C LYS D 206 -46.20 1.35 39.80
N VAL D 207 -45.24 1.84 39.05
CA VAL D 207 -45.51 2.63 37.87
C VAL D 207 -44.84 1.93 36.70
N PHE D 208 -45.59 1.73 35.63
CA PHE D 208 -45.08 1.16 34.38
C PHE D 208 -45.11 2.17 33.21
N ASP D 209 -45.89 3.22 33.40
CA ASP D 209 -46.14 4.24 32.40
C ASP D 209 -44.85 5.00 32.02
N LEU D 210 -44.56 5.01 30.72
CA LEU D 210 -43.39 5.72 30.20
C LEU D 210 -43.52 7.24 30.29
N GLN D 211 -44.77 7.75 30.32
CA GLN D 211 -45.06 9.20 30.37
C GLN D 211 -44.79 9.85 31.73
N ASP D 212 -44.60 9.02 32.75
CA ASP D 212 -44.45 9.48 34.13
C ASP D 212 -43.22 10.38 34.32
N GLU D 213 -43.36 11.34 35.23
N GLU D 213 -43.38 11.33 35.23
CA GLU D 213 -42.31 12.32 35.55
CA GLU D 213 -42.35 12.30 35.62
C GLU D 213 -40.95 11.66 35.83
C GLU D 213 -40.98 11.66 35.83
N ASN D 214 -40.97 10.51 36.51
CA ASN D 214 -39.74 9.78 36.81
C ASN D 214 -39.46 8.56 35.92
N SER D 215 -40.14 8.48 34.78
CA SER D 215 -39.81 7.52 33.71
C SER D 215 -38.89 8.18 32.68
N TYR D 216 -37.68 7.65 32.55
CA TYR D 216 -36.65 8.18 31.68
C TYR D 216 -35.50 7.19 31.44
N THR D 217 -34.58 7.56 30.56
CA THR D 217 -33.26 6.93 30.53
C THR D 217 -32.15 7.97 30.78
N MET D 218 -30.92 7.48 30.97
CA MET D 218 -29.76 8.33 31.27
C MET D 218 -28.56 8.08 30.34
N TYR D 219 -27.71 9.10 30.20
CA TYR D 219 -26.43 9.00 29.51
C TYR D 219 -25.37 8.70 30.57
N ASN D 220 -24.39 7.85 30.26
CA ASN D 220 -23.46 7.36 31.28
C ASN D 220 -21.98 7.62 30.97
N ALA D 221 -21.27 8.11 31.98
CA ALA D 221 -19.83 8.31 31.88
C ALA D 221 -19.15 7.38 32.85
N ILE D 222 -18.24 6.57 32.32
CA ILE D 222 -17.45 5.67 33.14
C ILE D 222 -16.01 6.15 33.13
N ASP D 223 -15.37 6.16 34.29
CA ASP D 223 -13.97 6.53 34.38
C ASP D 223 -13.25 5.36 33.72
N ALA D 224 -12.51 5.65 32.64
CA ALA D 224 -11.90 4.59 31.82
C ALA D 224 -10.76 3.88 32.54
N GLU D 225 -10.12 4.55 33.50
CA GLU D 225 -9.03 3.93 34.26
C GLU D 225 -9.45 3.03 35.43
N THR D 226 -10.43 3.48 36.21
CA THR D 226 -10.80 2.80 37.45
C THR D 226 -11.95 1.86 37.16
N MET D 227 -12.66 2.12 36.04
CA MET D 227 -13.88 1.41 35.66
C MET D 227 -15.03 1.53 36.69
N GLU D 228 -15.04 2.65 37.44
CA GLU D 228 -16.18 3.03 38.26
C GLU D 228 -17.00 4.02 37.45
N MET D 229 -18.29 4.13 37.76
CA MET D 229 -19.13 5.18 37.20
C MET D 229 -18.58 6.55 37.58
N ALA D 230 -18.64 7.52 36.66
CA ALA D 230 -18.25 8.90 36.99
C ALA D 230 -19.46 9.81 37.19
N PHE D 231 -20.48 9.64 36.34
CA PHE D 231 -21.74 10.40 36.48
C PHE D 231 -22.75 9.92 35.46
N GLN D 232 -24.01 10.32 35.66
CA GLN D 232 -25.09 9.98 34.75
C GLN D 232 -25.95 11.22 34.48
N VAL D 233 -26.38 11.39 33.23
CA VAL D 233 -27.18 12.53 32.85
C VAL D 233 -28.55 12.08 32.35
N ILE D 234 -29.60 12.52 33.05
CA ILE D 234 -30.99 12.23 32.68
C ILE D 234 -31.35 13.01 31.43
N VAL D 235 -32.01 12.35 30.48
CA VAL D 235 -32.40 12.98 29.23
C VAL D 235 -33.86 12.72 28.96
N ASP D 236 -34.42 13.50 28.03
CA ASP D 236 -35.75 13.25 27.50
C ASP D 236 -35.60 12.22 26.39
N GLY D 237 -36.72 11.69 25.90
CA GLY D 237 -36.71 10.70 24.83
C GLY D 237 -35.82 9.52 25.18
N ASN D 238 -35.02 9.05 24.22
CA ASN D 238 -34.07 7.96 24.50
C ASN D 238 -32.70 8.22 23.88
N LEU D 239 -31.86 7.20 23.87
CA LEU D 239 -30.51 7.31 23.36
C LEU D 239 -30.16 6.09 22.50
N ASP D 240 -29.45 6.33 21.39
CA ASP D 240 -29.14 5.27 20.44
C ASP D 240 -27.62 5.13 20.32
N ASN D 241 -27.02 5.98 19.50
CA ASN D 241 -25.57 6.00 19.34
C ASN D 241 -24.99 7.31 19.85
N THR D 242 -23.67 7.37 19.98
CA THR D 242 -22.99 8.51 20.57
C THR D 242 -21.55 8.68 20.04
N ASP D 243 -21.06 9.91 20.05
CA ASP D 243 -19.66 10.20 19.79
C ASP D 243 -19.22 11.47 20.54
N ALA D 244 -17.92 11.69 20.58
CA ALA D 244 -17.33 12.81 21.31
C ALA D 244 -16.60 13.72 20.34
N ASP D 245 -16.29 14.95 20.76
CA ASP D 245 -15.54 15.91 19.97
C ASP D 245 -14.02 15.68 20.11
N TYR D 246 -13.25 16.65 19.63
CA TYR D 246 -11.78 16.64 19.74
C TYR D 246 -11.24 17.67 20.73
N THR D 247 -12.03 18.01 21.75
CA THR D 247 -11.51 18.87 22.83
C THR D 247 -11.76 18.27 24.20
N GLY D 248 -12.77 17.39 24.28
CA GLY D 248 -13.23 16.81 25.54
C GLY D 248 -14.42 17.53 26.15
N ARG D 249 -14.80 18.68 25.58
CA ARG D 249 -15.92 19.44 26.12
C ARG D 249 -17.27 18.82 25.76
N PHE D 250 -17.46 18.48 24.49
CA PHE D 250 -18.77 18.02 24.02
C PHE D 250 -18.81 16.57 23.61
N ALA D 251 -19.97 15.97 23.86
CA ALA D 251 -20.35 14.68 23.32
C ALA D 251 -21.79 14.84 22.83
N ALA D 252 -22.25 13.89 22.02
CA ALA D 252 -23.55 13.96 21.43
C ALA D 252 -24.11 12.55 21.31
N ALA D 253 -25.43 12.44 21.22
CA ALA D 253 -26.09 11.14 21.09
C ALA D 253 -27.34 11.27 20.25
N THR D 254 -27.66 10.25 19.47
CA THR D 254 -28.94 10.27 18.75
C THR D 254 -30.08 9.78 19.62
N CYS D 255 -31.31 10.16 19.27
CA CYS D 255 -32.52 9.73 19.94
C CYS D 255 -33.56 9.43 18.88
N TYR D 256 -34.21 8.28 19.01
CA TYR D 256 -35.25 7.91 18.06
C TYR D 256 -36.63 7.84 18.71
N ASN D 257 -36.70 7.98 20.03
CA ASN D 257 -37.98 7.87 20.75
C ASN D 257 -38.30 9.12 21.58
N SER D 258 -38.31 10.28 20.93
CA SER D 258 -38.61 11.55 21.58
C SER D 258 -40.05 11.50 22.06
N GLU D 259 -40.83 10.65 21.41
CA GLU D 259 -42.23 10.42 21.70
C GLU D 259 -42.50 9.68 23.03
N LYS D 260 -41.48 9.02 23.56
CA LYS D 260 -41.61 8.16 24.78
C LYS D 260 -42.74 7.13 24.62
N ALA D 261 -42.84 6.56 23.43
CA ALA D 261 -43.83 5.56 23.07
C ALA D 261 -43.30 4.15 23.31
N PHE D 262 -44.21 3.16 23.32
CA PHE D 262 -43.80 1.77 23.50
C PHE D 262 -44.06 0.92 22.24
N ASP D 263 -44.70 1.51 21.24
CA ASP D 263 -45.05 0.77 20.04
C ASP D 263 -44.41 1.38 18.78
N LEU D 264 -44.37 0.59 17.72
CA LEU D 264 -43.80 0.98 16.45
C LEU D 264 -44.34 2.34 15.97
N GLY D 265 -45.64 2.38 15.65
CA GLY D 265 -46.31 3.60 15.15
C GLY D 265 -46.07 4.84 15.98
N GLY D 266 -45.96 4.65 17.30
CA GLY D 266 -45.71 5.76 18.21
C GLY D 266 -44.29 6.28 18.19
N MET D 267 -43.30 5.40 18.03
CA MET D 267 -41.89 5.81 18.00
C MET D 267 -41.55 6.58 16.72
N MET D 268 -42.42 6.49 15.71
CA MET D 268 -42.21 7.15 14.42
C MET D 268 -43.12 8.35 14.16
N ARG D 269 -43.76 8.86 15.20
CA ARG D 269 -44.75 9.93 15.07
C ARG D 269 -44.12 11.28 14.77
N ASN D 270 -43.14 11.71 15.57
CA ASN D 270 -42.55 13.01 15.34
C ASN D 270 -41.72 13.01 14.07
N GLU D 271 -41.90 14.04 13.24
CA GLU D 271 -41.16 14.17 12.00
C GLU D 271 -39.66 14.30 12.27
N ARG D 272 -39.33 14.88 13.43
CA ARG D 272 -37.96 14.94 13.90
C ARG D 272 -37.88 14.36 15.31
N ASP D 273 -36.77 13.71 15.62
CA ASP D 273 -36.35 13.47 17.01
C ASP D 273 -35.21 14.46 17.25
N TRP D 274 -34.07 14.02 17.78
CA TRP D 274 -32.94 14.94 17.96
C TRP D 274 -31.59 14.27 18.16
N VAL D 275 -30.52 15.04 17.99
CA VAL D 275 -29.31 14.66 18.71
C VAL D 275 -29.16 15.53 19.94
N VAL D 276 -28.99 14.86 21.07
CA VAL D 276 -28.79 15.57 22.32
C VAL D 276 -27.30 15.79 22.45
N VAL D 277 -26.91 17.03 22.77
CA VAL D 277 -25.51 17.36 22.96
C VAL D 277 -25.24 17.63 24.43
N PHE D 278 -24.07 17.18 24.91
CA PHE D 278 -23.68 17.35 26.31
C PHE D 278 -22.50 18.29 26.45
N ASP D 279 -22.64 19.24 27.37
CA ASP D 279 -21.50 20.01 27.78
C ASP D 279 -20.89 19.26 28.95
N ILE D 280 -19.89 18.42 28.65
CA ILE D 280 -19.22 17.61 29.67
C ILE D 280 -18.51 18.49 30.71
N HIS D 281 -18.06 19.66 30.31
CA HIS D 281 -17.41 20.55 31.25
C HIS D 281 -18.38 21.03 32.33
N ALA D 282 -19.59 21.40 31.91
CA ALA D 282 -20.62 21.86 32.85
C ALA D 282 -21.17 20.72 33.73
N VAL D 283 -21.20 19.50 33.19
CA VAL D 283 -21.53 18.33 34.01
C VAL D 283 -20.45 18.17 35.07
N GLU D 284 -19.19 18.18 34.64
CA GLU D 284 -18.03 18.09 35.55
C GLU D 284 -18.03 19.12 36.68
N ALA D 285 -18.37 20.36 36.35
CA ALA D 285 -18.34 21.43 37.34
C ALA D 285 -19.41 21.25 38.42
N ALA D 286 -20.58 20.77 38.00
CA ALA D 286 -21.68 20.52 38.93
C ALA D 286 -21.41 19.36 39.88
N VAL D 287 -20.73 18.34 39.39
CA VAL D 287 -20.26 17.23 40.22
C VAL D 287 -19.21 17.75 41.25
N LYS D 288 -18.28 18.56 40.75
CA LYS D 288 -17.29 19.26 41.58
C LYS D 288 -17.94 20.00 42.75
N ALA D 289 -18.89 20.88 42.43
CA ALA D 289 -19.65 21.66 43.41
C ALA D 289 -20.64 20.85 44.27
N GLY D 290 -20.89 19.60 43.89
CA GLY D 290 -21.80 18.75 44.64
C GLY D 290 -23.27 19.03 44.35
N ASP D 291 -23.56 19.55 43.16
CA ASP D 291 -24.94 19.77 42.73
C ASP D 291 -25.48 18.58 41.94
N PHE D 292 -25.85 17.53 42.65
CA PHE D 292 -26.36 16.36 42.01
C PHE D 292 -27.29 15.53 42.89
N ILE D 293 -27.85 14.50 42.29
CA ILE D 293 -28.82 13.63 42.92
C ILE D 293 -28.22 12.22 42.86
N THR D 294 -28.68 11.33 43.74
CA THR D 294 -28.38 9.90 43.60
C THR D 294 -29.68 9.12 43.54
N LEU D 295 -29.65 7.97 42.87
CA LEU D 295 -30.83 7.12 42.76
C LEU D 295 -30.54 5.78 43.43
N GLY D 296 -31.42 5.37 44.35
CA GLY D 296 -31.30 4.08 45.04
C GLY D 296 -30.03 4.01 45.88
N ASP D 297 -29.41 2.83 45.91
CA ASP D 297 -28.18 2.60 46.68
C ASP D 297 -26.89 2.99 45.95
N SER D 298 -27.03 3.38 44.68
CA SER D 298 -25.91 3.80 43.84
C SER D 298 -25.49 5.22 44.22
N LYS D 299 -24.20 5.41 44.43
CA LYS D 299 -23.64 6.72 44.79
C LYS D 299 -23.25 7.54 43.56
N THR D 300 -23.60 7.07 42.38
CA THR D 300 -23.23 7.72 41.14
C THR D 300 -23.89 9.08 41.05
N PRO D 301 -23.10 10.16 40.90
CA PRO D 301 -23.67 11.48 40.65
C PRO D 301 -24.63 11.48 39.45
N VAL D 302 -25.86 11.92 39.69
CA VAL D 302 -26.88 11.99 38.66
C VAL D 302 -27.22 13.46 38.44
N LEU D 303 -27.22 13.88 37.19
CA LEU D 303 -27.56 15.25 36.81
C LEU D 303 -28.79 15.22 35.94
N ASP D 304 -29.52 16.32 35.93
CA ASP D 304 -30.74 16.38 35.15
C ASP D 304 -30.55 17.19 33.85
N GLY D 305 -30.55 16.49 32.73
CA GLY D 305 -30.37 17.11 31.41
C GLY D 305 -31.64 17.18 30.60
N ARG D 306 -32.77 16.96 31.24
CA ARG D 306 -34.07 17.13 30.61
C ARG D 306 -34.42 18.61 30.44
N LYS D 307 -35.34 18.89 29.52
CA LYS D 307 -35.99 20.19 29.46
C LYS D 307 -37.07 20.24 30.53
N LYS D 308 -37.25 21.40 31.15
CA LYS D 308 -38.33 21.63 32.12
C LYS D 308 -39.19 22.81 31.65
N ASP D 309 -40.43 22.51 31.28
CA ASP D 309 -41.40 23.51 30.81
C ASP D 309 -40.87 24.41 29.69
N GLY D 310 -40.12 23.82 28.77
CA GLY D 310 -39.63 24.57 27.62
C GLY D 310 -38.24 25.20 27.77
N LYS D 311 -37.67 25.21 28.97
CA LYS D 311 -36.32 25.76 29.13
C LYS D 311 -35.24 24.69 29.28
N ASP D 312 -34.07 24.99 28.71
CA ASP D 312 -32.97 24.04 28.66
C ASP D 312 -32.29 23.81 30.00
N SER D 313 -31.87 22.58 30.22
CA SER D 313 -30.91 22.28 31.25
C SER D 313 -29.58 22.95 30.91
N LYS D 314 -28.76 23.10 31.94
CA LYS D 314 -27.42 23.64 31.81
C LYS D 314 -26.48 22.66 31.09
N PHE D 315 -26.86 21.39 31.06
CA PHE D 315 -25.98 20.30 30.65
C PHE D 315 -26.17 19.83 29.20
N THR D 316 -27.37 20.03 28.67
CA THR D 316 -27.73 19.51 27.36
C THR D 316 -28.36 20.58 26.46
N ARG D 317 -28.32 20.32 25.16
CA ARG D 317 -29.17 21.02 24.20
C ARG D 317 -29.72 19.98 23.24
N TYR D 318 -30.90 20.24 22.72
CA TYR D 318 -31.61 19.29 21.91
C TYR D 318 -31.74 19.84 20.50
N VAL D 319 -31.04 19.19 19.56
CA VAL D 319 -30.96 19.64 18.17
C VAL D 319 -31.88 18.76 17.33
N PRO D 320 -33.04 19.30 16.88
CA PRO D 320 -34.01 18.52 16.12
C PRO D 320 -33.44 17.93 14.83
N VAL D 321 -33.65 16.63 14.68
CA VAL D 321 -33.09 15.87 13.58
C VAL D 321 -34.08 14.80 13.11
N PRO D 322 -34.38 14.78 11.80
CA PRO D 322 -35.19 13.68 11.25
C PRO D 322 -34.32 12.45 10.97
N LYS D 323 -34.88 11.25 11.06
CA LYS D 323 -36.18 10.92 11.67
C LYS D 323 -36.01 9.52 12.23
N ASN D 324 -36.07 9.42 13.56
CA ASN D 324 -35.52 8.29 14.31
C ASN D 324 -34.03 8.12 13.98
N PRO D 325 -33.24 9.21 14.07
CA PRO D 325 -31.82 9.14 13.70
C PRO D 325 -31.09 7.95 14.33
N HIS D 326 -30.04 7.47 13.66
CA HIS D 326 -29.34 6.28 14.12
C HIS D 326 -27.85 6.54 14.44
N GLY D 327 -26.98 6.44 13.42
CA GLY D 327 -25.57 6.71 13.61
C GLY D 327 -25.30 8.10 14.14
N CYS D 328 -24.23 8.21 14.91
CA CYS D 328 -23.77 9.49 15.42
C CYS D 328 -22.25 9.45 15.39
N ASN D 329 -21.66 10.10 14.38
CA ASN D 329 -20.22 10.01 14.10
C ASN D 329 -19.52 11.36 14.01
N THR D 330 -18.38 11.48 14.66
CA THR D 330 -17.58 12.69 14.67
C THR D 330 -16.58 12.66 13.51
N SER D 331 -16.59 13.72 12.69
CA SER D 331 -15.69 13.79 11.53
C SER D 331 -14.26 13.92 11.99
N SER D 332 -13.36 13.35 11.21
CA SER D 332 -11.96 13.27 11.60
C SER D 332 -11.24 14.63 11.68
N ASP D 333 -11.76 15.64 11.00
CA ASP D 333 -11.25 17.02 11.10
C ASP D 333 -11.82 17.74 12.33
N GLY D 334 -12.68 17.02 13.07
CA GLY D 334 -13.27 17.54 14.29
C GLY D 334 -14.38 18.56 14.10
N LYS D 335 -14.85 18.72 12.86
CA LYS D 335 -15.78 19.78 12.53
C LYS D 335 -17.26 19.47 12.83
N TYR D 336 -17.67 18.22 12.60
CA TYR D 336 -19.07 17.84 12.64
C TYR D 336 -19.36 16.61 13.46
N PHE D 337 -20.46 16.70 14.23
CA PHE D 337 -21.20 15.53 14.64
C PHE D 337 -22.17 15.23 13.50
N ILE D 338 -22.11 14.02 12.95
CA ILE D 338 -23.02 13.64 11.88
C ILE D 338 -23.97 12.53 12.32
N ALA D 339 -25.27 12.85 12.25
CA ALA D 339 -26.28 11.90 12.64
C ALA D 339 -26.85 11.38 11.36
N ALA D 340 -27.12 10.09 11.32
CA ALA D 340 -27.71 9.44 10.15
C ALA D 340 -29.24 9.37 10.30
N GLY D 341 -29.95 9.74 9.23
CA GLY D 341 -31.39 10.02 9.30
C GLY D 341 -32.34 8.84 9.38
N LYS D 342 -31.85 7.66 8.98
CA LYS D 342 -32.63 6.42 8.95
C LYS D 342 -33.91 6.54 8.13
N LEU D 343 -35.00 6.94 8.80
CA LEU D 343 -36.30 7.03 8.14
C LEU D 343 -36.34 8.29 7.28
N SER D 344 -35.39 9.18 7.52
CA SER D 344 -35.16 10.33 6.67
C SER D 344 -33.96 10.04 5.80
N PRO D 345 -34.11 10.19 4.47
CA PRO D 345 -33.04 9.83 3.54
C PRO D 345 -31.87 10.83 3.55
N THR D 346 -31.42 11.20 4.76
CA THR D 346 -30.47 12.28 4.95
C THR D 346 -29.49 11.96 6.06
N CYS D 347 -28.44 12.77 6.15
CA CYS D 347 -27.63 12.88 7.35
C CYS D 347 -27.77 14.32 7.80
N SER D 348 -27.63 14.55 9.10
CA SER D 348 -27.67 15.90 9.65
C SER D 348 -26.32 16.25 10.25
N MET D 349 -25.78 17.38 9.83
CA MET D 349 -24.44 17.78 10.17
C MET D 349 -24.42 18.91 11.18
N ILE D 350 -23.89 18.63 12.37
CA ILE D 350 -23.89 19.61 13.44
C ILE D 350 -22.50 20.22 13.49
N ALA D 351 -22.44 21.54 13.33
CA ALA D 351 -21.18 22.27 13.47
C ALA D 351 -20.78 22.35 14.92
N ILE D 352 -19.75 21.59 15.30
CA ILE D 352 -19.18 21.64 16.65
C ILE D 352 -18.72 23.05 17.00
N ASP D 353 -18.35 23.78 15.94
CA ASP D 353 -18.14 25.23 15.93
C ASP D 353 -19.12 26.11 16.66
N LYS D 354 -20.38 25.76 16.54
CA LYS D 354 -21.47 26.63 16.98
C LYS D 354 -21.94 26.25 18.37
N LEU D 355 -21.36 25.19 18.91
CA LEU D 355 -21.75 24.68 20.23
C LEU D 355 -21.50 25.63 21.42
N PRO D 356 -20.28 26.22 21.53
CA PRO D 356 -20.10 27.22 22.59
C PRO D 356 -21.21 28.26 22.62
N ASP D 357 -21.55 28.84 21.46
CA ASP D 357 -22.62 29.87 21.36
C ASP D 357 -24.02 29.33 21.66
N LEU D 358 -24.28 28.09 21.28
CA LEU D 358 -25.57 27.48 21.58
C LEU D 358 -25.75 27.33 23.10
N PHE D 359 -24.74 26.78 23.78
CA PHE D 359 -24.75 26.60 25.23
C PHE D 359 -24.65 27.90 26.02
N ALA D 360 -24.12 28.94 25.38
CA ALA D 360 -23.99 30.26 25.99
C ALA D 360 -25.29 31.07 25.84
N GLY D 361 -26.25 30.51 25.11
CA GLY D 361 -27.53 31.15 24.88
C GLY D 361 -27.45 32.27 23.86
N LYS D 362 -26.34 32.36 23.14
CA LYS D 362 -26.19 33.30 22.03
C LYS D 362 -26.87 32.80 20.74
N LEU D 363 -27.39 31.58 20.77
CA LEU D 363 -28.22 31.07 19.67
C LEU D 363 -29.56 30.57 20.18
N ALA D 364 -30.64 31.09 19.62
CA ALA D 364 -31.98 30.77 20.09
C ALA D 364 -32.57 29.48 19.50
N ASP D 365 -32.40 29.29 18.20
CA ASP D 365 -32.94 28.10 17.51
C ASP D 365 -31.84 27.02 17.45
N PRO D 366 -32.05 25.88 18.13
CA PRO D 366 -31.07 24.79 18.11
C PRO D 366 -30.80 24.24 16.69
N ARG D 367 -31.77 24.40 15.79
CA ARG D 367 -31.59 24.06 14.38
C ARG D 367 -30.48 24.89 13.72
N ASP D 368 -30.09 25.99 14.35
CA ASP D 368 -29.07 26.86 13.75
C ASP D 368 -27.62 26.36 13.91
N VAL D 369 -27.43 25.24 14.61
CA VAL D 369 -26.12 24.57 14.64
C VAL D 369 -26.05 23.45 13.57
N ILE D 370 -27.17 23.18 12.92
CA ILE D 370 -27.16 22.33 11.74
C ILE D 370 -26.62 23.19 10.59
N VAL D 371 -25.54 22.73 9.97
CA VAL D 371 -24.92 23.42 8.83
C VAL D 371 -24.98 22.63 7.52
N GLY D 372 -25.48 21.40 7.60
CA GLY D 372 -25.66 20.56 6.43
C GLY D 372 -26.68 19.48 6.69
N GLU D 373 -27.46 19.15 5.65
CA GLU D 373 -28.47 18.10 5.77
C GLU D 373 -28.63 17.44 4.39
N PRO D 374 -27.56 16.76 3.92
CA PRO D 374 -27.58 16.25 2.55
C PRO D 374 -28.58 15.12 2.38
N GLU D 375 -29.20 15.09 1.20
CA GLU D 375 -30.05 13.98 0.79
C GLU D 375 -29.13 12.94 0.15
N LEU D 376 -29.19 11.71 0.65
CA LEU D 376 -28.23 10.68 0.28
C LEU D 376 -28.86 9.42 -0.29
N GLY D 377 -30.01 9.01 0.26
CA GLY D 377 -30.68 7.81 -0.21
C GLY D 377 -31.45 7.09 0.87
N LEU D 378 -32.07 5.97 0.53
CA LEU D 378 -32.97 5.28 1.46
C LEU D 378 -32.28 4.59 2.62
N GLY D 379 -32.58 5.04 3.82
CA GLY D 379 -32.18 4.36 5.04
C GLY D 379 -30.74 4.53 5.44
N PRO D 380 -30.26 5.79 5.60
CA PRO D 380 -28.88 6.00 6.08
C PRO D 380 -28.71 5.59 7.54
N LEU D 381 -27.68 4.80 7.85
CA LEU D 381 -27.51 4.24 9.19
C LEU D 381 -26.23 4.68 9.92
N HIS D 382 -25.10 4.72 9.21
CA HIS D 382 -23.81 5.10 9.81
C HIS D 382 -22.90 5.84 8.84
N THR D 383 -21.95 6.57 9.40
CA THR D 383 -21.03 7.39 8.62
C THR D 383 -19.61 7.29 9.14
N THR D 384 -18.68 7.13 8.20
CA THR D 384 -17.26 7.09 8.49
C THR D 384 -16.53 8.06 7.50
N PHE D 385 -15.19 8.09 7.59
CA PHE D 385 -14.40 9.20 7.05
C PHE D 385 -13.04 8.77 6.52
N ASP D 386 -12.64 9.28 5.35
CA ASP D 386 -11.34 8.90 4.78
C ASP D 386 -10.22 9.81 5.22
N GLY D 387 -10.57 10.94 5.83
CA GLY D 387 -9.57 11.93 6.23
C GLY D 387 -9.16 12.82 5.07
N ARG D 388 -9.80 12.65 3.92
CA ARG D 388 -9.56 13.51 2.77
C ARG D 388 -10.75 14.42 2.52
N GLY D 389 -11.71 14.44 3.45
CA GLY D 389 -12.79 15.41 3.39
C GLY D 389 -14.09 14.79 2.93
N ASN D 390 -14.05 13.48 2.69
CA ASN D 390 -15.21 12.74 2.23
C ASN D 390 -15.83 11.98 3.38
N ALA D 391 -17.15 11.82 3.32
CA ALA D 391 -17.86 10.94 4.25
C ALA D 391 -18.37 9.71 3.51
N TYR D 392 -18.54 8.63 4.25
CA TYR D 392 -19.01 7.37 3.68
C TYR D 392 -20.15 6.87 4.55
N THR D 393 -21.33 6.78 3.95
CA THR D 393 -22.51 6.48 4.71
C THR D 393 -23.16 5.22 4.15
N THR D 394 -23.56 4.32 5.06
CA THR D 394 -24.30 3.13 4.67
C THR D 394 -25.75 3.51 4.37
N LEU D 395 -26.33 2.90 3.34
CA LEU D 395 -27.74 3.09 3.06
C LEU D 395 -28.44 1.74 3.17
N PHE D 396 -29.11 1.51 4.28
CA PHE D 396 -29.69 0.20 4.59
C PHE D 396 -30.64 -0.33 3.53
N ILE D 397 -31.57 0.52 3.09
CA ILE D 397 -32.66 0.07 2.18
C ILE D 397 -32.18 0.01 0.75
N ASP D 398 -31.43 1.04 0.33
CA ASP D 398 -30.82 1.03 -0.99
C ASP D 398 -29.70 -0.02 -1.11
N SER D 399 -29.25 -0.58 0.02
N SER D 399 -29.29 -0.60 0.03
CA SER D 399 -28.13 -1.54 0.08
CA SER D 399 -28.12 -1.51 0.12
C SER D 399 -26.90 -1.01 -0.67
C SER D 399 -26.91 -1.00 -0.66
N GLN D 400 -26.42 0.16 -0.25
CA GLN D 400 -25.28 0.83 -0.88
C GLN D 400 -24.45 1.51 0.19
N VAL D 401 -23.16 1.74 -0.12
CA VAL D 401 -22.36 2.76 0.58
C VAL D 401 -22.30 3.99 -0.32
N VAL D 402 -22.59 5.15 0.24
CA VAL D 402 -22.52 6.38 -0.53
C VAL D 402 -21.38 7.24 -0.01
N LYS D 403 -20.48 7.62 -0.92
CA LYS D 403 -19.37 8.52 -0.65
C LYS D 403 -19.76 9.94 -1.03
N TRP D 404 -19.68 10.85 -0.07
CA TRP D 404 -20.02 12.24 -0.29
C TRP D 404 -19.06 13.23 0.36
N ASN D 405 -18.96 14.42 -0.25
CA ASN D 405 -18.05 15.44 0.23
C ASN D 405 -18.73 16.38 1.19
N MET D 406 -18.18 16.46 2.39
CA MET D 406 -18.79 17.17 3.50
C MET D 406 -18.90 18.66 3.28
N GLU D 407 -17.82 19.28 2.84
CA GLU D 407 -17.80 20.70 2.65
C GLU D 407 -18.79 21.12 1.55
N GLU D 408 -18.96 20.28 0.54
CA GLU D 408 -19.94 20.53 -0.55
C GLU D 408 -21.40 20.39 -0.10
N ALA D 409 -21.66 19.42 0.78
CA ALA D 409 -22.96 19.29 1.39
C ALA D 409 -23.29 20.55 2.22
N VAL D 410 -22.30 21.04 2.98
CA VAL D 410 -22.45 22.28 3.75
C VAL D 410 -22.78 23.49 2.86
N ARG D 411 -22.20 23.53 1.66
CA ARG D 411 -22.50 24.60 0.70
C ARG D 411 -23.88 24.41 0.07
N ALA D 412 -24.22 23.18 -0.30
CA ALA D 412 -25.55 22.88 -0.83
C ALA D 412 -26.66 23.24 0.16
N TYR D 413 -26.40 23.07 1.45
CA TYR D 413 -27.34 23.42 2.49
C TYR D 413 -27.64 24.92 2.48
N LYS D 414 -26.63 25.74 2.19
CA LYS D 414 -26.82 27.19 2.05
C LYS D 414 -27.48 27.55 0.71
N GLY D 415 -27.94 26.55 -0.05
CA GLY D 415 -28.62 26.78 -1.31
C GLY D 415 -27.76 26.80 -2.57
N GLU D 416 -26.48 26.42 -2.44
CA GLU D 416 -25.59 26.38 -3.60
C GLU D 416 -25.84 25.15 -4.47
N LYS D 417 -25.95 25.36 -5.77
CA LYS D 417 -26.12 24.29 -6.73
C LYS D 417 -24.77 23.58 -6.92
N VAL D 418 -24.51 22.53 -6.13
CA VAL D 418 -23.21 21.80 -6.17
C VAL D 418 -23.40 20.34 -5.76
N ASN D 419 -22.93 19.40 -6.59
CA ASN D 419 -23.12 17.96 -6.35
C ASN D 419 -22.11 17.41 -5.35
N TYR D 420 -22.58 16.91 -4.22
CA TYR D 420 -21.71 16.43 -3.15
C TYR D 420 -21.53 14.91 -3.18
N ILE D 421 -22.40 14.21 -3.91
CA ILE D 421 -22.35 12.75 -4.00
C ILE D 421 -21.32 12.29 -5.04
N LYS D 422 -20.32 11.52 -4.62
CA LYS D 422 -19.26 11.09 -5.52
C LYS D 422 -19.52 9.73 -6.12
N GLN D 423 -20.00 8.80 -5.30
CA GLN D 423 -20.16 7.45 -5.75
C GLN D 423 -21.17 6.70 -4.89
N LYS D 424 -21.81 5.70 -5.50
CA LYS D 424 -22.67 4.79 -4.77
C LYS D 424 -22.30 3.39 -5.20
N LEU D 425 -21.85 2.59 -4.24
CA LEU D 425 -21.38 1.24 -4.46
C LEU D 425 -22.37 0.25 -3.86
N ASP D 426 -22.77 -0.76 -4.61
CA ASP D 426 -23.71 -1.76 -4.11
C ASP D 426 -22.99 -2.73 -3.18
N VAL D 427 -23.60 -2.96 -2.02
CA VAL D 427 -23.11 -3.93 -1.05
C VAL D 427 -24.18 -5.01 -0.77
N HIS D 428 -23.79 -6.08 -0.11
CA HIS D 428 -24.55 -7.34 -0.15
C HIS D 428 -24.72 -8.02 1.22
N TYR D 429 -25.80 -7.70 1.95
CA TYR D 429 -26.89 -6.79 1.56
C TYR D 429 -27.37 -6.13 2.83
N GLN D 430 -27.94 -4.93 2.70
CA GLN D 430 -28.50 -4.23 3.85
C GLN D 430 -27.42 -3.90 4.88
N PRO D 431 -26.56 -2.91 4.56
CA PRO D 431 -25.45 -2.52 5.42
C PRO D 431 -25.91 -1.77 6.67
N GLY D 432 -25.31 -2.11 7.80
CA GLY D 432 -25.53 -1.36 9.03
C GLY D 432 -24.38 -0.41 9.24
N HIS D 433 -23.44 -0.79 10.10
CA HIS D 433 -22.25 0.01 10.29
C HIS D 433 -21.28 -0.14 9.14
N LEU D 434 -20.42 0.87 9.00
CA LEU D 434 -19.22 0.79 8.15
C LEU D 434 -18.06 1.49 8.89
N HIS D 435 -16.82 1.16 8.53
CA HIS D 435 -15.68 1.68 9.28
C HIS D 435 -14.46 1.83 8.40
N ALA D 436 -13.98 3.07 8.29
CA ALA D 436 -12.74 3.38 7.56
C ALA D 436 -11.55 3.39 8.51
N SER D 437 -10.38 2.99 8.02
CA SER D 437 -9.22 2.81 8.89
C SER D 437 -8.77 4.11 9.59
N LEU D 438 -8.73 4.06 10.92
CA LEU D 438 -8.37 5.20 11.79
C LEU D 438 -9.34 6.38 11.74
N CYS D 439 -10.58 6.12 11.32
CA CYS D 439 -11.59 7.17 11.13
C CYS D 439 -11.90 7.96 12.40
N GLU D 440 -11.77 7.33 13.55
CA GLU D 440 -12.10 7.95 14.83
C GLU D 440 -10.99 8.82 15.40
N THR D 441 -9.94 9.02 14.61
CA THR D 441 -8.77 9.79 15.03
C THR D 441 -8.37 10.82 13.97
N ASN D 442 -7.50 11.75 14.35
CA ASN D 442 -7.07 12.77 13.41
C ASN D 442 -6.00 12.22 12.46
N GLU D 443 -5.73 10.92 12.58
CA GLU D 443 -4.82 10.22 11.66
C GLU D 443 -5.59 9.41 10.59
N ALA D 444 -6.91 9.60 10.52
CA ALA D 444 -7.73 8.90 9.52
C ALA D 444 -6.96 8.83 8.19
N ASP D 445 -6.71 7.61 7.70
CA ASP D 445 -5.74 7.42 6.62
C ASP D 445 -6.36 7.13 5.26
N GLY D 446 -7.68 6.97 5.22
CA GLY D 446 -8.38 6.72 3.96
C GLY D 446 -7.94 5.53 3.16
N LYS D 447 -7.52 4.46 3.82
CA LYS D 447 -7.07 3.26 3.08
C LYS D 447 -8.12 2.15 2.96
N TRP D 448 -8.60 1.64 4.09
CA TRP D 448 -9.58 0.56 4.06
C TRP D 448 -10.94 0.99 4.61
N LEU D 449 -11.98 0.42 4.02
CA LEU D 449 -13.35 0.58 4.47
C LEU D 449 -13.96 -0.82 4.64
N VAL D 450 -14.53 -1.09 5.81
CA VAL D 450 -15.33 -2.30 6.01
C VAL D 450 -16.78 -1.88 6.18
N ALA D 451 -17.68 -2.48 5.39
CA ALA D 451 -19.13 -2.30 5.56
C ALA D 451 -19.73 -3.60 6.10
N LEU D 452 -20.52 -3.50 7.16
CA LEU D 452 -21.04 -4.68 7.85
C LEU D 452 -22.54 -4.89 7.57
N SER D 453 -22.82 -5.77 6.61
CA SER D 453 -24.17 -5.96 6.04
C SER D 453 -24.89 -7.15 6.66
N LYS D 454 -26.23 -7.06 6.68
CA LYS D 454 -26.98 -7.92 7.58
C LYS D 454 -27.61 -9.12 6.89
N PHE D 455 -27.77 -9.07 5.56
CA PHE D 455 -28.28 -10.23 4.83
C PHE D 455 -27.29 -10.74 3.78
N SER D 456 -26.59 -11.81 4.09
CA SER D 456 -25.64 -12.39 3.14
C SER D 456 -26.29 -13.10 1.93
N LYS D 457 -27.56 -13.47 2.06
CA LYS D 457 -28.33 -14.11 0.99
C LYS D 457 -27.61 -15.31 0.35
N ASP D 458 -27.12 -15.14 -0.87
CA ASP D 458 -26.46 -16.19 -1.63
C ASP D 458 -24.97 -15.86 -1.90
N ARG D 459 -24.39 -14.97 -1.11
CA ARG D 459 -22.99 -14.61 -1.24
C ARG D 459 -22.02 -15.68 -0.76
N PHE D 460 -22.52 -16.62 0.04
CA PHE D 460 -21.72 -17.74 0.51
C PHE D 460 -22.46 -19.06 0.35
N LEU D 461 -21.73 -20.16 0.42
CA LEU D 461 -22.39 -21.48 0.40
C LEU D 461 -23.54 -21.53 1.39
N PRO D 462 -24.64 -22.21 1.02
CA PRO D 462 -25.77 -22.30 1.95
C PRO D 462 -25.40 -23.11 3.20
N VAL D 463 -25.79 -22.62 4.38
CA VAL D 463 -25.52 -23.31 5.63
C VAL D 463 -26.81 -23.46 6.46
N GLY D 464 -27.95 -23.54 5.79
CA GLY D 464 -29.22 -23.71 6.49
C GLY D 464 -29.94 -22.40 6.73
N PRO D 465 -31.02 -22.45 7.50
CA PRO D 465 -31.86 -21.27 7.67
C PRO D 465 -31.15 -20.04 8.27
N LEU D 466 -30.14 -20.26 9.10
CA LEU D 466 -29.36 -19.15 9.68
C LEU D 466 -28.14 -18.81 8.81
N HIS D 467 -28.05 -17.56 8.36
CA HIS D 467 -27.00 -17.09 7.46
C HIS D 467 -25.96 -16.29 8.25
N PRO D 468 -24.69 -16.26 7.78
CA PRO D 468 -23.76 -15.32 8.42
C PRO D 468 -24.01 -13.91 7.93
N GLU D 469 -23.31 -12.96 8.53
CA GLU D 469 -23.31 -11.59 8.05
C GLU D 469 -22.23 -11.49 7.00
N ASN D 470 -22.28 -10.42 6.22
CA ASN D 470 -21.29 -10.19 5.19
C ASN D 470 -20.62 -8.86 5.48
N ASP D 471 -19.40 -8.97 5.98
CA ASP D 471 -18.58 -7.84 6.28
C ASP D 471 -17.65 -7.66 5.09
N GLN D 472 -17.94 -6.64 4.28
CA GLN D 472 -17.25 -6.49 3.01
C GLN D 472 -16.09 -5.52 3.11
N LEU D 473 -14.94 -5.94 2.61
CA LEU D 473 -13.78 -5.05 2.61
C LEU D 473 -13.76 -4.26 1.31
N ILE D 474 -13.55 -2.94 1.43
CA ILE D 474 -13.59 -2.02 0.29
C ILE D 474 -12.35 -1.13 0.30
N ASP D 475 -11.66 -1.09 -0.83
CA ASP D 475 -10.46 -0.27 -1.00
C ASP D 475 -10.91 1.15 -1.31
N ILE D 476 -10.58 2.08 -0.41
CA ILE D 476 -10.95 3.47 -0.62
C ILE D 476 -9.73 4.40 -0.80
N SER D 477 -8.56 3.80 -1.05
CA SER D 477 -7.31 4.55 -1.13
C SER D 477 -7.24 5.49 -2.35
N GLY D 478 -7.98 5.17 -3.40
CA GLY D 478 -8.04 6.02 -4.59
C GLY D 478 -9.38 6.73 -4.71
N ASP D 479 -9.70 7.12 -5.94
CA ASP D 479 -10.88 7.93 -6.23
C ASP D 479 -12.21 7.17 -6.10
N GLU D 480 -12.21 5.91 -6.53
CA GLU D 480 -13.41 5.10 -6.59
C GLU D 480 -13.29 3.91 -5.65
N MET D 481 -14.30 3.75 -4.79
CA MET D 481 -14.45 2.56 -3.95
C MET D 481 -14.44 1.29 -4.80
N LYS D 482 -13.71 0.29 -4.32
CA LYS D 482 -13.62 -1.00 -4.98
C LYS D 482 -13.84 -2.06 -3.91
N LEU D 483 -14.88 -2.85 -4.08
CA LEU D 483 -15.15 -3.98 -3.19
C LEU D 483 -14.17 -5.09 -3.54
N VAL D 484 -13.44 -5.56 -2.53
CA VAL D 484 -12.38 -6.53 -2.77
C VAL D 484 -12.56 -7.86 -2.02
N HIS D 485 -13.38 -7.86 -0.96
CA HIS D 485 -13.53 -9.08 -0.17
C HIS D 485 -14.87 -9.16 0.54
N ASP D 486 -15.50 -10.33 0.45
CA ASP D 486 -16.70 -10.66 1.22
C ASP D 486 -16.24 -11.58 2.33
N GLY D 487 -16.49 -11.18 3.58
CA GLY D 487 -16.04 -11.96 4.75
C GLY D 487 -17.22 -12.35 5.62
N PRO D 488 -17.56 -13.66 5.63
CA PRO D 488 -18.68 -14.10 6.45
C PRO D 488 -18.33 -14.03 7.94
N THR D 489 -19.26 -13.55 8.75
CA THR D 489 -19.07 -13.57 10.20
C THR D 489 -20.31 -14.08 10.90
N PHE D 490 -20.08 -14.70 12.06
CA PHE D 490 -21.15 -15.26 12.87
C PHE D 490 -21.82 -14.19 13.76
N ALA D 491 -23.12 -14.34 14.02
CA ALA D 491 -23.79 -13.64 15.14
C ALA D 491 -23.61 -12.15 15.09
N GLU D 492 -23.83 -11.62 13.90
CA GLU D 492 -23.88 -10.19 13.69
C GLU D 492 -22.89 -9.30 14.47
N PRO D 493 -21.65 -9.18 13.97
CA PRO D 493 -20.90 -8.03 14.40
C PRO D 493 -21.70 -6.77 14.04
N HIS D 494 -21.64 -5.75 14.86
CA HIS D 494 -22.32 -4.53 14.46
C HIS D 494 -21.27 -3.60 13.87
N ASP D 495 -20.44 -3.05 14.74
CA ASP D 495 -19.36 -2.20 14.35
C ASP D 495 -18.02 -2.91 14.55
N CYS D 496 -16.95 -2.30 14.04
CA CYS D 496 -15.58 -2.78 14.24
C CYS D 496 -14.61 -1.59 14.21
N ILE D 497 -13.41 -1.76 14.77
CA ILE D 497 -12.35 -0.74 14.72
C ILE D 497 -11.06 -1.33 14.21
N MET D 498 -10.35 -0.53 13.45
CA MET D 498 -9.05 -0.92 12.94
C MET D 498 -7.95 -0.14 13.64
N ALA D 499 -6.80 -0.77 13.79
CA ALA D 499 -5.65 -0.07 14.28
C ALA D 499 -4.44 -0.53 13.48
N ARG D 500 -3.52 0.40 13.22
CA ARG D 500 -2.25 0.07 12.56
C ARG D 500 -1.55 -1.00 13.38
N ARG D 501 -0.77 -1.84 12.72
CA ARG D 501 0.04 -2.83 13.41
C ARG D 501 0.89 -2.21 14.51
N ASP D 502 1.48 -1.04 14.24
CA ASP D 502 2.36 -0.38 15.21
C ASP D 502 1.64 0.34 16.35
N GLN D 503 0.31 0.39 16.29
CA GLN D 503 -0.48 0.98 17.37
C GLN D 503 -0.79 0.00 18.50
N ILE D 504 -0.44 -1.27 18.28
CA ILE D 504 -0.73 -2.37 19.21
C ILE D 504 0.54 -3.09 19.64
N LYS D 505 0.80 -3.10 20.96
CA LYS D 505 1.94 -3.83 21.52
C LYS D 505 1.46 -4.84 22.56
N THR D 506 1.73 -6.11 22.28
CA THR D 506 1.23 -7.21 23.09
C THR D 506 2.34 -7.93 23.84
N LYS D 507 2.00 -8.50 25.00
CA LYS D 507 2.94 -9.25 25.79
C LYS D 507 3.13 -10.63 25.19
N LYS D 508 4.34 -11.12 25.33
CA LYS D 508 4.72 -12.38 24.74
C LYS D 508 4.38 -13.50 25.71
N ILE D 509 4.60 -13.22 26.99
CA ILE D 509 4.26 -14.13 28.07
C ILE D 509 3.80 -13.24 29.20
N TRP D 510 3.11 -13.82 30.18
CA TRP D 510 2.58 -13.05 31.30
C TRP D 510 3.66 -12.57 32.22
N ASP D 511 3.37 -11.49 32.92
CA ASP D 511 4.13 -11.03 34.07
C ASP D 511 3.53 -11.70 35.31
N ARG D 512 4.39 -12.23 36.19
CA ARG D 512 3.91 -12.88 37.41
C ARG D 512 3.21 -11.90 38.35
N ASN D 513 3.45 -10.61 38.12
CA ASN D 513 2.82 -9.56 38.95
C ASN D 513 1.59 -8.92 38.32
N ASP D 514 1.07 -9.53 37.26
CA ASP D 514 -0.06 -8.94 36.53
C ASP D 514 -1.28 -8.76 37.44
N PRO D 515 -1.91 -7.58 37.39
CA PRO D 515 -3.12 -7.36 38.19
C PRO D 515 -4.20 -8.40 37.94
N PHE D 516 -4.24 -8.95 36.72
CA PHE D 516 -5.27 -9.92 36.31
C PHE D 516 -5.50 -11.08 37.29
N PHE D 517 -4.43 -11.74 37.71
CA PHE D 517 -4.55 -12.81 38.70
C PHE D 517 -3.98 -12.42 40.07
N ALA D 518 -3.80 -11.12 40.30
CA ALA D 518 -3.29 -10.63 41.60
C ALA D 518 -4.04 -11.12 42.85
N PRO D 519 -5.41 -11.15 42.81
CA PRO D 519 -6.10 -11.67 44.00
C PRO D 519 -5.78 -13.15 44.30
N THR D 520 -5.59 -13.95 43.24
CA THR D 520 -5.21 -15.34 43.38
C THR D 520 -3.83 -15.48 44.02
N VAL D 521 -2.95 -14.54 43.69
CA VAL D 521 -1.63 -14.46 44.30
C VAL D 521 -1.74 -14.22 45.83
N GLU D 522 -2.61 -13.29 46.22
CA GLU D 522 -2.83 -12.95 47.63
C GLU D 522 -3.53 -14.06 48.41
N MET D 523 -4.51 -14.73 47.81
CA MET D 523 -5.11 -15.93 48.43
C MET D 523 -4.02 -16.95 48.73
N ALA D 524 -3.18 -17.21 47.73
CA ALA D 524 -2.09 -18.18 47.87
C ALA D 524 -1.17 -17.80 49.03
N LYS D 525 -0.88 -16.50 49.13
CA LYS D 525 -0.03 -15.94 50.20
C LYS D 525 -0.54 -16.28 51.60
N LYS D 526 -1.83 -16.04 51.86
CA LYS D 526 -2.48 -16.45 53.11
C LYS D 526 -2.45 -17.97 53.39
N ASP D 527 -2.20 -18.77 52.35
CA ASP D 527 -2.04 -20.22 52.53
C ASP D 527 -0.56 -20.58 52.70
N GLY D 528 0.32 -19.60 52.56
CA GLY D 528 1.77 -19.83 52.67
C GLY D 528 2.35 -20.39 51.39
N ILE D 529 1.64 -20.19 50.28
CA ILE D 529 2.05 -20.74 48.99
C ILE D 529 2.94 -19.76 48.24
N ASN D 530 3.99 -20.29 47.64
CA ASN D 530 4.75 -19.62 46.61
C ASN D 530 4.38 -20.28 45.26
N LEU D 531 3.66 -19.54 44.43
CA LEU D 531 3.07 -20.08 43.21
C LEU D 531 4.08 -20.55 42.15
N ASP D 532 5.24 -19.91 42.13
CA ASP D 532 6.29 -20.22 41.17
C ASP D 532 6.94 -21.57 41.46
N THR D 533 6.87 -22.03 42.70
CA THR D 533 7.54 -23.27 43.01
C THR D 533 6.65 -24.37 43.57
N ASP D 534 5.52 -24.00 44.19
CA ASP D 534 4.83 -24.94 45.06
C ASP D 534 3.90 -25.95 44.40
N ASN D 535 3.99 -27.19 44.90
CA ASN D 535 3.04 -28.22 44.56
C ASN D 535 2.47 -28.81 45.84
N LYS D 536 1.31 -28.30 46.24
CA LYS D 536 0.79 -28.51 47.59
C LYS D 536 -0.74 -28.64 47.63
N VAL D 537 -1.23 -29.40 48.62
CA VAL D 537 -2.65 -29.57 48.83
C VAL D 537 -3.00 -29.00 50.20
N ILE D 538 -3.87 -28.00 50.24
CA ILE D 538 -4.25 -27.39 51.52
C ILE D 538 -5.60 -27.91 51.94
N ARG D 539 -5.66 -28.44 53.17
CA ARG D 539 -6.90 -28.93 53.74
C ARG D 539 -7.53 -27.83 54.55
N ASP D 540 -8.83 -27.64 54.39
CA ASP D 540 -9.57 -26.61 55.13
C ASP D 540 -11.05 -27.02 55.18
N GLY D 541 -11.32 -28.03 56.00
CA GLY D 541 -12.67 -28.52 56.23
C GLY D 541 -13.24 -29.23 55.02
N ASN D 542 -14.35 -28.71 54.52
CA ASN D 542 -14.94 -29.17 53.27
C ASN D 542 -14.25 -28.56 52.04
N LYS D 543 -13.27 -27.70 52.29
CA LYS D 543 -12.54 -27.04 51.21
C LYS D 543 -11.17 -27.66 51.01
N VAL D 544 -10.78 -27.80 49.75
CA VAL D 544 -9.44 -28.32 49.43
C VAL D 544 -8.82 -27.38 48.40
N ARG D 545 -7.65 -26.84 48.71
CA ARG D 545 -6.99 -25.97 47.75
C ARG D 545 -5.71 -26.60 47.26
N VAL D 546 -5.74 -26.98 45.99
CA VAL D 546 -4.62 -27.60 45.31
C VAL D 546 -3.88 -26.49 44.58
N TYR D 547 -2.57 -26.44 44.80
CA TYR D 547 -1.72 -25.46 44.16
C TYR D 547 -0.64 -26.22 43.41
N MET D 548 -0.42 -25.86 42.15
CA MET D 548 0.54 -26.57 41.35
C MET D 548 1.17 -25.71 40.27
N THR D 549 2.42 -26.04 39.98
CA THR D 549 3.07 -25.57 38.78
C THR D 549 2.83 -26.57 37.65
N SER D 550 3.04 -26.13 36.42
CA SER D 550 2.94 -27.02 35.29
C SER D 550 4.03 -26.65 34.29
N MET D 551 4.58 -27.69 33.67
CA MET D 551 5.70 -27.58 32.75
C MET D 551 5.57 -28.78 31.81
N ALA D 552 5.33 -28.51 30.53
CA ALA D 552 5.12 -29.60 29.54
C ALA D 552 6.19 -30.68 29.67
N PRO D 553 5.78 -31.98 29.73
CA PRO D 553 4.40 -32.47 29.62
C PRO D 553 3.81 -32.97 30.98
N ALA D 554 4.04 -32.22 32.05
CA ALA D 554 3.67 -32.70 33.38
C ALA D 554 2.98 -31.66 34.23
N PHE D 555 1.84 -32.03 34.81
CA PHE D 555 1.27 -31.31 35.95
C PHE D 555 2.17 -31.53 37.18
N GLY D 556 2.34 -30.49 37.99
CA GLY D 556 3.16 -30.60 39.20
C GLY D 556 2.48 -31.38 40.30
N VAL D 557 1.16 -31.37 40.30
CA VAL D 557 0.42 -32.28 41.16
C VAL D 557 -0.30 -33.25 40.22
N GLN D 558 0.00 -34.53 40.38
CA GLN D 558 -0.58 -35.56 39.48
C GLN D 558 -1.68 -36.41 40.10
N GLU D 559 -1.87 -36.24 41.40
CA GLU D 559 -2.91 -36.95 42.12
C GLU D 559 -3.17 -36.24 43.41
N PHE D 560 -4.44 -36.26 43.83
CA PHE D 560 -4.84 -35.84 45.16
C PHE D 560 -6.14 -36.56 45.52
N THR D 561 -6.35 -36.73 46.82
CA THR D 561 -7.50 -37.44 47.36
C THR D 561 -8.33 -36.45 48.17
N VAL D 562 -9.64 -36.46 47.92
CA VAL D 562 -10.58 -35.61 48.65
C VAL D 562 -11.77 -36.45 49.14
N LYS D 563 -12.63 -35.80 49.91
CA LYS D 563 -13.84 -36.41 50.44
C LYS D 563 -15.00 -36.03 49.53
N GLN D 564 -15.94 -36.95 49.34
CA GLN D 564 -17.14 -36.64 48.56
C GLN D 564 -17.84 -35.40 49.14
N GLY D 565 -18.22 -34.48 48.24
CA GLY D 565 -18.82 -33.21 48.64
C GLY D 565 -17.84 -32.07 48.88
N ASP D 566 -16.54 -32.37 48.98
CA ASP D 566 -15.54 -31.29 49.13
C ASP D 566 -15.62 -30.29 47.98
N GLU D 567 -15.46 -29.01 48.32
CA GLU D 567 -15.31 -27.97 47.32
C GLU D 567 -13.81 -27.87 47.02
N VAL D 568 -13.44 -28.23 45.79
CA VAL D 568 -12.02 -28.27 45.39
C VAL D 568 -11.69 -27.04 44.55
N THR D 569 -10.63 -26.34 44.96
CA THR D 569 -10.07 -25.23 44.17
C THR D 569 -8.72 -25.67 43.59
N VAL D 570 -8.59 -25.60 42.26
CA VAL D 570 -7.31 -25.94 41.62
C VAL D 570 -6.65 -24.68 41.07
N THR D 571 -5.48 -24.38 41.59
CA THR D 571 -4.71 -23.25 41.11
C THR D 571 -3.48 -23.77 40.39
N ILE D 572 -3.33 -23.35 39.13
CA ILE D 572 -2.23 -23.83 38.27
C ILE D 572 -1.43 -22.64 37.77
N THR D 573 -0.11 -22.74 37.92
CA THR D 573 0.80 -21.69 37.46
C THR D 573 1.69 -22.31 36.39
N ASN D 574 1.58 -21.79 35.17
CA ASN D 574 2.35 -22.28 34.04
C ASN D 574 3.76 -21.68 34.12
N ILE D 575 4.73 -22.50 34.49
CA ILE D 575 6.10 -22.03 34.66
C ILE D 575 6.96 -22.35 33.43
N ASP D 576 6.34 -22.81 32.35
CA ASP D 576 7.01 -22.81 31.05
C ASP D 576 7.39 -21.37 30.66
N GLN D 577 8.54 -21.23 30.03
CA GLN D 577 9.07 -19.91 29.66
C GLN D 577 8.96 -19.67 28.17
N ILE D 578 8.94 -20.76 27.39
CA ILE D 578 8.81 -20.72 25.93
C ILE D 578 7.45 -20.14 25.54
N GLU D 579 7.45 -19.23 24.56
CA GLU D 579 6.21 -18.64 24.05
C GLU D 579 5.32 -19.70 23.42
N ASP D 580 4.01 -19.52 23.59
CA ASP D 580 3.00 -20.38 22.93
C ASP D 580 2.82 -21.72 23.63
N VAL D 581 3.64 -22.01 24.64
CA VAL D 581 3.43 -23.25 25.38
C VAL D 581 2.33 -23.11 26.44
N SER D 582 1.07 -23.13 25.97
CA SER D 582 -0.08 -23.08 26.87
C SER D 582 -0.40 -24.48 27.39
N HIS D 583 -0.92 -24.53 28.62
CA HIS D 583 -1.55 -25.74 29.13
C HIS D 583 -3.05 -25.54 29.33
N GLY D 584 -3.78 -26.66 29.41
CA GLY D 584 -5.16 -26.62 29.84
C GLY D 584 -5.40 -27.48 31.06
N PHE D 585 -6.63 -27.45 31.58
CA PHE D 585 -6.99 -28.27 32.71
C PHE D 585 -8.46 -28.57 32.64
N VAL D 586 -8.78 -29.85 32.57
CA VAL D 586 -10.15 -30.31 32.44
C VAL D 586 -10.36 -31.45 33.42
N VAL D 587 -11.42 -31.37 34.20
CA VAL D 587 -11.78 -32.48 35.07
C VAL D 587 -12.94 -33.17 34.37
N VAL D 588 -12.73 -34.44 34.03
CA VAL D 588 -13.68 -35.15 33.21
C VAL D 588 -15.01 -35.26 33.94
N ASN D 589 -16.07 -34.90 33.23
CA ASN D 589 -17.43 -35.05 33.70
C ASN D 589 -17.72 -34.20 34.92
N HIS D 590 -16.94 -33.16 35.13
CA HIS D 590 -17.25 -32.22 36.19
C HIS D 590 -17.57 -30.81 35.69
N GLY D 591 -17.61 -30.61 34.39
CA GLY D 591 -17.93 -29.29 33.87
C GLY D 591 -16.80 -28.30 34.11
N VAL D 592 -15.56 -28.81 34.13
CA VAL D 592 -14.41 -28.00 34.49
C VAL D 592 -13.37 -27.88 33.35
N SER D 593 -13.03 -26.64 32.99
CA SER D 593 -12.14 -26.35 31.84
C SER D 593 -11.51 -24.95 31.94
N MET D 594 -10.23 -24.83 31.66
CA MET D 594 -9.57 -23.50 31.69
C MET D 594 -8.20 -23.49 30.99
N GLU D 595 -7.78 -22.30 30.54
CA GLU D 595 -6.45 -22.04 29.92
C GLU D 595 -5.44 -21.58 30.98
N ILE D 596 -4.18 -22.03 30.84
CA ILE D 596 -3.06 -21.47 31.61
C ILE D 596 -1.87 -21.24 30.66
N SER D 597 -1.72 -19.99 30.22
CA SER D 597 -0.62 -19.58 29.34
C SER D 597 0.71 -19.39 30.10
N PRO D 598 1.86 -19.35 29.37
CA PRO D 598 3.16 -19.21 30.05
C PRO D 598 3.24 -18.06 31.04
N GLN D 599 3.60 -18.40 32.28
CA GLN D 599 3.78 -17.46 33.42
C GLN D 599 2.46 -16.98 34.05
N GLN D 600 1.34 -17.48 33.55
CA GLN D 600 0.04 -17.12 34.11
C GLN D 600 -0.26 -18.04 35.30
N THR D 601 -1.05 -17.52 36.25
CA THR D 601 -1.68 -18.33 37.30
C THR D 601 -3.20 -18.29 37.04
N SER D 602 -3.82 -19.47 36.99
CA SER D 602 -5.27 -19.59 36.84
C SER D 602 -5.84 -20.50 37.90
N SER D 603 -7.08 -20.23 38.29
CA SER D 603 -7.71 -21.08 39.28
C SER D 603 -9.17 -21.30 38.97
N ILE D 604 -9.66 -22.44 39.42
CA ILE D 604 -11.03 -22.83 39.17
C ILE D 604 -11.52 -23.69 40.35
N THR D 605 -12.81 -23.59 40.67
CA THR D 605 -13.37 -24.22 41.86
C THR D 605 -14.60 -25.03 41.43
N PHE D 606 -14.77 -26.22 42.02
CA PHE D 606 -15.90 -27.10 41.73
C PHE D 606 -16.16 -28.05 42.91
N VAL D 607 -17.28 -28.75 42.91
CA VAL D 607 -17.59 -29.69 44.00
C VAL D 607 -17.26 -31.10 43.54
N ALA D 608 -16.47 -31.83 44.33
CA ALA D 608 -16.23 -33.25 44.06
C ALA D 608 -17.41 -34.07 44.57
N ASP D 609 -18.50 -34.09 43.78
CA ASP D 609 -19.77 -34.69 44.20
C ASP D 609 -19.95 -36.16 43.80
N LYS D 610 -18.98 -36.71 43.08
CA LYS D 610 -19.02 -38.10 42.71
C LYS D 610 -17.81 -38.84 43.31
N PRO D 611 -18.07 -39.89 44.09
CA PRO D 611 -17.03 -40.75 44.63
C PRO D 611 -16.32 -41.49 43.50
N GLY D 612 -15.09 -41.92 43.75
CA GLY D 612 -14.37 -42.69 42.75
C GLY D 612 -13.19 -41.95 42.15
N LEU D 613 -12.61 -42.59 41.15
CA LEU D 613 -11.51 -42.02 40.41
C LEU D 613 -12.02 -41.13 39.29
N HIS D 614 -11.51 -39.90 39.24
CA HIS D 614 -11.89 -38.97 38.19
C HIS D 614 -10.66 -38.31 37.61
N TRP D 615 -10.51 -38.48 36.29
CA TRP D 615 -9.31 -38.06 35.60
C TRP D 615 -9.37 -36.56 35.30
N TYR D 616 -8.21 -35.90 35.38
CA TYR D 616 -8.11 -34.58 34.81
C TYR D 616 -6.98 -34.57 33.79
N TYR D 617 -7.15 -33.78 32.73
CA TYR D 617 -6.18 -33.79 31.64
C TYR D 617 -5.82 -32.40 31.13
N CYS D 618 -4.66 -32.28 30.48
CA CYS D 618 -4.29 -31.01 29.82
C CYS D 618 -5.01 -30.91 28.48
N SER D 619 -5.80 -29.85 28.29
CA SER D 619 -6.54 -29.71 27.02
C SER D 619 -5.76 -28.97 25.92
N TRP D 620 -4.66 -28.33 26.26
CA TRP D 620 -3.91 -27.52 25.29
C TRP D 620 -2.70 -28.28 24.75
N PHE D 621 -2.72 -28.59 23.45
CA PHE D 621 -1.66 -29.44 22.87
C PHE D 621 -0.34 -28.68 23.05
N CYS D 622 0.55 -29.24 23.88
CA CYS D 622 1.66 -28.49 24.46
C CYS D 622 3.02 -29.14 24.23
N HIS D 623 3.03 -30.40 23.80
CA HIS D 623 4.22 -31.27 23.81
C HIS D 623 3.86 -32.55 23.06
N ALA D 624 4.86 -33.33 22.67
CA ALA D 624 4.62 -34.66 22.06
C ALA D 624 3.94 -35.65 23.03
N LEU D 625 4.17 -35.44 24.32
CA LEU D 625 3.55 -36.26 25.37
C LEU D 625 2.31 -35.59 26.02
N HIS D 626 1.68 -34.71 25.24
CA HIS D 626 0.40 -34.08 25.60
C HIS D 626 -0.69 -35.05 26.09
N MET D 627 -0.99 -36.11 25.31
CA MET D 627 -2.03 -37.09 25.68
C MET D 627 -1.77 -37.62 27.08
N GLU D 628 -0.49 -37.78 27.41
CA GLU D 628 -0.07 -38.35 28.70
C GLU D 628 -0.03 -37.32 29.85
N MET D 629 -0.28 -36.03 29.53
CA MET D 629 -0.29 -34.98 30.57
C MET D 629 -1.58 -34.99 31.38
N VAL D 630 -1.69 -35.93 32.31
CA VAL D 630 -2.92 -36.15 33.03
C VAL D 630 -2.68 -36.29 34.53
N GLY D 631 -3.76 -36.43 35.29
CA GLY D 631 -3.68 -36.70 36.70
C GLY D 631 -4.97 -37.31 37.20
N ARG D 632 -4.97 -37.70 38.47
CA ARG D 632 -6.08 -38.39 39.11
C ARG D 632 -6.59 -37.60 40.31
N MET D 633 -7.89 -37.32 40.33
CA MET D 633 -8.56 -36.91 41.56
C MET D 633 -9.31 -38.11 42.14
N MET D 634 -8.95 -38.49 43.34
CA MET D 634 -9.57 -39.62 44.00
C MET D 634 -10.50 -39.15 45.12
N VAL D 635 -11.78 -39.51 45.01
CA VAL D 635 -12.84 -39.06 45.91
C VAL D 635 -13.33 -40.22 46.78
N GLU D 636 -13.10 -40.12 48.08
CA GLU D 636 -13.57 -41.12 49.04
C GLU D 636 -15.04 -40.95 49.35
N PRO D 637 -15.80 -42.07 49.38
CA PRO D 637 -17.26 -42.01 49.54
C PRO D 637 -17.67 -41.38 50.86
N ALA D 638 -18.92 -40.89 50.89
CA ALA D 638 -19.55 -40.45 52.13
C ALA D 638 -19.87 -41.65 53.03
N GLN E 58 32.18 7.00 -50.69
CA GLN E 58 30.89 7.05 -49.91
C GLN E 58 30.71 8.37 -49.12
N LYS E 59 29.78 9.20 -49.59
CA LYS E 59 28.96 10.11 -48.74
C LYS E 59 29.58 11.08 -47.72
N ILE E 60 29.18 10.85 -46.48
CA ILE E 60 29.39 11.73 -45.32
C ILE E 60 28.58 13.03 -45.33
N HIS E 61 28.63 13.81 -46.41
CA HIS E 61 28.04 15.15 -46.38
C HIS E 61 26.58 15.21 -46.83
N VAL E 62 25.73 15.73 -45.97
CA VAL E 62 24.28 15.86 -46.24
C VAL E 62 23.94 17.34 -46.24
N GLY E 63 23.89 17.91 -47.44
CA GLY E 63 23.69 19.33 -47.66
C GLY E 63 22.27 19.78 -47.31
N PRO E 64 22.07 21.11 -47.21
CA PRO E 64 20.73 21.69 -46.94
C PRO E 64 19.71 21.16 -47.96
N GLY E 65 18.58 20.65 -47.48
CA GLY E 65 17.57 20.07 -48.38
C GLY E 65 17.74 18.59 -48.71
N GLU E 66 18.93 18.02 -48.49
CA GLU E 66 19.18 16.58 -48.61
C GLU E 66 18.85 15.86 -47.30
N LEU E 67 18.47 14.58 -47.39
CA LEU E 67 18.12 13.79 -46.20
C LEU E 67 19.14 12.71 -45.91
N ASP E 68 19.26 12.35 -44.64
CA ASP E 68 20.13 11.24 -44.23
C ASP E 68 19.57 9.92 -44.78
N ASP E 69 20.44 8.90 -44.85
CA ASP E 69 20.10 7.57 -45.39
C ASP E 69 19.67 6.61 -44.30
N TYR E 70 20.13 6.82 -43.08
CA TYR E 70 19.80 5.94 -41.97
C TYR E 70 19.36 6.76 -40.79
N TYR E 71 18.58 6.09 -39.94
CA TYR E 71 18.30 6.57 -38.60
C TYR E 71 19.29 5.87 -37.66
N GLY E 72 19.78 6.62 -36.69
CA GLY E 72 20.56 6.02 -35.61
C GLY E 72 19.83 6.30 -34.33
N PHE E 73 19.78 5.33 -33.45
CA PHE E 73 19.17 5.52 -32.15
C PHE E 73 20.28 5.28 -31.17
N TRP E 74 20.66 6.36 -30.50
CA TRP E 74 21.78 6.39 -29.57
C TRP E 74 21.20 6.26 -28.16
N SER E 75 21.78 5.43 -27.34
CA SER E 75 21.48 5.47 -25.92
C SER E 75 22.02 6.79 -25.38
N GLY E 76 21.33 7.35 -24.41
CA GLY E 76 21.70 8.61 -23.79
C GLY E 76 22.57 8.42 -22.59
N GLY E 77 22.95 7.17 -22.34
CA GLY E 77 23.80 6.85 -21.18
C GLY E 77 23.20 7.23 -19.84
N HIS E 78 24.02 7.83 -18.98
CA HIS E 78 23.56 8.23 -17.64
C HIS E 78 22.67 9.45 -17.68
N GLN E 79 22.49 10.06 -18.85
CA GLN E 79 21.58 11.19 -18.96
C GLN E 79 20.09 10.72 -19.01
N GLY E 80 19.85 9.51 -19.52
CA GLY E 80 18.55 8.84 -19.40
C GLY E 80 17.66 8.75 -20.62
N GLU E 81 17.99 9.50 -21.67
CA GLU E 81 17.12 9.59 -22.82
C GLU E 81 17.61 8.69 -23.95
N VAL E 82 16.80 8.58 -25.00
CA VAL E 82 17.22 7.96 -26.26
C VAL E 82 17.30 9.08 -27.31
N ARG E 83 18.39 9.11 -28.09
CA ARG E 83 18.57 10.19 -29.08
C ARG E 83 18.48 9.65 -30.49
N VAL E 84 17.74 10.37 -31.34
CA VAL E 84 17.57 10.00 -32.75
C VAL E 84 18.51 10.82 -33.62
N LEU E 85 19.38 10.15 -34.39
CA LEU E 85 20.29 10.84 -35.30
C LEU E 85 20.01 10.44 -36.75
N GLY E 86 20.48 11.31 -37.63
CA GLY E 86 20.57 11.01 -39.05
C GLY E 86 21.98 10.55 -39.37
N VAL E 87 22.07 9.45 -40.11
CA VAL E 87 23.35 8.93 -40.60
C VAL E 87 23.34 9.04 -42.12
N PRO E 88 24.44 9.54 -42.72
CA PRO E 88 25.75 9.81 -42.14
C PRO E 88 26.09 11.24 -41.69
N SER E 89 25.13 12.14 -41.56
CA SER E 89 25.46 13.50 -41.10
C SER E 89 25.82 13.50 -39.60
N MET E 90 25.33 12.50 -38.88
CA MET E 90 25.53 12.39 -37.43
C MET E 90 24.87 13.51 -36.60
N ARG E 91 23.91 14.21 -37.21
CA ARG E 91 23.16 15.25 -36.52
C ARG E 91 22.02 14.66 -35.70
N GLU E 92 21.77 15.28 -34.55
CA GLU E 92 20.68 14.87 -33.66
C GLU E 92 19.34 15.48 -34.07
N LEU E 93 18.43 14.62 -34.55
CA LEU E 93 17.13 15.04 -35.06
C LEU E 93 16.10 15.22 -33.96
N MET E 94 16.21 14.40 -32.92
CA MET E 94 15.22 14.32 -31.83
C MET E 94 15.84 13.70 -30.57
N ARG E 95 15.27 14.06 -29.43
CA ARG E 95 15.55 13.39 -28.16
C ARG E 95 14.26 12.79 -27.66
N ILE E 96 14.31 11.53 -27.25
CA ILE E 96 13.11 10.85 -26.74
C ILE E 96 13.32 10.63 -25.27
N PRO E 97 12.49 11.29 -24.44
CA PRO E 97 12.73 11.13 -23.01
C PRO E 97 12.20 9.81 -22.54
N VAL E 98 12.93 9.20 -21.62
CA VAL E 98 12.66 7.85 -21.16
C VAL E 98 12.79 7.84 -19.64
N PHE E 99 14.01 7.83 -19.11
CA PHE E 99 14.19 7.78 -17.66
C PHE E 99 14.53 9.16 -17.07
N ASN E 100 14.93 10.10 -17.93
CA ASN E 100 15.07 11.52 -17.55
C ASN E 100 13.71 12.24 -17.43
N VAL E 101 13.68 13.32 -16.63
CA VAL E 101 12.61 14.30 -16.65
C VAL E 101 12.93 15.40 -17.68
N ASP E 102 12.03 15.54 -18.67
CA ASP E 102 12.19 16.54 -19.73
C ASP E 102 11.29 17.74 -19.54
N SER E 103 11.91 18.87 -19.25
CA SER E 103 11.23 20.13 -19.05
C SER E 103 10.39 20.49 -20.28
N ALA E 104 10.91 20.18 -21.47
CA ALA E 104 10.30 20.67 -22.70
C ALA E 104 8.94 20.03 -23.05
N THR E 105 8.91 18.70 -23.06
CA THR E 105 7.67 18.01 -23.38
C THR E 105 6.83 17.69 -22.15
N GLY E 106 7.44 17.83 -20.97
CA GLY E 106 6.75 17.48 -19.74
C GLY E 106 6.81 16.01 -19.36
N TRP E 107 7.67 15.24 -20.02
CA TRP E 107 7.87 13.82 -19.66
C TRP E 107 8.45 13.76 -18.25
N GLY E 108 7.77 13.06 -17.35
CA GLY E 108 8.09 13.07 -15.94
C GLY E 108 7.20 13.99 -15.11
N LEU E 109 6.49 14.90 -15.77
CA LEU E 109 5.61 15.86 -15.10
C LEU E 109 4.12 15.62 -15.43
N THR E 110 3.83 15.30 -16.70
CA THR E 110 2.47 15.04 -17.19
C THR E 110 1.87 13.78 -16.61
N ASN E 111 0.54 13.73 -16.58
CA ASN E 111 -0.18 12.53 -16.17
C ASN E 111 -0.01 11.34 -17.14
N GLU E 112 0.10 11.64 -18.45
CA GLU E 112 0.34 10.57 -19.44
C GLU E 112 1.65 9.86 -19.18
N SER E 113 2.73 10.64 -19.04
CA SER E 113 4.05 10.08 -18.82
C SER E 113 4.15 9.39 -17.47
N ARG E 114 3.59 10.01 -16.43
CA ARG E 114 3.74 9.47 -15.08
C ARG E 114 2.97 8.16 -14.93
N HIS E 115 1.84 8.06 -15.62
CA HIS E 115 1.13 6.80 -15.73
C HIS E 115 1.98 5.68 -16.36
N ILE E 116 2.69 6.01 -17.46
CA ILE E 116 3.50 5.00 -18.16
C ILE E 116 4.65 4.54 -17.29
N MET E 117 5.27 5.47 -16.55
CA MET E 117 6.36 5.15 -15.65
C MET E 117 5.90 4.43 -14.36
N GLY E 118 4.63 4.59 -13.99
CA GLY E 118 4.12 3.96 -12.77
C GLY E 118 4.86 4.49 -11.54
N ASP E 119 5.12 3.62 -10.58
CA ASP E 119 5.79 4.00 -9.33
C ASP E 119 7.22 4.56 -9.48
N SER E 120 7.91 4.20 -10.56
CA SER E 120 9.23 4.74 -10.86
C SER E 120 9.22 6.20 -11.32
N ALA E 121 8.03 6.76 -11.56
CA ALA E 121 7.88 8.19 -11.86
C ALA E 121 8.50 9.10 -10.78
N LYS E 122 8.69 8.55 -9.59
CA LYS E 122 9.36 9.25 -8.49
C LYS E 122 10.88 9.41 -8.71
N PHE E 123 11.47 8.60 -9.60
CA PHE E 123 12.88 8.70 -9.89
C PHE E 123 13.12 9.72 -10.99
N LEU E 124 14.22 10.46 -10.87
CA LEU E 124 14.55 11.51 -11.83
C LEU E 124 15.78 11.15 -12.66
N ASN E 125 16.27 9.93 -12.48
CA ASN E 125 17.46 9.49 -13.17
C ASN E 125 17.29 8.13 -13.83
N GLY E 126 18.22 7.83 -14.74
CA GLY E 126 18.32 6.54 -15.32
C GLY E 126 19.69 6.42 -15.94
N ASP E 127 20.00 5.24 -16.44
CA ASP E 127 21.33 4.97 -16.96
C ASP E 127 21.18 3.94 -18.08
N CYS E 128 21.10 4.44 -19.31
CA CYS E 128 20.82 3.55 -20.41
C CYS E 128 21.99 3.22 -21.35
N HIS E 129 22.01 1.99 -21.85
CA HIS E 129 23.22 1.49 -22.53
C HIS E 129 22.95 0.93 -23.90
N HIS E 130 21.88 0.13 -24.01
CA HIS E 130 21.70 -0.84 -25.09
C HIS E 130 20.35 -0.66 -25.77
N PRO E 131 20.28 0.18 -26.81
CA PRO E 131 19.02 0.39 -27.49
C PRO E 131 18.88 -0.67 -28.57
N HIS E 132 17.69 -1.26 -28.72
CA HIS E 132 17.47 -2.34 -29.70
C HIS E 132 16.12 -2.29 -30.42
N ILE E 133 16.12 -2.63 -31.69
CA ILE E 133 14.90 -2.54 -32.52
C ILE E 133 14.29 -3.91 -32.73
N SER E 134 12.98 -3.98 -32.53
CA SER E 134 12.23 -5.23 -32.71
C SER E 134 12.43 -5.79 -34.08
N MET E 135 12.35 -7.12 -34.14
CA MET E 135 12.67 -7.86 -35.33
C MET E 135 11.61 -8.88 -35.74
N THR E 136 11.53 -9.10 -37.04
CA THR E 136 10.70 -10.16 -37.60
C THR E 136 11.53 -10.93 -38.62
N ASP E 137 11.57 -12.26 -38.46
CA ASP E 137 12.35 -13.15 -39.33
C ASP E 137 13.81 -12.71 -39.45
N GLY E 138 14.40 -12.27 -38.33
CA GLY E 138 15.78 -11.82 -38.30
C GLY E 138 16.08 -10.52 -39.03
N LYS E 139 15.05 -9.68 -39.24
CA LYS E 139 15.16 -8.38 -39.90
C LYS E 139 14.42 -7.34 -39.06
N TYR E 140 14.95 -6.12 -38.92
CA TYR E 140 14.20 -5.05 -38.22
C TYR E 140 12.83 -4.86 -38.86
N ASP E 141 11.82 -4.70 -38.02
CA ASP E 141 10.45 -4.41 -38.49
C ASP E 141 10.02 -2.99 -38.11
N GLY E 142 10.85 -2.30 -37.33
CA GLY E 142 10.63 -0.88 -37.03
C GLY E 142 9.43 -0.54 -36.18
N LYS E 143 8.92 -1.53 -35.46
CA LYS E 143 7.80 -1.29 -34.56
C LYS E 143 8.25 -0.65 -33.25
N TYR E 144 9.24 -1.28 -32.60
CA TYR E 144 9.63 -0.90 -31.26
C TYR E 144 11.13 -0.75 -31.08
N LEU E 145 11.52 0.15 -30.17
CA LEU E 145 12.87 0.19 -29.64
C LEU E 145 12.85 -0.10 -28.13
N PHE E 146 13.73 -0.98 -27.63
CA PHE E 146 13.85 -1.21 -26.19
C PHE E 146 15.21 -0.77 -25.69
N ILE E 147 15.24 -0.33 -24.43
CA ILE E 147 16.47 0.10 -23.78
C ILE E 147 16.43 -0.20 -22.29
N ASN E 148 17.60 -0.30 -21.68
CA ASN E 148 17.71 -0.66 -20.29
C ASN E 148 17.93 0.57 -19.43
N ASP E 149 17.69 0.40 -18.14
CA ASP E 149 18.06 1.35 -17.10
C ASP E 149 18.80 0.60 -16.01
N LYS E 150 20.11 0.78 -15.96
CA LYS E 150 20.95 0.11 -14.98
C LYS E 150 20.79 0.75 -13.60
N ALA E 151 20.50 2.05 -13.59
CA ALA E 151 20.33 2.83 -12.37
C ALA E 151 19.16 2.34 -11.52
N ASN E 152 17.97 2.30 -12.11
CA ASN E 152 16.77 1.92 -11.37
C ASN E 152 16.07 0.65 -11.89
N SER E 153 16.85 -0.21 -12.57
CA SER E 153 16.45 -1.59 -12.88
C SER E 153 15.19 -1.69 -13.75
N ARG E 154 15.19 -0.95 -14.86
CA ARG E 154 14.04 -0.84 -15.72
C ARG E 154 14.33 -1.26 -17.17
N VAL E 155 13.27 -1.63 -17.87
CA VAL E 155 13.30 -1.80 -19.30
C VAL E 155 12.23 -0.84 -19.81
N ALA E 156 12.52 -0.12 -20.89
CA ALA E 156 11.48 0.75 -21.44
C ALA E 156 11.29 0.46 -22.92
N ARG E 157 10.06 0.65 -23.38
CA ARG E 157 9.70 0.43 -24.79
C ARG E 157 9.37 1.76 -25.45
N ILE E 158 9.98 1.98 -26.62
CA ILE E 158 9.71 3.17 -27.43
C ILE E 158 8.91 2.74 -28.67
N ARG E 159 7.78 3.39 -28.91
CA ARG E 159 7.03 3.15 -30.15
C ARG E 159 7.64 4.03 -31.22
N LEU E 160 8.15 3.42 -32.27
CA LEU E 160 8.90 4.13 -33.30
C LEU E 160 8.00 4.91 -34.26
N ASP E 161 6.69 4.66 -34.24
CA ASP E 161 5.79 5.49 -35.08
C ASP E 161 5.56 6.91 -34.50
N ILE E 162 5.63 7.04 -33.18
CA ILE E 162 5.40 8.35 -32.57
C ILE E 162 6.66 8.86 -31.87
N MET E 163 7.68 8.01 -31.78
CA MET E 163 8.97 8.35 -31.11
C MET E 163 8.77 8.84 -29.69
N LYS E 164 8.11 8.00 -28.89
CA LYS E 164 7.88 8.28 -27.50
C LYS E 164 7.96 6.96 -26.81
N CYS E 165 8.35 7.01 -25.55
CA CYS E 165 8.28 5.86 -24.68
C CYS E 165 6.82 5.59 -24.35
N ASP E 166 6.36 4.38 -24.63
CA ASP E 166 4.95 4.06 -24.38
C ASP E 166 4.73 3.06 -23.24
N LYS E 167 5.76 2.24 -22.94
CA LYS E 167 5.68 1.32 -21.81
C LYS E 167 7.00 1.28 -21.05
N MET E 168 6.90 0.96 -19.75
CA MET E 168 8.05 0.91 -18.88
C MET E 168 7.78 -0.11 -17.80
N ILE E 169 8.77 -0.95 -17.50
CA ILE E 169 8.61 -1.88 -16.39
C ILE E 169 9.80 -1.85 -15.42
N THR E 170 9.52 -1.92 -14.12
CA THR E 170 10.59 -2.18 -13.16
C THR E 170 10.74 -3.68 -12.99
N VAL E 171 11.92 -4.21 -13.32
CA VAL E 171 12.14 -5.66 -13.22
C VAL E 171 12.18 -6.07 -11.72
N PRO E 172 11.35 -7.06 -11.33
CA PRO E 172 11.21 -7.51 -9.94
C PRO E 172 12.39 -8.34 -9.45
N ASN E 173 12.71 -8.18 -8.16
CA ASN E 173 13.68 -9.02 -7.46
C ASN E 173 15.07 -9.01 -8.08
N VAL E 174 15.48 -7.85 -8.57
CA VAL E 174 16.82 -7.73 -9.15
C VAL E 174 17.40 -6.37 -8.88
N GLN E 175 18.69 -6.25 -9.17
CA GLN E 175 19.34 -4.96 -9.17
C GLN E 175 20.21 -4.81 -10.41
N ALA E 176 19.99 -3.69 -11.10
CA ALA E 176 20.80 -3.24 -12.23
C ALA E 176 20.58 -3.99 -13.53
N ILE E 177 19.64 -3.49 -14.33
CA ILE E 177 19.41 -4.01 -15.66
C ILE E 177 20.42 -3.37 -16.64
N HIS E 178 21.37 -4.19 -17.10
CA HIS E 178 22.46 -3.72 -17.95
C HIS E 178 22.33 -4.29 -19.38
N GLY E 179 22.84 -5.51 -19.59
CA GLY E 179 22.70 -6.20 -20.88
C GLY E 179 21.23 -6.36 -21.33
N LEU E 180 20.99 -6.09 -22.61
CA LEU E 180 19.65 -6.21 -23.18
C LEU E 180 19.79 -6.50 -24.65
N ARG E 181 19.11 -7.52 -25.13
CA ARG E 181 18.95 -7.70 -26.57
C ARG E 181 17.64 -8.41 -26.88
N LEU E 182 17.26 -8.45 -28.15
CA LEU E 182 15.96 -8.97 -28.50
C LEU E 182 16.05 -10.31 -29.23
N GLN E 183 15.03 -11.14 -29.03
CA GLN E 183 14.81 -12.30 -29.87
C GLN E 183 14.74 -11.86 -31.34
N LYS E 184 15.34 -12.64 -32.22
CA LYS E 184 15.40 -12.34 -33.66
C LYS E 184 14.37 -13.14 -34.48
N VAL E 185 14.20 -14.40 -34.08
CA VAL E 185 13.46 -15.37 -34.86
C VAL E 185 12.54 -16.18 -33.95
N PRO E 186 11.28 -16.43 -34.38
CA PRO E 186 10.70 -15.93 -35.65
C PRO E 186 10.37 -14.44 -35.59
N HIS E 187 10.28 -13.90 -34.37
CA HIS E 187 10.22 -12.46 -34.17
C HIS E 187 10.59 -12.10 -32.72
N THR E 188 10.53 -10.81 -32.43
CA THR E 188 10.81 -10.33 -31.09
C THR E 188 9.64 -10.67 -30.16
N LYS E 189 9.59 -11.92 -29.74
CA LYS E 189 8.59 -12.34 -28.75
C LYS E 189 9.12 -11.89 -27.40
N TYR E 190 10.41 -12.10 -27.14
CA TYR E 190 11.00 -11.71 -25.85
C TYR E 190 12.02 -10.59 -25.96
N VAL E 191 12.08 -9.77 -24.91
CA VAL E 191 13.17 -8.85 -24.67
C VAL E 191 14.01 -9.56 -23.61
N PHE E 192 15.30 -9.77 -23.87
CA PHE E 192 16.15 -10.40 -22.85
C PHE E 192 16.96 -9.35 -22.09
N ALA E 193 16.93 -9.40 -20.76
CA ALA E 193 17.66 -8.39 -19.97
C ALA E 193 18.45 -9.00 -18.82
N ASN E 194 19.71 -8.61 -18.72
CA ASN E 194 20.59 -9.01 -17.63
C ASN E 194 20.41 -8.10 -16.43
N ALA E 195 20.23 -8.71 -15.25
CA ALA E 195 20.52 -8.03 -13.97
C ALA E 195 21.96 -8.36 -13.57
N GLU E 196 22.76 -7.31 -13.41
CA GLU E 196 24.23 -7.43 -13.27
C GLU E 196 24.75 -7.81 -11.89
N PHE E 197 23.99 -7.48 -10.85
CA PHE E 197 24.46 -7.54 -9.48
C PHE E 197 23.83 -8.66 -8.64
N ILE E 198 24.69 -9.43 -7.97
CA ILE E 198 24.29 -10.51 -7.10
C ILE E 198 23.71 -9.91 -5.83
N ILE E 199 22.49 -10.33 -5.48
CA ILE E 199 21.84 -9.86 -4.26
C ILE E 199 21.23 -11.03 -3.45
N PRO E 200 20.98 -10.81 -2.15
CA PRO E 200 20.28 -11.82 -1.33
C PRO E 200 18.80 -11.96 -1.69
N HIS E 201 18.25 -13.16 -1.54
CA HIS E 201 16.83 -13.40 -1.75
C HIS E 201 16.19 -14.21 -0.58
N PRO E 202 15.33 -13.57 0.24
CA PRO E 202 14.88 -12.18 0.17
C PRO E 202 15.99 -11.19 0.57
N ASN E 203 15.88 -9.95 0.09
CA ASN E 203 16.84 -8.91 0.43
C ASN E 203 16.27 -8.07 1.55
N ASP E 204 16.30 -8.62 2.75
CA ASP E 204 15.50 -8.11 3.87
C ASP E 204 16.36 -7.54 5.00
N GLY E 205 17.68 -7.62 4.86
CA GLY E 205 18.60 -7.08 5.85
C GLY E 205 19.24 -8.13 6.76
N LYS E 206 18.85 -9.39 6.59
CA LYS E 206 19.33 -10.44 7.48
C LYS E 206 20.66 -11.02 6.99
N VAL E 207 20.72 -11.34 5.71
CA VAL E 207 21.93 -11.88 5.08
C VAL E 207 22.47 -10.83 4.07
N PHE E 208 23.78 -10.59 4.05
CA PHE E 208 24.37 -9.70 3.03
C PHE E 208 25.39 -10.41 2.14
N ASP E 209 25.78 -11.61 2.58
CA ASP E 209 26.86 -12.38 1.99
C ASP E 209 26.54 -12.89 0.58
N LEU E 210 27.45 -12.63 -0.36
CA LEU E 210 27.29 -12.97 -1.78
C LEU E 210 27.32 -14.48 -2.03
N GLN E 211 27.98 -15.19 -1.12
CA GLN E 211 28.19 -16.63 -1.25
C GLN E 211 27.07 -17.44 -0.61
N ASP E 212 26.12 -16.77 0.04
CA ASP E 212 24.94 -17.45 0.56
C ASP E 212 24.21 -18.18 -0.58
N GLU E 213 23.76 -19.38 -0.27
CA GLU E 213 22.91 -20.21 -1.11
C GLU E 213 21.76 -19.46 -1.85
N ASN E 214 21.21 -18.41 -1.24
CA ASN E 214 20.11 -17.65 -1.87
C ASN E 214 20.54 -16.25 -2.33
N SER E 215 21.83 -16.06 -2.56
CA SER E 215 22.31 -14.82 -3.12
C SER E 215 22.69 -15.06 -4.56
N TYR E 216 22.03 -14.36 -5.45
CA TYR E 216 22.27 -14.60 -6.87
C TYR E 216 21.75 -13.45 -7.69
N THR E 217 21.90 -13.56 -9.01
CA THR E 217 21.20 -12.69 -9.91
C THR E 217 20.46 -13.55 -10.93
N MET E 218 19.70 -12.91 -11.81
CA MET E 218 18.80 -13.66 -12.67
C MET E 218 18.77 -13.08 -14.09
N TYR E 219 18.61 -13.96 -15.06
CA TYR E 219 18.36 -13.60 -16.45
C TYR E 219 16.87 -13.31 -16.63
N ASN E 220 16.53 -12.26 -17.37
CA ASN E 220 15.15 -11.80 -17.43
C ASN E 220 14.58 -11.81 -18.84
N ALA E 221 13.35 -12.30 -18.97
CA ALA E 221 12.62 -12.23 -20.22
C ALA E 221 11.33 -11.48 -20.03
N ILE E 222 11.15 -10.48 -20.88
CA ILE E 222 9.97 -9.61 -20.84
C ILE E 222 9.20 -9.80 -22.14
N ASP E 223 7.88 -9.98 -22.03
CA ASP E 223 7.05 -10.03 -23.22
C ASP E 223 7.11 -8.69 -23.97
N ALA E 224 7.59 -8.71 -25.20
CA ALA E 224 7.77 -7.49 -25.98
C ALA E 224 6.46 -6.70 -26.18
N GLU E 225 5.37 -7.38 -26.58
CA GLU E 225 4.06 -6.72 -26.75
C GLU E 225 3.33 -6.28 -25.47
N THR E 226 3.28 -7.12 -24.45
CA THR E 226 2.55 -6.72 -23.24
C THR E 226 3.42 -5.90 -22.28
N MET E 227 4.74 -6.03 -22.44
CA MET E 227 5.71 -5.46 -21.51
C MET E 227 5.49 -5.95 -20.09
N GLU E 228 5.01 -7.18 -19.97
CA GLU E 228 4.96 -7.87 -18.69
C GLU E 228 6.12 -8.86 -18.62
N MET E 229 6.60 -9.12 -17.41
CA MET E 229 7.57 -10.20 -17.19
C MET E 229 7.03 -11.52 -17.77
N ALA E 230 7.90 -12.28 -18.41
CA ALA E 230 7.54 -13.60 -18.92
C ALA E 230 8.16 -14.67 -18.04
N PHE E 231 9.46 -14.52 -17.72
CA PHE E 231 10.13 -15.42 -16.78
C PHE E 231 11.49 -14.92 -16.36
N GLN E 232 12.03 -15.54 -15.31
CA GLN E 232 13.39 -15.26 -14.87
C GLN E 232 14.14 -16.56 -14.65
N VAL E 233 15.42 -16.57 -15.00
CA VAL E 233 16.29 -17.74 -14.80
C VAL E 233 17.41 -17.36 -13.84
N ILE E 234 17.44 -18.01 -12.68
CA ILE E 234 18.54 -17.92 -11.73
C ILE E 234 19.83 -18.49 -12.36
N VAL E 235 20.90 -17.72 -12.26
CA VAL E 235 22.18 -18.16 -12.77
C VAL E 235 23.24 -18.15 -11.68
N ASP E 236 24.31 -18.90 -11.92
CA ASP E 236 25.55 -18.78 -11.15
C ASP E 236 26.24 -17.46 -11.55
N GLY E 237 27.25 -17.05 -10.77
CA GLY E 237 28.03 -15.87 -11.09
C GLY E 237 27.16 -14.65 -11.30
N ASN E 238 27.40 -13.94 -12.39
CA ASN E 238 26.59 -12.76 -12.73
C ASN E 238 26.38 -12.65 -14.24
N LEU E 239 25.81 -11.52 -14.65
CA LEU E 239 25.52 -11.26 -16.06
C LEU E 239 25.98 -9.86 -16.46
N ASP E 240 26.58 -9.75 -17.63
CA ASP E 240 27.08 -8.48 -18.14
C ASP E 240 26.29 -8.11 -19.42
N ASN E 241 26.68 -8.68 -20.57
CA ASN E 241 25.99 -8.49 -21.85
C ASN E 241 25.32 -9.77 -22.39
N THR E 242 24.42 -9.60 -23.37
CA THR E 242 23.64 -10.73 -23.89
C THR E 242 23.30 -10.62 -25.38
N ASP E 243 23.17 -11.76 -26.06
CA ASP E 243 22.62 -11.76 -27.42
C ASP E 243 21.79 -13.02 -27.64
N ALA E 244 21.06 -13.03 -28.75
CA ALA E 244 20.17 -14.15 -29.09
C ALA E 244 20.55 -14.67 -30.47
N ASP E 245 20.18 -15.94 -30.73
CA ASP E 245 20.51 -16.63 -31.96
C ASP E 245 19.45 -16.29 -33.04
N TYR E 246 19.51 -16.96 -34.20
CA TYR E 246 18.56 -16.77 -35.31
C TYR E 246 17.55 -17.92 -35.43
N THR E 247 17.21 -18.55 -34.31
CA THR E 247 16.17 -19.57 -34.30
C THR E 247 15.13 -19.32 -33.23
N GLY E 248 15.53 -18.75 -32.10
CA GLY E 248 14.59 -18.49 -31.01
C GLY E 248 14.79 -19.49 -29.91
N ARG E 249 15.65 -20.46 -30.13
CA ARG E 249 15.88 -21.47 -29.11
C ARG E 249 16.91 -21.00 -28.11
N PHE E 250 17.99 -20.38 -28.59
CA PHE E 250 19.07 -20.00 -27.70
C PHE E 250 19.28 -18.50 -27.45
N ALA E 251 19.69 -18.20 -26.23
CA ALA E 251 20.24 -16.88 -25.87
C ALA E 251 21.53 -17.12 -25.08
N ALA E 252 22.36 -16.09 -24.99
CA ALA E 252 23.65 -16.23 -24.33
C ALA E 252 23.99 -14.98 -23.56
N ALA E 253 24.73 -15.15 -22.47
CA ALA E 253 25.20 -13.99 -21.72
C ALA E 253 26.62 -14.18 -21.21
N THR E 254 27.38 -13.09 -21.19
CA THR E 254 28.67 -13.09 -20.51
C THR E 254 28.52 -12.93 -18.99
N CYS E 255 29.54 -13.37 -18.26
CA CYS E 255 29.64 -13.27 -16.81
C CYS E 255 31.07 -12.84 -16.50
N TYR E 256 31.29 -11.96 -15.52
CA TYR E 256 32.66 -11.56 -15.15
C TYR E 256 32.98 -11.84 -13.69
N ASN E 257 31.94 -12.18 -12.93
CA ASN E 257 32.06 -12.46 -11.50
C ASN E 257 31.61 -13.91 -11.19
N SER E 258 32.18 -14.89 -11.87
CA SER E 258 32.01 -16.29 -11.47
C SER E 258 32.44 -16.52 -10.01
N GLU E 259 33.29 -15.60 -9.52
CA GLU E 259 33.84 -15.68 -8.18
C GLU E 259 32.86 -15.22 -7.12
N LYS E 260 31.78 -14.59 -7.54
CA LYS E 260 30.85 -13.98 -6.58
C LYS E 260 31.59 -13.20 -5.49
N ALA E 261 32.52 -12.34 -5.89
CA ALA E 261 33.30 -11.52 -4.95
C ALA E 261 32.81 -10.08 -5.01
N PHE E 262 33.09 -9.31 -3.95
CA PHE E 262 32.79 -7.89 -3.94
C PHE E 262 34.03 -7.03 -4.21
N ASP E 263 35.21 -7.58 -3.94
CA ASP E 263 36.46 -6.83 -4.12
C ASP E 263 37.07 -7.01 -5.50
N LEU E 264 37.86 -6.02 -5.92
CA LEU E 264 38.40 -5.94 -7.28
C LEU E 264 39.25 -7.15 -7.63
N GLY E 265 40.19 -7.49 -6.76
CA GLY E 265 41.05 -8.66 -6.94
C GLY E 265 40.28 -9.97 -7.04
N GLY E 266 39.29 -10.14 -6.17
CA GLY E 266 38.41 -11.30 -6.19
C GLY E 266 37.68 -11.45 -7.52
N MET E 267 37.13 -10.36 -8.06
CA MET E 267 36.38 -10.41 -9.33
C MET E 267 37.24 -10.84 -10.54
N MET E 268 38.56 -10.86 -10.35
CA MET E 268 39.53 -11.13 -11.42
C MET E 268 40.38 -12.36 -11.14
N ARG E 269 40.02 -13.11 -10.10
CA ARG E 269 40.81 -14.26 -9.66
C ARG E 269 40.81 -15.43 -10.65
N ASN E 270 39.67 -15.71 -11.24
CA ASN E 270 39.56 -16.88 -12.12
C ASN E 270 40.09 -16.57 -13.49
N GLU E 271 40.87 -17.51 -14.00
CA GLU E 271 41.45 -17.43 -15.30
C GLU E 271 40.35 -17.34 -16.36
N ARG E 272 39.27 -18.08 -16.15
CA ARG E 272 38.09 -17.99 -17.01
C ARG E 272 36.84 -17.78 -16.18
N ASP E 273 35.97 -16.89 -16.65
CA ASP E 273 34.59 -16.87 -16.17
C ASP E 273 33.79 -17.74 -17.12
N TRP E 274 32.68 -17.25 -17.65
CA TRP E 274 31.96 -18.03 -18.66
C TRP E 274 30.99 -17.22 -19.51
N VAL E 275 30.54 -17.82 -20.61
CA VAL E 275 29.25 -17.46 -21.15
C VAL E 275 28.21 -18.51 -20.84
N VAL E 276 27.11 -18.04 -20.28
CA VAL E 276 26.01 -18.92 -19.93
C VAL E 276 25.04 -18.89 -21.10
N VAL E 277 24.69 -20.08 -21.55
CA VAL E 277 23.79 -20.25 -22.68
C VAL E 277 22.48 -20.77 -22.13
N PHE E 278 21.38 -20.18 -22.60
CA PHE E 278 20.05 -20.53 -22.15
C PHE E 278 19.27 -21.31 -23.21
N ASP E 279 18.65 -22.43 -22.82
CA ASP E 279 17.75 -23.16 -23.70
C ASP E 279 16.35 -22.59 -23.49
N ILE E 280 16.01 -21.58 -24.30
CA ILE E 280 14.74 -20.90 -24.20
C ILE E 280 13.57 -21.86 -24.42
N HIS E 281 13.68 -22.79 -25.37
CA HIS E 281 12.62 -23.77 -25.56
C HIS E 281 12.34 -24.58 -24.30
N ALA E 282 13.41 -24.98 -23.60
CA ALA E 282 13.29 -25.78 -22.38
C ALA E 282 12.63 -24.98 -21.27
N VAL E 283 12.99 -23.71 -21.18
CA VAL E 283 12.45 -22.78 -20.19
C VAL E 283 10.96 -22.60 -20.41
N GLU E 284 10.57 -22.33 -21.66
CA GLU E 284 9.16 -22.14 -21.99
C GLU E 284 8.30 -23.35 -21.64
N ALA E 285 8.84 -24.54 -21.84
CA ALA E 285 8.09 -25.78 -21.63
C ALA E 285 7.87 -26.02 -20.14
N ALA E 286 8.86 -25.60 -19.33
CA ALA E 286 8.75 -25.70 -17.88
C ALA E 286 7.74 -24.71 -17.33
N VAL E 287 7.74 -23.48 -17.85
CA VAL E 287 6.75 -22.50 -17.43
C VAL E 287 5.34 -23.07 -17.70
N LYS E 288 5.15 -23.56 -18.92
CA LYS E 288 3.87 -24.05 -19.38
C LYS E 288 3.44 -25.30 -18.57
N ALA E 289 4.39 -26.15 -18.21
CA ALA E 289 4.14 -27.30 -17.32
C ALA E 289 3.87 -26.91 -15.86
N GLY E 290 4.12 -25.65 -15.52
CA GLY E 290 3.98 -25.18 -14.15
C GLY E 290 5.15 -25.59 -13.26
N ASP E 291 6.25 -26.05 -13.87
CA ASP E 291 7.46 -26.36 -13.10
C ASP E 291 8.29 -25.11 -12.84
N PHE E 292 7.86 -24.30 -11.89
CA PHE E 292 8.56 -23.07 -11.54
C PHE E 292 8.21 -22.62 -10.12
N ILE E 293 9.00 -21.71 -9.57
CA ILE E 293 8.70 -21.11 -8.29
C ILE E 293 8.42 -19.62 -8.51
N THR E 294 7.97 -18.92 -7.47
CA THR E 294 7.89 -17.45 -7.54
C THR E 294 8.64 -16.84 -6.36
N LEU E 295 9.12 -15.62 -6.53
CA LEU E 295 9.89 -14.95 -5.49
C LEU E 295 9.08 -13.79 -4.91
N GLY E 296 8.90 -13.80 -3.59
CA GLY E 296 8.18 -12.75 -2.88
C GLY E 296 6.79 -12.45 -3.38
N ASP E 297 6.59 -11.19 -3.77
CA ASP E 297 5.30 -10.63 -4.20
C ASP E 297 5.02 -10.96 -5.68
N SER E 298 6.10 -11.07 -6.46
CA SER E 298 6.01 -11.17 -7.93
C SER E 298 5.42 -12.50 -8.41
N LYS E 299 4.64 -12.43 -9.48
CA LYS E 299 4.00 -13.61 -10.04
C LYS E 299 4.87 -14.23 -11.13
N THR E 300 6.01 -13.59 -11.38
CA THR E 300 6.92 -14.00 -12.44
C THR E 300 7.43 -15.43 -12.20
N PRO E 301 7.26 -16.33 -13.18
CA PRO E 301 7.85 -17.65 -13.02
C PRO E 301 9.38 -17.58 -12.95
N VAL E 302 9.97 -18.26 -11.96
CA VAL E 302 11.42 -18.29 -11.81
C VAL E 302 11.93 -19.73 -11.98
N LEU E 303 12.87 -19.93 -12.90
CA LEU E 303 13.47 -21.24 -13.16
C LEU E 303 14.86 -21.22 -12.60
N ASP E 304 15.35 -22.38 -12.17
CA ASP E 304 16.68 -22.45 -11.59
C ASP E 304 17.67 -22.92 -12.63
N GLY E 305 18.54 -22.01 -13.08
CA GLY E 305 19.58 -22.30 -14.05
C GLY E 305 20.96 -22.48 -13.43
N ARG E 306 21.03 -22.65 -12.11
CA ARG E 306 22.35 -22.84 -11.48
C ARG E 306 22.77 -24.30 -11.60
N LYS E 307 24.08 -24.57 -11.53
CA LYS E 307 24.55 -25.95 -11.39
C LYS E 307 24.27 -26.43 -9.98
N LYS E 308 24.08 -27.73 -9.82
CA LYS E 308 23.77 -28.28 -8.51
C LYS E 308 24.69 -29.46 -8.28
N ASP E 309 25.73 -29.22 -7.47
CA ASP E 309 26.78 -30.20 -7.22
C ASP E 309 27.39 -30.71 -8.54
N GLY E 310 27.74 -29.77 -9.42
CA GLY E 310 28.36 -30.11 -10.70
C GLY E 310 27.41 -30.62 -11.77
N LYS E 311 26.18 -30.94 -11.40
CA LYS E 311 25.17 -31.32 -12.37
C LYS E 311 24.50 -30.07 -13.01
N ASP E 312 24.47 -30.05 -14.34
CA ASP E 312 23.81 -28.97 -15.07
C ASP E 312 22.30 -28.91 -14.83
N SER E 313 21.77 -27.70 -14.85
CA SER E 313 20.34 -27.47 -15.00
C SER E 313 19.95 -27.83 -16.43
N LYS E 314 18.68 -28.12 -16.68
CA LYS E 314 18.22 -28.33 -18.06
C LYS E 314 18.04 -27.02 -18.83
N PHE E 315 18.13 -25.88 -18.16
CA PHE E 315 17.90 -24.61 -18.84
C PHE E 315 19.16 -23.93 -19.38
N THR E 316 20.33 -24.28 -18.81
CA THR E 316 21.57 -23.57 -19.06
C THR E 316 22.79 -24.47 -19.26
N ARG E 317 23.80 -23.91 -19.93
CA ARG E 317 25.11 -24.51 -19.95
C ARG E 317 26.12 -23.38 -19.77
N TYR E 318 27.21 -23.69 -19.08
CA TYR E 318 28.22 -22.70 -18.81
C TYR E 318 29.48 -23.00 -19.63
N VAL E 319 29.87 -22.10 -20.51
CA VAL E 319 31.04 -22.31 -21.36
C VAL E 319 32.15 -21.41 -20.88
N PRO E 320 33.24 -21.99 -20.30
CA PRO E 320 34.35 -21.18 -19.76
C PRO E 320 34.96 -20.28 -20.83
N VAL E 321 35.12 -19.00 -20.51
CA VAL E 321 35.64 -18.00 -21.42
C VAL E 321 36.52 -17.07 -20.60
N PRO E 322 37.74 -16.77 -21.09
CA PRO E 322 38.50 -15.76 -20.35
C PRO E 322 38.22 -14.36 -20.91
N LYS E 323 38.33 -13.30 -20.11
CA LYS E 323 38.52 -13.33 -18.65
C LYS E 323 37.87 -12.01 -18.16
N ASN E 324 36.89 -12.12 -17.26
CA ASN E 324 35.88 -11.06 -17.11
C ASN E 324 35.40 -10.65 -18.50
N PRO E 325 34.83 -11.61 -19.26
CA PRO E 325 34.48 -11.21 -20.61
C PRO E 325 33.30 -10.25 -20.57
N HIS E 326 33.18 -9.44 -21.62
CA HIS E 326 32.24 -8.36 -21.63
C HIS E 326 31.19 -8.50 -22.76
N GLY E 327 31.56 -8.10 -23.96
CA GLY E 327 30.64 -8.17 -25.09
C GLY E 327 30.16 -9.56 -25.45
N CYS E 328 28.91 -9.64 -25.89
CA CYS E 328 28.31 -10.92 -26.32
C CYS E 328 27.44 -10.63 -27.53
N ASN E 329 27.99 -10.90 -28.70
CA ASN E 329 27.41 -10.50 -29.98
C ASN E 329 27.22 -11.69 -30.92
N THR E 330 26.02 -11.79 -31.50
CA THR E 330 25.71 -12.88 -32.43
C THR E 330 26.10 -12.45 -33.84
N SER E 331 26.95 -13.20 -34.54
CA SER E 331 27.31 -12.84 -35.92
C SER E 331 26.09 -12.84 -36.82
N SER E 332 26.14 -12.03 -37.87
CA SER E 332 24.98 -11.81 -38.74
C SER E 332 24.61 -13.07 -39.54
N ASP E 333 25.55 -13.98 -39.74
CA ASP E 333 25.23 -15.26 -40.41
C ASP E 333 24.55 -16.28 -39.49
N GLY E 334 24.40 -15.95 -38.21
CA GLY E 334 23.77 -16.84 -37.26
C GLY E 334 24.65 -17.96 -36.72
N LYS E 335 25.95 -17.90 -37.05
CA LYS E 335 26.88 -18.98 -36.73
C LYS E 335 27.44 -18.93 -35.30
N TYR E 336 27.68 -17.72 -34.79
CA TYR E 336 28.46 -17.57 -33.55
C TYR E 336 27.90 -16.61 -32.52
N PHE E 337 27.94 -17.03 -31.25
CA PHE E 337 27.99 -16.08 -30.16
C PHE E 337 29.47 -15.75 -29.95
N ILE E 338 29.83 -14.48 -30.01
CA ILE E 338 31.22 -14.09 -29.82
C ILE E 338 31.37 -13.22 -28.59
N ALA E 339 32.12 -13.73 -27.61
CA ALA E 339 32.36 -13.03 -26.36
C ALA E 339 33.70 -12.32 -26.44
N ALA E 340 33.72 -11.05 -26.00
CA ALA E 340 34.96 -10.25 -26.03
C ALA E 340 35.71 -10.47 -24.73
N GLY E 341 36.99 -10.87 -24.82
CA GLY E 341 37.76 -11.31 -23.67
C GLY E 341 38.09 -10.31 -22.56
N LYS E 342 37.97 -9.01 -22.85
CA LYS E 342 38.38 -7.93 -21.94
C LYS E 342 39.78 -8.09 -21.30
N LEU E 343 39.91 -8.83 -20.19
CA LEU E 343 41.22 -9.02 -19.53
C LEU E 343 42.07 -10.07 -20.24
N SER E 344 41.43 -10.90 -21.06
CA SER E 344 42.14 -11.78 -22.00
C SER E 344 42.17 -11.11 -23.38
N PRO E 345 43.33 -11.11 -24.06
CA PRO E 345 43.43 -10.35 -25.32
C PRO E 345 42.75 -11.06 -26.51
N THR E 346 41.60 -11.66 -26.23
CA THR E 346 40.96 -12.60 -27.16
C THR E 346 39.48 -12.27 -27.40
N CYS E 347 38.87 -12.91 -28.39
CA CYS E 347 37.42 -13.10 -28.42
C CYS E 347 37.21 -14.60 -28.38
N SER E 348 36.08 -15.05 -27.84
CA SER E 348 35.73 -16.48 -27.84
C SER E 348 34.52 -16.75 -28.73
N MET E 349 34.67 -17.68 -29.66
CA MET E 349 33.63 -18.02 -30.64
C MET E 349 32.91 -19.32 -30.29
N ILE E 350 31.61 -19.20 -30.03
CA ILE E 350 30.80 -20.34 -29.66
C ILE E 350 29.97 -20.72 -30.86
N ALA E 351 30.20 -21.92 -31.39
CA ALA E 351 29.40 -22.43 -32.51
C ALA E 351 27.98 -22.73 -32.05
N ILE E 352 27.03 -21.92 -32.50
CA ILE E 352 25.59 -22.12 -32.19
C ILE E 352 25.08 -23.47 -32.69
N ASP E 353 25.70 -23.95 -33.78
CA ASP E 353 25.57 -25.31 -34.28
C ASP E 353 25.67 -26.45 -33.30
N LYS E 354 26.52 -26.27 -32.30
CA LYS E 354 26.92 -27.37 -31.43
C LYS E 354 26.10 -27.29 -30.17
N LEU E 355 25.34 -26.22 -30.06
CA LEU E 355 24.52 -26.01 -28.88
C LEU E 355 23.50 -27.13 -28.68
N PRO E 356 22.78 -27.56 -29.73
CA PRO E 356 21.91 -28.74 -29.55
C PRO E 356 22.62 -29.97 -28.98
N ASP E 357 23.82 -30.27 -29.45
CA ASP E 357 24.55 -31.42 -28.90
C ASP E 357 24.99 -31.23 -27.45
N LEU E 358 25.38 -29.99 -27.11
CA LEU E 358 25.77 -29.66 -25.75
C LEU E 358 24.65 -29.90 -24.76
N PHE E 359 23.44 -29.44 -25.09
CA PHE E 359 22.31 -29.58 -24.17
C PHE E 359 21.80 -31.02 -24.12
N ALA E 360 22.10 -31.78 -25.16
CA ALA E 360 21.69 -33.17 -25.27
C ALA E 360 22.70 -34.15 -24.66
N GLY E 361 23.79 -33.63 -24.09
CA GLY E 361 24.77 -34.50 -23.43
C GLY E 361 25.66 -35.28 -24.39
N LYS E 362 25.75 -34.81 -25.63
CA LYS E 362 26.55 -35.48 -26.65
C LYS E 362 28.00 -34.98 -26.68
N LEU E 363 28.28 -33.87 -26.00
CA LEU E 363 29.66 -33.37 -25.97
C LEU E 363 30.28 -33.67 -24.63
N ALA E 364 31.60 -33.90 -24.64
CA ALA E 364 32.28 -34.35 -23.43
C ALA E 364 32.65 -33.19 -22.52
N ASP E 365 32.74 -32.00 -23.10
CA ASP E 365 33.25 -30.84 -22.38
C ASP E 365 32.60 -29.57 -22.95
N PRO E 366 32.07 -28.69 -22.08
CA PRO E 366 31.50 -27.41 -22.52
C PRO E 366 32.39 -26.62 -23.50
N ARG E 367 33.71 -26.67 -23.31
CA ARG E 367 34.66 -25.99 -24.21
C ARG E 367 34.60 -26.51 -25.64
N ASP E 368 34.07 -27.73 -25.85
CA ASP E 368 33.88 -28.30 -27.21
C ASP E 368 33.12 -27.39 -28.20
N VAL E 369 32.28 -26.48 -27.69
CA VAL E 369 31.54 -25.57 -28.58
C VAL E 369 32.31 -24.28 -28.89
N ILE E 370 33.50 -24.15 -28.34
CA ILE E 370 34.39 -23.06 -28.71
C ILE E 370 35.06 -23.53 -29.99
N VAL E 371 34.82 -22.79 -31.07
CA VAL E 371 35.45 -23.10 -32.35
C VAL E 371 36.51 -22.09 -32.78
N GLY E 372 36.73 -21.07 -31.97
CA GLY E 372 37.71 -20.05 -32.31
C GLY E 372 38.02 -19.26 -31.07
N GLU E 373 39.28 -18.88 -30.90
CA GLU E 373 39.62 -17.99 -29.79
C GLU E 373 40.75 -17.07 -30.23
N PRO E 374 40.48 -16.17 -31.19
CA PRO E 374 41.57 -15.38 -31.76
C PRO E 374 42.16 -14.36 -30.78
N GLU E 375 43.48 -14.22 -30.82
CA GLU E 375 44.16 -13.13 -30.13
C GLU E 375 44.05 -11.92 -31.00
N LEU E 376 43.50 -10.84 -30.47
CA LEU E 376 43.22 -9.64 -31.27
C LEU E 376 43.97 -8.42 -30.81
N GLY E 377 44.30 -8.38 -29.51
CA GLY E 377 44.96 -7.23 -28.92
C GLY E 377 44.42 -6.92 -27.53
N LEU E 378 44.78 -5.76 -27.01
CA LEU E 378 44.57 -5.46 -25.60
C LEU E 378 43.20 -4.83 -25.29
N GLY E 379 42.47 -5.45 -24.35
CA GLY E 379 41.16 -4.96 -23.90
C GLY E 379 40.01 -5.04 -24.89
N PRO E 380 39.79 -6.22 -25.53
CA PRO E 380 38.63 -6.37 -26.40
C PRO E 380 37.33 -6.30 -25.63
N LEU E 381 36.43 -5.45 -26.11
CA LEU E 381 35.19 -5.18 -25.39
C LEU E 381 33.93 -5.59 -26.15
N HIS E 382 33.88 -5.31 -27.45
CA HIS E 382 32.68 -5.56 -28.26
C HIS E 382 32.98 -5.92 -29.73
N THR E 383 32.02 -6.56 -30.39
CA THR E 383 32.17 -7.02 -31.77
C THR E 383 30.95 -6.67 -32.60
N THR E 384 31.19 -6.26 -33.83
CA THR E 384 30.12 -6.09 -34.80
C THR E 384 30.51 -6.78 -36.14
N PHE E 385 29.65 -6.68 -37.16
CA PHE E 385 29.74 -7.53 -38.36
C PHE E 385 29.40 -6.76 -39.63
N ASP E 386 30.16 -7.00 -40.70
CA ASP E 386 29.89 -6.34 -41.98
C ASP E 386 29.00 -7.15 -42.87
N GLY E 387 28.72 -8.40 -42.47
CA GLY E 387 27.85 -9.29 -43.23
C GLY E 387 28.60 -9.87 -44.41
N ARG E 388 29.91 -9.62 -44.46
CA ARG E 388 30.76 -10.17 -45.51
C ARG E 388 31.69 -11.27 -45.00
N GLY E 389 31.46 -11.72 -43.76
CA GLY E 389 32.32 -12.71 -43.12
C GLY E 389 33.33 -12.15 -42.12
N ASN E 390 33.34 -10.83 -41.92
CA ASN E 390 34.31 -10.19 -41.01
C ASN E 390 33.67 -9.73 -39.72
N ALA E 391 34.48 -9.75 -38.66
CA ALA E 391 34.14 -9.14 -37.38
C ALA E 391 35.03 -7.93 -37.11
N TYR E 392 34.48 -7.00 -36.33
CA TYR E 392 35.12 -5.73 -36.01
C TYR E 392 35.03 -5.61 -34.51
N THR E 393 36.18 -5.54 -33.84
CA THR E 393 36.23 -5.59 -32.37
C THR E 393 36.97 -4.36 -31.80
N THR E 394 36.38 -3.74 -30.77
CA THR E 394 37.02 -2.62 -30.08
C THR E 394 38.08 -3.14 -29.17
N LEU E 395 39.25 -2.49 -29.21
CA LEU E 395 40.35 -2.78 -28.30
C LEU E 395 40.50 -1.55 -27.45
N PHE E 396 40.00 -1.64 -26.23
CA PHE E 396 39.90 -0.49 -25.34
C PHE E 396 41.28 0.05 -25.01
N ILE E 397 42.22 -0.86 -24.73
CA ILE E 397 43.56 -0.48 -24.23
C ILE E 397 44.48 -0.05 -25.37
N ASP E 398 44.49 -0.82 -26.46
CA ASP E 398 45.23 -0.45 -27.68
C ASP E 398 44.55 0.75 -28.39
N SER E 399 43.28 0.99 -28.07
CA SER E 399 42.51 2.14 -28.62
C SER E 399 42.38 2.01 -30.14
N GLN E 400 41.88 0.85 -30.55
CA GLN E 400 41.74 0.50 -31.95
C GLN E 400 40.45 -0.25 -32.18
N VAL E 401 40.04 -0.27 -33.46
CA VAL E 401 39.08 -1.25 -33.96
C VAL E 401 39.88 -2.24 -34.81
N VAL E 402 39.82 -3.53 -34.45
CA VAL E 402 40.50 -4.57 -35.23
C VAL E 402 39.48 -5.25 -36.15
N LYS E 403 39.75 -5.29 -37.45
CA LYS E 403 38.95 -6.04 -38.40
C LYS E 403 39.55 -7.43 -38.61
N TRP E 404 38.75 -8.46 -38.40
CA TRP E 404 39.26 -9.82 -38.49
C TRP E 404 38.25 -10.77 -39.15
N ASN E 405 38.77 -11.83 -39.76
CA ASN E 405 37.90 -12.77 -40.47
C ASN E 405 37.49 -13.97 -39.63
N MET E 406 36.18 -14.11 -39.44
CA MET E 406 35.68 -15.18 -38.59
C MET E 406 36.06 -16.58 -39.06
N GLU E 407 35.91 -16.90 -40.35
CA GLU E 407 36.22 -18.26 -40.80
C GLU E 407 37.73 -18.57 -40.71
N GLU E 408 38.57 -17.57 -40.94
CA GLU E 408 40.02 -17.74 -40.78
C GLU E 408 40.42 -17.97 -39.33
N ALA E 409 39.73 -17.27 -38.42
CA ALA E 409 39.93 -17.49 -36.98
C ALA E 409 39.58 -18.93 -36.57
N VAL E 410 38.51 -19.45 -37.16
CA VAL E 410 38.12 -20.83 -36.93
C VAL E 410 39.22 -21.76 -37.45
N ARG E 411 39.78 -21.48 -38.62
CA ARG E 411 40.80 -22.37 -39.16
C ARG E 411 42.09 -22.32 -38.30
N ALA E 412 42.43 -21.12 -37.82
CA ALA E 412 43.59 -20.95 -36.94
C ALA E 412 43.41 -21.72 -35.63
N TYR E 413 42.17 -21.82 -35.15
CA TYR E 413 41.87 -22.58 -33.94
C TYR E 413 42.18 -24.06 -34.08
N LYS E 414 41.96 -24.59 -35.28
CA LYS E 414 42.28 -25.97 -35.60
C LYS E 414 43.76 -26.16 -35.94
N GLY E 415 44.54 -25.08 -35.89
CA GLY E 415 46.01 -25.20 -36.07
C GLY E 415 46.55 -24.77 -37.42
N GLU E 416 45.69 -24.34 -38.33
CA GLU E 416 46.16 -23.78 -39.60
C GLU E 416 46.83 -22.44 -39.34
N LYS E 417 47.92 -22.20 -40.05
CA LYS E 417 48.67 -20.97 -39.92
C LYS E 417 48.09 -19.95 -40.89
N VAL E 418 47.01 -19.29 -40.49
CA VAL E 418 46.40 -18.26 -41.31
C VAL E 418 46.25 -16.99 -40.47
N ASN E 419 46.68 -15.87 -41.03
CA ASN E 419 46.54 -14.57 -40.37
C ASN E 419 45.12 -13.97 -40.53
N TYR E 420 44.32 -14.10 -39.48
CA TYR E 420 42.92 -13.68 -39.52
C TYR E 420 42.74 -12.18 -39.39
N ILE E 421 43.77 -11.48 -38.90
CA ILE E 421 43.71 -10.03 -38.72
C ILE E 421 43.92 -9.26 -40.01
N LYS E 422 42.90 -8.53 -40.42
CA LYS E 422 42.93 -7.83 -41.70
C LYS E 422 43.40 -6.41 -41.54
N GLN E 423 43.04 -5.78 -40.40
CA GLN E 423 43.33 -4.38 -40.21
C GLN E 423 43.07 -3.88 -38.78
N LYS E 424 43.94 -2.99 -38.31
CA LYS E 424 43.74 -2.26 -37.07
C LYS E 424 43.66 -0.77 -37.41
N LEU E 425 42.59 -0.15 -36.96
CA LEU E 425 42.40 1.29 -37.12
C LEU E 425 42.42 1.97 -35.75
N ASP E 426 43.24 3.02 -35.63
CA ASP E 426 43.38 3.76 -34.39
C ASP E 426 42.15 4.61 -34.22
N VAL E 427 41.58 4.57 -33.02
CA VAL E 427 40.42 5.40 -32.66
C VAL E 427 40.75 6.31 -31.47
N HIS E 428 39.89 7.28 -31.18
CA HIS E 428 40.27 8.40 -30.29
C HIS E 428 39.23 8.81 -29.22
N TYR E 429 39.27 8.27 -28.00
CA TYR E 429 40.23 7.28 -27.52
C TYR E 429 39.49 6.32 -26.57
N GLN E 430 39.98 5.08 -26.46
CA GLN E 430 39.43 4.04 -25.56
C GLN E 430 38.00 3.65 -25.93
N PRO E 431 37.85 2.91 -27.06
CA PRO E 431 36.54 2.58 -27.58
C PRO E 431 35.86 1.57 -26.67
N GLY E 432 34.55 1.74 -26.48
CA GLY E 432 33.76 0.73 -25.78
C GLY E 432 32.99 -0.16 -26.73
N HIS E 433 31.78 0.27 -27.10
CA HIS E 433 30.98 -0.43 -28.10
C HIS E 433 31.28 0.06 -29.48
N LEU E 434 30.88 -0.74 -30.46
CA LEU E 434 30.86 -0.32 -31.86
C LEU E 434 29.67 -0.95 -32.57
N HIS E 435 29.26 -0.36 -33.69
CA HIS E 435 28.07 -0.82 -34.36
C HIS E 435 28.14 -0.65 -35.89
N ALA E 436 28.01 -1.74 -36.64
CA ALA E 436 27.99 -1.64 -38.09
C ALA E 436 26.53 -1.67 -38.54
N SER E 437 26.21 -0.97 -39.63
CA SER E 437 24.80 -0.85 -40.04
C SER E 437 24.14 -2.22 -40.29
N LEU E 438 22.98 -2.39 -39.66
CA LEU E 438 22.15 -3.63 -39.69
C LEU E 438 22.84 -4.91 -39.15
N CYS E 439 23.96 -4.76 -38.44
CA CYS E 439 24.72 -5.89 -37.89
C CYS E 439 23.90 -6.93 -37.10
N GLU E 440 22.83 -6.49 -36.43
CA GLU E 440 21.97 -7.38 -35.61
C GLU E 440 20.93 -8.17 -36.42
N THR E 441 20.96 -8.00 -37.74
CA THR E 441 20.04 -8.70 -38.63
C THR E 441 20.78 -9.50 -39.70
N ASN E 442 20.04 -10.36 -40.40
CA ASN E 442 20.60 -11.10 -41.53
C ASN E 442 20.79 -10.23 -42.78
N GLU E 443 20.45 -8.96 -42.68
CA GLU E 443 20.62 -8.00 -43.76
C GLU E 443 21.84 -7.11 -43.57
N ALA E 444 22.69 -7.43 -42.61
CA ALA E 444 23.86 -6.62 -42.33
C ALA E 444 24.51 -6.17 -43.64
N ASP E 445 24.67 -4.86 -43.80
CA ASP E 445 25.03 -4.28 -45.11
C ASP E 445 26.48 -3.83 -45.28
N GLY E 446 27.27 -3.93 -44.22
CA GLY E 446 28.70 -3.56 -44.31
C GLY E 446 28.99 -2.16 -44.83
N LYS E 447 28.16 -1.19 -44.49
CA LYS E 447 28.39 0.17 -45.01
C LYS E 447 29.00 1.15 -44.00
N TRP E 448 28.32 1.35 -42.88
CA TRP E 448 28.81 2.26 -41.86
C TRP E 448 29.15 1.56 -40.56
N LEU E 449 30.20 2.04 -39.92
CA LEU E 449 30.53 1.56 -38.60
C LEU E 449 30.64 2.76 -37.67
N VAL E 450 30.09 2.63 -36.47
CA VAL E 450 30.33 3.61 -35.44
C VAL E 450 31.08 2.97 -34.28
N ALA E 451 32.20 3.58 -33.89
CA ALA E 451 32.89 3.22 -32.63
C ALA E 451 32.76 4.33 -31.58
N LEU E 452 32.32 3.93 -30.39
CA LEU E 452 31.92 4.87 -29.35
C LEU E 452 32.99 4.89 -28.25
N SER E 453 33.86 5.90 -28.36
CA SER E 453 35.06 6.03 -27.49
C SER E 453 34.90 6.92 -26.25
N LYS E 454 35.39 6.39 -25.13
CA LYS E 454 35.18 6.99 -23.82
C LYS E 454 35.95 8.27 -23.49
N PHE E 455 37.13 8.51 -24.07
CA PHE E 455 37.90 9.76 -23.79
C PHE E 455 38.14 10.54 -25.06
N SER E 456 37.65 11.76 -25.16
CA SER E 456 37.87 12.50 -26.40
C SER E 456 39.13 13.36 -26.36
N LYS E 457 39.71 13.54 -25.16
CA LYS E 457 40.96 14.29 -24.99
C LYS E 457 40.90 15.67 -25.70
N ASP E 458 41.77 15.81 -26.71
N ASP E 458 41.79 15.90 -26.66
CA ASP E 458 41.97 17.03 -27.48
CA ASP E 458 41.78 17.16 -27.40
C ASP E 458 41.19 17.07 -28.80
C ASP E 458 41.30 16.99 -28.85
N ARG E 459 40.41 16.02 -29.08
CA ARG E 459 39.72 15.88 -30.38
C ARG E 459 38.63 16.95 -30.69
N PHE E 460 38.16 17.65 -29.67
CA PHE E 460 37.22 18.77 -29.81
C PHE E 460 37.73 19.94 -28.98
N LEU E 461 37.17 21.12 -29.19
CA LEU E 461 37.47 22.30 -28.38
C LEU E 461 37.31 21.93 -26.92
N PRO E 462 38.21 22.44 -26.05
CA PRO E 462 38.12 22.32 -24.58
C PRO E 462 36.83 22.94 -24.04
N VAL E 463 36.15 22.23 -23.12
CA VAL E 463 34.89 22.68 -22.54
C VAL E 463 34.91 22.51 -21.02
N GLY E 464 36.09 22.56 -20.43
CA GLY E 464 36.19 22.38 -19.00
C GLY E 464 36.46 20.92 -18.65
N PRO E 465 36.39 20.59 -17.37
CA PRO E 465 36.84 19.32 -16.85
C PRO E 465 36.00 18.10 -17.33
N LEU E 466 34.71 18.27 -17.59
CA LEU E 466 33.90 17.19 -18.18
C LEU E 466 34.04 17.21 -19.70
N HIS E 467 34.42 16.07 -20.26
CA HIS E 467 34.64 15.96 -21.70
C HIS E 467 33.44 15.27 -22.35
N PRO E 468 33.19 15.54 -23.66
CA PRO E 468 32.23 14.73 -24.41
C PRO E 468 32.81 13.37 -24.70
N GLU E 469 31.97 12.45 -25.17
CA GLU E 469 32.44 11.19 -25.72
C GLU E 469 32.74 11.39 -27.18
N ASN E 470 33.52 10.48 -27.76
CA ASN E 470 33.79 10.57 -29.19
C ASN E 470 33.23 9.35 -29.94
N ASP E 471 32.12 9.57 -30.64
CA ASP E 471 31.54 8.54 -31.49
C ASP E 471 31.99 8.76 -32.93
N GLN E 472 32.84 7.85 -33.41
CA GLN E 472 33.53 8.06 -34.66
C GLN E 472 32.89 7.27 -35.80
N LEU E 473 32.50 7.97 -36.86
CA LEU E 473 31.93 7.32 -38.05
C LEU E 473 33.03 6.81 -38.99
N ILE E 474 32.94 5.53 -39.31
CA ILE E 474 33.95 4.82 -40.07
C ILE E 474 33.31 4.20 -41.31
N ASP E 475 33.88 4.50 -42.48
CA ASP E 475 33.43 3.86 -43.71
C ASP E 475 34.00 2.44 -43.79
N ILE E 476 33.13 1.44 -43.81
CA ILE E 476 33.60 0.06 -43.92
C ILE E 476 33.15 -0.57 -45.24
N SER E 477 32.62 0.24 -46.14
CA SER E 477 32.06 -0.29 -47.39
C SER E 477 33.09 -0.95 -48.30
N GLY E 478 34.35 -0.56 -48.15
CA GLY E 478 35.44 -1.13 -48.93
C GLY E 478 36.31 -2.08 -48.14
N ASP E 479 37.48 -2.39 -48.70
CA ASP E 479 38.44 -3.32 -48.11
C ASP E 479 39.09 -2.77 -46.87
N GLU E 480 39.30 -1.45 -46.87
CA GLU E 480 39.96 -0.75 -45.79
C GLU E 480 38.95 0.10 -45.02
N MET E 481 38.99 0.02 -43.69
CA MET E 481 38.28 0.96 -42.83
C MET E 481 38.88 2.34 -43.02
N LYS E 482 38.05 3.36 -43.21
CA LYS E 482 38.53 4.72 -43.03
C LYS E 482 37.70 5.57 -42.08
N LEU E 483 38.39 6.24 -41.16
CA LEU E 483 37.76 7.21 -40.26
C LEU E 483 37.26 8.45 -41.02
N VAL E 484 35.97 8.78 -40.91
CA VAL E 484 35.47 9.96 -41.65
C VAL E 484 34.85 11.09 -40.79
N HIS E 485 34.40 10.77 -39.58
CA HIS E 485 33.79 11.80 -38.74
C HIS E 485 33.93 11.55 -37.25
N ASP E 486 34.29 12.59 -36.51
CA ASP E 486 34.28 12.59 -35.04
C ASP E 486 32.98 13.25 -34.58
N GLY E 487 32.19 12.52 -33.80
CA GLY E 487 30.91 13.05 -33.30
C GLY E 487 30.94 13.09 -31.79
N PRO E 488 30.99 14.30 -31.21
CA PRO E 488 31.00 14.47 -29.75
C PRO E 488 29.60 14.26 -29.21
N THR E 489 29.48 13.53 -28.09
CA THR E 489 28.14 13.27 -27.53
C THR E 489 28.22 13.40 -26.02
N PHE E 490 27.08 13.70 -25.41
CA PHE E 490 26.99 13.99 -23.99
C PHE E 490 26.68 12.74 -23.21
N ALA E 491 27.29 12.58 -22.04
CA ALA E 491 26.80 11.58 -21.08
C ALA E 491 26.94 10.14 -21.55
N GLU E 492 27.92 9.90 -22.39
CA GLU E 492 28.38 8.55 -22.62
C GLU E 492 27.27 7.63 -23.12
N PRO E 493 26.88 7.82 -24.38
CA PRO E 493 26.15 6.73 -25.04
C PRO E 493 27.02 5.49 -24.92
N HIS E 494 26.46 4.31 -24.81
CA HIS E 494 27.37 3.19 -24.81
C HIS E 494 27.36 2.60 -26.19
N ASP E 495 26.16 2.23 -26.62
CA ASP E 495 25.92 1.54 -27.88
C ASP E 495 24.85 2.32 -28.65
N CYS E 496 24.69 1.99 -29.92
CA CYS E 496 23.66 2.61 -30.74
C CYS E 496 23.16 1.61 -31.78
N ILE E 497 22.09 1.96 -32.50
CA ILE E 497 21.60 1.11 -33.58
C ILE E 497 21.23 1.95 -34.77
N MET E 498 21.59 1.46 -35.94
CA MET E 498 21.18 2.07 -37.19
C MET E 498 20.07 1.25 -37.84
N ALA E 499 19.17 1.93 -38.54
CA ALA E 499 18.15 1.28 -39.38
C ALA E 499 18.07 2.08 -40.67
N ARG E 500 17.71 1.42 -41.75
CA ARG E 500 17.56 2.08 -43.05
C ARG E 500 16.45 3.14 -42.96
N ARG E 501 16.58 4.23 -43.70
CA ARG E 501 15.48 5.17 -43.73
C ARG E 501 14.16 4.41 -43.90
N ASP E 502 14.12 3.52 -44.90
CA ASP E 502 12.87 2.82 -45.26
C ASP E 502 12.39 1.75 -44.26
N GLN E 503 13.12 1.55 -43.15
CA GLN E 503 12.69 0.62 -42.10
C GLN E 503 11.89 1.29 -40.98
N ILE E 504 11.81 2.62 -41.04
CA ILE E 504 11.15 3.43 -40.02
C ILE E 504 10.02 4.22 -40.69
N LYS E 505 8.83 4.12 -40.11
CA LYS E 505 7.67 4.88 -40.59
C LYS E 505 7.01 5.59 -39.41
N THR E 506 6.92 6.91 -39.48
CA THR E 506 6.46 7.73 -38.35
C THR E 506 5.15 8.43 -38.68
N LYS E 507 4.35 8.67 -37.65
CA LYS E 507 3.14 9.46 -37.81
C LYS E 507 3.43 10.94 -37.99
N LYS E 508 2.73 11.54 -38.94
CA LYS E 508 2.85 12.96 -39.24
C LYS E 508 2.10 13.81 -38.20
N ILE E 509 0.93 13.33 -37.80
CA ILE E 509 0.17 13.91 -36.71
C ILE E 509 -0.30 12.74 -35.84
N TRP E 510 -0.73 13.04 -34.62
CA TRP E 510 -1.27 12.05 -33.71
C TRP E 510 -2.64 11.59 -34.15
N ASP E 511 -2.96 10.33 -33.84
CA ASP E 511 -4.31 9.82 -33.94
C ASP E 511 -5.03 10.10 -32.64
N ARG E 512 -6.31 10.46 -32.75
CA ARG E 512 -7.12 10.81 -31.59
C ARG E 512 -7.34 9.62 -30.64
N ASN E 513 -7.21 8.40 -31.16
CA ASN E 513 -7.39 7.21 -30.34
C ASN E 513 -6.07 6.54 -29.97
N ASP E 514 -5.00 7.32 -30.02
CA ASP E 514 -3.68 6.76 -29.69
C ASP E 514 -3.64 6.28 -28.23
N PRO E 515 -3.10 5.05 -28.00
CA PRO E 515 -2.96 4.53 -26.64
C PRO E 515 -2.21 5.45 -25.66
N PHE E 516 -1.30 6.28 -26.17
CA PHE E 516 -0.44 7.10 -25.31
C PHE E 516 -1.20 7.96 -24.30
N PHE E 517 -2.29 8.56 -24.77
CA PHE E 517 -3.17 9.34 -23.92
C PHE E 517 -4.55 8.74 -23.78
N ALA E 518 -4.71 7.46 -24.10
CA ALA E 518 -6.03 6.82 -23.92
C ALA E 518 -6.59 6.96 -22.49
N PRO E 519 -5.73 6.87 -21.46
CA PRO E 519 -6.26 7.05 -20.12
C PRO E 519 -6.82 8.44 -19.87
N THR E 520 -6.32 9.43 -20.60
CA THR E 520 -6.80 10.80 -20.40
C THR E 520 -8.14 10.98 -21.10
N VAL E 521 -8.33 10.32 -22.24
CA VAL E 521 -9.63 10.26 -22.88
C VAL E 521 -10.70 9.60 -21.97
N GLU E 522 -10.31 8.52 -21.30
CA GLU E 522 -11.19 7.86 -20.32
C GLU E 522 -11.54 8.79 -19.15
N MET E 523 -10.53 9.46 -18.59
CA MET E 523 -10.76 10.49 -17.57
C MET E 523 -11.79 11.50 -18.05
N ALA E 524 -11.60 12.02 -19.26
CA ALA E 524 -12.51 13.04 -19.82
C ALA E 524 -13.93 12.55 -19.94
N LYS E 525 -14.09 11.34 -20.49
CA LYS E 525 -15.40 10.75 -20.78
C LYS E 525 -16.23 10.53 -19.51
N LYS E 526 -15.54 10.16 -18.43
CA LYS E 526 -16.15 10.02 -17.10
C LYS E 526 -16.51 11.40 -16.48
N ASP E 527 -15.87 12.46 -16.98
CA ASP E 527 -16.26 13.83 -16.65
C ASP E 527 -17.30 14.37 -17.61
N GLY E 528 -17.68 13.57 -18.60
CA GLY E 528 -18.64 13.98 -19.64
C GLY E 528 -18.10 14.98 -20.66
N ILE E 529 -16.81 14.88 -20.97
CA ILE E 529 -16.11 15.83 -21.82
C ILE E 529 -15.84 15.20 -23.18
N ASN E 530 -16.20 15.91 -24.25
CA ASN E 530 -15.71 15.63 -25.58
C ASN E 530 -14.45 16.48 -25.82
N LEU E 531 -13.30 15.82 -25.84
CA LEU E 531 -12.02 16.50 -25.84
C LEU E 531 -11.77 17.32 -27.09
N ASP E 532 -12.37 16.87 -28.20
CA ASP E 532 -12.16 17.49 -29.49
C ASP E 532 -12.86 18.82 -29.63
N THR E 533 -13.79 19.13 -28.73
CA THR E 533 -14.58 20.35 -28.85
C THR E 533 -14.73 21.18 -27.56
N ASP E 534 -14.59 20.54 -26.40
CA ASP E 534 -14.97 21.20 -25.15
C ASP E 534 -13.93 22.15 -24.55
N ASN E 535 -14.45 23.21 -23.93
CA ASN E 535 -13.67 24.13 -23.14
C ASN E 535 -14.46 24.39 -21.83
N LYS E 536 -14.07 23.69 -20.77
CA LYS E 536 -14.92 23.53 -19.59
C LYS E 536 -14.09 23.34 -18.34
N VAL E 537 -14.59 23.84 -17.22
CA VAL E 537 -13.94 23.70 -15.92
C VAL E 537 -14.78 22.81 -14.99
N ILE E 538 -14.28 21.62 -14.67
CA ILE E 538 -15.02 20.73 -13.75
C ILE E 538 -14.52 21.04 -12.34
N ARG E 539 -15.45 21.10 -11.39
CA ARG E 539 -15.08 21.24 -9.99
C ARG E 539 -15.54 20.00 -9.20
N ASP E 540 -14.70 19.56 -8.26
CA ASP E 540 -14.93 18.29 -7.58
C ASP E 540 -14.15 18.27 -6.27
N GLY E 541 -14.81 18.64 -5.18
CA GLY E 541 -14.11 18.84 -3.91
C GLY E 541 -13.17 20.04 -4.01
N ASN E 542 -11.91 19.85 -3.63
CA ASN E 542 -10.93 20.87 -3.89
C ASN E 542 -10.14 20.59 -5.18
N LYS E 543 -10.69 19.72 -6.03
CA LYS E 543 -10.07 19.45 -7.31
C LYS E 543 -10.72 20.28 -8.39
N VAL E 544 -9.88 20.73 -9.30
CA VAL E 544 -10.33 21.45 -10.48
C VAL E 544 -9.77 20.79 -11.73
N ARG E 545 -10.65 20.41 -12.66
CA ARG E 545 -10.21 19.84 -13.90
C ARG E 545 -10.60 20.70 -15.11
N VAL E 546 -9.62 21.44 -15.61
CA VAL E 546 -9.80 22.28 -16.78
C VAL E 546 -9.56 21.46 -18.05
N TYR E 547 -10.51 21.50 -18.98
CA TYR E 547 -10.37 20.88 -20.29
C TYR E 547 -10.46 21.97 -21.36
N MET E 548 -9.52 21.96 -22.30
CA MET E 548 -9.51 22.97 -23.36
C MET E 548 -8.94 22.40 -24.62
N THR E 549 -9.49 22.91 -25.74
CA THR E 549 -8.88 22.73 -27.04
C THR E 549 -7.89 23.85 -27.22
N SER E 550 -6.96 23.71 -28.16
CA SER E 550 -6.05 24.81 -28.46
C SER E 550 -5.79 24.82 -29.94
N MET E 551 -5.78 26.01 -30.50
CA MET E 551 -5.58 26.21 -31.91
C MET E 551 -4.84 27.52 -32.07
N ALA E 552 -3.67 27.47 -32.68
CA ALA E 552 -2.79 28.66 -32.85
C ALA E 552 -3.58 29.87 -33.36
N PRO E 553 -3.41 31.05 -32.72
CA PRO E 553 -2.55 31.30 -31.52
C PRO E 553 -3.35 31.47 -30.21
N ALA E 554 -4.36 30.62 -29.96
CA ALA E 554 -5.19 30.81 -28.76
C ALA E 554 -5.47 29.55 -27.98
N PHE E 555 -5.27 29.60 -26.66
CA PHE E 555 -5.83 28.59 -25.75
C PHE E 555 -7.36 28.70 -25.73
N GLY E 556 -8.04 27.55 -25.65
CA GLY E 556 -9.51 27.51 -25.65
C GLY E 556 -10.12 28.05 -24.37
N VAL E 557 -9.40 27.87 -23.26
CA VAL E 557 -9.77 28.47 -22.00
C VAL E 557 -8.66 29.45 -21.63
N GLN E 558 -8.99 30.73 -21.62
CA GLN E 558 -7.98 31.76 -21.36
C GLN E 558 -7.98 32.32 -19.95
N GLU E 559 -8.98 31.95 -19.16
CA GLU E 559 -9.01 32.29 -17.75
C GLU E 559 -9.81 31.27 -16.97
N PHE E 560 -9.35 30.99 -15.76
CA PHE E 560 -10.15 30.24 -14.78
C PHE E 560 -9.73 30.63 -13.36
N THR E 561 -10.68 30.51 -12.44
CA THR E 561 -10.48 30.94 -11.07
C THR E 561 -10.60 29.74 -10.17
N VAL E 562 -9.68 29.64 -9.23
CA VAL E 562 -9.69 28.55 -8.29
C VAL E 562 -9.48 29.11 -6.88
N LYS E 563 -9.63 28.26 -5.89
CA LYS E 563 -9.34 28.60 -4.49
C LYS E 563 -7.91 28.22 -4.13
N GLN E 564 -7.26 29.00 -3.27
CA GLN E 564 -5.93 28.62 -2.78
C GLN E 564 -5.96 27.19 -2.23
N GLY E 565 -4.98 26.36 -2.60
CA GLY E 565 -4.94 24.96 -2.13
C GLY E 565 -5.56 23.92 -3.06
N ASP E 566 -6.40 24.37 -3.99
CA ASP E 566 -7.04 23.49 -4.97
C ASP E 566 -6.00 22.71 -5.79
N GLU E 567 -6.32 21.45 -6.10
CA GLU E 567 -5.48 20.67 -6.99
C GLU E 567 -5.97 20.80 -8.44
N VAL E 568 -5.15 21.41 -9.28
CA VAL E 568 -5.57 21.78 -10.61
C VAL E 568 -4.99 20.85 -11.67
N THR E 569 -5.86 20.28 -12.47
CA THR E 569 -5.44 19.49 -13.62
C THR E 569 -5.83 20.29 -14.85
N VAL E 570 -4.85 20.52 -15.73
CA VAL E 570 -5.16 21.14 -17.02
C VAL E 570 -4.94 20.13 -18.14
N THR E 571 -6.00 19.87 -18.90
CA THR E 571 -5.98 18.93 -20.00
C THR E 571 -6.19 19.73 -21.30
N ILE E 572 -5.24 19.60 -22.23
CA ILE E 572 -5.28 20.38 -23.47
C ILE E 572 -5.26 19.44 -24.67
N THR E 573 -6.14 19.70 -25.64
CA THR E 573 -6.20 18.96 -26.88
C THR E 573 -5.89 19.94 -28.03
N ASN E 574 -4.78 19.70 -28.74
CA ASN E 574 -4.32 20.56 -29.85
C ASN E 574 -5.09 20.15 -31.10
N ILE E 575 -5.96 21.05 -31.56
CA ILE E 575 -6.82 20.75 -32.70
C ILE E 575 -6.38 21.44 -33.99
N ASP E 576 -5.14 21.91 -34.01
CA ASP E 576 -4.49 22.27 -35.27
C ASP E 576 -4.25 20.97 -36.08
N GLN E 577 -4.52 21.01 -37.39
CA GLN E 577 -4.30 19.85 -38.28
C GLN E 577 -2.96 19.99 -39.03
N ILE E 578 -2.45 21.21 -39.15
CA ILE E 578 -1.17 21.45 -39.84
C ILE E 578 0.02 20.82 -39.09
N GLU E 579 0.78 19.99 -39.80
CA GLU E 579 1.98 19.34 -39.26
C GLU E 579 2.93 20.32 -38.60
N ASP E 580 3.53 19.90 -37.49
CA ASP E 580 4.59 20.69 -36.83
C ASP E 580 4.06 21.89 -36.06
N VAL E 581 2.75 22.14 -36.06
CA VAL E 581 2.20 23.23 -35.22
C VAL E 581 1.93 22.73 -33.77
N SER E 582 3.01 22.53 -33.04
CA SER E 582 2.96 22.19 -31.61
C SER E 582 2.67 23.41 -30.77
N HIS E 583 1.98 23.19 -29.67
CA HIS E 583 1.86 24.22 -28.63
C HIS E 583 2.50 23.69 -27.38
N GLY E 584 2.67 24.60 -26.44
CA GLY E 584 3.19 24.26 -25.13
C GLY E 584 2.28 24.81 -24.05
N PHE E 585 2.62 24.52 -22.80
CA PHE E 585 1.84 25.03 -21.68
C PHE E 585 2.71 25.12 -20.45
N VAL E 586 2.96 26.35 -20.01
CA VAL E 586 3.78 26.60 -18.84
C VAL E 586 2.97 27.45 -17.89
N VAL E 587 2.86 27.04 -16.62
CA VAL E 587 2.29 27.90 -15.59
C VAL E 587 3.44 28.58 -14.82
N VAL E 588 3.50 29.90 -14.90
CA VAL E 588 4.63 30.64 -14.39
C VAL E 588 4.82 30.40 -12.89
N ASN E 589 6.04 29.99 -12.52
CA ASN E 589 6.45 29.85 -11.11
C ASN E 589 5.72 28.72 -10.38
N HIS E 590 5.14 27.80 -11.15
CA HIS E 590 4.47 26.63 -10.57
C HIS E 590 5.14 25.29 -10.95
N GLY E 591 6.18 25.33 -11.78
CA GLY E 591 6.95 24.12 -12.11
C GLY E 591 6.18 23.23 -13.06
N VAL E 592 5.44 23.88 -13.95
CA VAL E 592 4.51 23.19 -14.81
C VAL E 592 4.86 23.54 -16.26
N SER E 593 4.99 22.49 -17.08
CA SER E 593 5.48 22.59 -18.42
C SER E 593 5.15 21.33 -19.24
N MET E 594 4.59 21.48 -20.44
CA MET E 594 4.30 20.32 -21.28
C MET E 594 4.17 20.66 -22.78
N GLU E 595 4.34 19.65 -23.63
CA GLU E 595 4.12 19.74 -25.07
C GLU E 595 2.71 19.27 -25.40
N ILE E 596 2.10 19.91 -26.40
CA ILE E 596 0.89 19.35 -27.00
C ILE E 596 0.99 19.49 -28.51
N SER E 597 1.34 18.39 -29.19
CA SER E 597 1.48 18.38 -30.66
C SER E 597 0.13 18.15 -31.34
N PRO E 598 0.04 18.42 -32.66
CA PRO E 598 -1.24 18.37 -33.34
C PRO E 598 -2.03 17.08 -33.14
N GLN E 599 -3.27 17.20 -32.66
CA GLN E 599 -4.17 16.07 -32.41
C GLN E 599 -3.82 15.26 -31.15
N GLN E 600 -2.81 15.72 -30.40
CA GLN E 600 -2.47 15.15 -29.08
C GLN E 600 -3.33 15.77 -27.97
N THR E 601 -3.64 14.97 -26.97
CA THR E 601 -4.18 15.41 -25.69
C THR E 601 -3.08 15.14 -24.63
N SER E 602 -2.80 16.17 -23.81
CA SER E 602 -1.80 16.13 -22.73
C SER E 602 -2.39 16.76 -21.49
N SER E 603 -2.03 16.25 -20.32
CA SER E 603 -2.54 16.78 -19.08
C SER E 603 -1.51 16.78 -17.96
N ILE E 604 -1.64 17.76 -17.07
CA ILE E 604 -0.68 17.99 -16.01
C ILE E 604 -1.43 18.52 -14.79
N THR E 605 -0.94 18.18 -13.60
CA THR E 605 -1.64 18.43 -12.35
C THR E 605 -0.67 19.07 -11.37
N PHE E 606 -1.16 20.01 -10.57
CA PHE E 606 -0.32 20.81 -9.68
C PHE E 606 -1.21 21.49 -8.66
N VAL E 607 -0.63 21.90 -7.55
CA VAL E 607 -1.37 22.58 -6.49
C VAL E 607 -1.33 24.09 -6.70
N ALA E 608 -2.50 24.73 -6.66
CA ALA E 608 -2.53 26.19 -6.74
C ALA E 608 -2.29 26.75 -5.33
N ASP E 609 -1.02 26.73 -4.91
CA ASP E 609 -0.66 27.06 -3.53
C ASP E 609 -0.35 28.53 -3.31
N LYS E 610 -0.36 29.32 -4.39
CA LYS E 610 -0.12 30.75 -4.22
C LYS E 610 -1.34 31.57 -4.66
N PRO E 611 -1.79 32.49 -3.80
CA PRO E 611 -2.93 33.32 -4.19
C PRO E 611 -2.50 34.35 -5.23
N GLY E 612 -3.46 34.92 -5.95
CA GLY E 612 -3.17 35.99 -6.89
C GLY E 612 -3.36 35.61 -8.33
N LEU E 613 -2.91 36.50 -9.22
CA LEU E 613 -2.95 36.27 -10.66
C LEU E 613 -1.69 35.53 -11.09
N HIS E 614 -1.86 34.41 -11.80
CA HIS E 614 -0.74 33.63 -12.32
C HIS E 614 -0.91 33.29 -13.79
N TRP E 615 0.00 33.80 -14.60
CA TRP E 615 -0.06 33.61 -16.02
C TRP E 615 0.38 32.21 -16.42
N TYR E 616 -0.24 31.73 -17.49
CA TYR E 616 0.25 30.62 -18.21
C TYR E 616 0.40 31.02 -19.67
N TYR E 617 1.37 30.40 -20.36
CA TYR E 617 1.68 30.73 -21.73
C TYR E 617 2.07 29.49 -22.53
N CYS E 618 1.97 29.61 -23.84
CA CYS E 618 2.40 28.58 -24.76
C CYS E 618 3.92 28.71 -24.92
N SER E 619 4.64 27.59 -24.80
CA SER E 619 6.11 27.62 -24.86
C SER E 619 6.64 27.32 -26.27
N TRP E 620 5.82 26.63 -27.07
CA TRP E 620 6.18 26.25 -28.42
C TRP E 620 5.83 27.31 -29.44
N PHE E 621 6.86 27.91 -30.05
CA PHE E 621 6.65 29.01 -31.00
C PHE E 621 5.84 28.45 -32.16
N CYS E 622 4.63 28.96 -32.35
CA CYS E 622 3.61 28.27 -33.14
C CYS E 622 2.94 29.16 -34.19
N HIS E 623 3.23 30.46 -34.13
CA HIS E 623 2.47 31.47 -34.84
C HIS E 623 3.17 32.81 -34.62
N ALA E 624 2.90 33.79 -35.50
CA ALA E 624 3.42 35.15 -35.32
C ALA E 624 2.99 35.76 -34.00
N LEU E 625 1.81 35.32 -33.51
CA LEU E 625 1.24 35.82 -32.24
C LEU E 625 1.45 34.85 -31.07
N HIS E 626 2.57 34.16 -31.08
CA HIS E 626 2.95 33.23 -30.02
C HIS E 626 3.14 33.94 -28.66
N MET E 627 3.86 35.07 -28.64
CA MET E 627 4.10 35.80 -27.38
C MET E 627 2.78 36.13 -26.68
N GLU E 628 1.74 36.31 -27.48
CA GLU E 628 0.43 36.67 -26.98
C GLU E 628 -0.46 35.45 -26.68
N MET E 629 0.07 34.23 -26.86
CA MET E 629 -0.76 33.03 -26.59
C MET E 629 -0.65 32.70 -25.11
N VAL E 630 -1.47 33.39 -24.32
CA VAL E 630 -1.38 33.31 -22.87
C VAL E 630 -2.76 33.15 -22.23
N GLY E 631 -2.79 32.86 -20.93
CA GLY E 631 -4.03 32.82 -20.17
C GLY E 631 -3.77 33.13 -18.72
N ARG E 632 -4.82 33.15 -17.91
CA ARG E 632 -4.73 33.65 -16.53
C ARG E 632 -5.39 32.70 -15.56
N MET E 633 -4.65 32.22 -14.59
CA MET E 633 -5.23 31.45 -13.52
C MET E 633 -5.35 32.39 -12.33
N MET E 634 -6.58 32.59 -11.87
CA MET E 634 -6.82 33.45 -10.72
C MET E 634 -7.10 32.65 -9.45
N VAL E 635 -6.30 32.92 -8.42
CA VAL E 635 -6.36 32.15 -7.18
C VAL E 635 -6.85 33.02 -6.01
N GLU E 636 -8.05 32.74 -5.52
CA GLU E 636 -8.62 33.48 -4.38
C GLU E 636 -8.00 32.99 -3.07
N PRO E 637 -7.71 33.92 -2.13
CA PRO E 637 -7.04 33.58 -0.87
C PRO E 637 -7.75 32.46 -0.13
N ALA E 638 -6.96 31.69 0.63
CA ALA E 638 -7.48 30.61 1.47
C ALA E 638 -8.44 31.19 2.51
N GLN F 58 34.27 29.93 -47.75
CA GLN F 58 34.60 29.68 -46.32
C GLN F 58 34.35 28.21 -45.91
N LYS F 59 35.38 27.58 -45.34
CA LYS F 59 35.28 26.53 -44.32
C LYS F 59 34.23 25.44 -44.41
N ILE F 60 33.28 25.53 -43.50
CA ILE F 60 32.24 24.52 -43.21
C ILE F 60 32.72 23.18 -42.62
N HIS F 61 33.51 22.39 -43.33
CA HIS F 61 33.77 21.02 -42.86
C HIS F 61 34.96 20.92 -41.91
N VAL F 62 34.71 20.37 -40.72
CA VAL F 62 35.76 20.16 -39.73
C VAL F 62 36.07 18.67 -39.61
N GLY F 63 37.17 18.26 -40.22
CA GLY F 63 37.54 16.86 -40.32
C GLY F 63 38.03 16.26 -39.02
N PRO F 64 38.20 14.94 -38.99
CA PRO F 64 38.66 14.32 -37.76
C PRO F 64 40.02 14.88 -37.37
N GLY F 65 40.19 15.23 -36.11
CA GLY F 65 41.47 15.80 -35.62
C GLY F 65 41.61 17.32 -35.78
N GLU F 66 40.75 17.95 -36.57
CA GLU F 66 40.70 19.40 -36.69
C GLU F 66 39.72 19.99 -35.66
N LEU F 67 39.84 21.27 -35.41
CA LEU F 67 39.04 21.92 -34.40
C LEU F 67 38.19 23.01 -35.00
N ASP F 68 37.01 23.20 -34.40
CA ASP F 68 36.15 24.34 -34.71
C ASP F 68 36.86 25.65 -34.39
N ASP F 69 36.36 26.73 -34.98
CA ASP F 69 37.00 28.05 -34.85
C ASP F 69 36.28 28.98 -33.88
N TYR F 70 35.02 28.65 -33.60
CA TYR F 70 34.24 29.39 -32.63
C TYR F 70 33.53 28.42 -31.71
N TYR F 71 33.32 28.87 -30.47
CA TYR F 71 32.33 28.28 -29.60
C TYR F 71 30.98 28.94 -29.92
N GLY F 72 29.93 28.11 -29.96
CA GLY F 72 28.53 28.56 -29.93
C GLY F 72 27.90 28.19 -28.59
N PHE F 73 27.16 29.12 -28.01
CA PHE F 73 26.36 28.80 -26.82
C PHE F 73 24.92 28.99 -27.15
N TRP F 74 24.20 27.87 -27.20
CA TRP F 74 22.80 27.79 -27.57
C TRP F 74 21.92 27.74 -26.31
N SER F 75 20.81 28.48 -26.30
CA SER F 75 19.75 28.25 -25.28
C SER F 75 19.07 26.89 -25.53
N GLY F 76 18.66 26.22 -24.45
CA GLY F 76 17.93 24.94 -24.56
C GLY F 76 16.44 25.16 -24.74
N GLY F 77 16.02 26.43 -24.69
CA GLY F 77 14.62 26.78 -24.73
C GLY F 77 13.90 26.17 -23.54
N HIS F 78 12.71 25.62 -23.80
CA HIS F 78 11.90 25.03 -22.74
C HIS F 78 12.44 23.67 -22.21
N GLN F 79 13.60 23.22 -22.71
CA GLN F 79 14.27 22.05 -22.13
C GLN F 79 15.15 22.49 -20.95
N GLY F 80 15.53 23.76 -20.92
CA GLY F 80 16.14 24.35 -19.71
C GLY F 80 17.64 24.41 -19.56
N GLU F 81 18.38 23.78 -20.47
CA GLU F 81 19.85 23.75 -20.35
C GLU F 81 20.56 24.76 -21.28
N VAL F 82 21.87 24.87 -21.15
CA VAL F 82 22.70 25.56 -22.13
C VAL F 82 23.54 24.51 -22.91
N ARG F 83 23.66 24.70 -24.21
CA ARG F 83 24.43 23.76 -25.03
C ARG F 83 25.61 24.48 -25.66
N VAL F 84 26.76 23.84 -25.63
CA VAL F 84 27.99 24.37 -26.22
C VAL F 84 28.22 23.67 -27.54
N LEU F 85 28.28 24.44 -28.63
CA LEU F 85 28.59 23.85 -29.94
C LEU F 85 29.91 24.37 -30.45
N GLY F 86 30.50 23.61 -31.37
CA GLY F 86 31.61 24.09 -32.16
C GLY F 86 31.10 24.62 -33.50
N VAL F 87 31.61 25.77 -33.91
CA VAL F 87 31.25 26.42 -35.16
C VAL F 87 32.54 26.44 -35.99
N PRO F 88 32.46 26.05 -37.29
CA PRO F 88 31.22 25.87 -38.05
C PRO F 88 30.72 24.42 -38.26
N SER F 89 31.21 23.46 -37.47
CA SER F 89 30.78 22.08 -37.64
C SER F 89 29.37 21.93 -37.11
N MET F 90 29.01 22.81 -36.18
CA MET F 90 27.69 22.84 -35.56
C MET F 90 27.43 21.62 -34.69
N ARG F 91 28.49 20.92 -34.28
CA ARG F 91 28.33 19.75 -33.40
C ARG F 91 28.26 20.22 -31.94
N GLU F 92 27.46 19.49 -31.16
CA GLU F 92 27.27 19.78 -29.77
C GLU F 92 28.37 19.17 -28.94
N LEU F 93 29.14 20.02 -28.27
CA LEU F 93 30.32 19.58 -27.53
C LEU F 93 30.01 19.23 -26.09
N MET F 94 28.98 19.87 -25.53
CA MET F 94 28.70 19.79 -24.10
C MET F 94 27.29 20.34 -23.78
N ARG F 95 26.65 19.73 -22.79
CA ARG F 95 25.40 20.27 -22.24
C ARG F 95 25.69 20.75 -20.82
N ILE F 96 25.29 21.99 -20.54
CA ILE F 96 25.44 22.56 -19.22
C ILE F 96 24.05 22.64 -18.60
N PRO F 97 23.81 21.81 -17.55
CA PRO F 97 22.47 21.81 -16.98
C PRO F 97 22.26 23.08 -16.19
N VAL F 98 21.08 23.67 -16.31
CA VAL F 98 20.83 24.94 -15.64
C VAL F 98 19.52 24.89 -14.84
N PHE F 99 18.39 24.88 -15.58
CA PHE F 99 17.05 24.79 -15.01
C PHE F 99 16.46 23.37 -15.10
N ASN F 100 17.05 22.52 -15.93
CA ASN F 100 16.68 21.12 -16.01
C ASN F 100 17.35 20.31 -14.91
N VAL F 101 16.79 19.14 -14.58
CA VAL F 101 17.49 18.14 -13.75
C VAL F 101 18.24 17.21 -14.68
N ASP F 102 19.55 17.15 -14.54
CA ASP F 102 20.38 16.27 -15.34
C ASP F 102 20.73 15.00 -14.57
N SER F 103 20.21 13.86 -15.03
CA SER F 103 20.50 12.56 -14.47
C SER F 103 21.99 12.25 -14.49
N ALA F 104 22.69 12.68 -15.55
CA ALA F 104 24.09 12.30 -15.76
C ALA F 104 25.06 12.92 -14.74
N THR F 105 24.99 14.24 -14.58
CA THR F 105 25.91 14.94 -13.68
C THR F 105 25.33 15.05 -12.28
N GLY F 106 24.01 14.90 -12.15
CA GLY F 106 23.34 15.05 -10.86
C GLY F 106 22.87 16.46 -10.55
N TRP F 107 22.97 17.37 -11.53
CA TRP F 107 22.49 18.75 -11.35
C TRP F 107 20.96 18.70 -11.10
N GLY F 108 20.57 19.22 -9.94
CA GLY F 108 19.18 19.08 -9.47
C GLY F 108 19.05 18.06 -8.35
N LEU F 109 20.06 17.18 -8.25
CA LEU F 109 20.04 16.10 -7.25
C LEU F 109 21.11 16.32 -6.19
N THR F 110 22.28 16.81 -6.61
CA THR F 110 23.42 17.04 -5.70
C THR F 110 23.12 18.16 -4.72
N ASN F 111 23.84 18.13 -3.60
CA ASN F 111 23.77 19.18 -2.62
C ASN F 111 24.36 20.48 -3.13
N GLU F 112 25.39 20.40 -3.97
CA GLU F 112 26.02 21.63 -4.52
C GLU F 112 25.11 22.39 -5.51
N SER F 113 24.51 21.66 -6.46
CA SER F 113 23.55 22.26 -7.39
C SER F 113 22.29 22.78 -6.69
N ARG F 114 21.76 22.01 -5.74
CA ARG F 114 20.53 22.41 -5.05
C ARG F 114 20.80 23.66 -4.26
N HIS F 115 21.98 23.74 -3.65
CA HIS F 115 22.44 24.95 -2.98
C HIS F 115 22.46 26.17 -3.90
N ILE F 116 23.01 26.03 -5.10
CA ILE F 116 23.02 27.11 -6.08
C ILE F 116 21.58 27.51 -6.49
N MET F 117 20.69 26.53 -6.68
CA MET F 117 19.32 26.80 -7.11
C MET F 117 18.44 27.42 -6.00
N GLY F 118 18.79 27.14 -4.74
CA GLY F 118 18.02 27.59 -3.58
C GLY F 118 16.66 26.92 -3.54
N ASP F 119 15.65 27.72 -3.20
CA ASP F 119 14.28 27.22 -3.08
C ASP F 119 13.73 26.74 -4.42
N SER F 120 14.23 27.31 -5.52
CA SER F 120 13.83 26.89 -6.87
C SER F 120 14.33 25.47 -7.27
N ALA F 121 15.17 24.88 -6.42
CA ALA F 121 15.53 23.46 -6.54
C ALA F 121 14.32 22.56 -6.67
N LYS F 122 13.18 22.99 -6.14
CA LYS F 122 11.96 22.20 -6.25
C LYS F 122 11.41 22.14 -7.68
N PHE F 123 11.82 23.08 -8.55
CA PHE F 123 11.32 23.09 -9.92
C PHE F 123 12.19 22.18 -10.80
N LEU F 124 11.53 21.42 -11.65
CA LEU F 124 12.25 20.52 -12.54
C LEU F 124 12.20 21.06 -13.97
N ASN F 125 11.78 22.30 -14.13
CA ASN F 125 11.67 22.87 -15.45
C ASN F 125 12.21 24.28 -15.53
N GLY F 126 12.37 24.73 -16.76
CA GLY F 126 12.83 26.07 -17.06
C GLY F 126 12.57 26.39 -18.50
N ASP F 127 12.73 27.65 -18.88
CA ASP F 127 12.46 28.04 -20.23
C ASP F 127 13.43 29.18 -20.61
N CYS F 128 14.56 28.83 -21.22
CA CYS F 128 15.56 29.85 -21.53
C CYS F 128 15.63 30.25 -22.99
N HIS F 129 15.98 31.50 -23.22
CA HIS F 129 15.87 32.06 -24.55
C HIS F 129 17.14 32.75 -24.98
N HIS F 130 17.77 33.42 -24.03
CA HIS F 130 18.69 34.52 -24.33
C HIS F 130 20.02 34.40 -23.61
N PRO F 131 20.98 33.66 -24.19
CA PRO F 131 22.29 33.51 -23.58
C PRO F 131 23.22 34.65 -24.02
N HIS F 132 23.98 35.20 -23.06
CA HIS F 132 24.90 36.32 -23.32
C HIS F 132 26.17 36.24 -22.49
N ILE F 133 27.26 36.64 -23.11
CA ILE F 133 28.59 36.50 -22.53
C ILE F 133 29.04 37.87 -22.00
N SER F 134 29.53 37.89 -20.76
CA SER F 134 30.06 39.13 -20.16
C SER F 134 31.05 39.87 -21.06
N MET F 135 31.11 41.19 -20.91
CA MET F 135 31.89 42.04 -21.80
C MET F 135 32.72 43.04 -21.03
N THR F 136 33.92 43.31 -21.53
CA THR F 136 34.74 44.38 -21.01
C THR F 136 35.08 45.26 -22.19
N ASP F 137 35.03 46.59 -21.97
N ASP F 137 35.02 46.58 -21.97
CA ASP F 137 35.30 47.60 -23.00
CA ASP F 137 35.29 47.58 -23.02
C ASP F 137 34.58 47.33 -24.34
C ASP F 137 34.63 47.23 -24.34
N GLY F 138 33.40 46.72 -24.27
CA GLY F 138 32.60 46.42 -25.46
C GLY F 138 33.02 45.18 -26.24
N LYS F 139 33.70 44.26 -25.57
CA LYS F 139 34.21 43.05 -26.20
C LYS F 139 34.05 41.88 -25.26
N TYR F 140 33.80 40.67 -25.79
CA TYR F 140 33.66 39.53 -24.87
C TYR F 140 34.93 39.42 -24.02
N ASP F 141 34.76 39.24 -22.71
CA ASP F 141 35.86 38.93 -21.80
C ASP F 141 35.82 37.45 -21.41
N GLY F 142 34.75 36.77 -21.80
CA GLY F 142 34.66 35.33 -21.63
C GLY F 142 34.66 34.81 -20.19
N LYS F 143 34.26 35.66 -19.25
CA LYS F 143 34.17 35.20 -17.87
C LYS F 143 32.87 34.43 -17.60
N TYR F 144 31.74 35.07 -17.92
CA TYR F 144 30.43 34.53 -17.55
C TYR F 144 29.48 34.44 -18.73
N LEU F 145 28.55 33.50 -18.62
CA LEU F 145 27.38 33.46 -19.49
C LEU F 145 26.15 33.59 -18.62
N PHE F 146 25.22 34.42 -19.06
CA PHE F 146 23.94 34.60 -18.37
C PHE F 146 22.80 34.17 -19.27
N ILE F 147 21.74 33.66 -18.65
CA ILE F 147 20.56 33.25 -19.39
C ILE F 147 19.32 33.40 -18.53
N ASN F 148 18.17 33.58 -19.16
CA ASN F 148 16.89 33.74 -18.45
C ASN F 148 16.16 32.42 -18.26
N ASP F 149 15.19 32.45 -17.34
CA ASP F 149 14.17 31.42 -17.27
C ASP F 149 12.78 32.07 -17.26
N LYS F 150 12.02 31.93 -18.34
CA LYS F 150 10.69 32.53 -18.39
C LYS F 150 9.66 31.77 -17.54
N ALA F 151 9.92 30.47 -17.30
CA ALA F 151 8.95 29.57 -16.66
C ALA F 151 8.84 29.79 -15.16
N ASN F 152 9.99 29.87 -14.50
CA ASN F 152 10.02 30.12 -13.07
C ASN F 152 10.76 31.41 -12.66
N SER F 153 10.83 32.36 -13.60
CA SER F 153 11.26 33.75 -13.34
C SER F 153 12.67 33.91 -12.77
N ARG F 154 13.64 33.32 -13.45
CA ARG F 154 14.98 33.23 -12.88
C ARG F 154 16.04 33.78 -13.83
N VAL F 155 17.21 34.07 -13.27
CA VAL F 155 18.41 34.38 -14.03
C VAL F 155 19.49 33.43 -13.49
N ALA F 156 20.24 32.80 -14.39
CA ALA F 156 21.36 31.94 -14.00
C ALA F 156 22.66 32.46 -14.58
N ARG F 157 23.75 32.21 -13.86
CA ARG F 157 25.08 32.53 -14.33
C ARG F 157 25.87 31.27 -14.54
N ILE F 158 26.51 31.19 -15.69
CA ILE F 158 27.46 30.13 -15.96
C ILE F 158 28.88 30.69 -15.93
N ARG F 159 29.76 30.01 -15.20
CA ARG F 159 31.18 30.33 -15.25
C ARG F 159 31.79 29.62 -16.45
N LEU F 160 32.35 30.40 -17.36
CA LEU F 160 32.87 29.83 -18.59
C LEU F 160 34.22 29.11 -18.47
N ASP F 161 34.88 29.19 -17.32
CA ASP F 161 36.12 28.42 -17.12
C ASP F 161 35.82 26.97 -16.75
N ILE F 162 34.73 26.75 -16.04
CA ILE F 162 34.32 25.39 -15.67
C ILE F 162 33.12 24.87 -16.49
N MET F 163 32.46 25.77 -17.22
CA MET F 163 31.27 25.43 -18.03
C MET F 163 30.20 24.77 -17.16
N LYS F 164 29.91 25.42 -16.03
CA LYS F 164 28.84 25.00 -15.12
C LYS F 164 28.05 26.22 -14.66
N CYS F 165 26.78 26.04 -14.35
CA CYS F 165 26.03 27.11 -13.66
C CYS F 165 26.61 27.32 -12.23
N ASP F 166 26.98 28.54 -11.89
CA ASP F 166 27.50 28.74 -10.52
C ASP F 166 26.61 29.60 -9.59
N LYS F 167 25.66 30.34 -10.17
CA LYS F 167 24.76 31.18 -9.40
C LYS F 167 23.40 31.23 -10.04
N MET F 168 22.38 31.43 -9.23
CA MET F 168 21.03 31.52 -9.74
C MET F 168 20.17 32.34 -8.79
N ILE F 169 19.39 33.27 -9.34
CA ILE F 169 18.46 34.10 -8.59
C ILE F 169 17.03 33.97 -9.14
N THR F 170 16.05 33.91 -8.23
CA THR F 170 14.64 34.06 -8.57
C THR F 170 14.33 35.55 -8.44
N VAL F 171 13.98 36.21 -9.53
CA VAL F 171 13.74 37.66 -9.46
C VAL F 171 12.45 37.95 -8.67
N PRO F 172 12.54 38.80 -7.62
CA PRO F 172 11.38 39.03 -6.75
C PRO F 172 10.31 39.89 -7.38
N ASN F 173 9.07 39.64 -6.99
CA ASN F 173 7.93 40.51 -7.33
C ASN F 173 7.63 40.64 -8.81
N VAL F 174 7.98 39.60 -9.58
CA VAL F 174 7.80 39.60 -11.04
C VAL F 174 7.30 38.24 -11.50
N GLN F 175 6.74 38.21 -12.71
CA GLN F 175 6.45 36.95 -13.37
C GLN F 175 7.09 36.94 -14.76
N ALA F 176 7.85 35.88 -15.03
CA ALA F 176 8.33 35.55 -16.39
C ALA F 176 9.51 36.41 -16.85
N ILE F 177 10.74 35.94 -16.58
CA ILE F 177 11.91 36.63 -17.10
C ILE F 177 12.13 36.18 -18.53
N HIS F 178 12.05 37.15 -19.43
CA HIS F 178 12.16 36.84 -20.84
C HIS F 178 13.39 37.51 -21.48
N GLY F 179 13.24 38.72 -22.00
CA GLY F 179 14.43 39.45 -22.48
C GLY F 179 15.55 39.57 -21.46
N LEU F 180 16.79 39.41 -21.92
CA LEU F 180 17.95 39.57 -21.06
C LEU F 180 19.08 40.01 -21.94
N ARG F 181 19.80 41.04 -21.50
CA ARG F 181 21.09 41.37 -22.11
C ARG F 181 22.01 42.03 -21.10
N LEU F 182 23.25 42.23 -21.51
CA LEU F 182 24.28 42.66 -20.60
C LEU F 182 24.79 44.05 -20.95
N GLN F 183 25.17 44.79 -19.91
CA GLN F 183 25.88 46.04 -20.07
C GLN F 183 27.19 45.73 -20.80
N LYS F 184 27.57 46.60 -21.73
CA LYS F 184 28.72 46.40 -22.61
C LYS F 184 29.96 47.16 -22.14
N VAL F 185 29.74 48.35 -21.56
CA VAL F 185 30.80 49.33 -21.31
C VAL F 185 30.49 50.06 -19.98
N PRO F 186 31.50 50.26 -19.11
CA PRO F 186 32.92 49.82 -19.19
C PRO F 186 33.15 48.31 -19.07
N HIS F 187 32.24 47.63 -18.39
CA HIS F 187 32.16 46.16 -18.38
C HIS F 187 30.73 45.74 -18.02
N THR F 188 30.47 44.43 -18.02
CA THR F 188 29.18 43.91 -17.57
C THR F 188 28.97 44.09 -16.04
N LYS F 189 28.51 45.27 -15.69
CA LYS F 189 28.25 45.63 -14.32
C LYS F 189 26.91 45.02 -13.94
N TYR F 190 25.94 45.21 -14.84
CA TYR F 190 24.55 44.77 -14.65
C TYR F 190 24.12 43.76 -15.72
N VAL F 191 23.34 42.78 -15.29
CA VAL F 191 22.55 41.94 -16.19
C VAL F 191 21.18 42.62 -16.20
N PHE F 192 20.65 42.90 -17.39
CA PHE F 192 19.33 43.51 -17.47
C PHE F 192 18.32 42.47 -17.87
N ALA F 193 17.22 42.33 -17.13
CA ALA F 193 16.26 41.28 -17.42
C ALA F 193 14.82 41.78 -17.46
N ASN F 194 14.11 41.42 -18.53
CA ASN F 194 12.69 41.78 -18.69
C ASN F 194 11.77 40.83 -17.94
N ALA F 195 10.86 41.38 -17.16
CA ALA F 195 9.73 40.57 -16.66
C ALA F 195 8.56 40.87 -17.58
N GLU F 196 8.06 39.85 -18.26
CA GLU F 196 7.16 40.05 -19.38
C GLU F 196 5.70 40.38 -19.01
N PHE F 197 5.24 39.86 -17.86
CA PHE F 197 3.81 39.90 -17.57
C PHE F 197 3.43 40.86 -16.44
N ILE F 198 2.35 41.60 -16.67
CA ILE F 198 1.78 42.53 -15.71
C ILE F 198 1.07 41.74 -14.61
N ILE F 199 1.43 42.03 -13.36
CA ILE F 199 0.80 41.41 -12.19
C ILE F 199 0.38 42.47 -11.14
N PRO F 200 -0.56 42.10 -10.26
CA PRO F 200 -0.92 43.04 -9.21
C PRO F 200 0.19 43.10 -8.17
N HIS F 201 0.28 44.22 -7.47
CA HIS F 201 1.25 44.42 -6.42
C HIS F 201 0.53 45.07 -5.23
N PRO F 202 0.32 44.32 -4.12
CA PRO F 202 0.73 42.91 -3.98
C PRO F 202 -0.15 41.97 -4.81
N ASN F 203 0.36 40.77 -5.07
CA ASN F 203 -0.39 39.76 -5.78
C ASN F 203 -0.96 38.79 -4.74
N ASP F 204 -1.87 39.31 -3.92
CA ASP F 204 -2.42 38.60 -2.77
C ASP F 204 -3.82 38.03 -3.00
N GLY F 205 -4.29 38.11 -4.24
CA GLY F 205 -5.54 37.48 -4.62
C GLY F 205 -6.75 38.36 -4.36
N LYS F 206 -6.52 39.60 -3.93
CA LYS F 206 -7.61 40.55 -3.71
C LYS F 206 -7.95 41.34 -4.98
N VAL F 207 -6.93 41.64 -5.80
CA VAL F 207 -7.18 42.35 -7.05
C VAL F 207 -6.55 41.54 -8.21
N PHE F 208 -7.27 41.45 -9.31
CA PHE F 208 -6.79 40.74 -10.49
C PHE F 208 -6.67 41.66 -11.70
N ASP F 209 -7.47 42.73 -11.70
CA ASP F 209 -7.49 43.77 -12.73
C ASP F 209 -6.10 44.26 -13.14
N LEU F 210 -5.75 44.06 -14.40
CA LEU F 210 -4.51 44.60 -14.97
C LEU F 210 -4.51 46.14 -15.07
N GLN F 211 -5.69 46.75 -15.08
CA GLN F 211 -5.79 48.22 -15.25
C GLN F 211 -5.65 48.95 -13.92
N ASP F 212 -5.44 48.20 -12.85
CA ASP F 212 -5.31 48.77 -11.51
C ASP F 212 -3.99 49.55 -11.40
N GLU F 213 -4.00 50.67 -10.68
N GLU F 213 -4.10 50.69 -10.70
CA GLU F 213 -2.76 51.46 -10.55
CA GLU F 213 -2.98 51.48 -10.20
C GLU F 213 -1.62 50.74 -9.81
C GLU F 213 -1.74 50.60 -10.05
N ASN F 214 -1.88 49.56 -9.23
CA ASN F 214 -0.78 48.72 -8.77
C ASN F 214 -0.57 47.42 -9.53
N SER F 215 -1.15 47.32 -10.72
CA SER F 215 -0.83 46.25 -11.63
C SER F 215 0.17 46.77 -12.67
N TYR F 216 1.36 46.17 -12.68
CA TYR F 216 2.46 46.58 -13.57
C TYR F 216 3.49 45.48 -13.66
N THR F 217 4.42 45.62 -14.60
CA THR F 217 5.63 44.80 -14.57
C THR F 217 6.85 45.69 -14.35
N MET F 218 8.03 45.10 -14.25
CA MET F 218 9.24 45.86 -13.91
C MET F 218 10.43 45.42 -14.73
N TYR F 219 11.36 46.36 -14.91
CA TYR F 219 12.66 46.09 -15.53
C TYR F 219 13.66 45.77 -14.42
N ASN F 220 14.46 44.72 -14.62
CA ASN F 220 15.28 44.21 -13.52
C ASN F 220 16.76 44.32 -13.82
N ALA F 221 17.53 44.91 -12.90
CA ALA F 221 18.99 44.88 -13.04
C ALA F 221 19.58 44.01 -11.95
N ILE F 222 20.47 43.09 -12.34
CA ILE F 222 21.16 42.21 -11.41
C ILE F 222 22.66 42.48 -11.42
N ASP F 223 23.24 42.54 -10.22
CA ASP F 223 24.69 42.70 -10.08
C ASP F 223 25.39 41.44 -10.60
N ALA F 224 26.06 41.59 -11.74
CA ALA F 224 26.66 40.46 -12.45
C ALA F 224 27.62 39.63 -11.61
N GLU F 225 28.38 40.28 -10.72
CA GLU F 225 29.38 39.62 -9.90
C GLU F 225 28.82 38.95 -8.65
N THR F 226 27.95 39.67 -7.92
CA THR F 226 27.37 39.14 -6.69
C THR F 226 26.16 38.27 -6.99
N MET F 227 25.53 38.51 -8.14
CA MET F 227 24.26 37.87 -8.52
C MET F 227 23.12 38.14 -7.54
N GLU F 228 23.18 39.31 -6.90
CA GLU F 228 22.07 39.87 -6.10
C GLU F 228 21.38 40.96 -6.93
N MET F 229 20.08 41.15 -6.69
CA MET F 229 19.35 42.23 -7.32
C MET F 229 20.05 43.56 -7.09
N ALA F 230 20.04 44.43 -8.09
CA ALA F 230 20.59 45.78 -7.90
C ALA F 230 19.45 46.80 -7.78
N PHE F 231 18.50 46.69 -8.70
CA PHE F 231 17.31 47.53 -8.67
C PHE F 231 16.25 47.04 -9.63
N GLN F 232 15.05 47.60 -9.49
CA GLN F 232 13.97 47.33 -10.43
C GLN F 232 13.30 48.64 -10.82
N VAL F 233 12.86 48.74 -12.07
CA VAL F 233 12.17 49.93 -12.52
C VAL F 233 10.74 49.61 -13.01
N ILE F 234 9.75 50.18 -12.32
CA ILE F 234 8.36 50.02 -12.72
C ILE F 234 8.13 50.69 -14.07
N VAL F 235 7.45 49.99 -14.98
CA VAL F 235 7.21 50.55 -16.29
C VAL F 235 5.72 50.49 -16.61
N ASP F 236 5.27 51.40 -17.48
CA ASP F 236 3.96 51.21 -18.11
C ASP F 236 4.01 49.99 -19.04
N GLY F 237 2.84 49.49 -19.47
CA GLY F 237 2.78 48.41 -20.45
C GLY F 237 3.61 47.21 -20.02
N ASN F 238 4.33 46.62 -20.96
CA ASN F 238 5.18 45.48 -20.61
C ASN F 238 6.56 45.50 -21.28
N LEU F 239 7.26 44.36 -21.21
CA LEU F 239 8.66 44.24 -21.60
C LEU F 239 8.86 42.92 -22.34
N ASP F 240 9.53 42.97 -23.49
CA ASP F 240 9.74 41.77 -24.30
C ASP F 240 11.23 41.46 -24.36
N ASN F 241 11.95 42.09 -25.30
CA ASN F 241 13.42 41.97 -25.39
C ASN F 241 14.12 43.27 -24.99
N THR F 242 15.43 43.20 -24.86
CA THR F 242 16.19 44.34 -24.36
C THR F 242 17.66 44.33 -24.81
N ASP F 243 18.26 45.52 -24.89
CA ASP F 243 19.69 45.66 -25.14
C ASP F 243 20.28 46.91 -24.46
N ALA F 244 21.60 47.02 -24.48
CA ALA F 244 22.26 48.16 -23.87
C ALA F 244 23.18 48.84 -24.89
N ASP F 245 23.59 50.05 -24.55
CA ASP F 245 24.40 50.83 -25.45
C ASP F 245 25.88 50.48 -25.23
N TYR F 246 26.79 51.29 -25.80
CA TYR F 246 28.23 51.12 -25.62
C TYR F 246 28.85 52.19 -24.70
N THR F 247 28.08 52.72 -23.75
CA THR F 247 28.61 53.71 -22.78
C THR F 247 28.29 53.30 -21.36
N GLY F 248 27.24 52.50 -21.20
CA GLY F 248 26.72 52.15 -19.89
C GLY F 248 25.65 53.10 -19.38
N ARG F 249 25.39 54.18 -20.09
CA ARG F 249 24.31 55.08 -19.65
C ARG F 249 22.90 54.57 -19.98
N PHE F 250 22.70 54.06 -21.20
CA PHE F 250 21.36 53.71 -21.66
C PHE F 250 21.11 52.22 -21.94
N ALA F 251 19.86 51.82 -21.70
CA ALA F 251 19.36 50.52 -22.11
C ALA F 251 17.96 50.73 -22.63
N ALA F 252 17.43 49.74 -23.35
CA ALA F 252 16.18 49.89 -24.04
C ALA F 252 15.45 48.56 -24.04
N ALA F 253 14.12 48.61 -24.05
CA ALA F 253 13.32 47.39 -24.16
C ALA F 253 12.10 47.61 -25.03
N THR F 254 11.73 46.59 -25.81
CA THR F 254 10.45 46.64 -26.53
C THR F 254 9.29 46.29 -25.62
N CYS F 255 8.12 46.81 -25.96
CA CYS F 255 6.91 46.56 -25.23
C CYS F 255 5.90 46.24 -26.30
N TYR F 256 5.05 45.25 -26.04
CA TYR F 256 4.01 44.90 -26.98
C TYR F 256 2.60 44.99 -26.38
N ASN F 257 2.51 45.15 -25.06
CA ASN F 257 1.20 45.27 -24.38
C ASN F 257 1.00 46.67 -23.73
N SER F 258 1.23 47.74 -24.49
CA SER F 258 1.00 49.11 -23.96
C SER F 258 -0.45 49.28 -23.55
N GLU F 259 -1.31 48.41 -24.07
CA GLU F 259 -2.72 48.32 -23.76
C GLU F 259 -3.08 47.75 -22.37
N LYS F 260 -2.13 47.07 -21.73
CA LYS F 260 -2.38 46.38 -20.44
C LYS F 260 -3.63 45.50 -20.53
N ALA F 261 -3.71 44.73 -21.62
CA ALA F 261 -4.84 43.85 -21.89
C ALA F 261 -4.48 42.40 -21.59
N PHE F 262 -5.48 41.53 -21.42
CA PHE F 262 -5.20 40.10 -21.30
C PHE F 262 -5.58 39.34 -22.56
N ASP F 263 -6.35 40.00 -23.44
CA ASP F 263 -6.89 39.34 -24.65
C ASP F 263 -6.10 39.72 -25.91
N LEU F 264 -5.97 38.76 -26.82
CA LEU F 264 -5.27 38.95 -28.08
C LEU F 264 -5.64 40.28 -28.77
N GLY F 265 -6.93 40.44 -29.07
CA GLY F 265 -7.46 41.66 -29.70
C GLY F 265 -6.98 42.93 -29.03
N GLY F 266 -7.09 42.97 -27.71
CA GLY F 266 -6.67 44.14 -26.93
C GLY F 266 -5.18 44.42 -26.98
N MET F 267 -4.36 43.36 -27.01
CA MET F 267 -2.89 43.52 -27.07
C MET F 267 -2.42 44.03 -28.43
N MET F 268 -3.27 43.91 -29.45
CA MET F 268 -2.97 44.43 -30.78
C MET F 268 -3.76 45.69 -31.12
N ARG F 269 -4.31 46.37 -30.13
CA ARG F 269 -5.24 47.46 -30.45
C ARG F 269 -4.53 48.72 -30.93
N ASN F 270 -3.56 49.19 -30.16
CA ASN F 270 -2.87 50.42 -30.51
C ASN F 270 -1.99 50.19 -31.72
N GLU F 271 -1.94 51.18 -32.61
N GLU F 271 -1.95 51.17 -32.63
CA GLU F 271 -1.11 51.10 -33.81
CA GLU F 271 -1.11 51.09 -33.81
C GLU F 271 0.38 51.22 -33.49
C GLU F 271 0.38 51.13 -33.44
N ARG F 272 0.68 51.78 -32.31
CA ARG F 272 2.04 51.88 -31.81
C ARG F 272 2.12 51.42 -30.37
N ASP F 273 3.09 50.57 -30.05
CA ASP F 273 3.49 50.40 -28.66
C ASP F 273 4.70 51.31 -28.50
N TRP F 274 5.78 50.82 -27.90
CA TRP F 274 6.97 51.64 -27.74
C TRP F 274 8.19 50.80 -27.44
N VAL F 275 9.36 51.42 -27.63
CA VAL F 275 10.52 50.99 -26.86
C VAL F 275 10.73 51.94 -25.72
N VAL F 276 10.90 51.37 -24.53
CA VAL F 276 11.17 52.19 -23.36
C VAL F 276 12.68 52.26 -23.17
N VAL F 277 13.20 53.48 -22.99
CA VAL F 277 14.63 53.69 -22.81
C VAL F 277 14.90 54.09 -21.38
N PHE F 278 15.96 53.52 -20.80
CA PHE F 278 16.28 53.74 -19.41
C PHE F 278 17.56 54.56 -19.29
N ASP F 279 17.52 55.60 -18.45
CA ASP F 279 18.73 56.32 -18.08
C ASP F 279 19.26 55.60 -16.85
N ILE F 280 20.17 54.66 -17.07
CA ILE F 280 20.70 53.86 -15.96
C ILE F 280 21.45 54.77 -14.96
N HIS F 281 22.17 55.77 -15.46
CA HIS F 281 22.85 56.76 -14.61
C HIS F 281 21.90 57.43 -13.63
N ALA F 282 20.77 57.94 -14.14
CA ALA F 282 19.72 58.50 -13.27
C ALA F 282 19.17 57.49 -12.25
N VAL F 283 18.97 56.23 -12.68
CA VAL F 283 18.53 55.17 -11.75
C VAL F 283 19.55 54.98 -10.62
N GLU F 284 20.81 54.78 -10.98
CA GLU F 284 21.88 54.61 -9.98
C GLU F 284 21.89 55.79 -8.97
N ALA F 285 21.77 57.03 -9.45
CA ALA F 285 21.88 58.18 -8.54
C ALA F 285 20.73 58.22 -7.55
N ALA F 286 19.56 57.78 -7.98
CA ALA F 286 18.40 57.72 -7.08
C ALA F 286 18.49 56.58 -6.07
N VAL F 287 19.14 55.47 -6.43
CA VAL F 287 19.42 54.44 -5.43
C VAL F 287 20.43 54.99 -4.40
N LYS F 288 21.50 55.60 -4.89
CA LYS F 288 22.53 56.22 -4.07
C LYS F 288 21.94 57.25 -3.07
N ALA F 289 20.99 58.06 -3.52
CA ALA F 289 20.36 59.07 -2.67
C ALA F 289 19.29 58.47 -1.76
N GLY F 290 18.92 57.22 -2.00
CA GLY F 290 17.90 56.55 -1.20
C GLY F 290 16.48 56.92 -1.60
N ASP F 291 16.31 57.43 -2.82
CA ASP F 291 14.99 57.83 -3.28
C ASP F 291 14.32 56.69 -4.01
N PHE F 292 13.90 55.69 -3.25
CA PHE F 292 13.24 54.50 -3.78
C PHE F 292 12.31 53.86 -2.75
N ILE F 293 11.48 52.93 -3.21
CA ILE F 293 10.64 52.15 -2.32
C ILE F 293 11.05 50.68 -2.36
N THR F 294 10.50 49.88 -1.44
CA THR F 294 10.61 48.44 -1.51
C THR F 294 9.22 47.82 -1.59
N LEU F 295 9.14 46.60 -2.11
CA LEU F 295 7.87 45.87 -2.27
C LEU F 295 7.92 44.56 -1.51
N GLY F 296 6.83 44.22 -0.83
CA GLY F 296 6.76 43.04 0.02
C GLY F 296 7.97 42.88 0.91
N ASP F 297 8.46 41.65 0.98
CA ASP F 297 9.64 41.31 1.77
C ASP F 297 10.96 41.77 1.18
N SER F 298 10.99 41.96 -0.14
CA SER F 298 12.22 42.26 -0.89
C SER F 298 12.87 43.60 -0.54
N LYS F 299 14.18 43.56 -0.28
CA LYS F 299 14.99 44.75 0.00
C LYS F 299 15.45 45.47 -1.30
N THR F 300 15.11 44.89 -2.45
CA THR F 300 15.50 45.49 -3.74
C THR F 300 14.93 46.90 -3.97
N PRO F 301 15.81 47.88 -4.25
CA PRO F 301 15.32 49.22 -4.53
C PRO F 301 14.43 49.23 -5.75
N VAL F 302 13.24 49.83 -5.61
CA VAL F 302 12.28 49.91 -6.69
C VAL F 302 12.05 51.37 -7.07
N LEU F 303 12.24 51.67 -8.36
CA LEU F 303 12.06 53.03 -8.89
C LEU F 303 10.87 53.10 -9.80
N ASP F 304 10.15 54.23 -9.76
CA ASP F 304 8.94 54.38 -10.58
C ASP F 304 9.26 55.03 -11.92
N GLY F 305 9.22 54.23 -12.99
CA GLY F 305 9.51 54.68 -14.35
C GLY F 305 8.26 54.90 -15.21
N ARG F 306 7.09 54.89 -14.59
CA ARG F 306 5.84 55.13 -15.30
C ARG F 306 5.68 56.61 -15.64
N LYS F 307 4.84 56.93 -16.64
CA LYS F 307 4.47 58.31 -16.98
C LYS F 307 3.25 58.76 -16.19
N LYS F 308 3.45 59.67 -15.26
CA LYS F 308 2.36 60.22 -14.45
C LYS F 308 1.63 61.38 -15.18
N ASP F 309 0.59 61.05 -15.94
CA ASP F 309 -0.29 62.03 -16.62
C ASP F 309 0.47 62.92 -17.60
N GLY F 310 1.23 62.31 -18.50
CA GLY F 310 2.10 63.07 -19.39
C GLY F 310 3.40 63.61 -18.77
N LYS F 311 3.58 63.42 -17.46
CA LYS F 311 4.84 63.74 -16.82
C LYS F 311 5.80 62.55 -16.90
N ASP F 312 6.94 62.75 -17.55
CA ASP F 312 7.96 61.72 -17.63
C ASP F 312 8.66 61.56 -16.29
N SER F 313 8.74 60.32 -15.83
CA SER F 313 9.74 59.90 -14.86
C SER F 313 11.12 60.31 -15.39
N LYS F 314 12.04 60.59 -14.48
CA LYS F 314 13.40 60.93 -14.87
C LYS F 314 14.17 59.70 -15.33
N PHE F 315 13.60 58.51 -15.09
CA PHE F 315 14.31 57.26 -15.34
C PHE F 315 14.06 56.67 -16.73
N THR F 316 12.96 57.06 -17.36
CA THR F 316 12.55 56.42 -18.59
C THR F 316 12.05 57.43 -19.62
N ARG F 317 12.07 56.99 -20.88
CA ARG F 317 11.42 57.71 -21.95
C ARG F 317 10.75 56.67 -22.81
N TYR F 318 9.57 56.99 -23.32
CA TYR F 318 8.80 56.06 -24.14
C TYR F 318 8.78 56.54 -25.59
N VAL F 319 9.38 55.75 -26.48
CA VAL F 319 9.51 56.11 -27.88
C VAL F 319 8.52 55.26 -28.68
N PRO F 320 7.43 55.88 -29.18
CA PRO F 320 6.39 55.09 -29.89
C PRO F 320 6.96 54.33 -31.08
N VAL F 321 6.58 53.06 -31.21
CA VAL F 321 7.11 52.19 -32.25
C VAL F 321 6.05 51.19 -32.67
N PRO F 322 5.78 51.07 -33.98
CA PRO F 322 4.81 50.03 -34.36
C PRO F 322 5.50 48.66 -34.53
N LYS F 323 4.84 47.54 -34.26
CA LYS F 323 3.51 47.39 -33.64
C LYS F 323 3.57 46.01 -32.95
N ASN F 324 3.33 45.95 -31.64
CA ASN F 324 3.82 44.81 -30.83
C ASN F 324 5.28 44.47 -31.17
N PRO F 325 6.15 45.49 -31.15
CA PRO F 325 7.53 45.22 -31.57
C PRO F 325 8.20 44.13 -30.70
N HIS F 326 9.24 43.51 -31.23
CA HIS F 326 9.76 42.29 -30.62
C HIS F 326 11.25 42.36 -30.28
N GLY F 327 12.11 42.12 -31.29
CA GLY F 327 13.56 42.20 -31.08
C GLY F 327 14.01 43.61 -30.71
N CYS F 328 15.04 43.70 -29.88
CA CYS F 328 15.62 44.97 -29.49
C CYS F 328 17.14 44.79 -29.50
N ASN F 329 17.78 45.28 -30.56
CA ASN F 329 19.19 44.99 -30.89
C ASN F 329 20.06 46.24 -31.14
N THR F 330 21.18 46.29 -30.43
CA THR F 330 22.11 47.39 -30.52
C THR F 330 23.09 47.12 -31.64
N SER F 331 23.17 48.05 -32.61
CA SER F 331 24.12 47.96 -33.72
C SER F 331 25.57 47.94 -33.18
N SER F 332 26.44 47.19 -33.86
CA SER F 332 27.81 46.95 -33.39
C SER F 332 28.71 48.20 -33.45
N ASP F 333 28.27 49.20 -34.21
CA ASP F 333 28.93 50.53 -34.24
C ASP F 333 28.43 51.44 -33.12
N GLY F 334 27.53 50.93 -32.29
CA GLY F 334 27.01 51.70 -31.14
C GLY F 334 26.03 52.82 -31.49
N LYS F 335 25.59 52.89 -32.72
CA LYS F 335 24.73 53.99 -33.15
C LYS F 335 23.24 53.77 -32.83
N TYR F 336 22.75 52.54 -32.99
CA TYR F 336 21.32 52.35 -32.93
C TYR F 336 20.83 51.28 -31.96
N PHE F 337 19.68 51.54 -31.35
CA PHE F 337 18.80 50.51 -30.88
C PHE F 337 17.81 50.27 -32.02
N ILE F 338 17.74 49.03 -32.49
CA ILE F 338 16.86 48.69 -33.60
C ILE F 338 15.76 47.76 -33.14
N ALA F 339 14.52 48.24 -33.17
CA ALA F 339 13.38 47.46 -32.76
C ALA F 339 12.76 46.79 -33.98
N ALA F 340 12.53 45.48 -33.91
CA ALA F 340 11.88 44.74 -34.97
C ALA F 340 10.34 44.87 -34.84
N GLY F 341 9.67 45.16 -35.94
CA GLY F 341 8.27 45.61 -35.93
C GLY F 341 7.18 44.57 -35.75
N LYS F 342 7.52 43.30 -35.97
CA LYS F 342 6.58 42.17 -35.91
C LYS F 342 5.26 42.41 -36.70
N LEU F 343 4.25 43.01 -36.08
CA LEU F 343 2.99 43.27 -36.81
C LEU F 343 3.11 44.40 -37.81
N SER F 344 4.11 45.25 -37.60
CA SER F 344 4.53 46.26 -38.56
C SER F 344 5.68 45.65 -39.36
N PRO F 345 5.60 45.74 -40.70
CA PRO F 345 6.58 45.14 -41.61
C PRO F 345 7.86 45.96 -41.66
N THR F 346 8.28 46.47 -40.50
CA THR F 346 9.38 47.42 -40.39
C THR F 346 10.33 47.10 -39.26
N CYS F 347 11.47 47.78 -39.27
CA CYS F 347 12.27 47.98 -38.06
C CYS F 347 12.29 49.48 -37.76
N SER F 348 12.47 49.83 -36.49
CA SER F 348 12.57 51.24 -36.09
C SER F 348 13.94 51.45 -35.48
N MET F 349 14.60 52.51 -35.92
CA MET F 349 15.96 52.82 -35.51
C MET F 349 16.03 54.04 -34.62
N ILE F 350 16.44 53.82 -33.37
CA ILE F 350 16.61 54.88 -32.40
C ILE F 350 18.08 55.34 -32.40
N ALA F 351 18.29 56.63 -32.62
CA ALA F 351 19.64 57.22 -32.58
C ALA F 351 20.10 57.36 -31.14
N ILE F 352 21.01 56.50 -30.73
CA ILE F 352 21.53 56.53 -29.37
C ILE F 352 22.16 57.90 -29.04
N ASP F 353 22.68 58.56 -30.09
CA ASP F 353 23.24 59.93 -30.03
C ASP F 353 22.32 60.95 -29.44
N LYS F 354 21.03 60.76 -29.73
CA LYS F 354 20.02 61.77 -29.43
C LYS F 354 19.40 61.54 -28.05
N LEU F 355 19.83 60.47 -27.38
CA LEU F 355 19.27 60.12 -26.06
C LEU F 355 19.61 61.15 -24.97
N PRO F 356 20.87 61.62 -24.90
CA PRO F 356 21.08 62.69 -23.92
C PRO F 356 20.11 63.87 -24.11
N ASP F 357 19.95 64.39 -25.32
CA ASP F 357 19.01 65.49 -25.54
C ASP F 357 17.55 65.16 -25.18
N LEU F 358 17.12 63.93 -25.43
CA LEU F 358 15.77 63.49 -25.10
C LEU F 358 15.50 63.54 -23.60
N PHE F 359 16.40 62.96 -22.81
CA PHE F 359 16.32 63.04 -21.34
C PHE F 359 16.58 64.44 -20.75
N ALA F 360 17.24 65.31 -21.50
CA ALA F 360 17.52 66.67 -21.04
C ALA F 360 16.40 67.66 -21.40
N GLY F 361 15.35 67.18 -22.06
CA GLY F 361 14.17 67.97 -22.38
C GLY F 361 14.32 68.84 -23.63
N LYS F 362 15.34 68.60 -24.44
CA LYS F 362 15.65 69.45 -25.60
C LYS F 362 14.90 69.07 -26.89
N LEU F 363 14.31 67.87 -26.91
CA LEU F 363 13.53 67.42 -28.06
C LEU F 363 12.05 67.55 -27.79
N ALA F 364 11.35 68.09 -28.76
CA ALA F 364 9.92 68.33 -28.64
C ALA F 364 9.13 67.02 -28.56
N ASP F 365 9.70 65.93 -29.05
CA ASP F 365 8.92 64.72 -29.33
C ASP F 365 9.80 63.45 -29.24
N PRO F 366 9.33 62.43 -28.49
CA PRO F 366 10.02 61.13 -28.38
C PRO F 366 10.32 60.51 -29.73
N ARG F 367 9.43 60.72 -30.72
CA ARG F 367 9.68 60.30 -32.09
C ARG F 367 10.88 60.95 -32.76
N ASP F 368 11.36 62.09 -32.22
CA ASP F 368 12.56 62.77 -32.76
C ASP F 368 13.85 61.93 -32.68
N VAL F 369 13.89 60.93 -31.80
CA VAL F 369 15.05 60.03 -31.76
C VAL F 369 14.98 58.86 -32.74
N ILE F 370 13.84 58.68 -33.40
CA ILE F 370 13.71 57.75 -34.52
C ILE F 370 14.30 58.41 -35.78
N VAL F 371 15.30 57.76 -36.37
CA VAL F 371 16.00 58.29 -37.53
C VAL F 371 15.90 57.33 -38.71
N GLY F 372 15.13 56.26 -38.55
CA GLY F 372 14.96 55.27 -39.60
C GLY F 372 13.87 54.32 -39.23
N GLU F 373 13.10 53.92 -40.22
CA GLU F 373 11.98 53.01 -40.00
C GLU F 373 11.77 52.27 -41.30
N PRO F 374 12.77 51.45 -41.71
CA PRO F 374 12.78 50.83 -43.04
C PRO F 374 11.73 49.75 -43.16
N GLU F 375 11.03 49.72 -44.30
CA GLU F 375 10.12 48.61 -44.61
C GLU F 375 10.95 47.43 -45.11
N LEU F 376 10.77 46.28 -44.49
CA LEU F 376 11.65 45.14 -44.78
C LEU F 376 10.91 43.89 -45.30
N GLY F 377 9.70 43.65 -44.79
CA GLY F 377 8.93 42.49 -45.20
C GLY F 377 8.05 42.05 -44.04
N LEU F 378 7.34 40.95 -44.24
CA LEU F 378 6.32 40.50 -43.28
C LEU F 378 6.88 39.79 -42.04
N GLY F 379 6.57 40.33 -40.88
CA GLY F 379 6.94 39.69 -39.61
C GLY F 379 8.38 39.84 -39.13
N PRO F 380 8.91 41.09 -39.11
CA PRO F 380 10.28 41.31 -38.60
C PRO F 380 10.37 41.01 -37.10
N LEU F 381 11.33 40.18 -36.68
CA LEU F 381 11.41 39.71 -35.28
C LEU F 381 12.70 40.04 -34.57
N HIS F 382 13.84 39.93 -35.26
CA HIS F 382 15.17 40.14 -34.64
C HIS F 382 16.16 40.70 -35.65
N THR F 383 17.20 41.38 -35.18
CA THR F 383 18.23 41.96 -36.06
C THR F 383 19.65 41.71 -35.54
N THR F 384 20.59 41.45 -36.44
CA THR F 384 21.99 41.22 -36.11
C THR F 384 22.89 42.04 -37.08
N PHE F 385 24.22 41.92 -36.97
CA PHE F 385 25.12 42.88 -37.63
C PHE F 385 26.41 42.24 -38.09
N ASP F 386 26.90 42.66 -39.25
CA ASP F 386 28.12 42.08 -39.79
C ASP F 386 29.36 42.90 -39.47
N GLY F 387 29.12 44.08 -38.88
CA GLY F 387 30.19 45.06 -38.62
C GLY F 387 30.72 45.77 -39.86
N ARG F 388 30.09 45.55 -41.01
CA ARG F 388 30.46 46.25 -42.24
C ARG F 388 29.42 47.30 -42.62
N GLY F 389 28.50 47.59 -41.69
CA GLY F 389 27.43 48.55 -41.94
C GLY F 389 26.09 47.89 -42.26
N ASN F 390 26.08 46.56 -42.40
CA ASN F 390 24.84 45.85 -42.71
C ASN F 390 24.13 45.30 -41.50
N ALA F 391 22.82 45.24 -41.61
CA ALA F 391 21.96 44.64 -40.60
C ALA F 391 21.26 43.49 -41.27
N TYR F 392 20.89 42.47 -40.48
CA TYR F 392 20.24 41.27 -41.00
C TYR F 392 19.07 40.98 -40.09
N THR F 393 17.87 40.94 -40.68
CA THR F 393 16.64 40.82 -39.92
C THR F 393 15.83 39.61 -40.36
N THR F 394 15.30 38.87 -39.39
CA THR F 394 14.46 37.74 -39.67
C THR F 394 13.05 38.23 -39.99
N LEU F 395 12.43 37.59 -40.98
CA LEU F 395 11.06 37.88 -41.37
C LEU F 395 10.38 36.56 -41.19
N PHE F 396 9.63 36.45 -40.10
CA PHE F 396 9.01 35.20 -39.70
C PHE F 396 7.96 34.73 -40.71
N ILE F 397 7.12 35.66 -41.13
CA ILE F 397 5.99 35.36 -42.01
C ILE F 397 6.47 35.10 -43.44
N ASP F 398 7.34 35.99 -43.97
CA ASP F 398 7.98 35.75 -45.28
C ASP F 398 9.03 34.62 -45.26
N SER F 399 9.44 34.20 -44.07
CA SER F 399 10.43 33.12 -43.89
C SER F 399 11.75 33.39 -44.62
N GLN F 400 12.29 34.60 -44.37
CA GLN F 400 13.54 35.07 -44.96
C GLN F 400 14.43 35.76 -43.94
N VAL F 401 15.71 35.89 -44.26
CA VAL F 401 16.59 36.84 -43.60
C VAL F 401 16.82 37.98 -44.60
N VAL F 402 16.57 39.21 -44.17
CA VAL F 402 16.80 40.36 -45.06
C VAL F 402 18.08 41.07 -44.64
N LYS F 403 18.97 41.34 -45.61
CA LYS F 403 20.18 42.09 -45.34
C LYS F 403 19.95 43.49 -45.83
N TRP F 404 20.13 44.46 -44.95
CA TRP F 404 19.89 45.84 -45.33
C TRP F 404 20.96 46.76 -44.76
N ASN F 405 21.11 47.91 -45.42
CA ASN F 405 22.17 48.86 -45.06
C ASN F 405 21.57 49.95 -44.20
N MET F 406 22.08 50.08 -42.97
CA MET F 406 21.52 50.98 -41.96
C MET F 406 21.65 52.44 -42.35
N GLU F 407 22.84 52.85 -42.79
CA GLU F 407 23.04 54.26 -43.11
C GLU F 407 22.12 54.71 -44.24
N GLU F 408 21.88 53.79 -45.20
CA GLU F 408 20.95 54.07 -46.30
C GLU F 408 19.47 54.19 -45.84
N ALA F 409 19.04 53.28 -44.95
CA ALA F 409 17.71 53.38 -44.33
C ALA F 409 17.49 54.74 -43.64
N VAL F 410 18.51 55.22 -42.95
CA VAL F 410 18.46 56.51 -42.28
C VAL F 410 18.26 57.65 -43.30
N ARG F 411 19.02 57.64 -44.40
CA ARG F 411 18.84 58.63 -45.47
C ARG F 411 17.47 58.48 -46.14
N ALA F 412 17.00 57.24 -46.32
CA ALA F 412 15.65 56.98 -46.79
C ALA F 412 14.55 57.53 -45.87
N TYR F 413 14.78 57.51 -44.56
CA TYR F 413 13.81 58.02 -43.60
C TYR F 413 13.65 59.54 -43.77
N LYS F 414 14.72 60.21 -44.20
CA LYS F 414 14.72 61.64 -44.49
C LYS F 414 14.14 62.03 -45.85
N GLY F 415 13.81 61.04 -46.68
CA GLY F 415 13.19 61.33 -48.00
C GLY F 415 13.99 60.89 -49.21
N GLU F 416 15.29 60.70 -49.04
CA GLU F 416 16.13 60.25 -50.13
C GLU F 416 15.62 58.91 -50.72
N LYS F 417 15.55 58.85 -52.05
CA LYS F 417 15.22 57.61 -52.77
C LYS F 417 16.45 56.71 -52.92
N VAL F 418 16.53 55.68 -52.08
CA VAL F 418 17.68 54.78 -52.04
C VAL F 418 17.19 53.37 -51.67
N ASN F 419 17.68 52.35 -52.37
CA ASN F 419 17.33 50.98 -52.00
C ASN F 419 18.30 50.37 -50.97
N TYR F 420 17.91 50.44 -49.71
CA TYR F 420 18.69 49.96 -48.59
C TYR F 420 18.72 48.42 -48.43
N ILE F 421 17.74 47.75 -49.03
CA ILE F 421 17.66 46.27 -49.02
C ILE F 421 18.61 45.66 -50.03
N LYS F 422 19.46 44.74 -49.58
CA LYS F 422 20.48 44.17 -50.46
C LYS F 422 20.15 42.77 -50.92
N GLN F 423 19.45 42.01 -50.08
CA GLN F 423 19.22 40.60 -50.33
C GLN F 423 18.22 40.03 -49.34
N LYS F 424 17.40 39.12 -49.83
CA LYS F 424 16.54 38.34 -48.99
C LYS F 424 16.82 36.87 -49.25
N LEU F 425 17.17 36.16 -48.19
CA LEU F 425 17.51 34.75 -48.27
C LEU F 425 16.38 33.93 -47.66
N ASP F 426 15.89 32.96 -48.43
CA ASP F 426 14.89 32.02 -47.95
C ASP F 426 15.50 31.09 -46.93
N VAL F 427 14.81 30.98 -45.79
CA VAL F 427 15.22 30.08 -44.69
C VAL F 427 14.05 29.16 -44.40
N HIS F 428 14.28 28.10 -43.64
CA HIS F 428 13.33 26.97 -43.63
C HIS F 428 13.03 26.41 -42.21
N TYR F 429 11.99 26.91 -41.52
CA TYR F 429 11.04 27.90 -41.99
C TYR F 429 10.63 28.69 -40.78
N GLN F 430 10.22 29.93 -40.99
CA GLN F 430 9.71 30.78 -39.92
C GLN F 430 10.79 31.11 -38.90
N PRO F 431 11.76 31.97 -39.28
CA PRO F 431 12.87 32.24 -38.40
C PRO F 431 12.45 33.12 -37.24
N GLY F 432 13.07 32.88 -36.10
CA GLY F 432 12.92 33.76 -34.94
C GLY F 432 14.14 34.64 -34.77
N HIS F 433 15.06 34.24 -33.90
CA HIS F 433 16.30 35.00 -33.69
C HIS F 433 17.27 34.68 -34.81
N LEU F 434 18.29 35.53 -34.94
CA LEU F 434 19.45 35.27 -35.78
C LEU F 434 20.67 35.87 -35.11
N HIS F 435 21.85 35.28 -35.34
CA HIS F 435 23.06 35.76 -34.67
C HIS F 435 24.28 35.73 -35.57
N ALA F 436 24.92 36.87 -35.73
CA ALA F 436 26.14 36.95 -36.52
C ALA F 436 27.30 36.98 -35.54
N SER F 437 28.41 36.35 -35.92
CA SER F 437 29.53 36.18 -35.00
C SER F 437 30.08 37.52 -34.49
N LEU F 438 30.12 37.61 -33.17
CA LEU F 438 30.60 38.78 -32.44
C LEU F 438 29.71 40.02 -32.58
N CYS F 439 28.47 39.82 -33.06
CA CYS F 439 27.54 40.93 -33.32
C CYS F 439 27.28 41.89 -32.16
N GLU F 440 27.39 41.38 -30.93
CA GLU F 440 27.13 42.16 -29.72
C GLU F 440 28.31 42.98 -29.24
N THR F 441 29.40 42.97 -30.00
CA THR F 441 30.62 43.61 -29.56
C THR F 441 31.12 44.51 -30.69
N ASN F 442 32.03 45.43 -30.37
CA ASN F 442 32.60 46.29 -31.39
C ASN F 442 33.57 45.53 -32.30
N GLU F 443 33.64 44.21 -32.14
CA GLU F 443 34.46 43.39 -33.01
C GLU F 443 33.62 42.55 -33.96
N ALA F 444 32.34 42.85 -34.10
CA ALA F 444 31.49 42.13 -35.07
C ALA F 444 32.34 41.83 -36.31
N ASP F 445 32.54 40.55 -36.61
CA ASP F 445 33.48 40.14 -37.66
C ASP F 445 32.87 39.77 -39.01
N GLY F 446 31.55 39.77 -39.10
CA GLY F 446 30.87 39.50 -40.37
C GLY F 446 31.20 38.19 -41.06
N LYS F 447 31.48 37.14 -40.31
CA LYS F 447 31.82 35.85 -40.95
C LYS F 447 30.65 34.87 -41.01
N TRP F 448 30.07 34.56 -39.86
CA TRP F 448 29.01 33.57 -39.79
C TRP F 448 27.69 34.14 -39.32
N LEU F 449 26.61 33.60 -39.85
CA LEU F 449 25.29 33.97 -39.39
C LEU F 449 24.48 32.70 -39.08
N VAL F 450 23.83 32.68 -37.91
CA VAL F 450 22.95 31.57 -37.60
C VAL F 450 21.50 32.06 -37.55
N ALA F 451 20.62 31.47 -38.34
CA ALA F 451 19.20 31.80 -38.20
C ALA F 451 18.43 30.61 -37.59
N LEU F 452 17.63 30.89 -36.58
CA LEU F 452 17.01 29.83 -35.77
C LEU F 452 15.52 29.74 -36.07
N SER F 453 15.16 28.85 -37.00
CA SER F 453 13.79 28.74 -37.49
C SER F 453 12.90 27.74 -36.74
N LYS F 454 11.61 28.06 -36.66
CA LYS F 454 10.70 27.33 -35.77
C LYS F 454 10.04 26.09 -36.40
N PHE F 455 9.86 26.06 -37.72
CA PHE F 455 9.27 24.88 -38.38
C PHE F 455 10.24 24.17 -39.32
N SER F 456 10.67 22.96 -38.98
CA SER F 456 11.62 22.29 -39.87
C SER F 456 10.93 21.51 -40.99
N LYS F 457 9.63 21.30 -40.87
CA LYS F 457 8.86 20.58 -41.88
C LYS F 457 9.60 19.29 -42.37
N ASP F 458 9.95 19.28 -43.65
CA ASP F 458 10.57 18.14 -44.34
C ASP F 458 12.09 18.29 -44.50
N ARG F 459 12.73 19.17 -43.73
CA ARG F 459 14.14 19.48 -43.92
C ARG F 459 15.03 18.37 -43.34
N PHE F 460 14.43 17.51 -42.51
CA PHE F 460 15.13 16.38 -41.95
C PHE F 460 14.27 15.12 -42.06
N LEU F 461 14.87 13.95 -41.86
CA LEU F 461 14.13 12.72 -41.72
C LEU F 461 12.91 12.88 -40.81
N PRO F 462 11.77 12.25 -41.19
CA PRO F 462 10.60 12.30 -40.29
C PRO F 462 10.92 11.65 -38.93
N VAL F 463 10.51 12.31 -37.85
CA VAL F 463 10.73 11.77 -36.50
C VAL F 463 9.46 11.73 -35.63
N GLY F 464 8.30 11.69 -36.28
CA GLY F 464 7.03 11.77 -35.56
C GLY F 464 6.40 13.16 -35.53
N PRO F 465 5.33 13.33 -34.73
CA PRO F 465 4.58 14.59 -34.72
C PRO F 465 5.38 15.80 -34.24
N LEU F 466 6.26 15.60 -33.26
CA LEU F 466 7.16 16.64 -32.80
C LEU F 466 8.36 16.74 -33.73
N HIS F 467 8.55 17.91 -34.33
CA HIS F 467 9.69 18.17 -35.21
C HIS F 467 10.82 18.87 -34.46
N PRO F 468 12.05 18.78 -34.98
CA PRO F 468 13.14 19.61 -34.46
C PRO F 468 13.05 21.05 -34.97
N GLU F 469 13.83 21.93 -34.36
CA GLU F 469 14.04 23.29 -34.89
C GLU F 469 15.12 23.20 -35.95
N ASN F 470 15.20 24.19 -36.82
CA ASN F 470 16.23 24.24 -37.87
C ASN F 470 17.08 25.49 -37.69
N ASP F 471 18.24 25.30 -37.08
CA ASP F 471 19.21 26.36 -36.94
C ASP F 471 20.11 26.35 -38.16
N GLN F 472 19.95 27.37 -39.01
CA GLN F 472 20.68 27.42 -40.27
C GLN F 472 21.93 28.28 -40.22
N LEU F 473 23.04 27.71 -40.68
CA LEU F 473 24.32 28.39 -40.72
C LEU F 473 24.44 29.00 -42.09
N ILE F 474 24.72 30.31 -42.11
CA ILE F 474 24.78 31.12 -43.31
C ILE F 474 26.12 31.87 -43.36
N ASP F 475 26.80 31.76 -44.50
CA ASP F 475 28.03 32.47 -44.73
C ASP F 475 27.79 33.92 -45.19
N ILE F 476 28.23 34.87 -44.36
CA ILE F 476 28.08 36.31 -44.64
C ILE F 476 29.43 37.00 -44.88
N SER F 477 30.48 36.20 -45.06
CA SER F 477 31.84 36.72 -45.24
C SER F 477 31.98 37.61 -46.47
N GLY F 478 31.17 37.33 -47.49
CA GLY F 478 31.17 38.11 -48.73
C GLY F 478 29.85 38.83 -48.93
N ASP F 479 29.59 39.24 -50.17
CA ASP F 479 28.43 40.09 -50.50
C ASP F 479 27.09 39.38 -50.54
N GLU F 480 27.15 38.10 -50.88
CA GLU F 480 25.97 37.28 -51.03
C GLU F 480 25.90 36.32 -49.85
N MET F 481 24.73 36.27 -49.23
CA MET F 481 24.50 35.36 -48.12
C MET F 481 24.33 34.00 -48.72
N LYS F 482 25.04 33.03 -48.16
CA LYS F 482 25.01 31.66 -48.67
C LYS F 482 24.66 30.66 -47.56
N LEU F 483 23.56 29.95 -47.77
CA LEU F 483 23.10 28.95 -46.80
C LEU F 483 23.96 27.70 -46.96
N VAL F 484 24.59 27.27 -45.88
CA VAL F 484 25.58 26.20 -46.00
C VAL F 484 25.27 24.95 -45.14
N HIS F 485 24.44 25.08 -44.11
CA HIS F 485 24.14 23.94 -43.22
C HIS F 485 22.82 24.10 -42.47
N ASP F 486 22.09 22.99 -42.39
CA ASP F 486 20.84 22.90 -41.62
C ASP F 486 21.14 22.12 -40.35
N GLY F 487 20.94 22.76 -39.19
CA GLY F 487 21.31 22.19 -37.89
C GLY F 487 20.06 21.87 -37.09
N PRO F 488 19.69 20.57 -37.04
CA PRO F 488 18.47 20.21 -36.29
C PRO F 488 18.72 20.37 -34.79
N THR F 489 17.79 20.99 -34.07
CA THR F 489 17.93 21.11 -32.60
C THR F 489 16.63 20.80 -31.89
N PHE F 490 16.76 20.42 -30.62
CA PHE F 490 15.63 20.01 -29.81
C PHE F 490 15.11 21.19 -29.00
N ALA F 491 13.79 21.23 -28.74
CA ALA F 491 13.25 22.09 -27.68
C ALA F 491 13.50 23.57 -27.90
N GLU F 492 13.52 23.97 -29.15
CA GLU F 492 13.48 25.35 -29.47
C GLU F 492 14.49 26.25 -28.75
N PRO F 493 15.77 26.16 -29.16
CA PRO F 493 16.65 27.24 -28.79
C PRO F 493 16.03 28.52 -29.34
N HIS F 494 16.16 29.62 -28.65
CA HIS F 494 15.61 30.82 -29.24
C HIS F 494 16.78 31.54 -29.87
N ASP F 495 17.72 31.97 -29.04
CA ASP F 495 18.90 32.68 -29.49
C ASP F 495 20.14 31.86 -29.11
N CYS F 496 21.29 32.34 -29.58
CA CYS F 496 22.59 31.75 -29.33
C CYS F 496 23.61 32.86 -29.43
N ILE F 497 24.82 32.60 -28.95
CA ILE F 497 25.89 33.58 -29.04
C ILE F 497 27.18 32.85 -29.42
N MET F 498 27.97 33.43 -30.31
CA MET F 498 29.24 32.85 -30.70
C MET F 498 30.44 33.59 -30.06
N ALA F 499 31.52 32.87 -29.81
CA ALA F 499 32.76 33.50 -29.38
C ALA F 499 33.92 32.87 -30.12
N ARG F 500 34.95 33.66 -30.41
CA ARG F 500 36.17 33.14 -31.01
C ARG F 500 36.74 32.10 -30.08
N ARG F 501 37.41 31.09 -30.63
CA ARG F 501 38.09 30.10 -29.78
C ARG F 501 38.95 30.79 -28.74
N ASP F 502 39.64 31.86 -29.14
CA ASP F 502 40.57 32.52 -28.23
C ASP F 502 39.92 33.40 -27.18
N GLN F 503 38.60 33.56 -27.23
CA GLN F 503 37.88 34.29 -26.19
C GLN F 503 37.43 33.44 -24.98
N ILE F 504 37.60 32.13 -25.08
CA ILE F 504 37.17 31.21 -24.04
C ILE F 504 38.38 30.47 -23.50
N LYS F 505 38.54 30.50 -22.18
CA LYS F 505 39.66 29.78 -21.55
C LYS F 505 39.11 28.88 -20.46
N THR F 506 39.23 27.58 -20.63
CA THR F 506 38.63 26.64 -19.70
C THR F 506 39.65 25.89 -18.88
N LYS F 507 39.19 25.31 -17.77
CA LYS F 507 40.03 24.55 -16.87
C LYS F 507 40.12 23.12 -17.33
N LYS F 508 41.32 22.56 -17.28
CA LYS F 508 41.50 21.15 -17.62
C LYS F 508 40.98 20.26 -16.49
N ILE F 509 41.29 20.63 -15.25
CA ILE F 509 40.78 19.96 -14.05
C ILE F 509 40.32 21.02 -13.06
N TRP F 510 39.56 20.61 -12.04
CA TRP F 510 39.09 21.52 -10.98
C TRP F 510 40.21 21.96 -10.03
N ASP F 511 40.06 23.14 -9.43
CA ASP F 511 40.88 23.55 -8.29
C ASP F 511 40.19 23.11 -7.01
N ARG F 512 40.99 22.63 -6.05
CA ARG F 512 40.46 22.16 -4.76
C ARG F 512 39.77 23.25 -3.93
N ASN F 513 40.12 24.51 -4.19
CA ASN F 513 39.49 25.64 -3.49
C ASN F 513 38.37 26.31 -4.30
N ASP F 514 37.88 25.64 -5.33
CA ASP F 514 36.84 26.25 -6.17
C ASP F 514 35.61 26.63 -5.36
N PRO F 515 35.13 27.87 -5.51
CA PRO F 515 33.93 28.31 -4.77
C PRO F 515 32.70 27.44 -5.03
N PHE F 516 32.73 26.70 -6.13
CA PHE F 516 31.58 25.86 -6.51
C PHE F 516 31.22 24.83 -5.42
N PHE F 517 32.22 24.23 -4.80
CA PHE F 517 31.94 23.24 -3.75
C PHE F 517 32.55 23.65 -2.43
N ALA F 518 32.81 24.95 -2.29
CA ALA F 518 33.38 25.49 -1.06
C ALA F 518 32.50 25.24 0.18
N PRO F 519 31.16 25.45 0.07
CA PRO F 519 30.29 25.15 1.22
C PRO F 519 30.30 23.67 1.69
N THR F 520 30.54 22.74 0.75
CA THR F 520 30.74 21.33 1.09
C THR F 520 32.08 21.11 1.79
N VAL F 521 33.11 21.80 1.32
CA VAL F 521 34.41 21.80 1.98
C VAL F 521 34.28 22.29 3.43
N GLU F 522 33.52 23.37 3.60
CA GLU F 522 33.18 23.90 4.93
C GLU F 522 32.50 22.89 5.85
N MET F 523 31.43 22.26 5.37
CA MET F 523 30.72 21.22 6.12
C MET F 523 31.68 20.09 6.54
N ALA F 524 32.60 19.73 5.65
CA ALA F 524 33.58 18.68 5.93
C ALA F 524 34.57 19.08 7.04
N LYS F 525 35.12 20.30 6.97
CA LYS F 525 35.98 20.86 8.02
C LYS F 525 35.30 20.69 9.37
N LYS F 526 34.06 21.15 9.45
CA LYS F 526 33.21 21.05 10.63
C LYS F 526 33.10 19.61 11.15
N ASP F 527 33.13 18.63 10.26
CA ASP F 527 33.14 17.21 10.63
C ASP F 527 34.55 16.66 10.93
N GLY F 528 35.55 17.53 10.85
CA GLY F 528 36.95 17.12 11.05
C GLY F 528 37.50 16.30 9.89
N ILE F 529 37.04 16.59 8.67
CA ILE F 529 37.36 15.78 7.49
C ILE F 529 38.30 16.51 6.56
N ASN F 530 39.34 15.81 6.15
CA ASN F 530 40.18 16.25 5.05
C ASN F 530 39.72 15.54 3.77
N LEU F 531 39.06 16.30 2.89
CA LEU F 531 38.45 15.73 1.70
C LEU F 531 39.48 15.11 0.79
N ASP F 532 40.68 15.67 0.80
CA ASP F 532 41.73 15.18 -0.07
C ASP F 532 42.16 13.75 0.27
N THR F 533 42.05 13.36 1.53
CA THR F 533 42.56 12.06 1.97
C THR F 533 41.55 11.10 2.61
N ASP F 534 40.46 11.59 3.17
CA ASP F 534 39.71 10.76 4.11
C ASP F 534 38.71 9.78 3.49
N ASN F 535 38.61 8.63 4.15
CA ASN F 535 37.70 7.54 3.82
C ASN F 535 37.05 7.06 5.11
N LYS F 536 35.96 7.72 5.45
CA LYS F 536 35.41 7.70 6.80
C LYS F 536 33.90 7.89 6.74
N VAL F 537 33.22 7.32 7.73
CA VAL F 537 31.79 7.41 7.87
C VAL F 537 31.47 8.13 9.20
N ILE F 538 30.80 9.27 9.11
CA ILE F 538 30.39 10.05 10.28
C ILE F 538 28.92 9.78 10.57
N ARG F 539 28.63 9.40 11.82
CA ARG F 539 27.25 9.20 12.27
C ARG F 539 26.73 10.34 13.14
N ASP F 540 25.45 10.63 13.01
CA ASP F 540 24.87 11.78 13.67
C ASP F 540 23.41 11.50 13.90
N GLY F 541 23.14 10.62 14.86
CA GLY F 541 21.78 10.18 15.13
C GLY F 541 21.28 9.31 14.01
N ASN F 542 20.36 9.85 13.22
CA ASN F 542 19.78 9.15 12.08
C ASN F 542 20.38 9.59 10.73
N LYS F 543 21.35 10.49 10.79
CA LYS F 543 22.06 10.96 9.62
C LYS F 543 23.37 10.21 9.50
N VAL F 544 23.70 9.77 8.30
CA VAL F 544 25.01 9.18 8.05
C VAL F 544 25.68 10.02 6.96
N ARG F 545 26.86 10.52 7.26
CA ARG F 545 27.69 11.27 6.30
C ARG F 545 28.92 10.43 5.89
N VAL F 546 28.91 9.95 4.64
CA VAL F 546 29.98 9.13 4.11
C VAL F 546 30.91 10.04 3.29
N TYR F 547 32.18 10.07 3.66
CA TYR F 547 33.21 10.81 2.94
C TYR F 547 34.21 9.86 2.34
N MET F 548 34.46 10.00 1.02
CA MET F 548 35.40 9.15 0.33
C MET F 548 36.10 9.86 -0.81
N THR F 549 37.32 9.43 -1.09
CA THR F 549 38.02 9.79 -2.30
C THR F 549 37.74 8.70 -3.35
N SER F 550 38.05 9.00 -4.60
CA SER F 550 37.88 8.03 -5.65
C SER F 550 39.01 8.15 -6.66
N MET F 551 39.52 7.00 -7.07
CA MET F 551 40.64 6.97 -7.98
C MET F 551 40.51 5.73 -8.86
N ALA F 552 40.36 5.95 -10.16
CA ALA F 552 39.99 4.88 -11.09
C ALA F 552 40.92 3.71 -10.83
N PRO F 553 40.36 2.47 -10.71
CA PRO F 553 38.95 2.12 -10.74
C PRO F 553 38.35 1.70 -9.40
N ALA F 554 38.66 2.39 -8.31
CA ALA F 554 38.17 2.03 -6.97
C ALA F 554 37.54 3.22 -6.28
N PHE F 555 36.37 3.02 -5.66
CA PHE F 555 35.86 3.94 -4.66
C PHE F 555 36.70 3.77 -3.39
N GLY F 556 37.02 4.87 -2.69
CA GLY F 556 37.77 4.82 -1.43
C GLY F 556 37.05 4.09 -0.30
N VAL F 557 35.73 4.22 -0.25
CA VAL F 557 34.87 3.46 0.66
C VAL F 557 34.01 2.52 -0.22
N GLN F 558 34.17 1.22 -0.01
CA GLN F 558 33.49 0.21 -0.86
C GLN F 558 32.38 -0.51 -0.15
N GLU F 559 32.27 -0.29 1.16
CA GLU F 559 31.14 -0.79 1.93
C GLU F 559 30.87 0.13 3.11
N PHE F 560 29.60 0.30 3.46
CA PHE F 560 29.22 0.90 4.73
C PHE F 560 27.85 0.39 5.13
N THR F 561 27.57 0.44 6.43
CA THR F 561 26.35 -0.11 7.01
C THR F 561 25.55 1.00 7.65
N VAL F 562 24.25 1.03 7.38
CA VAL F 562 23.35 2.03 7.97
C VAL F 562 22.11 1.33 8.52
N LYS F 563 21.26 2.07 9.22
CA LYS F 563 19.99 1.51 9.63
C LYS F 563 18.87 2.06 8.77
N GLN F 564 17.88 1.21 8.53
CA GLN F 564 16.77 1.57 7.67
C GLN F 564 16.20 2.90 8.13
N GLY F 565 15.92 3.80 7.20
CA GLY F 565 15.42 5.13 7.56
C GLY F 565 16.50 6.19 7.73
N ASP F 566 17.76 5.79 7.78
CA ASP F 566 18.85 6.77 7.90
C ASP F 566 18.91 7.64 6.67
N GLU F 567 19.21 8.92 6.90
CA GLU F 567 19.44 9.84 5.81
C GLU F 567 20.92 9.82 5.51
N VAL F 568 21.27 9.32 4.33
CA VAL F 568 22.67 9.15 3.95
C VAL F 568 23.08 10.27 2.99
N THR F 569 24.17 10.95 3.35
CA THR F 569 24.85 11.88 2.46
C THR F 569 26.17 11.21 2.05
N VAL F 570 26.40 11.08 0.75
CA VAL F 570 27.69 10.58 0.23
C VAL F 570 28.45 11.72 -0.45
N THR F 571 29.65 11.99 0.06
CA THR F 571 30.51 13.05 -0.42
C THR F 571 31.73 12.36 -1.02
N ILE F 572 31.98 12.65 -2.30
CA ILE F 572 33.04 12.02 -3.04
C ILE F 572 33.97 13.06 -3.63
N THR F 573 35.26 12.88 -3.34
CA THR F 573 36.30 13.69 -3.94
C THR F 573 37.08 12.83 -4.91
N ASN F 574 36.97 13.15 -6.20
CA ASN F 574 37.76 12.51 -7.24
C ASN F 574 39.23 13.00 -7.22
N ILE F 575 40.16 12.10 -6.85
CA ILE F 575 41.57 12.52 -6.66
C ILE F 575 42.50 12.09 -7.80
N ASP F 576 41.90 11.54 -8.84
CA ASP F 576 42.56 11.41 -10.13
C ASP F 576 42.98 12.79 -10.59
N GLN F 577 44.13 12.85 -11.23
CA GLN F 577 44.70 14.12 -11.66
C GLN F 577 44.76 14.20 -13.18
N ILE F 578 44.65 13.06 -13.85
CA ILE F 578 44.63 13.02 -15.31
C ILE F 578 43.33 13.61 -15.84
N GLU F 579 43.42 14.44 -16.88
CA GLU F 579 42.24 15.02 -17.53
C GLU F 579 41.26 13.98 -18.02
N ASP F 580 39.95 14.25 -17.91
CA ASP F 580 38.91 13.43 -18.54
C ASP F 580 38.67 12.14 -17.76
N VAL F 581 39.39 11.92 -16.67
CA VAL F 581 39.13 10.73 -15.84
C VAL F 581 38.06 11.06 -14.80
N SER F 582 36.82 11.15 -15.28
CA SER F 582 35.65 11.46 -14.44
C SER F 582 35.11 10.18 -13.83
N HIS F 583 34.49 10.28 -12.66
CA HIS F 583 33.76 9.17 -12.11
C HIS F 583 32.27 9.51 -11.98
N GLY F 584 31.43 8.48 -11.88
CA GLY F 584 30.09 8.66 -11.43
C GLY F 584 29.77 7.94 -10.13
N PHE F 585 28.54 8.14 -9.66
CA PHE F 585 28.07 7.49 -8.45
C PHE F 585 26.57 7.34 -8.55
N VAL F 586 26.14 6.09 -8.62
CA VAL F 586 24.73 5.78 -8.71
C VAL F 586 24.43 4.81 -7.60
N VAL F 587 23.34 5.03 -6.86
CA VAL F 587 22.84 3.99 -5.96
C VAL F 587 21.66 3.28 -6.62
N VAL F 588 21.79 1.97 -6.82
CA VAL F 588 20.79 1.22 -7.56
C VAL F 588 19.43 1.29 -6.89
N ASN F 589 18.41 1.64 -7.67
CA ASN F 589 17.02 1.68 -7.21
C ASN F 589 16.71 2.73 -6.13
N HIS F 590 17.57 3.73 -6.00
CA HIS F 590 17.34 4.79 -5.01
C HIS F 590 17.21 6.19 -5.62
N GLY F 591 17.24 6.30 -6.94
CA GLY F 591 17.07 7.58 -7.63
C GLY F 591 18.22 8.53 -7.37
N VAL F 592 19.43 7.96 -7.28
CA VAL F 592 20.61 8.72 -6.92
C VAL F 592 21.67 8.56 -7.98
N SER F 593 22.20 9.69 -8.46
CA SER F 593 23.12 9.75 -9.59
C SER F 593 23.88 11.09 -9.61
N MET F 594 25.20 11.04 -9.81
CA MET F 594 26.00 12.27 -9.96
C MET F 594 27.36 12.06 -10.64
N GLU F 595 27.91 13.14 -11.20
CA GLU F 595 29.27 13.16 -11.76
C GLU F 595 30.26 13.65 -10.71
N ILE F 596 31.48 13.13 -10.74
CA ILE F 596 32.60 13.71 -10.00
C ILE F 596 33.81 13.76 -10.92
N SER F 597 34.13 14.97 -11.37
CA SER F 597 35.26 15.17 -12.28
C SER F 597 36.56 15.29 -11.49
N PRO F 598 37.72 15.26 -12.20
CA PRO F 598 38.99 15.33 -11.49
C PRO F 598 39.18 16.53 -10.55
N GLN F 599 39.54 16.21 -9.31
CA GLN F 599 39.76 17.18 -8.24
C GLN F 599 38.48 17.86 -7.74
N GLN F 600 37.34 17.42 -8.25
CA GLN F 600 36.02 17.88 -7.81
C GLN F 600 35.60 17.12 -6.52
N THR F 601 34.81 17.79 -5.67
CA THR F 601 34.06 17.17 -4.59
C THR F 601 32.57 17.37 -4.90
N SER F 602 31.82 16.26 -4.94
CA SER F 602 30.35 16.27 -5.06
C SER F 602 29.73 15.47 -3.92
N SER F 603 28.54 15.89 -3.50
CA SER F 603 27.79 15.16 -2.49
C SER F 603 26.35 15.04 -2.90
N ILE F 604 25.69 14.00 -2.40
CA ILE F 604 24.30 13.72 -2.66
C ILE F 604 23.67 13.08 -1.39
N THR F 605 22.40 13.39 -1.16
CA THR F 605 21.69 12.95 0.04
C THR F 605 20.41 12.20 -0.33
N PHE F 606 20.13 11.08 0.35
CA PHE F 606 18.97 10.24 0.07
C PHE F 606 18.63 9.43 1.33
N VAL F 607 17.43 8.87 1.39
CA VAL F 607 17.00 8.07 2.55
C VAL F 607 17.23 6.60 2.24
N ALA F 608 17.86 5.88 3.17
CA ALA F 608 18.05 4.45 3.02
C ALA F 608 16.79 3.72 3.51
N ASP F 609 15.72 3.81 2.73
CA ASP F 609 14.42 3.29 3.20
C ASP F 609 14.16 1.82 2.87
N LYS F 610 15.08 1.15 2.20
CA LYS F 610 14.88 -0.25 1.88
C LYS F 610 15.95 -1.10 2.56
N PRO F 611 15.55 -2.02 3.45
CA PRO F 611 16.54 -2.85 4.11
C PRO F 611 17.26 -3.75 3.11
N GLY F 612 18.43 -4.26 3.52
CA GLY F 612 19.18 -5.22 2.71
C GLY F 612 20.39 -4.64 2.02
N LEU F 613 20.91 -5.41 1.07
CA LEU F 613 22.14 -5.06 0.36
C LEU F 613 21.78 -4.20 -0.84
N HIS F 614 22.47 -3.07 -1.02
CA HIS F 614 22.23 -2.23 -2.20
C HIS F 614 23.51 -1.73 -2.85
N TRP F 615 23.70 -2.12 -4.11
CA TRP F 615 24.91 -1.78 -4.83
C TRP F 615 24.93 -0.34 -5.25
N TYR F 616 26.12 0.24 -5.19
CA TYR F 616 26.40 1.48 -5.91
C TYR F 616 27.52 1.23 -6.90
N TYR F 617 27.57 2.05 -7.95
CA TYR F 617 28.56 1.83 -8.99
C TYR F 617 28.97 3.14 -9.62
N CYS F 618 30.10 3.10 -10.32
CA CYS F 618 30.58 4.25 -11.05
C CYS F 618 29.88 4.27 -12.40
N SER F 619 29.23 5.40 -12.70
CA SER F 619 28.48 5.52 -13.97
C SER F 619 29.36 5.95 -15.14
N TRP F 620 30.46 6.66 -14.84
CA TRP F 620 31.34 7.22 -15.87
C TRP F 620 32.51 6.32 -16.23
N PHE F 621 32.61 5.91 -17.50
CA PHE F 621 33.68 4.99 -17.94
C PHE F 621 35.07 5.60 -17.70
N CYS F 622 35.79 5.05 -16.73
CA CYS F 622 36.95 5.72 -16.20
C CYS F 622 38.26 4.94 -16.34
N HIS F 623 38.18 3.69 -16.80
CA HIS F 623 39.25 2.73 -16.64
C HIS F 623 38.84 1.41 -17.28
N ALA F 624 39.81 0.56 -17.62
CA ALA F 624 39.51 -0.77 -18.12
C ALA F 624 38.63 -1.59 -17.18
N LEU F 625 38.76 -1.35 -15.87
CA LEU F 625 38.03 -2.11 -14.85
C LEU F 625 36.84 -1.34 -14.28
N HIS F 626 36.25 -0.48 -15.11
CA HIS F 626 35.12 0.35 -14.67
C HIS F 626 33.86 -0.45 -14.28
N MET F 627 33.57 -1.56 -14.96
CA MET F 627 32.41 -2.40 -14.60
C MET F 627 32.52 -2.86 -13.13
N GLU F 628 33.77 -3.07 -12.69
CA GLU F 628 34.10 -3.53 -11.35
C GLU F 628 34.19 -2.42 -10.31
N MET F 629 34.08 -1.15 -10.73
CA MET F 629 34.12 -0.04 -9.78
C MET F 629 32.76 0.08 -9.10
N VAL F 630 32.59 -0.70 -8.03
CA VAL F 630 31.32 -0.82 -7.34
C VAL F 630 31.59 -0.83 -5.84
N GLY F 631 30.51 -0.74 -5.06
CA GLY F 631 30.54 -0.76 -3.61
C GLY F 631 29.18 -1.18 -3.07
N ARG F 632 29.09 -1.40 -1.77
CA ARG F 632 27.87 -1.97 -1.19
C ARG F 632 27.38 -1.12 -0.05
N MET F 633 26.12 -0.70 -0.12
CA MET F 633 25.42 -0.14 1.05
C MET F 633 24.56 -1.20 1.71
N MET F 634 24.90 -1.56 2.93
CA MET F 634 24.17 -2.56 3.69
C MET F 634 23.24 -1.90 4.70
N VAL F 635 21.93 -2.13 4.53
CA VAL F 635 20.89 -1.47 5.30
C VAL F 635 20.26 -2.48 6.28
N GLU F 636 20.50 -2.26 7.56
CA GLU F 636 19.94 -3.10 8.62
C GLU F 636 18.44 -2.84 8.84
N PRO F 637 17.65 -3.91 9.09
CA PRO F 637 16.21 -3.71 9.23
C PRO F 637 15.86 -2.87 10.47
N ALA F 638 14.83 -2.02 10.32
CA ALA F 638 14.23 -1.32 11.45
C ALA F 638 13.73 -2.31 12.51
N LYS G 54 -10.44 -65.11 -73.87
CA LYS G 54 -11.32 -64.41 -72.88
C LYS G 54 -10.59 -63.18 -72.35
N GLU G 55 -11.08 -62.01 -72.75
CA GLU G 55 -10.50 -60.75 -72.34
C GLU G 55 -11.11 -60.32 -71.00
N SER G 56 -10.30 -59.67 -70.15
CA SER G 56 -10.80 -58.97 -68.97
C SER G 56 -11.06 -57.51 -69.36
N LYS G 57 -12.35 -57.17 -69.55
CA LYS G 57 -12.80 -55.89 -70.15
C LYS G 57 -14.06 -55.28 -69.48
N GLN G 58 -14.33 -55.69 -68.24
CA GLN G 58 -15.50 -55.20 -67.47
C GLN G 58 -15.49 -53.70 -67.19
N LYS G 59 -16.67 -53.09 -67.31
CA LYS G 59 -17.12 -52.00 -66.42
C LYS G 59 -16.06 -51.04 -65.89
N ILE G 60 -16.02 -50.97 -64.57
CA ILE G 60 -15.33 -49.97 -63.69
C ILE G 60 -15.96 -48.59 -63.49
N HIS G 61 -16.34 -47.89 -64.54
CA HIS G 61 -16.87 -46.54 -64.33
C HIS G 61 -18.38 -46.45 -64.16
N VAL G 62 -18.78 -45.86 -63.04
CA VAL G 62 -20.19 -45.72 -62.67
C VAL G 62 -20.53 -44.24 -62.67
N GLY G 63 -21.12 -43.80 -63.77
CA GLY G 63 -21.42 -42.38 -63.97
C GLY G 63 -22.60 -41.87 -63.17
N PRO G 64 -22.81 -40.53 -63.18
CA PRO G 64 -23.95 -39.95 -62.47
C PRO G 64 -25.26 -40.64 -62.89
N GLY G 65 -26.06 -41.05 -61.90
CA GLY G 65 -27.36 -41.70 -62.15
C GLY G 65 -27.30 -43.22 -62.21
N GLU G 66 -26.12 -43.76 -62.51
CA GLU G 66 -25.89 -45.20 -62.56
C GLU G 66 -25.56 -45.74 -61.17
N LEU G 67 -25.82 -47.03 -60.98
CA LEU G 67 -25.62 -47.70 -59.72
C LEU G 67 -24.53 -48.76 -59.83
N ASP G 68 -23.81 -48.96 -58.73
CA ASP G 68 -22.85 -50.05 -58.59
C ASP G 68 -23.51 -51.42 -58.69
N ASP G 69 -22.74 -52.45 -59.02
CA ASP G 69 -23.26 -53.83 -59.14
C ASP G 69 -23.18 -54.67 -57.87
N TYR G 70 -22.17 -54.41 -57.07
CA TYR G 70 -21.99 -55.12 -55.81
C TYR G 70 -21.94 -54.19 -54.62
N TYR G 71 -22.36 -54.69 -53.47
CA TYR G 71 -21.96 -54.07 -52.23
C TYR G 71 -20.60 -54.67 -51.85
N GLY G 72 -19.72 -53.80 -51.32
CA GLY G 72 -18.51 -54.22 -50.63
C GLY G 72 -18.64 -53.85 -49.17
N PHE G 73 -18.32 -54.78 -48.27
CA PHE G 73 -18.31 -54.47 -46.86
C PHE G 73 -16.86 -54.57 -46.35
N TRP G 74 -16.28 -53.41 -46.05
CA TRP G 74 -14.88 -53.32 -45.66
C TRP G 74 -14.76 -53.27 -44.14
N SER G 75 -13.78 -53.98 -43.59
CA SER G 75 -13.44 -53.80 -42.19
C SER G 75 -12.77 -52.45 -42.06
N GLY G 76 -13.00 -51.79 -40.92
CA GLY G 76 -12.33 -50.50 -40.62
C GLY G 76 -10.96 -50.62 -40.00
N GLY G 77 -10.46 -51.84 -39.85
CA GLY G 77 -9.18 -52.08 -39.21
C GLY G 77 -9.20 -51.57 -37.79
N HIS G 78 -8.10 -50.96 -37.37
CA HIS G 78 -8.00 -50.43 -36.01
C HIS G 78 -8.75 -49.11 -35.80
N GLN G 79 -9.38 -48.59 -36.84
CA GLN G 79 -10.34 -47.52 -36.65
C GLN G 79 -11.64 -48.04 -36.03
N GLY G 80 -11.94 -49.32 -36.25
CA GLY G 80 -13.03 -50.00 -35.53
C GLY G 80 -14.41 -50.09 -36.16
N GLU G 81 -14.63 -49.43 -37.29
CA GLU G 81 -15.97 -49.41 -37.88
C GLU G 81 -16.12 -50.45 -39.00
N VAL G 82 -17.31 -50.55 -39.59
CA VAL G 82 -17.47 -51.25 -40.88
C VAL G 82 -17.83 -50.23 -41.97
N ARG G 83 -17.30 -50.41 -43.19
CA ARG G 83 -17.58 -49.45 -44.27
C ARG G 83 -18.31 -50.15 -45.40
N VAL G 84 -19.38 -49.51 -45.90
CA VAL G 84 -20.15 -50.06 -47.02
C VAL G 84 -19.71 -49.35 -48.30
N LEU G 85 -19.05 -50.10 -49.18
CA LEU G 85 -18.67 -49.54 -50.47
C LEU G 85 -19.59 -50.04 -51.58
N GLY G 86 -19.61 -49.28 -52.68
CA GLY G 86 -20.25 -49.71 -53.92
C GLY G 86 -19.14 -50.19 -54.83
N VAL G 87 -19.35 -51.36 -55.44
CA VAL G 87 -18.36 -51.97 -56.34
C VAL G 87 -19.05 -52.03 -57.71
N PRO G 88 -18.35 -51.62 -58.79
CA PRO G 88 -16.91 -51.33 -58.90
C PRO G 88 -16.42 -49.88 -58.75
N SER G 89 -17.30 -48.92 -58.44
CA SER G 89 -16.83 -47.53 -58.29
C SER G 89 -15.83 -47.41 -57.14
N MET G 90 -15.93 -48.33 -56.16
CA MET G 90 -15.10 -48.35 -54.95
C MET G 90 -15.36 -47.13 -54.04
N ARG G 91 -16.49 -46.45 -54.25
CA ARG G 91 -16.87 -45.28 -53.46
C ARG G 91 -17.49 -45.74 -52.15
N GLU G 92 -17.24 -45.01 -51.07
CA GLU G 92 -17.79 -45.34 -49.76
C GLU G 92 -19.21 -44.78 -49.58
N LEU G 93 -20.16 -45.69 -49.42
CA LEU G 93 -21.58 -45.32 -49.36
C LEU G 93 -22.03 -45.05 -47.93
N MET G 94 -21.47 -45.76 -46.97
CA MET G 94 -21.95 -45.62 -45.60
C MET G 94 -20.86 -46.11 -44.64
N ARG G 95 -20.95 -45.63 -43.40
CA ARG G 95 -20.09 -46.06 -42.31
C ARG G 95 -21.01 -46.58 -41.25
N ILE G 96 -20.68 -47.76 -40.76
CA ILE G 96 -21.46 -48.40 -39.73
C ILE G 96 -20.57 -48.46 -38.50
N PRO G 97 -20.87 -47.63 -37.51
CA PRO G 97 -20.03 -47.66 -36.30
C PRO G 97 -20.23 -48.98 -35.54
N VAL G 98 -19.15 -49.50 -34.98
CA VAL G 98 -19.18 -50.77 -34.26
C VAL G 98 -18.41 -50.68 -32.95
N PHE G 99 -17.07 -50.67 -33.03
CA PHE G 99 -16.26 -50.54 -31.82
C PHE G 99 -15.75 -49.11 -31.61
N ASN G 100 -15.86 -48.28 -32.63
CA ASN G 100 -15.49 -46.88 -32.55
C ASN G 100 -16.68 -46.10 -31.98
N VAL G 101 -16.43 -44.93 -31.39
CA VAL G 101 -17.49 -44.00 -30.99
C VAL G 101 -17.76 -43.09 -32.16
N ASP G 102 -19.02 -43.04 -32.62
CA ASP G 102 -19.33 -42.17 -33.76
C ASP G 102 -20.10 -40.92 -33.33
N SER G 103 -19.44 -39.78 -33.41
CA SER G 103 -20.05 -38.49 -33.12
C SER G 103 -21.32 -38.23 -33.94
N ALA G 104 -21.35 -38.68 -35.18
CA ALA G 104 -22.44 -38.29 -36.08
C ALA G 104 -23.76 -38.94 -35.68
N THR G 105 -23.78 -40.26 -35.51
CA THR G 105 -25.00 -40.99 -35.18
C THR G 105 -25.19 -41.19 -33.69
N GLY G 106 -24.11 -40.97 -32.95
CA GLY G 106 -24.16 -41.11 -31.50
C GLY G 106 -23.90 -42.52 -31.02
N TRP G 107 -23.44 -43.40 -31.91
CA TRP G 107 -23.07 -44.74 -31.51
C TRP G 107 -21.92 -44.69 -30.47
N GLY G 108 -22.20 -45.23 -29.27
CA GLY G 108 -21.32 -45.17 -28.11
C GLY G 108 -21.76 -44.10 -27.11
N LEU G 109 -22.70 -43.25 -27.52
CA LEU G 109 -23.25 -42.21 -26.67
C LEU G 109 -24.72 -42.47 -26.32
N THR G 110 -25.48 -42.91 -27.31
CA THR G 110 -26.91 -43.20 -27.14
C THR G 110 -27.14 -44.36 -26.19
N ASN G 111 -28.30 -44.39 -25.55
CA ASN G 111 -28.65 -45.50 -24.69
C ASN G 111 -28.81 -46.82 -25.43
N GLU G 112 -29.31 -46.77 -26.67
CA GLU G 112 -29.50 -47.96 -27.51
C GLU G 112 -28.17 -48.63 -27.84
N SER G 113 -27.21 -47.83 -28.32
CA SER G 113 -25.89 -48.32 -28.64
C SER G 113 -25.16 -48.80 -27.41
N ARG G 114 -25.26 -48.07 -26.32
CA ARG G 114 -24.52 -48.44 -25.12
C ARG G 114 -25.03 -49.73 -24.47
N HIS G 115 -26.34 -49.96 -24.55
CA HIS G 115 -26.94 -51.21 -24.09
C HIS G 115 -26.48 -52.40 -24.94
N ILE G 116 -26.21 -52.15 -26.22
CA ILE G 116 -25.79 -53.21 -27.13
C ILE G 116 -24.35 -53.58 -26.83
N MET G 117 -23.53 -52.58 -26.54
CA MET G 117 -22.12 -52.82 -26.23
C MET G 117 -21.94 -53.36 -24.81
N GLY G 118 -22.92 -53.13 -23.95
CA GLY G 118 -22.88 -53.63 -22.57
C GLY G 118 -21.74 -52.96 -21.82
N ASP G 119 -21.05 -53.71 -20.98
CA ASP G 119 -19.93 -53.20 -20.21
C ASP G 119 -18.83 -52.59 -21.10
N SER G 120 -18.65 -53.19 -22.28
CA SER G 120 -17.59 -52.78 -23.20
C SER G 120 -17.84 -51.40 -23.80
N ALA G 121 -19.01 -50.83 -23.52
CA ALA G 121 -19.25 -49.43 -23.90
C ALA G 121 -18.22 -48.48 -23.27
N LYS G 122 -17.44 -48.96 -22.30
CA LYS G 122 -16.35 -48.14 -21.71
C LYS G 122 -15.16 -48.00 -22.64
N PHE G 123 -15.05 -48.92 -23.62
CA PHE G 123 -13.97 -48.89 -24.60
C PHE G 123 -14.30 -47.94 -25.78
N LEU G 124 -13.31 -47.17 -26.20
CA LEU G 124 -13.50 -46.24 -27.31
C LEU G 124 -12.73 -46.74 -28.54
N ASN G 125 -12.17 -47.94 -28.43
CA ASN G 125 -11.40 -48.53 -29.52
C ASN G 125 -11.82 -49.96 -29.86
N GLY G 126 -11.48 -50.35 -31.07
CA GLY G 126 -11.55 -51.73 -31.51
C GLY G 126 -10.57 -51.94 -32.63
N ASP G 127 -10.43 -53.19 -33.07
CA ASP G 127 -9.47 -53.55 -34.11
C ASP G 127 -10.07 -54.69 -34.93
N CYS G 128 -10.74 -54.33 -36.01
CA CYS G 128 -11.48 -55.33 -36.79
C CYS G 128 -10.82 -55.66 -38.11
N HIS G 129 -10.94 -56.92 -38.53
CA HIS G 129 -10.11 -57.50 -39.60
C HIS G 129 -10.90 -58.25 -40.68
N HIS G 130 -11.95 -58.96 -40.26
CA HIS G 130 -12.61 -60.00 -41.04
C HIS G 130 -14.15 -59.89 -41.01
N PRO G 131 -14.74 -59.14 -41.96
CA PRO G 131 -16.19 -59.10 -42.07
C PRO G 131 -16.74 -60.27 -42.90
N HIS G 132 -17.85 -60.88 -42.45
CA HIS G 132 -18.45 -62.03 -43.17
C HIS G 132 -20.00 -62.04 -43.18
N ILE G 133 -20.59 -62.29 -44.35
CA ILE G 133 -22.06 -62.33 -44.46
C ILE G 133 -22.60 -63.72 -44.16
N SER G 134 -23.71 -63.78 -43.44
CA SER G 134 -24.34 -65.03 -43.09
C SER G 134 -24.78 -65.78 -44.33
N MET G 135 -24.75 -67.10 -44.24
CA MET G 135 -25.04 -67.95 -45.38
C MET G 135 -26.14 -68.96 -45.07
N THR G 136 -26.95 -69.25 -46.08
CA THR G 136 -27.84 -70.40 -46.09
C THR G 136 -27.52 -71.24 -47.35
N ASP G 137 -27.37 -72.55 -47.14
CA ASP G 137 -27.01 -73.49 -48.21
C ASP G 137 -25.74 -73.08 -48.96
N GLY G 138 -24.73 -72.60 -48.26
CA GLY G 138 -23.50 -72.12 -48.90
C GLY G 138 -23.61 -70.94 -49.87
N LYS G 139 -24.69 -70.16 -49.75
CA LYS G 139 -24.88 -68.91 -50.51
C LYS G 139 -25.15 -67.77 -49.52
N TYR G 140 -24.78 -66.53 -49.83
CA TYR G 140 -25.12 -65.42 -48.91
C TYR G 140 -26.63 -65.22 -48.79
N ASP G 141 -27.12 -65.08 -47.56
CA ASP G 141 -28.55 -64.85 -47.32
C ASP G 141 -28.87 -63.37 -47.03
N GLY G 142 -27.83 -62.56 -46.87
CA GLY G 142 -27.98 -61.10 -46.74
C GLY G 142 -28.59 -60.65 -45.43
N LYS G 143 -28.60 -61.53 -44.43
CA LYS G 143 -29.22 -61.22 -43.15
C LYS G 143 -28.31 -60.46 -42.20
N TYR G 144 -27.11 -60.99 -41.98
CA TYR G 144 -26.21 -60.47 -40.98
C TYR G 144 -24.79 -60.38 -41.49
N LEU G 145 -24.07 -59.39 -40.99
CA LEU G 145 -22.62 -59.37 -41.11
C LEU G 145 -21.99 -59.50 -39.70
N PHE G 146 -20.96 -60.32 -39.59
CA PHE G 146 -20.24 -60.48 -38.33
C PHE G 146 -18.81 -60.03 -38.51
N ILE G 147 -18.23 -59.49 -37.44
CA ILE G 147 -16.85 -58.97 -37.48
C ILE G 147 -16.19 -59.12 -36.09
N ASN G 148 -14.87 -59.28 -36.07
CA ASN G 148 -14.08 -59.46 -34.84
C ASN G 148 -13.59 -58.16 -34.24
N ASP G 149 -13.28 -58.18 -32.94
CA ASP G 149 -12.49 -57.10 -32.34
C ASP G 149 -11.27 -57.67 -31.65
N LYS G 150 -10.09 -57.45 -32.23
CA LYS G 150 -8.85 -57.99 -31.68
C LYS G 150 -8.39 -57.24 -30.42
N ALA G 151 -8.61 -55.92 -30.39
CA ALA G 151 -8.16 -55.08 -29.26
C ALA G 151 -8.84 -55.45 -27.93
N ASN G 152 -10.16 -55.52 -27.94
CA ASN G 152 -10.94 -55.84 -26.74
C ASN G 152 -11.77 -57.13 -26.78
N SER G 153 -11.35 -58.06 -27.64
CA SER G 153 -11.85 -59.46 -27.63
C SER G 153 -13.35 -59.57 -27.80
N ARG G 154 -13.86 -58.94 -28.84
CA ARG G 154 -15.30 -58.96 -29.07
C ARG G 154 -15.65 -59.52 -30.43
N VAL G 155 -16.92 -59.86 -30.57
CA VAL G 155 -17.52 -60.18 -31.86
C VAL G 155 -18.77 -59.33 -32.00
N ALA G 156 -18.97 -58.72 -33.16
CA ALA G 156 -20.16 -57.92 -33.35
C ALA G 156 -20.96 -58.42 -34.54
N ARG G 157 -22.26 -58.15 -34.49
CA ARG G 157 -23.20 -58.50 -35.53
C ARG G 157 -23.80 -57.22 -36.06
N ILE G 158 -23.80 -57.08 -37.38
CA ILE G 158 -24.53 -56.01 -38.05
C ILE G 158 -25.75 -56.65 -38.75
N ARG G 159 -26.94 -56.08 -38.52
CA ARG G 159 -28.10 -56.42 -39.33
C ARG G 159 -28.02 -55.70 -40.65
N LEU G 160 -28.09 -56.47 -41.74
CA LEU G 160 -27.95 -55.90 -43.09
C LEU G 160 -29.22 -55.23 -43.64
N ASP G 161 -30.32 -55.25 -42.89
CA ASP G 161 -31.51 -54.55 -43.37
C ASP G 161 -31.51 -53.06 -42.96
N ILE G 162 -30.92 -52.76 -41.81
CA ILE G 162 -30.86 -51.39 -41.33
C ILE G 162 -29.40 -50.88 -41.31
N MET G 163 -28.47 -51.76 -41.66
CA MET G 163 -27.04 -51.43 -41.64
C MET G 163 -26.59 -50.81 -40.29
N LYS G 164 -26.94 -51.47 -39.18
CA LYS G 164 -26.46 -51.08 -37.85
C LYS G 164 -25.98 -52.32 -37.11
N CYS G 165 -24.97 -52.14 -36.27
CA CYS G 165 -24.61 -53.17 -35.30
C CYS G 165 -25.80 -53.35 -34.37
N ASP G 166 -26.33 -54.57 -34.28
CA ASP G 166 -27.46 -54.84 -33.40
C ASP G 166 -27.14 -55.71 -32.20
N LYS G 167 -26.03 -56.44 -32.26
CA LYS G 167 -25.58 -57.28 -31.14
C LYS G 167 -24.06 -57.22 -30.96
N MET G 168 -23.58 -57.45 -29.74
CA MET G 168 -22.16 -57.43 -29.48
C MET G 168 -21.85 -58.30 -28.28
N ILE G 169 -20.78 -59.09 -28.38
CA ILE G 169 -20.38 -59.92 -27.25
C ILE G 169 -18.89 -59.80 -26.96
N THR G 170 -18.55 -59.76 -25.67
CA THR G 170 -17.17 -59.92 -25.23
C THR G 170 -16.99 -61.41 -25.04
N VAL G 171 -15.98 -61.99 -25.68
CA VAL G 171 -15.76 -63.44 -25.61
C VAL G 171 -15.11 -63.76 -24.26
N PRO G 172 -15.71 -64.66 -23.46
CA PRO G 172 -15.15 -64.89 -22.10
C PRO G 172 -13.88 -65.75 -22.07
N ASN G 173 -13.00 -65.44 -21.10
CA ASN G 173 -11.79 -66.19 -20.79
C ASN G 173 -10.71 -66.22 -21.87
N VAL G 174 -10.77 -65.25 -22.78
CA VAL G 174 -9.81 -65.14 -23.88
C VAL G 174 -9.26 -63.72 -24.03
N GLN G 175 -8.11 -63.63 -24.70
CA GLN G 175 -7.58 -62.36 -25.20
C GLN G 175 -7.42 -62.41 -26.71
N ALA G 176 -7.95 -61.37 -27.37
CA ALA G 176 -7.71 -61.05 -28.79
C ALA G 176 -8.45 -61.92 -29.85
N ILE G 177 -9.67 -61.53 -30.16
CA ILE G 177 -10.44 -62.23 -31.19
C ILE G 177 -10.01 -61.75 -32.57
N HIS G 178 -9.42 -62.66 -33.35
CA HIS G 178 -8.78 -62.30 -34.59
C HIS G 178 -9.45 -62.95 -35.79
N GLY G 179 -9.06 -64.18 -36.10
CA GLY G 179 -9.71 -64.97 -37.15
C GLY G 179 -11.19 -65.14 -36.83
N LEU G 180 -12.02 -65.01 -37.87
CA LEU G 180 -13.46 -65.18 -37.75
C LEU G 180 -14.07 -65.60 -39.08
N ARG G 181 -14.86 -66.67 -39.06
CA ARG G 181 -15.69 -67.03 -40.20
C ARG G 181 -16.98 -67.73 -39.81
N LEU G 182 -17.86 -67.83 -40.79
CA LEU G 182 -19.19 -68.32 -40.56
C LEU G 182 -19.33 -69.74 -41.09
N GLN G 183 -20.15 -70.53 -40.40
CA GLN G 183 -20.55 -71.81 -40.90
C GLN G 183 -21.30 -71.53 -42.20
N LYS G 184 -21.08 -72.38 -43.19
CA LYS G 184 -21.73 -72.25 -44.49
C LYS G 184 -23.03 -73.05 -44.64
N VAL G 185 -23.04 -74.27 -44.10
CA VAL G 185 -24.09 -75.26 -44.40
C VAL G 185 -24.58 -75.98 -43.13
N PRO G 186 -25.90 -76.23 -43.01
CA PRO G 186 -27.01 -75.85 -43.91
C PRO G 186 -27.30 -74.35 -43.86
N HIS G 187 -26.76 -73.69 -42.82
CA HIS G 187 -26.73 -72.23 -42.74
C HIS G 187 -25.77 -71.79 -41.64
N THR G 188 -25.61 -70.47 -41.49
CA THR G 188 -24.76 -69.90 -40.45
C THR G 188 -25.34 -70.12 -39.04
N LYS G 189 -25.20 -71.34 -38.51
CA LYS G 189 -25.61 -71.63 -37.12
C LYS G 189 -24.62 -71.03 -36.14
N TYR G 190 -23.34 -71.24 -36.40
CA TYR G 190 -22.25 -70.75 -35.55
C TYR G 190 -21.37 -69.74 -36.29
N VAL G 191 -21.02 -68.69 -35.54
CA VAL G 191 -19.88 -67.84 -35.82
C VAL G 191 -18.66 -68.49 -35.18
N PHE G 192 -17.62 -68.72 -35.97
CA PHE G 192 -16.39 -69.28 -35.44
C PHE G 192 -15.37 -68.18 -35.30
N ALA G 193 -14.77 -68.07 -34.12
CA ALA G 193 -13.81 -67.00 -33.79
C ALA G 193 -12.55 -67.54 -33.11
N ASN G 194 -11.40 -67.09 -33.62
CA ASN G 194 -10.11 -67.39 -33.03
C ASN G 194 -9.71 -66.42 -31.93
N ALA G 195 -9.20 -66.96 -30.83
CA ALA G 195 -8.53 -66.16 -29.81
C ALA G 195 -7.04 -66.41 -29.98
N GLU G 196 -6.31 -65.35 -30.28
CA GLU G 196 -4.99 -65.50 -30.87
C GLU G 196 -3.87 -65.74 -29.87
N PHE G 197 -4.04 -65.22 -28.66
CA PHE G 197 -2.98 -65.13 -27.66
C PHE G 197 -3.13 -66.10 -26.49
N ILE G 198 -2.06 -66.84 -26.21
CA ILE G 198 -2.02 -67.82 -25.11
C ILE G 198 -2.01 -67.09 -23.77
N ILE G 199 -2.92 -67.48 -22.88
CA ILE G 199 -3.00 -66.90 -21.54
C ILE G 199 -3.20 -67.95 -20.43
N PRO G 200 -2.73 -67.65 -19.20
CA PRO G 200 -3.03 -68.48 -18.03
C PRO G 200 -4.53 -68.57 -17.72
N HIS G 201 -4.94 -69.69 -17.10
CA HIS G 201 -6.30 -69.96 -16.63
C HIS G 201 -6.25 -70.63 -15.25
N PRO G 202 -6.61 -69.90 -14.17
CA PRO G 202 -7.13 -68.52 -14.17
C PRO G 202 -6.02 -67.51 -14.45
N ASN G 203 -6.38 -66.37 -15.03
CA ASN G 203 -5.39 -65.32 -15.27
C ASN G 203 -5.35 -64.34 -14.10
N ASP G 204 -4.85 -64.84 -12.96
CA ASP G 204 -4.94 -64.16 -11.67
C ASP G 204 -3.63 -63.57 -11.14
N GLY G 205 -2.55 -63.74 -11.90
CA GLY G 205 -1.28 -63.09 -11.58
C GLY G 205 -0.35 -63.92 -10.71
N LYS G 206 -0.72 -65.18 -10.49
CA LYS G 206 0.12 -66.11 -9.72
C LYS G 206 1.10 -66.83 -10.64
N VAL G 207 0.59 -67.28 -11.80
CA VAL G 207 1.38 -67.87 -12.87
C VAL G 207 1.30 -66.98 -14.11
N PHE G 208 2.46 -66.73 -14.73
CA PHE G 208 2.56 -65.97 -15.99
C PHE G 208 3.15 -66.83 -17.11
N ASP G 209 3.61 -68.03 -16.74
CA ASP G 209 4.34 -68.94 -17.61
C ASP G 209 3.48 -69.50 -18.76
N LEU G 210 3.95 -69.32 -19.99
CA LEU G 210 3.24 -69.81 -21.18
C LEU G 210 3.35 -71.32 -21.40
N GLN G 211 4.34 -71.94 -20.77
CA GLN G 211 4.55 -73.39 -20.86
C GLN G 211 3.72 -74.18 -19.83
N ASP G 212 3.13 -73.45 -18.90
CA ASP G 212 2.26 -74.03 -17.87
C ASP G 212 1.12 -74.84 -18.44
N GLU G 213 0.77 -75.91 -17.73
CA GLU G 213 -0.35 -76.81 -18.04
C GLU G 213 -1.67 -76.08 -18.41
N ASN G 214 -1.99 -75.03 -17.67
CA ASN G 214 -3.25 -74.32 -17.87
C ASN G 214 -3.11 -72.94 -18.55
N SER G 215 -1.98 -72.75 -19.24
CA SER G 215 -1.81 -71.61 -20.13
C SER G 215 -2.01 -72.06 -21.58
N TYR G 216 -3.04 -71.50 -22.22
CA TYR G 216 -3.47 -71.90 -23.57
C TYR G 216 -4.46 -70.88 -24.12
N THR G 217 -4.86 -71.07 -25.38
CA THR G 217 -5.94 -70.28 -25.96
C THR G 217 -7.08 -71.20 -26.45
N MET G 218 -8.20 -70.60 -26.87
CA MET G 218 -9.43 -71.33 -27.19
C MET G 218 -10.08 -70.96 -28.54
N TYR G 219 -10.72 -71.96 -29.16
CA TYR G 219 -11.54 -71.77 -30.36
C TYR G 219 -12.93 -71.48 -29.84
N ASN G 220 -13.60 -70.51 -30.48
CA ASN G 220 -14.88 -70.01 -29.98
C ASN G 220 -15.97 -70.08 -31.01
N ALA G 221 -17.11 -70.63 -30.57
CA ALA G 221 -18.28 -70.74 -31.41
C ALA G 221 -19.41 -69.96 -30.78
N ILE G 222 -19.97 -69.02 -31.54
CA ILE G 222 -21.06 -68.18 -31.08
C ILE G 222 -22.32 -68.52 -31.85
N ASP G 223 -23.41 -68.69 -31.13
CA ASP G 223 -24.72 -68.82 -31.75
C ASP G 223 -24.99 -67.53 -32.54
N ALA G 224 -25.07 -67.65 -33.86
CA ALA G 224 -25.29 -66.50 -34.76
C ALA G 224 -26.54 -65.71 -34.40
N GLU G 225 -27.62 -66.44 -34.09
CA GLU G 225 -28.95 -65.84 -33.90
C GLU G 225 -29.20 -65.20 -32.53
N THR G 226 -28.66 -65.80 -31.49
CA THR G 226 -28.84 -65.31 -30.14
C THR G 226 -27.66 -64.41 -29.78
N MET G 227 -26.54 -64.61 -30.48
CA MET G 227 -25.26 -63.98 -30.13
C MET G 227 -24.76 -64.31 -28.73
N GLU G 228 -25.16 -65.48 -28.23
CA GLU G 228 -24.61 -66.04 -26.98
C GLU G 228 -23.54 -67.03 -27.36
N MET G 229 -22.56 -67.19 -26.48
CA MET G 229 -21.58 -68.25 -26.62
C MET G 229 -22.28 -69.60 -26.73
N ALA G 230 -21.81 -70.42 -27.66
CA ALA G 230 -22.27 -71.80 -27.79
C ALA G 230 -21.30 -72.78 -27.11
N PHE G 231 -20.03 -72.71 -27.49
CA PHE G 231 -18.98 -73.55 -26.91
C PHE G 231 -17.58 -73.01 -27.21
N GLN G 232 -16.63 -73.50 -26.41
CA GLN G 232 -15.21 -73.23 -26.56
C GLN G 232 -14.40 -74.54 -26.54
N VAL G 233 -13.34 -74.59 -27.34
CA VAL G 233 -12.50 -75.77 -27.47
C VAL G 233 -11.07 -75.32 -27.22
N ILE G 234 -10.44 -75.92 -26.21
CA ILE G 234 -9.06 -75.62 -25.87
C ILE G 234 -8.16 -76.31 -26.87
N VAL G 235 -7.15 -75.59 -27.34
CA VAL G 235 -6.22 -76.15 -28.32
C VAL G 235 -4.79 -76.00 -27.84
N ASP G 236 -3.90 -76.81 -28.41
CA ASP G 236 -2.46 -76.61 -28.32
C ASP G 236 -2.10 -75.41 -29.20
N GLY G 237 -0.98 -74.77 -28.91
CA GLY G 237 -0.52 -73.65 -29.74
C GLY G 237 -1.48 -72.47 -29.69
N ASN G 238 -1.58 -71.74 -30.78
CA ASN G 238 -2.51 -70.62 -30.85
C ASN G 238 -3.40 -70.71 -32.09
N LEU G 239 -4.13 -69.62 -32.35
CA LEU G 239 -5.12 -69.57 -33.42
C LEU G 239 -4.97 -68.26 -34.18
N ASP G 240 -4.92 -68.34 -35.50
CA ASP G 240 -4.66 -67.16 -36.34
C ASP G 240 -5.85 -66.84 -37.26
N ASN G 241 -6.07 -67.65 -38.29
CA ASN G 241 -7.27 -67.52 -39.13
C ASN G 241 -8.06 -68.82 -39.21
N THR G 242 -9.30 -68.73 -39.69
CA THR G 242 -10.21 -69.84 -39.70
C THR G 242 -11.23 -69.81 -40.85
N ASP G 243 -11.68 -71.00 -41.23
CA ASP G 243 -12.78 -71.16 -42.20
C ASP G 243 -13.49 -72.47 -41.93
N ALA G 244 -14.70 -72.60 -42.50
CA ALA G 244 -15.58 -73.76 -42.33
C ALA G 244 -15.76 -74.52 -43.65
N ASP G 245 -16.30 -75.73 -43.59
CA ASP G 245 -16.56 -76.53 -44.81
C ASP G 245 -17.96 -76.29 -45.41
N TYR G 246 -18.33 -77.11 -46.41
CA TYR G 246 -19.65 -76.99 -47.02
C TYR G 246 -20.65 -78.05 -46.53
N THR G 247 -20.41 -78.62 -45.35
CA THR G 247 -21.36 -79.54 -44.73
C THR G 247 -21.79 -79.06 -43.36
N GLY G 248 -20.91 -78.29 -42.71
CA GLY G 248 -21.12 -77.90 -41.31
C GLY G 248 -20.50 -78.83 -40.29
N ARG G 249 -19.87 -79.92 -40.72
CA ARG G 249 -19.19 -80.83 -39.78
C ARG G 249 -17.79 -80.35 -39.37
N PHE G 250 -17.02 -79.81 -40.31
CA PHE G 250 -15.63 -79.42 -40.04
C PHE G 250 -15.36 -77.91 -40.15
N ALA G 251 -14.47 -77.45 -39.28
CA ALA G 251 -13.88 -76.10 -39.35
C ALA G 251 -12.38 -76.21 -39.15
N ALA G 252 -11.61 -75.21 -39.58
CA ALA G 252 -10.16 -75.30 -39.48
C ALA G 252 -9.51 -73.99 -39.10
N ALA G 253 -8.35 -74.06 -38.48
CA ALA G 253 -7.63 -72.86 -38.14
C ALA G 253 -6.15 -73.05 -38.26
N THR G 254 -5.49 -72.03 -38.76
CA THR G 254 -4.04 -71.96 -38.75
C THR G 254 -3.54 -71.66 -37.32
N CYS G 255 -2.35 -72.14 -37.00
CA CYS G 255 -1.64 -71.86 -35.76
C CYS G 255 -0.25 -71.43 -36.14
N TYR G 256 0.26 -70.35 -35.55
CA TYR G 256 1.64 -69.93 -35.81
C TYR G 256 2.57 -70.06 -34.60
N ASN G 257 2.02 -70.25 -33.42
CA ASN G 257 2.82 -70.36 -32.20
C ASN G 257 2.61 -71.72 -31.51
N SER G 258 2.87 -72.78 -32.24
CA SER G 258 2.81 -74.13 -31.68
C SER G 258 3.87 -74.27 -30.58
N GLU G 259 4.86 -73.39 -30.65
CA GLU G 259 5.97 -73.35 -29.69
C GLU G 259 5.59 -72.75 -28.34
N LYS G 260 4.45 -72.07 -28.28
CA LYS G 260 4.03 -71.34 -27.08
C LYS G 260 5.13 -70.36 -26.60
N ALA G 261 5.86 -69.79 -27.55
CA ALA G 261 6.88 -68.81 -27.22
C ALA G 261 6.29 -67.40 -27.03
N PHE G 262 7.04 -66.54 -26.33
CA PHE G 262 6.68 -65.12 -26.19
C PHE G 262 7.57 -64.19 -27.02
N ASP G 263 8.64 -64.73 -27.58
CA ASP G 263 9.57 -63.93 -28.38
C ASP G 263 9.51 -64.33 -29.87
N LEU G 264 10.16 -63.53 -30.71
CA LEU G 264 10.14 -63.70 -32.16
C LEU G 264 10.78 -65.01 -32.60
N GLY G 265 12.03 -65.23 -32.15
CA GLY G 265 12.77 -66.46 -32.45
C GLY G 265 12.02 -67.70 -32.01
N GLY G 266 11.49 -67.65 -30.79
CA GLY G 266 10.75 -68.76 -30.20
C GLY G 266 9.56 -69.18 -31.04
N MET G 267 8.80 -68.19 -31.48
CA MET G 267 7.63 -68.40 -32.33
C MET G 267 7.95 -68.99 -33.73
N MET G 268 9.21 -68.90 -34.15
CA MET G 268 9.67 -69.44 -35.46
C MET G 268 10.53 -70.70 -35.36
N ARG G 269 10.59 -71.31 -34.17
CA ARG G 269 11.48 -72.44 -33.89
C ARG G 269 11.16 -73.66 -34.78
N ASN G 270 9.91 -74.10 -34.74
CA ASN G 270 9.49 -75.31 -35.42
C ASN G 270 9.37 -75.11 -36.93
N GLU G 271 9.92 -76.05 -37.69
CA GLU G 271 9.79 -76.05 -39.15
C GLU G 271 8.35 -76.08 -39.63
N ARG G 272 7.49 -76.70 -38.82
CA ARG G 272 6.06 -76.76 -39.10
C ARG G 272 5.31 -76.41 -37.83
N ASP G 273 4.27 -75.62 -38.00
CA ASP G 273 3.24 -75.48 -37.00
C ASP G 273 2.12 -76.38 -37.48
N TRP G 274 0.89 -75.89 -37.46
CA TRP G 274 -0.20 -76.71 -37.98
C TRP G 274 -1.44 -75.96 -38.41
N VAL G 275 -2.31 -76.65 -39.13
CA VAL G 275 -3.71 -76.31 -39.08
C VAL G 275 -4.42 -77.30 -38.18
N VAL G 276 -5.27 -76.75 -37.32
CA VAL G 276 -6.06 -77.56 -36.42
C VAL G 276 -7.44 -77.69 -37.04
N VAL G 277 -7.92 -78.93 -37.13
CA VAL G 277 -9.23 -79.19 -37.71
C VAL G 277 -10.18 -79.62 -36.59
N PHE G 278 -11.37 -79.05 -36.56
CA PHE G 278 -12.38 -79.38 -35.55
C PHE G 278 -13.48 -80.23 -36.15
N ASP G 279 -13.88 -81.26 -35.41
CA ASP G 279 -15.08 -82.02 -35.74
C ASP G 279 -16.20 -81.41 -34.91
N ILE G 280 -16.94 -80.48 -35.52
CA ILE G 280 -17.98 -79.71 -34.82
C ILE G 280 -19.10 -80.62 -34.34
N HIS G 281 -19.36 -81.68 -35.09
CA HIS G 281 -20.37 -82.66 -34.71
C HIS G 281 -20.01 -83.35 -33.39
N ALA G 282 -18.74 -83.71 -33.25
CA ALA G 282 -18.28 -84.37 -32.03
C ALA G 282 -18.26 -83.41 -30.85
N VAL G 283 -17.90 -82.15 -31.10
CA VAL G 283 -18.00 -81.11 -30.06
C VAL G 283 -19.45 -80.99 -29.60
N GLU G 284 -20.38 -80.86 -30.56
CA GLU G 284 -21.82 -80.78 -30.26
C GLU G 284 -22.36 -82.00 -29.49
N ALA G 285 -21.83 -83.19 -29.81
CA ALA G 285 -22.23 -84.43 -29.16
C ALA G 285 -21.90 -84.39 -27.67
N ALA G 286 -20.65 -84.07 -27.34
CA ALA G 286 -20.21 -83.93 -25.95
C ALA G 286 -21.02 -82.89 -25.18
N VAL G 287 -21.29 -81.74 -25.78
CA VAL G 287 -22.14 -80.70 -25.16
C VAL G 287 -23.53 -81.20 -24.80
N LYS G 288 -24.15 -81.94 -25.72
CA LYS G 288 -25.50 -82.47 -25.50
C LYS G 288 -25.55 -83.53 -24.40
N ALA G 289 -24.44 -84.24 -24.22
CA ALA G 289 -24.34 -85.27 -23.19
C ALA G 289 -23.95 -84.65 -21.84
N GLY G 290 -23.43 -83.43 -21.90
CA GLY G 290 -23.02 -82.70 -20.71
C GLY G 290 -21.58 -82.96 -20.31
N ASP G 291 -20.77 -83.36 -21.29
CA ASP G 291 -19.37 -83.69 -21.04
C ASP G 291 -18.47 -82.52 -21.42
N PHE G 292 -18.45 -81.55 -20.52
CA PHE G 292 -17.62 -80.36 -20.65
C PHE G 292 -17.27 -79.82 -19.27
N ILE G 293 -16.27 -78.94 -19.22
CA ILE G 293 -16.00 -78.17 -18.02
C ILE G 293 -16.40 -76.73 -18.28
N THR G 294 -16.31 -75.89 -17.25
CA THR G 294 -16.52 -74.45 -17.37
C THR G 294 -15.42 -73.71 -16.62
N LEU G 295 -15.15 -72.47 -17.05
CA LEU G 295 -14.09 -71.66 -16.46
C LEU G 295 -14.63 -70.39 -15.82
N GLY G 296 -14.25 -70.17 -14.56
CA GLY G 296 -14.66 -68.99 -13.80
C GLY G 296 -16.17 -68.89 -13.71
N ASP G 297 -16.68 -67.67 -13.78
CA ASP G 297 -18.13 -67.45 -13.71
C ASP G 297 -18.89 -67.84 -14.99
N SER G 298 -18.16 -68.15 -16.05
CA SER G 298 -18.78 -68.41 -17.35
C SER G 298 -19.42 -69.79 -17.45
N LYS G 299 -20.67 -69.81 -17.90
CA LYS G 299 -21.44 -71.04 -18.08
C LYS G 299 -21.20 -71.71 -19.44
N THR G 300 -20.25 -71.20 -20.21
CA THR G 300 -20.01 -71.66 -21.57
C THR G 300 -19.31 -73.02 -21.52
N PRO G 301 -19.88 -74.02 -22.23
CA PRO G 301 -19.24 -75.33 -22.33
C PRO G 301 -17.83 -75.25 -22.90
N VAL G 302 -16.87 -75.70 -22.11
CA VAL G 302 -15.48 -75.76 -22.54
C VAL G 302 -15.05 -77.20 -22.78
N LEU G 303 -14.58 -77.47 -24.00
CA LEU G 303 -14.17 -78.80 -24.39
C LEU G 303 -12.67 -78.79 -24.60
N ASP G 304 -12.04 -79.95 -24.42
CA ASP G 304 -10.59 -80.05 -24.45
C ASP G 304 -10.12 -80.73 -25.74
N GLY G 305 -9.42 -79.96 -26.58
CA GLY G 305 -8.97 -80.42 -27.89
C GLY G 305 -7.47 -80.42 -27.99
N ARG G 306 -6.81 -80.45 -26.83
CA ARG G 306 -5.37 -80.62 -26.76
C ARG G 306 -5.01 -82.09 -26.87
N LYS G 307 -3.86 -82.37 -27.45
CA LYS G 307 -3.29 -83.71 -27.43
C LYS G 307 -2.72 -83.99 -26.05
N LYS G 308 -3.05 -85.14 -25.49
CA LYS G 308 -2.44 -85.56 -24.23
C LYS G 308 -1.77 -86.90 -24.40
N ASP G 309 -0.52 -86.97 -23.96
CA ASP G 309 0.30 -88.19 -24.02
C ASP G 309 0.24 -88.78 -25.43
N GLY G 310 0.62 -87.95 -26.40
CA GLY G 310 0.67 -88.34 -27.80
C GLY G 310 -0.70 -88.59 -28.41
N LYS G 311 -1.70 -88.85 -27.56
CA LYS G 311 -3.05 -89.21 -28.00
C LYS G 311 -3.92 -88.01 -28.36
N ASP G 312 -4.66 -88.15 -29.46
CA ASP G 312 -5.50 -87.08 -29.97
C ASP G 312 -6.81 -86.96 -29.20
N SER G 313 -7.27 -85.74 -29.03
CA SER G 313 -8.62 -85.49 -28.57
C SER G 313 -9.59 -85.94 -29.66
N LYS G 314 -10.83 -86.28 -29.30
CA LYS G 314 -11.79 -86.65 -30.35
C LYS G 314 -12.44 -85.43 -31.03
N PHE G 315 -12.11 -84.23 -30.54
CA PHE G 315 -12.68 -83.00 -31.11
C PHE G 315 -11.80 -82.41 -32.18
N THR G 316 -10.50 -82.68 -32.12
CA THR G 316 -9.53 -82.00 -32.98
C THR G 316 -8.53 -82.95 -33.62
N ARG G 317 -7.91 -82.47 -34.70
CA ARG G 317 -6.77 -83.12 -35.32
C ARG G 317 -5.77 -82.05 -35.70
N TYR G 318 -4.49 -82.37 -35.60
CA TYR G 318 -3.42 -81.43 -35.89
C TYR G 318 -2.65 -81.87 -37.11
N VAL G 319 -2.63 -81.00 -38.13
CA VAL G 319 -2.07 -81.32 -39.44
C VAL G 319 -0.85 -80.42 -39.64
N PRO G 320 0.38 -80.99 -39.59
CA PRO G 320 1.56 -80.13 -39.67
C PRO G 320 1.63 -79.34 -40.97
N VAL G 321 1.98 -78.06 -40.85
CA VAL G 321 2.04 -77.14 -41.99
C VAL G 321 3.18 -76.15 -41.75
N PRO G 322 4.05 -75.96 -42.75
CA PRO G 322 5.01 -74.87 -42.66
C PRO G 322 4.40 -73.56 -43.17
N LYS G 323 4.84 -72.40 -42.69
CA LYS G 323 5.65 -72.23 -41.49
C LYS G 323 5.24 -70.90 -40.86
N ASN G 324 4.67 -70.96 -39.65
CA ASN G 324 3.86 -69.87 -39.10
C ASN G 324 2.75 -69.52 -40.10
N PRO G 325 1.98 -70.56 -40.55
CA PRO G 325 0.96 -70.34 -41.58
C PRO G 325 -0.03 -69.27 -41.14
N HIS G 326 -0.67 -68.62 -42.11
CA HIS G 326 -1.52 -67.48 -41.83
C HIS G 326 -2.95 -67.67 -42.34
N GLY G 327 -3.18 -67.40 -43.62
CA GLY G 327 -4.53 -67.53 -44.16
C GLY G 327 -5.05 -68.96 -44.00
N CYS G 328 -6.36 -69.06 -43.81
CA CYS G 328 -7.04 -70.36 -43.82
C CYS G 328 -8.34 -70.20 -44.62
N ASN G 329 -8.32 -70.68 -45.86
CA ASN G 329 -9.39 -70.40 -46.81
C ASN G 329 -9.98 -71.67 -47.44
N THR G 330 -11.31 -71.78 -47.43
CA THR G 330 -11.97 -72.91 -48.11
C THR G 330 -12.33 -72.60 -49.57
N SER G 331 -11.87 -73.46 -50.47
CA SER G 331 -12.21 -73.33 -51.90
C SER G 331 -13.72 -73.35 -52.11
N SER G 332 -14.19 -72.66 -53.15
CA SER G 332 -15.62 -72.57 -53.42
C SER G 332 -16.25 -73.89 -53.92
N ASP G 333 -15.41 -74.85 -54.34
CA ASP G 333 -15.88 -76.20 -54.67
C ASP G 333 -15.99 -77.09 -53.44
N GLY G 334 -15.57 -76.56 -52.29
CA GLY G 334 -15.70 -77.28 -51.04
C GLY G 334 -14.66 -78.37 -50.81
N LYS G 335 -13.65 -78.44 -51.66
CA LYS G 335 -12.72 -79.57 -51.61
C LYS G 335 -11.52 -79.38 -50.66
N TYR G 336 -11.11 -78.13 -50.43
CA TYR G 336 -9.87 -77.86 -49.73
C TYR G 336 -9.95 -76.70 -48.75
N PHE G 337 -9.44 -76.93 -47.54
CA PHE G 337 -8.87 -75.91 -46.68
C PHE G 337 -7.45 -75.67 -47.16
N ILE G 338 -7.18 -74.43 -47.55
CA ILE G 338 -5.88 -74.00 -48.02
C ILE G 338 -5.24 -73.03 -47.01
N ALA G 339 -4.02 -73.38 -46.57
CA ALA G 339 -3.30 -72.59 -45.58
C ALA G 339 -2.16 -71.88 -46.28
N ALA G 340 -2.07 -70.57 -46.09
CA ALA G 340 -0.95 -69.81 -46.68
C ALA G 340 0.25 -69.95 -45.78
N GLY G 341 1.40 -70.30 -46.35
CA GLY G 341 2.58 -70.72 -45.59
C GLY G 341 3.36 -69.63 -44.90
N LYS G 342 3.17 -68.40 -45.35
CA LYS G 342 3.87 -67.18 -44.83
C LYS G 342 5.39 -67.31 -44.90
N LEU G 343 6.02 -67.84 -43.83
CA LEU G 343 7.47 -67.99 -43.82
C LEU G 343 7.93 -69.12 -44.73
N SER G 344 7.01 -70.03 -45.03
CA SER G 344 7.19 -70.99 -46.12
C SER G 344 6.59 -70.42 -47.40
N PRO G 345 7.31 -70.53 -48.53
CA PRO G 345 6.83 -69.96 -49.78
C PRO G 345 5.78 -70.85 -50.46
N THR G 346 4.88 -71.41 -49.67
CA THR G 346 3.89 -72.35 -50.15
C THR G 346 2.50 -72.05 -49.63
N CYS G 347 1.51 -72.73 -50.22
CA CYS G 347 0.25 -73.01 -49.54
C CYS G 347 0.19 -74.51 -49.29
N SER G 348 -0.56 -74.88 -48.26
CA SER G 348 -0.76 -76.28 -47.94
C SER G 348 -2.24 -76.60 -48.14
N MET G 349 -2.50 -77.64 -48.93
CA MET G 349 -3.85 -78.00 -49.30
C MET G 349 -4.33 -79.24 -48.56
N ILE G 350 -5.41 -79.06 -47.79
CA ILE G 350 -6.05 -80.14 -47.03
C ILE G 350 -7.33 -80.59 -47.74
N ALA G 351 -7.36 -81.86 -48.12
CA ALA G 351 -8.51 -82.43 -48.81
C ALA G 351 -9.58 -82.71 -47.79
N ILE G 352 -10.66 -81.92 -47.82
CA ILE G 352 -11.77 -82.09 -46.90
C ILE G 352 -12.36 -83.52 -46.95
N ASP G 353 -12.38 -84.08 -48.17
CA ASP G 353 -12.59 -85.52 -48.45
C ASP G 353 -12.00 -86.52 -47.47
N LYS G 354 -10.78 -86.27 -47.00
CA LYS G 354 -10.06 -87.27 -46.19
C LYS G 354 -10.22 -87.04 -44.69
N LEU G 355 -11.00 -86.02 -44.31
CA LEU G 355 -11.14 -85.64 -42.91
C LEU G 355 -11.85 -86.70 -42.04
N PRO G 356 -12.98 -87.27 -42.55
CA PRO G 356 -13.67 -88.32 -41.79
C PRO G 356 -12.77 -89.50 -41.52
N ASP G 357 -12.00 -89.90 -42.52
CA ASP G 357 -10.99 -90.96 -42.33
C ASP G 357 -9.91 -90.57 -41.34
N LEU G 358 -9.51 -89.30 -41.33
CA LEU G 358 -8.52 -88.86 -40.35
C LEU G 358 -9.05 -89.04 -38.93
N PHE G 359 -10.27 -88.57 -38.70
CA PHE G 359 -10.90 -88.63 -37.38
C PHE G 359 -11.25 -90.06 -36.94
N ALA G 360 -11.47 -90.95 -37.90
CA ALA G 360 -11.85 -92.34 -37.62
C ALA G 360 -10.67 -93.28 -37.33
N GLY G 361 -9.45 -92.76 -37.38
CA GLY G 361 -8.23 -93.54 -37.14
C GLY G 361 -7.74 -94.32 -38.35
N LYS G 362 -8.30 -94.01 -39.53
CA LYS G 362 -8.04 -94.80 -40.74
C LYS G 362 -6.80 -94.36 -41.51
N LEU G 363 -6.23 -93.22 -41.15
CA LEU G 363 -5.00 -92.77 -41.80
C LEU G 363 -3.78 -92.91 -40.88
N ALA G 364 -2.65 -93.28 -41.46
CA ALA G 364 -1.41 -93.51 -40.70
C ALA G 364 -0.77 -92.20 -40.17
N ASP G 365 -1.00 -91.10 -40.86
CA ASP G 365 -0.26 -89.87 -40.60
C ASP G 365 -1.11 -88.64 -40.92
N PRO G 366 -1.13 -87.64 -40.01
CA PRO G 366 -1.79 -86.35 -40.26
C PRO G 366 -1.44 -85.70 -41.61
N ARG G 367 -0.18 -85.73 -42.02
CA ARG G 367 0.20 -85.23 -43.35
C ARG G 367 -0.53 -85.94 -44.50
N ASP G 368 -1.17 -87.08 -44.22
CA ASP G 368 -1.94 -87.80 -45.22
C ASP G 368 -3.11 -87.01 -45.83
N VAL G 369 -3.68 -86.09 -45.08
CA VAL G 369 -4.80 -85.28 -45.62
C VAL G 369 -4.32 -84.06 -46.45
N ILE G 370 -3.00 -83.87 -46.51
CA ILE G 370 -2.39 -82.90 -47.40
C ILE G 370 -2.31 -83.57 -48.77
N VAL G 371 -2.88 -82.90 -49.78
CA VAL G 371 -2.88 -83.41 -51.18
C VAL G 371 -2.25 -82.43 -52.17
N GLY G 372 -1.82 -81.27 -51.66
CA GLY G 372 -1.15 -80.25 -52.45
C GLY G 372 -0.32 -79.33 -51.57
N GLU G 373 0.88 -79.01 -52.02
CA GLU G 373 1.72 -78.09 -51.28
C GLU G 373 2.55 -77.27 -52.26
N PRO G 374 1.86 -76.45 -53.10
CA PRO G 374 2.57 -75.78 -54.20
C PRO G 374 3.49 -74.65 -53.72
N GLU G 375 4.62 -74.52 -54.40
CA GLU G 375 5.54 -73.40 -54.23
C GLU G 375 5.04 -72.23 -55.03
N LEU G 376 4.88 -71.09 -54.37
CA LEU G 376 4.19 -69.97 -55.02
C LEU G 376 5.03 -68.70 -55.08
N GLY G 377 5.86 -68.49 -54.07
CA GLY G 377 6.61 -67.26 -53.95
C GLY G 377 6.75 -66.82 -52.50
N LEU G 378 7.41 -65.68 -52.29
CA LEU G 378 7.78 -65.26 -50.96
C LEU G 378 6.66 -64.56 -50.21
N GLY G 379 6.37 -65.08 -49.01
CA GLY G 379 5.38 -64.54 -48.08
C GLY G 379 3.91 -64.71 -48.41
N PRO G 380 3.44 -65.95 -48.68
CA PRO G 380 2.02 -66.14 -48.98
C PRO G 380 1.17 -65.87 -47.74
N LEU G 381 0.11 -65.06 -47.88
CA LEU G 381 -0.73 -64.69 -46.74
C LEU G 381 -2.18 -65.17 -46.78
N HIS G 382 -2.81 -65.07 -47.95
CA HIS G 382 -4.24 -65.35 -48.11
C HIS G 382 -4.59 -65.87 -49.49
N THR G 383 -5.66 -66.67 -49.55
CA THR G 383 -6.11 -67.25 -50.79
C THR G 383 -7.60 -67.01 -51.05
N THR G 384 -7.93 -66.60 -52.28
CA THR G 384 -9.33 -66.50 -52.70
C THR G 384 -9.55 -67.30 -54.00
N PHE G 385 -10.78 -67.32 -54.53
CA PHE G 385 -11.18 -68.28 -55.56
C PHE G 385 -12.09 -67.68 -56.64
N ASP G 386 -11.89 -68.08 -57.90
CA ASP G 386 -12.71 -67.53 -58.98
C ASP G 386 -13.90 -68.40 -59.36
N GLY G 387 -14.00 -69.57 -58.73
CA GLY G 387 -15.05 -70.55 -59.06
C GLY G 387 -14.82 -71.28 -60.37
N ARG G 388 -13.68 -71.02 -61.02
CA ARG G 388 -13.36 -71.68 -62.29
C ARG G 388 -12.23 -72.66 -62.05
N GLY G 389 -11.92 -72.90 -60.77
CA GLY G 389 -10.92 -73.91 -60.39
C GLY G 389 -9.57 -73.30 -60.04
N ASN G 390 -9.46 -71.97 -60.15
CA ASN G 390 -8.23 -71.26 -59.78
C ASN G 390 -8.25 -70.67 -58.36
N ALA G 391 -7.06 -70.58 -57.79
CA ALA G 391 -6.81 -69.90 -56.52
C ALA G 391 -5.93 -68.68 -56.78
N TYR G 392 -6.13 -67.63 -55.99
CA TYR G 392 -5.34 -66.42 -56.08
C TYR G 392 -4.75 -66.14 -54.71
N THR G 393 -3.43 -66.04 -54.64
CA THR G 393 -2.78 -65.92 -53.35
C THR G 393 -1.96 -64.64 -53.33
N THR G 394 -2.00 -63.95 -52.19
CA THR G 394 -1.15 -62.78 -51.97
C THR G 394 0.25 -63.23 -51.57
N LEU G 395 1.25 -62.59 -52.16
CA LEU G 395 2.65 -62.79 -51.82
C LEU G 395 3.15 -61.49 -51.23
N PHE G 396 3.19 -61.43 -49.90
CA PHE G 396 3.54 -60.21 -49.18
C PHE G 396 4.93 -59.67 -49.55
N ILE G 397 5.94 -60.53 -49.45
CA ILE G 397 7.32 -60.14 -49.74
C ILE G 397 7.54 -59.81 -51.23
N ASP G 398 7.07 -60.69 -52.11
CA ASP G 398 7.17 -60.45 -53.57
C ASP G 398 6.25 -59.34 -54.09
N SER G 399 5.29 -58.93 -53.26
N SER G 399 5.32 -58.91 -53.25
CA SER G 399 4.32 -57.88 -53.60
CA SER G 399 4.29 -57.89 -53.57
C SER G 399 3.53 -58.20 -54.87
C SER G 399 3.54 -58.21 -54.86
N GLN G 400 2.97 -59.40 -54.92
CA GLN G 400 2.25 -59.89 -56.10
C GLN G 400 0.99 -60.65 -55.73
N VAL G 401 0.04 -60.72 -56.66
CA VAL G 401 -1.02 -61.73 -56.62
C VAL G 401 -0.62 -62.84 -57.58
N VAL G 402 -0.69 -64.07 -57.12
CA VAL G 402 -0.36 -65.22 -57.93
C VAL G 402 -1.61 -66.04 -58.14
N LYS G 403 -1.98 -66.26 -59.39
CA LYS G 403 -3.11 -67.08 -59.75
C LYS G 403 -2.60 -68.47 -60.06
N TRP G 404 -3.24 -69.48 -59.49
CA TRP G 404 -2.78 -70.86 -59.67
C TRP G 404 -3.92 -71.86 -59.72
N ASN G 405 -3.66 -73.01 -60.32
CA ASN G 405 -4.70 -73.99 -60.54
C ASN G 405 -4.66 -75.06 -59.48
N MET G 406 -5.73 -75.16 -58.72
CA MET G 406 -5.76 -76.05 -57.58
C MET G 406 -5.57 -77.50 -57.98
N GLU G 407 -6.38 -77.97 -58.93
CA GLU G 407 -6.32 -79.37 -59.35
C GLU G 407 -4.92 -79.71 -59.89
N GLU G 408 -4.32 -78.76 -60.60
CA GLU G 408 -2.96 -78.93 -61.08
C GLU G 408 -1.92 -79.01 -59.94
N ALA G 409 -2.04 -78.13 -58.93
CA ALA G 409 -1.22 -78.25 -57.72
C ALA G 409 -1.32 -79.63 -57.10
N VAL G 410 -2.54 -80.18 -57.06
CA VAL G 410 -2.80 -81.52 -56.52
C VAL G 410 -2.06 -82.60 -57.31
N ARG G 411 -2.12 -82.49 -58.64
CA ARG G 411 -1.48 -83.49 -59.50
C ARG G 411 0.05 -83.43 -59.35
N ALA G 412 0.59 -82.22 -59.24
CA ALA G 412 2.03 -82.04 -59.03
C ALA G 412 2.53 -82.67 -57.75
N TYR G 413 1.74 -82.54 -56.68
CA TYR G 413 2.09 -83.12 -55.38
C TYR G 413 2.20 -84.64 -55.46
N LYS G 414 1.56 -85.23 -56.48
CA LYS G 414 1.64 -86.68 -56.75
C LYS G 414 2.78 -87.05 -57.69
N GLY G 415 3.55 -86.07 -58.16
CA GLY G 415 4.72 -86.36 -58.99
C GLY G 415 4.63 -85.89 -60.42
N GLU G 416 3.42 -85.60 -60.89
CA GLU G 416 3.24 -85.12 -62.26
C GLU G 416 3.92 -83.75 -62.46
N LYS G 417 4.66 -83.63 -63.56
CA LYS G 417 5.20 -82.35 -64.00
C LYS G 417 4.09 -81.54 -64.61
N VAL G 418 3.79 -80.41 -63.98
CA VAL G 418 2.79 -79.47 -64.47
C VAL G 418 3.01 -78.10 -63.81
N ASN G 419 3.12 -77.06 -64.63
CA ASN G 419 3.18 -75.71 -64.11
C ASN G 419 1.79 -75.19 -63.73
N TYR G 420 1.45 -75.36 -62.45
CA TYR G 420 0.18 -74.93 -61.87
C TYR G 420 0.05 -73.42 -61.73
N ILE G 421 1.18 -72.71 -61.72
CA ILE G 421 1.16 -71.25 -61.69
C ILE G 421 0.75 -70.71 -63.06
N LYS G 422 -0.32 -69.93 -63.07
CA LYS G 422 -0.82 -69.28 -64.29
C LYS G 422 -0.28 -67.86 -64.51
N GLN G 423 -0.26 -67.05 -63.44
CA GLN G 423 0.05 -65.63 -63.61
C GLN G 423 0.48 -65.00 -62.29
N LYS G 424 1.40 -64.04 -62.39
CA LYS G 424 1.74 -63.24 -61.24
C LYS G 424 1.54 -61.78 -61.63
N LEU G 425 0.76 -61.06 -60.83
CA LEU G 425 0.52 -59.67 -61.09
C LEU G 425 1.10 -58.85 -59.94
N ASP G 426 1.93 -57.86 -60.29
CA ASP G 426 2.49 -56.93 -59.31
C ASP G 426 1.39 -56.04 -58.74
N VAL G 427 1.41 -55.91 -57.42
CA VAL G 427 0.50 -55.03 -56.69
C VAL G 427 1.31 -54.11 -55.78
N HIS G 428 0.68 -53.03 -55.32
CA HIS G 428 1.43 -51.89 -54.81
C HIS G 428 0.95 -51.35 -53.44
N TYR G 429 1.60 -51.70 -52.32
CA TYR G 429 2.65 -52.70 -52.22
C TYR G 429 2.40 -53.50 -50.94
N GLN G 430 2.88 -54.74 -50.92
CA GLN G 430 2.78 -55.65 -49.76
C GLN G 430 1.36 -56.11 -49.42
N PRO G 431 0.77 -56.95 -50.27
CA PRO G 431 -0.61 -57.35 -50.03
C PRO G 431 -0.78 -58.23 -48.80
N GLY G 432 -1.88 -57.99 -48.09
CA GLY G 432 -2.30 -58.86 -47.00
C GLY G 432 -3.39 -59.80 -47.49
N HIS G 433 -4.63 -59.40 -47.27
CA HIS G 433 -5.79 -60.14 -47.70
C HIS G 433 -6.10 -59.84 -49.17
N LEU G 434 -6.78 -60.77 -49.84
CA LEU G 434 -7.44 -60.50 -51.12
C LEU G 434 -8.83 -61.17 -51.16
N HIS G 435 -9.74 -60.64 -51.97
CA HIS G 435 -11.11 -61.16 -51.99
C HIS G 435 -11.70 -61.17 -53.39
N ALA G 436 -12.17 -62.33 -53.82
CA ALA G 436 -12.90 -62.45 -55.09
C ALA G 436 -14.41 -62.52 -54.86
N SER G 437 -15.19 -61.84 -55.71
CA SER G 437 -16.62 -61.74 -55.52
C SER G 437 -17.26 -63.12 -55.38
N LEU G 438 -18.02 -63.24 -54.28
CA LEU G 438 -18.73 -64.45 -53.88
C LEU G 438 -17.83 -65.64 -53.56
N CYS G 439 -16.53 -65.38 -53.36
CA CYS G 439 -15.56 -66.46 -53.12
C CYS G 439 -15.88 -67.41 -51.98
N GLU G 440 -16.65 -66.94 -51.00
CA GLU G 440 -16.92 -67.73 -49.80
C GLU G 440 -18.13 -68.63 -49.95
N THR G 441 -18.69 -68.65 -51.16
CA THR G 441 -19.91 -69.36 -51.45
C THR G 441 -19.74 -70.27 -52.65
N ASN G 442 -20.64 -71.23 -52.83
CA ASN G 442 -20.60 -72.04 -54.05
C ASN G 442 -21.05 -71.29 -55.30
N GLU G 443 -21.33 -70.00 -55.16
CA GLU G 443 -21.73 -69.15 -56.29
C GLU G 443 -20.61 -68.28 -56.83
N ALA G 444 -19.39 -68.48 -56.32
CA ALA G 444 -18.24 -67.67 -56.65
C ALA G 444 -18.21 -67.38 -58.14
N ASP G 445 -18.21 -66.09 -58.49
CA ASP G 445 -18.52 -65.70 -59.88
C ASP G 445 -17.33 -65.29 -60.76
N GLY G 446 -16.15 -65.23 -60.16
CA GLY G 446 -14.91 -64.98 -60.89
C GLY G 446 -14.87 -63.65 -61.59
N LYS G 447 -15.62 -62.67 -61.11
CA LYS G 447 -15.66 -61.38 -61.77
C LYS G 447 -14.66 -60.35 -61.20
N TRP G 448 -14.72 -60.08 -59.90
CA TRP G 448 -13.85 -59.08 -59.31
C TRP G 448 -12.94 -59.62 -58.21
N LEU G 449 -11.76 -59.02 -58.13
CA LEU G 449 -10.78 -59.34 -57.11
C LEU G 449 -10.29 -58.05 -56.49
N VAL G 450 -10.26 -57.99 -55.16
CA VAL G 450 -9.64 -56.88 -54.46
C VAL G 450 -8.45 -57.41 -53.66
N ALA G 451 -7.29 -56.75 -53.82
CA ALA G 451 -6.11 -57.06 -53.03
C ALA G 451 -5.81 -55.86 -52.16
N LEU G 452 -5.67 -56.12 -50.87
CA LEU G 452 -5.54 -55.06 -49.87
C LEU G 452 -4.10 -54.97 -49.46
N SER G 453 -3.42 -53.93 -49.91
CA SER G 453 -1.98 -53.83 -49.70
C SER G 453 -1.67 -52.89 -48.52
N LYS G 454 -0.50 -53.09 -47.91
CA LYS G 454 -0.13 -52.36 -46.70
C LYS G 454 0.70 -51.09 -46.92
N PHE G 455 1.46 -51.00 -48.01
CA PHE G 455 2.26 -49.80 -48.29
C PHE G 455 1.90 -49.16 -49.62
N SER G 456 1.25 -48.00 -49.56
CA SER G 456 0.82 -47.29 -50.75
C SER G 456 1.95 -46.44 -51.34
N LYS G 457 2.99 -46.21 -50.54
CA LYS G 457 4.18 -45.49 -51.00
C LYS G 457 3.80 -44.19 -51.73
N ASP G 458 4.19 -44.09 -52.99
CA ASP G 458 3.84 -42.92 -53.82
C ASP G 458 2.73 -43.15 -54.85
N ARG G 459 1.87 -44.14 -54.60
CA ARG G 459 0.69 -44.37 -55.44
C ARG G 459 -0.42 -43.30 -55.26
N PHE G 460 -0.34 -42.53 -54.18
CA PHE G 460 -1.28 -41.42 -53.95
C PHE G 460 -0.50 -40.19 -53.60
N LEU G 461 -1.13 -39.03 -53.79
CA LEU G 461 -0.57 -37.75 -53.35
C LEU G 461 -0.12 -37.87 -51.90
N PRO G 462 1.02 -37.24 -51.57
CA PRO G 462 1.52 -37.35 -50.21
C PRO G 462 0.63 -36.65 -49.18
N VAL G 463 0.42 -37.32 -48.06
CA VAL G 463 -0.46 -36.81 -47.01
C VAL G 463 0.23 -36.84 -45.63
N GLY G 464 1.55 -36.67 -45.63
CA GLY G 464 2.31 -36.72 -44.37
C GLY G 464 2.87 -38.11 -44.07
N PRO G 465 3.46 -38.27 -42.86
CA PRO G 465 4.10 -39.54 -42.47
C PRO G 465 3.18 -40.77 -42.41
N LEU G 466 1.89 -40.58 -42.13
CA LEU G 466 0.96 -41.71 -42.16
C LEU G 466 0.33 -41.83 -43.55
N HIS G 467 0.44 -43.01 -44.17
CA HIS G 467 -0.07 -43.27 -45.52
C HIS G 467 -1.39 -44.03 -45.48
N PRO G 468 -2.22 -43.90 -46.55
CA PRO G 468 -3.38 -44.79 -46.68
C PRO G 468 -2.94 -46.20 -47.01
N GLU G 469 -3.85 -47.16 -46.84
CA GLU G 469 -3.67 -48.46 -47.47
C GLU G 469 -4.08 -48.33 -48.93
N ASN G 470 -3.60 -49.27 -49.75
CA ASN G 470 -3.98 -49.33 -51.14
C ASN G 470 -4.71 -50.64 -51.47
N ASP G 471 -6.04 -50.52 -51.53
CA ASP G 471 -6.92 -51.61 -51.93
C ASP G 471 -7.12 -51.52 -53.42
N GLN G 472 -6.62 -52.54 -54.11
CA GLN G 472 -6.59 -52.56 -55.57
C GLN G 472 -7.61 -53.50 -56.16
N LEU G 473 -8.39 -52.94 -57.08
CA LEU G 473 -9.41 -53.67 -57.80
C LEU G 473 -8.78 -54.28 -59.04
N ILE G 474 -8.94 -55.60 -59.16
CA ILE G 474 -8.37 -56.36 -60.25
C ILE G 474 -9.49 -57.09 -60.98
N ASP G 475 -9.55 -56.90 -62.30
CA ASP G 475 -10.52 -57.61 -63.14
C ASP G 475 -10.02 -59.04 -63.35
N ILE G 476 -10.81 -60.00 -62.91
CA ILE G 476 -10.47 -61.43 -63.09
C ILE G 476 -11.46 -62.22 -63.96
N SER G 477 -12.33 -61.51 -64.68
CA SER G 477 -13.34 -62.15 -65.54
C SER G 477 -12.74 -62.96 -66.70
N GLY G 478 -11.58 -62.52 -67.20
CA GLY G 478 -10.89 -63.21 -68.28
C GLY G 478 -9.68 -63.98 -67.79
N ASP G 479 -8.91 -64.49 -68.74
CA ASP G 479 -7.72 -65.30 -68.46
C ASP G 479 -6.60 -64.52 -67.74
N GLU G 480 -6.44 -63.27 -68.13
CA GLU G 480 -5.42 -62.44 -67.52
C GLU G 480 -6.05 -61.51 -66.47
N MET G 481 -5.51 -61.55 -65.26
CA MET G 481 -5.77 -60.55 -64.21
C MET G 481 -5.35 -59.19 -64.73
N LYS G 482 -6.20 -58.19 -64.53
CA LYS G 482 -5.91 -56.83 -64.96
C LYS G 482 -6.21 -55.86 -63.82
N LEU G 483 -5.19 -55.06 -63.45
CA LEU G 483 -5.36 -54.03 -62.44
C LEU G 483 -6.07 -52.82 -63.06
N VAL G 484 -7.11 -52.32 -62.40
CA VAL G 484 -7.93 -51.25 -62.98
C VAL G 484 -8.14 -50.05 -62.06
N HIS G 485 -7.96 -50.24 -60.76
CA HIS G 485 -8.23 -49.17 -59.80
C HIS G 485 -7.46 -49.27 -58.46
N ASP G 486 -6.82 -48.17 -58.09
CA ASP G 486 -6.19 -48.02 -56.77
C ASP G 486 -7.12 -47.28 -55.82
N GLY G 487 -7.48 -47.93 -54.72
CA GLY G 487 -8.44 -47.39 -53.77
C GLY G 487 -7.75 -47.15 -52.43
N PRO G 488 -7.45 -45.87 -52.13
CA PRO G 488 -6.84 -45.50 -50.85
C PRO G 488 -7.83 -45.68 -49.73
N THR G 489 -7.40 -46.30 -48.63
CA THR G 489 -8.28 -46.50 -47.48
C THR G 489 -7.58 -46.18 -46.14
N PHE G 490 -8.39 -45.87 -45.14
CA PHE G 490 -7.86 -45.43 -43.85
C PHE G 490 -7.72 -46.55 -42.84
N ALA G 491 -6.69 -46.49 -42.00
CA ALA G 491 -6.62 -47.33 -40.80
C ALA G 491 -6.65 -48.82 -41.11
N GLU G 492 -6.19 -49.18 -42.29
CA GLU G 492 -5.88 -50.57 -42.58
C GLU G 492 -7.07 -51.54 -42.54
N PRO G 493 -7.90 -51.51 -43.59
CA PRO G 493 -8.85 -52.59 -43.69
C PRO G 493 -8.05 -53.85 -43.84
N HIS G 494 -8.41 -54.92 -43.17
CA HIS G 494 -7.62 -56.12 -43.41
C HIS G 494 -8.27 -56.89 -44.55
N ASP G 495 -9.49 -57.37 -44.32
CA ASP G 495 -10.25 -58.12 -45.33
C ASP G 495 -11.53 -57.35 -45.73
N CYS G 496 -12.23 -57.85 -46.73
CA CYS G 496 -13.52 -57.29 -47.15
C CYS G 496 -14.34 -58.38 -47.81
N ILE G 497 -15.60 -58.08 -48.08
CA ILE G 497 -16.51 -59.05 -48.64
C ILE G 497 -17.52 -58.39 -49.56
N MET G 498 -17.69 -58.99 -50.73
CA MET G 498 -18.63 -58.49 -51.69
C MET G 498 -19.89 -59.35 -51.71
N ALA G 499 -20.99 -58.73 -52.06
CA ALA G 499 -22.21 -59.44 -52.36
C ALA G 499 -22.84 -58.73 -53.56
N ARG G 500 -23.67 -59.48 -54.28
CA ARG G 500 -24.43 -58.92 -55.38
C ARG G 500 -25.41 -57.88 -54.80
N ARG G 501 -25.67 -56.84 -55.57
CA ARG G 501 -26.78 -55.94 -55.29
C ARG G 501 -28.05 -56.67 -54.82
N ASP G 502 -28.45 -57.69 -55.59
CA ASP G 502 -29.67 -58.44 -55.31
C ASP G 502 -29.61 -59.35 -54.08
N GLN G 503 -28.44 -59.54 -53.49
CA GLN G 503 -28.34 -60.28 -52.23
C GLN G 503 -28.55 -59.42 -50.97
N ILE G 504 -28.66 -58.10 -51.16
CA ILE G 504 -28.83 -57.18 -50.03
C ILE G 504 -30.17 -56.44 -50.11
N LYS G 505 -30.94 -56.48 -49.02
CA LYS G 505 -32.24 -55.82 -49.00
C LYS G 505 -32.36 -54.92 -47.78
N THR G 506 -32.43 -53.61 -48.02
CA THR G 506 -32.38 -52.64 -46.93
C THR G 506 -33.72 -51.98 -46.69
N LYS G 507 -33.99 -51.65 -45.43
CA LYS G 507 -35.23 -50.96 -45.09
C LYS G 507 -35.11 -49.48 -45.42
N LYS G 508 -36.15 -48.93 -46.01
CA LYS G 508 -36.18 -47.54 -46.43
C LYS G 508 -36.44 -46.60 -45.25
N ILE G 509 -37.26 -47.06 -44.30
CA ILE G 509 -37.53 -46.36 -43.06
C ILE G 509 -37.68 -47.39 -41.94
N TRP G 510 -37.55 -46.95 -40.70
CA TRP G 510 -37.61 -47.87 -39.58
C TRP G 510 -39.04 -48.38 -39.37
N ASP G 511 -39.14 -49.61 -38.88
CA ASP G 511 -40.34 -50.15 -38.27
C ASP G 511 -40.45 -49.66 -36.83
N ARG G 512 -41.65 -49.27 -36.41
CA ARG G 512 -41.85 -48.79 -35.05
C ARG G 512 -41.57 -49.86 -33.98
N ASN G 513 -41.69 -51.12 -34.38
CA ASN G 513 -41.46 -52.22 -33.45
C ASN G 513 -40.05 -52.85 -33.55
N ASP G 514 -39.16 -52.20 -34.28
CA ASP G 514 -37.82 -52.75 -34.47
C ASP G 514 -37.17 -53.04 -33.11
N PRO G 515 -36.59 -54.26 -32.96
CA PRO G 515 -35.86 -54.70 -31.75
C PRO G 515 -34.73 -53.78 -31.33
N PHE G 516 -34.14 -53.07 -32.30
CA PHE G 516 -33.01 -52.17 -32.02
C PHE G 516 -33.29 -51.11 -30.92
N PHE G 517 -34.50 -50.54 -30.92
CA PHE G 517 -34.88 -49.59 -29.89
C PHE G 517 -36.06 -50.10 -29.04
N ALA G 518 -36.22 -51.43 -28.97
CA ALA G 518 -37.31 -52.07 -28.24
C ALA G 518 -37.24 -51.81 -26.75
N PRO G 519 -36.03 -51.86 -26.15
CA PRO G 519 -35.97 -51.56 -24.70
C PRO G 519 -36.32 -50.11 -24.35
N THR G 520 -36.08 -49.19 -25.29
CA THR G 520 -36.50 -47.81 -25.10
C THR G 520 -38.02 -47.67 -25.17
N VAL G 521 -38.65 -48.42 -26.07
CA VAL G 521 -40.10 -48.50 -26.13
C VAL G 521 -40.65 -48.94 -24.78
N GLU G 522 -39.95 -49.88 -24.13
CA GLU G 522 -40.32 -50.37 -22.79
C GLU G 522 -40.12 -49.33 -21.68
N MET G 523 -39.00 -48.63 -21.69
CA MET G 523 -38.80 -47.52 -20.77
C MET G 523 -39.96 -46.52 -20.86
N ALA G 524 -40.34 -46.17 -22.09
CA ALA G 524 -41.41 -45.20 -22.32
C ALA G 524 -42.76 -45.68 -21.77
N LYS G 525 -43.12 -46.94 -22.02
CA LYS G 525 -44.36 -47.53 -21.52
C LYS G 525 -44.43 -47.50 -19.99
N LYS G 526 -43.30 -47.78 -19.33
CA LYS G 526 -43.21 -47.68 -17.87
C LYS G 526 -43.59 -46.30 -17.37
N ASP G 527 -43.25 -45.26 -18.14
CA ASP G 527 -43.66 -43.86 -17.88
C ASP G 527 -45.06 -43.53 -18.43
N GLY G 528 -45.74 -44.51 -19.01
CA GLY G 528 -47.06 -44.28 -19.62
C GLY G 528 -46.99 -43.45 -20.90
N ILE G 529 -45.85 -43.48 -21.57
CA ILE G 529 -45.67 -42.69 -22.76
C ILE G 529 -46.05 -43.50 -24.01
N ASN G 530 -46.78 -42.85 -24.92
CA ASN G 530 -46.93 -43.28 -26.31
C ASN G 530 -45.91 -42.48 -27.14
N LEU G 531 -44.88 -43.17 -27.64
CA LEU G 531 -43.77 -42.53 -28.32
C LEU G 531 -44.17 -41.92 -29.64
N ASP G 532 -45.17 -42.50 -30.29
CA ASP G 532 -45.59 -42.00 -31.59
C ASP G 532 -46.23 -40.62 -31.51
N THR G 533 -46.67 -40.21 -30.32
CA THR G 533 -47.50 -39.02 -30.19
C THR G 533 -47.05 -38.01 -29.12
N ASP G 534 -46.47 -38.48 -28.04
CA ASP G 534 -46.20 -37.63 -26.87
C ASP G 534 -45.04 -36.63 -26.95
N ASN G 535 -45.28 -35.48 -26.34
CA ASN G 535 -44.28 -34.46 -26.08
C ASN G 535 -44.37 -34.08 -24.59
N LYS G 536 -43.63 -34.81 -23.78
CA LYS G 536 -43.80 -34.76 -22.34
C LYS G 536 -42.48 -34.78 -21.59
N VAL G 537 -42.48 -34.14 -20.44
CA VAL G 537 -41.33 -34.13 -19.56
C VAL G 537 -41.71 -34.88 -18.28
N ILE G 538 -41.05 -36.00 -18.01
CA ILE G 538 -41.31 -36.82 -16.83
C ILE G 538 -40.27 -36.48 -15.74
N ARG G 539 -40.73 -36.23 -14.52
CA ARG G 539 -39.81 -35.90 -13.41
C ARG G 539 -39.76 -36.98 -12.35
N ASP G 540 -38.55 -37.42 -11.98
CA ASP G 540 -38.35 -38.43 -10.94
C ASP G 540 -37.13 -38.12 -10.07
N GLY G 541 -37.35 -37.27 -9.07
CA GLY G 541 -36.29 -36.82 -8.16
C GLY G 541 -35.31 -35.93 -8.90
N ASN G 542 -34.07 -36.39 -8.99
CA ASN G 542 -33.06 -35.71 -9.80
C ASN G 542 -32.96 -36.22 -11.25
N LYS G 543 -33.86 -37.12 -11.62
CA LYS G 543 -33.93 -37.65 -12.99
C LYS G 543 -35.05 -36.98 -13.79
N VAL G 544 -34.73 -36.63 -15.04
CA VAL G 544 -35.68 -35.96 -15.92
C VAL G 544 -35.65 -36.68 -17.25
N ARG G 545 -36.80 -37.22 -17.65
CA ARG G 545 -36.91 -37.90 -18.94
C ARG G 545 -37.84 -37.08 -19.82
N VAL G 546 -37.28 -36.55 -20.90
CA VAL G 546 -38.01 -35.74 -21.88
C VAL G 546 -38.35 -36.68 -23.05
N TYR G 547 -39.62 -36.75 -23.43
CA TYR G 547 -40.03 -37.54 -24.58
C TYR G 547 -40.60 -36.57 -25.62
N MET G 548 -40.14 -36.65 -26.85
CA MET G 548 -40.69 -35.79 -27.89
C MET G 548 -40.76 -36.49 -29.22
N THR G 549 -41.63 -36.01 -30.09
CA THR G 549 -41.60 -36.41 -31.49
C THR G 549 -40.89 -35.29 -32.25
N SER G 550 -40.41 -35.59 -33.45
CA SER G 550 -39.87 -34.53 -34.29
C SER G 550 -40.33 -34.73 -35.73
N MET G 551 -40.62 -33.60 -36.35
CA MET G 551 -41.11 -33.57 -37.70
C MET G 551 -40.52 -32.28 -38.24
N ALA G 552 -39.66 -32.42 -39.24
CA ALA G 552 -38.96 -31.30 -39.83
C ALA G 552 -39.93 -30.16 -40.10
N PRO G 553 -39.56 -28.91 -39.78
CA PRO G 553 -38.31 -28.44 -39.18
C PRO G 553 -38.41 -28.15 -37.68
N ALA G 554 -39.23 -28.92 -36.94
CA ALA G 554 -39.49 -28.60 -35.53
C ALA G 554 -39.22 -29.76 -34.59
N PHE G 555 -38.47 -29.52 -33.51
CA PHE G 555 -38.51 -30.43 -32.38
C PHE G 555 -39.90 -30.35 -31.75
N GLY G 556 -40.44 -31.51 -31.36
CA GLY G 556 -41.72 -31.57 -30.63
C GLY G 556 -41.72 -30.92 -29.25
N VAL G 557 -40.60 -31.00 -28.55
CA VAL G 557 -40.41 -30.22 -27.34
C VAL G 557 -39.29 -29.21 -27.60
N GLN G 558 -39.62 -27.93 -27.53
CA GLN G 558 -38.68 -26.89 -27.92
C GLN G 558 -38.04 -26.15 -26.74
N GLU G 559 -38.50 -26.45 -25.53
CA GLU G 559 -37.88 -25.97 -24.30
C GLU G 559 -38.26 -26.87 -23.15
N PHE G 560 -37.36 -27.00 -22.19
CA PHE G 560 -37.69 -27.58 -20.91
C PHE G 560 -36.74 -26.98 -19.84
N THR G 561 -37.17 -27.06 -18.59
CA THR G 561 -36.43 -26.51 -17.48
C THR G 561 -36.11 -27.62 -16.48
N VAL G 562 -34.86 -27.66 -16.06
CA VAL G 562 -34.42 -28.63 -15.09
C VAL G 562 -33.62 -27.93 -14.02
N LYS G 563 -33.20 -28.70 -13.03
CA LYS G 563 -32.43 -28.21 -11.92
C LYS G 563 -30.97 -28.57 -12.15
N GLN G 564 -30.05 -27.70 -11.74
CA GLN G 564 -28.64 -28.01 -11.90
C GLN G 564 -28.29 -29.35 -11.27
N GLY G 565 -27.52 -30.14 -12.00
CA GLY G 565 -27.17 -31.48 -11.52
C GLY G 565 -28.18 -32.57 -11.85
N ASP G 566 -29.35 -32.21 -12.40
CA ASP G 566 -30.32 -33.24 -12.85
C ASP G 566 -29.69 -34.15 -13.91
N GLU G 567 -30.04 -35.43 -13.87
CA GLU G 567 -29.72 -36.35 -14.95
C GLU G 567 -30.84 -36.38 -15.98
N VAL G 568 -30.53 -35.93 -17.20
CA VAL G 568 -31.53 -35.72 -18.23
C VAL G 568 -31.44 -36.80 -19.31
N THR G 569 -32.54 -37.48 -19.55
CA THR G 569 -32.63 -38.38 -20.68
C THR G 569 -33.51 -37.68 -21.71
N VAL G 570 -33.02 -37.57 -22.94
CA VAL G 570 -33.85 -37.08 -24.05
C VAL G 570 -34.14 -38.19 -25.05
N THR G 571 -35.43 -38.49 -25.23
CA THR G 571 -35.87 -39.52 -26.16
C THR G 571 -36.64 -38.87 -27.30
N ILE G 572 -36.17 -39.12 -28.53
CA ILE G 572 -36.76 -38.52 -29.73
C ILE G 572 -37.24 -39.57 -30.73
N THR G 573 -38.47 -39.40 -31.18
CA THR G 573 -39.05 -40.25 -32.22
C THR G 573 -39.28 -39.39 -33.45
N ASN G 574 -38.61 -39.74 -34.54
CA ASN G 574 -38.75 -39.05 -35.82
C ASN G 574 -40.04 -39.57 -36.47
N ILE G 575 -41.06 -38.71 -36.54
CA ILE G 575 -42.34 -39.10 -37.14
C ILE G 575 -42.53 -38.63 -38.60
N ASP G 576 -41.45 -38.16 -39.22
CA ASP G 576 -41.47 -37.96 -40.68
C ASP G 576 -41.59 -39.30 -41.36
N GLN G 577 -42.30 -39.32 -42.49
CA GLN G 577 -42.60 -40.57 -43.22
C GLN G 577 -41.85 -40.61 -44.56
N ILE G 578 -41.27 -39.48 -44.95
CA ILE G 578 -40.46 -39.40 -46.18
C ILE G 578 -39.04 -39.92 -45.92
N GLU G 579 -38.61 -40.83 -46.79
CA GLU G 579 -37.25 -41.36 -46.80
C GLU G 579 -36.20 -40.25 -46.71
N ASP G 580 -35.13 -40.52 -45.96
CA ASP G 580 -33.92 -39.68 -45.97
C ASP G 580 -34.11 -38.42 -45.13
N VAL G 581 -35.29 -38.23 -44.54
CA VAL G 581 -35.48 -37.04 -43.70
C VAL G 581 -35.02 -37.35 -42.27
N SER G 582 -33.70 -37.36 -42.11
CA SER G 582 -33.10 -37.61 -40.80
C SER G 582 -33.01 -36.33 -39.96
N HIS G 583 -33.11 -36.51 -38.64
CA HIS G 583 -32.86 -35.43 -37.74
C HIS G 583 -31.65 -35.75 -36.90
N GLY G 584 -31.11 -34.71 -36.26
CA GLY G 584 -30.03 -34.85 -35.32
C GLY G 584 -30.44 -34.16 -34.04
N PHE G 585 -29.69 -34.40 -32.97
CA PHE G 585 -29.89 -33.76 -31.67
C PHE G 585 -28.51 -33.59 -31.04
N VAL G 586 -28.13 -32.34 -30.83
CA VAL G 586 -26.86 -32.01 -30.19
C VAL G 586 -27.15 -30.98 -29.11
N VAL G 587 -26.65 -31.24 -27.90
CA VAL G 587 -26.75 -30.25 -26.83
C VAL G 587 -25.40 -29.51 -26.78
N VAL G 588 -25.44 -28.20 -26.98
CA VAL G 588 -24.21 -27.43 -27.06
C VAL G 588 -23.36 -27.50 -25.77
N ASN G 589 -22.08 -27.79 -25.92
CA ASN G 589 -21.12 -27.81 -24.83
C ASN G 589 -21.39 -28.89 -23.78
N HIS G 590 -22.12 -29.93 -24.18
CA HIS G 590 -22.50 -30.98 -23.26
C HIS G 590 -22.00 -32.36 -23.67
N GLY G 591 -21.37 -32.44 -24.84
CA GLY G 591 -20.91 -33.71 -25.35
C GLY G 591 -22.04 -34.64 -25.78
N VAL G 592 -23.13 -34.07 -26.23
CA VAL G 592 -24.31 -34.86 -26.60
C VAL G 592 -24.62 -34.74 -28.08
N SER G 593 -24.73 -35.90 -28.75
CA SER G 593 -24.94 -35.95 -30.19
C SER G 593 -25.60 -37.27 -30.62
N MET G 594 -26.60 -37.20 -31.50
CA MET G 594 -27.22 -38.45 -32.03
C MET G 594 -28.01 -38.22 -33.31
N GLU G 595 -28.20 -39.28 -34.08
CA GLU G 595 -29.09 -39.30 -35.25
C GLU G 595 -30.47 -39.88 -34.91
N ILE G 596 -31.49 -39.37 -35.59
CA ILE G 596 -32.83 -39.95 -35.51
C ILE G 596 -33.41 -40.01 -36.93
N SER G 597 -33.41 -41.21 -37.51
CA SER G 597 -33.90 -41.41 -38.86
C SER G 597 -35.41 -41.63 -38.85
N PRO G 598 -36.07 -41.60 -40.05
CA PRO G 598 -37.51 -41.67 -40.06
C PRO G 598 -38.06 -42.89 -39.33
N GLN G 599 -39.02 -42.64 -38.45
CA GLN G 599 -39.71 -43.67 -37.67
C GLN G 599 -38.83 -44.36 -36.63
N GLN G 600 -37.62 -43.84 -36.45
CA GLN G 600 -36.69 -44.32 -35.42
C GLN G 600 -36.96 -43.61 -34.09
N THR G 601 -36.77 -44.33 -32.98
CA THR G 601 -36.70 -43.73 -31.63
C THR G 601 -35.26 -43.82 -31.14
N SER G 602 -34.68 -42.69 -30.76
CA SER G 602 -33.35 -42.64 -30.14
C SER G 602 -33.42 -41.91 -28.84
N SER G 603 -32.50 -42.25 -27.94
CA SER G 603 -32.43 -41.62 -26.65
C SER G 603 -30.99 -41.42 -26.16
N ILE G 604 -30.79 -40.41 -25.32
CA ILE G 604 -29.47 -40.11 -24.82
C ILE G 604 -29.60 -39.43 -23.45
N THR G 605 -28.65 -39.77 -22.57
CA THR G 605 -28.65 -39.33 -21.20
C THR G 605 -27.38 -38.51 -20.91
N PHE G 606 -27.54 -37.40 -20.20
CA PHE G 606 -26.40 -36.56 -19.76
C PHE G 606 -26.75 -35.82 -18.47
N VAL G 607 -25.76 -35.18 -17.84
CA VAL G 607 -25.98 -34.47 -16.60
C VAL G 607 -26.00 -33.00 -16.93
N ALA G 608 -27.04 -32.30 -16.46
CA ALA G 608 -27.12 -30.87 -16.67
C ALA G 608 -26.32 -30.15 -15.57
N ASP G 609 -25.01 -30.25 -15.65
CA ASP G 609 -24.13 -29.75 -14.58
C ASP G 609 -23.88 -28.25 -14.61
N LYS G 610 -24.37 -27.59 -15.67
CA LYS G 610 -24.07 -26.20 -15.90
C LYS G 610 -25.36 -25.38 -15.84
N PRO G 611 -25.47 -24.47 -14.86
CA PRO G 611 -26.66 -23.63 -14.77
C PRO G 611 -26.75 -22.74 -16.02
N GLY G 612 -27.93 -22.20 -16.30
CA GLY G 612 -28.08 -21.30 -17.44
C GLY G 612 -28.89 -21.83 -18.62
N LEU G 613 -28.87 -21.04 -19.69
CA LEU G 613 -29.59 -21.38 -20.91
C LEU G 613 -28.65 -22.19 -21.77
N HIS G 614 -29.11 -23.35 -22.22
CA HIS G 614 -28.28 -24.19 -23.06
C HIS G 614 -29.02 -24.66 -24.30
N TRP G 615 -28.50 -24.28 -25.46
CA TRP G 615 -29.15 -24.60 -26.71
C TRP G 615 -28.91 -26.03 -27.13
N TYR G 616 -29.95 -26.59 -27.74
CA TYR G 616 -29.83 -27.80 -28.52
C TYR G 616 -30.32 -27.55 -29.93
N TYR G 617 -29.77 -28.30 -30.89
CA TYR G 617 -30.10 -28.12 -32.29
C TYR G 617 -30.09 -29.45 -33.06
N CYS G 618 -30.68 -29.39 -34.24
CA CYS G 618 -30.72 -30.51 -35.15
C CYS G 618 -29.45 -30.44 -35.97
N SER G 619 -28.73 -31.55 -36.02
CA SER G 619 -27.47 -31.58 -36.73
C SER G 619 -27.63 -32.06 -38.17
N TRP G 620 -28.72 -32.77 -38.48
CA TRP G 620 -28.88 -33.37 -39.81
C TRP G 620 -29.73 -32.47 -40.69
N PHE G 621 -29.16 -31.99 -41.79
CA PHE G 621 -29.89 -31.09 -42.68
C PHE G 621 -31.15 -31.79 -43.20
N CYS G 622 -32.31 -31.22 -42.87
CA CYS G 622 -33.57 -31.94 -42.94
C CYS G 622 -34.66 -31.16 -43.65
N HIS G 623 -34.40 -29.88 -43.91
CA HIS G 623 -35.43 -28.92 -44.31
C HIS G 623 -34.76 -27.60 -44.67
N ALA G 624 -35.45 -26.77 -45.44
CA ALA G 624 -34.94 -25.42 -45.70
C ALA G 624 -34.79 -24.60 -44.39
N LEU G 625 -35.59 -24.95 -43.39
CA LEU G 625 -35.54 -24.29 -42.09
C LEU G 625 -34.76 -25.08 -41.03
N HIS G 626 -33.68 -25.74 -41.45
CA HIS G 626 -32.88 -26.58 -40.59
C HIS G 626 -32.06 -25.80 -39.57
N MET G 627 -31.50 -24.66 -39.99
CA MET G 627 -30.73 -23.81 -39.07
C MET G 627 -31.60 -23.41 -37.88
N GLU G 628 -32.89 -23.20 -38.16
CA GLU G 628 -33.85 -22.77 -37.16
C GLU G 628 -34.40 -23.92 -36.29
N MET G 629 -34.12 -25.19 -36.65
CA MET G 629 -34.63 -26.32 -35.85
C MET G 629 -33.83 -26.46 -34.55
N VAL G 630 -34.24 -25.71 -33.52
CA VAL G 630 -33.50 -25.63 -32.26
C VAL G 630 -34.44 -25.70 -31.06
N GLY G 631 -33.85 -25.80 -29.88
CA GLY G 631 -34.58 -25.79 -28.60
C GLY G 631 -33.70 -25.33 -27.45
N ARG G 632 -34.30 -25.13 -26.28
CA ARG G 632 -33.65 -24.53 -25.12
C ARG G 632 -33.77 -25.41 -23.91
N MET G 633 -32.64 -25.75 -23.31
CA MET G 633 -32.68 -26.38 -22.01
C MET G 633 -32.32 -25.30 -21.00
N MET G 634 -33.25 -25.00 -20.10
CA MET G 634 -32.99 -24.00 -19.08
C MET G 634 -32.67 -24.70 -17.78
N VAL G 635 -31.52 -24.34 -17.20
CA VAL G 635 -31.00 -25.01 -16.02
C VAL G 635 -30.96 -24.03 -14.83
N GLU G 636 -31.80 -24.28 -13.83
CA GLU G 636 -31.86 -23.42 -12.65
C GLU G 636 -30.58 -23.58 -11.82
N PRO G 637 -30.15 -22.51 -11.13
CA PRO G 637 -28.93 -22.51 -10.28
C PRO G 637 -29.02 -23.55 -9.18
N ALA G 638 -27.90 -24.16 -8.84
CA ALA G 638 -27.84 -25.06 -7.67
C ALA G 638 -28.05 -24.26 -6.39
N GLN H 58 -12.14 -32.26 -69.88
CA GLN H 58 -11.29 -32.25 -68.65
C GLN H 58 -11.37 -33.56 -67.87
N LYS H 59 -10.25 -34.27 -67.80
CA LYS H 59 -9.93 -35.19 -66.68
C LYS H 59 -10.95 -36.22 -66.14
N ILE H 60 -11.22 -36.07 -64.85
CA ILE H 60 -11.85 -37.03 -63.92
C ILE H 60 -11.17 -38.37 -63.69
N HIS H 61 -10.82 -39.10 -64.73
CA HIS H 61 -10.31 -40.47 -64.50
C HIS H 61 -8.81 -40.50 -64.18
N VAL H 62 -8.47 -40.92 -62.96
CA VAL H 62 -7.09 -41.03 -62.50
C VAL H 62 -6.75 -42.51 -62.38
N GLY H 63 -6.11 -43.07 -63.41
CA GLY H 63 -5.76 -44.48 -63.45
C GLY H 63 -4.67 -44.86 -62.45
N PRO H 64 -4.50 -46.18 -62.21
CA PRO H 64 -3.45 -46.65 -61.28
C PRO H 64 -2.10 -46.06 -61.64
N GLY H 65 -1.36 -45.54 -60.66
CA GLY H 65 -0.07 -44.95 -60.94
C GLY H 65 -0.10 -43.48 -61.32
N GLU H 66 -1.29 -42.98 -61.69
CA GLU H 66 -1.47 -41.55 -61.92
C GLU H 66 -1.85 -40.86 -60.61
N LEU H 67 -1.71 -39.53 -60.58
CA LEU H 67 -2.02 -38.75 -59.38
C LEU H 67 -3.09 -37.71 -59.65
N ASP H 68 -3.86 -37.39 -58.61
CA ASP H 68 -4.79 -36.26 -58.61
C ASP H 68 -4.02 -34.94 -58.73
N ASP H 69 -4.68 -33.87 -59.18
CA ASP H 69 -4.06 -32.55 -59.41
C ASP H 69 -4.30 -31.55 -58.27
N TYR H 70 -5.37 -31.77 -57.52
CA TYR H 70 -5.68 -30.94 -56.38
C TYR H 70 -5.85 -31.82 -55.17
N TYR H 71 -5.56 -31.24 -54.02
CA TYR H 71 -6.03 -31.75 -52.74
C TYR H 71 -7.42 -31.16 -52.45
N GLY H 72 -8.29 -31.98 -51.88
CA GLY H 72 -9.53 -31.49 -51.28
C GLY H 72 -9.46 -31.71 -49.78
N PHE H 73 -9.99 -30.75 -49.02
CA PHE H 73 -10.12 -30.88 -47.57
C PHE H 73 -11.59 -30.70 -47.22
N TRP H 74 -12.22 -31.81 -46.83
CA TRP H 74 -13.66 -31.89 -46.55
C TRP H 74 -13.88 -31.80 -45.06
N SER H 75 -14.93 -31.09 -44.65
CA SER H 75 -15.41 -31.17 -43.27
C SER H 75 -16.02 -32.54 -43.09
N GLY H 76 -15.88 -33.10 -41.88
CA GLY H 76 -16.47 -34.39 -41.56
C GLY H 76 -17.86 -34.26 -40.97
N GLY H 77 -18.41 -33.05 -41.08
CA GLY H 77 -19.69 -32.71 -40.49
C GLY H 77 -19.83 -33.15 -39.05
N HIS H 78 -20.95 -33.82 -38.79
CA HIS H 78 -21.36 -34.27 -37.45
C HIS H 78 -20.46 -35.36 -36.94
N GLN H 79 -19.62 -35.88 -37.82
CA GLN H 79 -18.69 -36.93 -37.44
C GLN H 79 -17.41 -36.37 -36.80
N GLY H 80 -17.04 -35.13 -37.12
CA GLY H 80 -16.00 -34.43 -36.36
C GLY H 80 -14.56 -34.42 -36.87
N GLU H 81 -14.25 -35.24 -37.87
CA GLU H 81 -12.91 -35.24 -38.45
C GLU H 81 -12.80 -34.29 -39.68
N VAL H 82 -11.58 -34.18 -40.23
CA VAL H 82 -11.38 -33.50 -41.52
C VAL H 82 -10.94 -34.61 -42.48
N ARG H 83 -11.49 -34.63 -43.69
CA ARG H 83 -11.01 -35.63 -44.65
C ARG H 83 -10.18 -35.04 -45.79
N VAL H 84 -9.12 -35.75 -46.15
CA VAL H 84 -8.26 -35.32 -47.27
C VAL H 84 -8.60 -36.18 -48.48
N LEU H 85 -9.07 -35.56 -49.57
CA LEU H 85 -9.30 -36.28 -50.82
C LEU H 85 -8.35 -35.83 -51.91
N GLY H 86 -8.22 -36.66 -52.94
CA GLY H 86 -7.62 -36.22 -54.20
C GLY H 86 -8.70 -35.79 -55.18
N VAL H 87 -8.49 -34.66 -55.84
CA VAL H 87 -9.39 -34.23 -56.91
C VAL H 87 -8.64 -34.31 -58.26
N PRO H 88 -9.27 -34.88 -59.31
CA PRO H 88 -10.69 -35.17 -59.45
C PRO H 88 -11.15 -36.63 -59.26
N SER H 89 -10.30 -37.52 -58.77
CA SER H 89 -10.78 -38.88 -58.48
C SER H 89 -11.87 -38.90 -57.40
N MET H 90 -11.82 -37.91 -56.50
CA MET H 90 -12.72 -37.80 -55.35
C MET H 90 -12.52 -38.93 -54.33
N ARG H 91 -11.35 -39.58 -54.36
CA ARG H 91 -11.01 -40.61 -53.38
C ARG H 91 -10.46 -40.02 -52.08
N GLU H 92 -10.81 -40.64 -50.96
CA GLU H 92 -10.36 -40.22 -49.66
C GLU H 92 -8.98 -40.78 -49.32
N LEU H 93 -7.99 -39.91 -49.26
CA LEU H 93 -6.60 -40.30 -49.07
C LEU H 93 -6.26 -40.43 -47.60
N MET H 94 -6.91 -39.61 -46.77
CA MET H 94 -6.56 -39.52 -45.35
C MET H 94 -7.72 -38.96 -44.56
N ARG H 95 -7.79 -39.40 -43.31
CA ARG H 95 -8.73 -38.86 -42.32
C ARG H 95 -7.88 -38.24 -41.23
N ILE H 96 -8.16 -36.98 -40.89
CA ILE H 96 -7.44 -36.32 -39.82
C ILE H 96 -8.39 -36.16 -38.64
N PRO H 97 -8.09 -36.85 -37.53
CA PRO H 97 -8.94 -36.76 -36.37
C PRO H 97 -8.82 -35.38 -35.78
N VAL H 98 -9.94 -34.84 -35.32
CA VAL H 98 -9.97 -33.48 -34.81
C VAL H 98 -10.85 -33.46 -33.56
N PHE H 99 -12.18 -33.51 -33.74
CA PHE H 99 -13.10 -33.50 -32.60
C PHE H 99 -13.59 -34.90 -32.24
N ASN H 100 -13.45 -35.83 -33.19
CA ASN H 100 -13.78 -37.23 -32.94
C ASN H 100 -12.64 -37.90 -32.19
N VAL H 101 -12.92 -39.03 -31.55
CA VAL H 101 -11.92 -39.90 -30.97
C VAL H 101 -11.57 -40.93 -32.05
N ASP H 102 -10.29 -41.05 -32.41
CA ASP H 102 -9.91 -42.03 -33.43
C ASP H 102 -9.20 -43.23 -32.84
N SER H 103 -9.83 -44.39 -32.97
CA SER H 103 -9.30 -45.64 -32.43
C SER H 103 -7.95 -45.98 -33.07
N ALA H 104 -7.83 -45.68 -34.37
CA ALA H 104 -6.66 -46.06 -35.14
C ALA H 104 -5.39 -45.34 -34.68
N THR H 105 -5.41 -44.00 -34.70
CA THR H 105 -4.22 -43.23 -34.38
C THR H 105 -4.12 -42.95 -32.90
N GLY H 106 -5.21 -43.14 -32.18
CA GLY H 106 -5.24 -42.86 -30.74
C GLY H 106 -5.55 -41.41 -30.41
N TRP H 107 -5.99 -40.62 -31.40
CA TRP H 107 -6.37 -39.24 -31.17
C TRP H 107 -7.59 -39.20 -30.28
N GLY H 108 -7.44 -38.55 -29.14
CA GLY H 108 -8.46 -38.62 -28.08
C GLY H 108 -8.01 -39.54 -26.96
N LEU H 109 -7.04 -40.40 -27.25
CA LEU H 109 -6.55 -41.38 -26.28
C LEU H 109 -5.11 -41.10 -25.85
N THR H 110 -4.23 -40.74 -26.78
CA THR H 110 -2.83 -40.46 -26.46
C THR H 110 -2.68 -39.20 -25.58
N ASN H 111 -1.60 -39.11 -24.80
CA ASN H 111 -1.33 -37.90 -24.04
C ASN H 111 -1.08 -36.66 -24.92
N GLU H 112 -0.41 -36.85 -26.05
CA GLU H 112 -0.13 -35.73 -26.96
C GLU H 112 -1.43 -35.08 -27.46
N SER H 113 -2.41 -35.92 -27.83
CA SER H 113 -3.69 -35.44 -28.33
C SER H 113 -4.56 -34.85 -27.23
N ARG H 114 -4.62 -35.49 -26.07
CA ARG H 114 -5.40 -34.96 -24.94
C ARG H 114 -4.87 -33.59 -24.47
N HIS H 115 -3.54 -33.42 -24.50
CA HIS H 115 -2.90 -32.16 -24.19
C HIS H 115 -3.27 -31.07 -25.22
N ILE H 116 -3.41 -31.43 -26.49
CA ILE H 116 -3.86 -30.47 -27.52
C ILE H 116 -5.32 -30.05 -27.28
N MET H 117 -6.13 -31.00 -26.83
CA MET H 117 -7.55 -30.76 -26.65
C MET H 117 -7.87 -30.00 -25.35
N GLY H 118 -6.98 -30.05 -24.36
CA GLY H 118 -7.26 -29.45 -23.05
C GLY H 118 -8.45 -30.13 -22.40
N ASP H 119 -9.22 -29.37 -21.62
CA ASP H 119 -10.35 -29.98 -20.88
C ASP H 119 -11.41 -30.56 -21.82
N SER H 120 -11.44 -30.07 -23.07
CA SER H 120 -12.45 -30.48 -24.04
C SER H 120 -12.23 -31.91 -24.52
N ALA H 121 -11.12 -32.51 -24.09
CA ALA H 121 -10.82 -33.93 -24.36
C ALA H 121 -11.83 -34.84 -23.71
N LYS H 122 -12.62 -34.32 -22.78
CA LYS H 122 -13.69 -35.13 -22.19
C LYS H 122 -14.89 -35.29 -23.18
N PHE H 123 -14.95 -34.50 -24.23
CA PHE H 123 -16.01 -34.62 -25.23
C PHE H 123 -15.62 -35.59 -26.32
N LEU H 124 -16.58 -36.42 -26.72
CA LEU H 124 -16.34 -37.46 -27.72
C LEU H 124 -16.95 -37.06 -29.06
N ASN H 125 -17.47 -35.83 -29.15
CA ASN H 125 -18.14 -35.37 -30.36
C ASN H 125 -17.69 -34.00 -30.80
N GLY H 126 -18.01 -33.71 -32.05
CA GLY H 126 -17.85 -32.39 -32.62
C GLY H 126 -18.73 -32.27 -33.85
N ASP H 127 -18.85 -31.04 -34.33
CA ASP H 127 -19.69 -30.79 -35.48
C ASP H 127 -19.04 -29.71 -36.33
N CYS H 128 -18.38 -30.12 -37.40
CA CYS H 128 -17.63 -29.14 -38.19
C CYS H 128 -18.19 -28.95 -39.56
N HIS H 129 -17.98 -27.77 -40.13
CA HIS H 129 -18.74 -27.34 -41.27
C HIS H 129 -17.84 -26.70 -42.30
N HIS H 130 -16.88 -25.91 -41.82
CA HIS H 130 -16.16 -24.90 -42.62
C HIS H 130 -14.63 -24.98 -42.54
N PRO H 131 -14.01 -25.76 -43.44
CA PRO H 131 -12.56 -25.85 -43.38
C PRO H 131 -11.91 -24.76 -44.25
N HIS H 132 -10.85 -24.14 -43.75
CA HIS H 132 -10.22 -23.04 -44.49
C HIS H 132 -8.69 -23.04 -44.40
N ILE H 133 -8.04 -22.77 -45.52
CA ILE H 133 -6.56 -22.79 -45.62
C ILE H 133 -5.99 -21.39 -45.48
N SER H 134 -4.94 -21.27 -44.66
CA SER H 134 -4.30 -19.99 -44.36
C SER H 134 -3.75 -19.34 -45.62
N MET H 135 -3.65 -18.01 -45.61
CA MET H 135 -3.37 -17.24 -46.83
C MET H 135 -2.31 -16.18 -46.60
N THR H 136 -1.56 -15.89 -47.64
CA THR H 136 -0.60 -14.76 -47.61
C THR H 136 -0.85 -14.01 -48.92
N ASP H 137 -1.07 -12.71 -48.83
CA ASP H 137 -1.38 -11.87 -49.99
C ASP H 137 -2.54 -12.42 -50.85
N GLY H 138 -3.60 -12.87 -50.16
CA GLY H 138 -4.82 -13.39 -50.84
C GLY H 138 -4.61 -14.64 -51.67
N LYS H 139 -3.59 -15.42 -51.34
CA LYS H 139 -3.31 -16.69 -52.01
C LYS H 139 -3.04 -17.73 -50.94
N TYR H 140 -3.41 -18.99 -51.17
CA TYR H 140 -3.10 -20.02 -50.17
C TYR H 140 -1.60 -20.16 -49.96
N ASP H 141 -1.19 -20.26 -48.71
CA ASP H 141 0.22 -20.47 -48.40
C ASP H 141 0.51 -21.88 -47.85
N GLY H 142 -0.55 -22.69 -47.72
CA GLY H 142 -0.43 -24.10 -47.40
C GLY H 142 0.11 -24.44 -46.03
N LYS H 143 0.11 -23.48 -45.12
CA LYS H 143 0.57 -23.78 -43.74
C LYS H 143 -0.48 -24.48 -42.85
N TYR H 144 -1.65 -23.88 -42.74
CA TYR H 144 -2.64 -24.33 -41.78
C TYR H 144 -4.01 -24.48 -42.40
N LEU H 145 -4.79 -25.39 -41.84
CA LEU H 145 -6.23 -25.45 -42.05
C LEU H 145 -6.88 -25.21 -40.71
N PHE H 146 -7.94 -24.40 -40.70
CA PHE H 146 -8.73 -24.22 -39.50
C PHE H 146 -10.15 -24.73 -39.73
N ILE H 147 -10.82 -25.14 -38.66
CA ILE H 147 -12.19 -25.65 -38.77
C ILE H 147 -12.93 -25.42 -37.46
N ASN H 148 -14.24 -25.15 -37.58
CA ASN H 148 -15.12 -24.93 -36.44
C ASN H 148 -15.62 -26.23 -35.77
N ASP H 149 -16.12 -26.12 -34.54
CA ASP H 149 -16.93 -27.14 -33.88
C ASP H 149 -18.16 -26.46 -33.32
N LYS H 150 -19.32 -26.74 -33.92
CA LYS H 150 -20.57 -26.11 -33.50
C LYS H 150 -21.10 -26.75 -32.22
N ALA H 151 -20.73 -28.03 -32.02
CA ALA H 151 -21.27 -28.84 -30.92
C ALA H 151 -20.70 -28.42 -29.57
N ASN H 152 -19.37 -28.33 -29.48
CA ASN H 152 -18.75 -27.90 -28.24
C ASN H 152 -17.96 -26.60 -28.29
N SER H 153 -18.27 -25.78 -29.29
CA SER H 153 -17.87 -24.36 -29.36
C SER H 153 -16.35 -24.14 -29.45
N ARG H 154 -15.75 -24.78 -30.45
CA ARG H 154 -14.30 -24.86 -30.53
C ARG H 154 -13.83 -24.44 -31.90
N VAL H 155 -12.57 -24.02 -31.97
CA VAL H 155 -11.86 -23.89 -33.22
C VAL H 155 -10.62 -24.77 -33.14
N ALA H 156 -10.29 -25.47 -34.23
CA ALA H 156 -9.09 -26.27 -34.32
C ALA H 156 -8.21 -25.88 -35.51
N ARG H 157 -6.90 -26.08 -35.35
CA ARG H 157 -5.90 -25.87 -36.38
C ARG H 157 -5.22 -27.17 -36.74
N ILE H 158 -5.12 -27.44 -38.04
CA ILE H 158 -4.40 -28.62 -38.57
C ILE H 158 -3.16 -28.09 -39.24
N ARG H 159 -2.02 -28.67 -38.92
CA ARG H 159 -0.80 -28.32 -39.64
C ARG H 159 -0.75 -29.14 -40.92
N LEU H 160 -0.75 -28.45 -42.06
CA LEU H 160 -0.78 -29.10 -43.36
C LEU H 160 0.53 -29.78 -43.75
N ASP H 161 1.56 -29.68 -42.92
CA ASP H 161 2.78 -30.41 -43.25
C ASP H 161 2.79 -31.81 -42.66
N ILE H 162 2.13 -31.99 -41.52
CA ILE H 162 2.00 -33.34 -40.92
C ILE H 162 0.59 -33.92 -41.06
N MET H 163 -0.36 -33.10 -41.51
CA MET H 163 -1.78 -33.51 -41.61
C MET H 163 -2.30 -34.04 -40.28
N LYS H 164 -2.07 -33.24 -39.22
CA LYS H 164 -2.53 -33.52 -37.88
C LYS H 164 -3.12 -32.24 -37.32
N CYS H 165 -4.07 -32.35 -36.38
CA CYS H 165 -4.47 -31.22 -35.55
C CYS H 165 -3.37 -30.90 -34.53
N ASP H 166 -2.84 -29.67 -34.54
CA ASP H 166 -1.84 -29.30 -33.56
C ASP H 166 -2.30 -28.33 -32.46
N LYS H 167 -3.46 -27.71 -32.66
CA LYS H 167 -3.97 -26.72 -31.70
C LYS H 167 -5.50 -26.72 -31.67
N MET H 168 -6.05 -26.33 -30.53
CA MET H 168 -7.49 -26.34 -30.34
C MET H 168 -7.80 -25.39 -29.23
N ILE H 169 -8.92 -24.69 -29.35
CA ILE H 169 -9.35 -23.75 -28.33
C ILE H 169 -10.86 -23.82 -28.19
N THR H 170 -11.35 -23.81 -26.96
CA THR H 170 -12.77 -23.55 -26.65
C THR H 170 -12.96 -22.02 -26.55
N VAL H 171 -13.84 -21.47 -27.39
CA VAL H 171 -14.11 -20.04 -27.36
C VAL H 171 -14.92 -19.67 -26.12
N PRO H 172 -14.41 -18.72 -25.33
CA PRO H 172 -15.06 -18.42 -24.03
C PRO H 172 -16.31 -17.57 -24.20
N ASN H 173 -17.31 -17.85 -23.37
CA ASN H 173 -18.49 -16.99 -23.22
C ASN H 173 -19.38 -16.94 -24.44
N VAL H 174 -19.43 -18.06 -25.19
CA VAL H 174 -20.30 -18.21 -26.34
C VAL H 174 -20.83 -19.65 -26.46
N GLN H 175 -21.92 -19.80 -27.22
CA GLN H 175 -22.43 -21.12 -27.60
C GLN H 175 -22.48 -21.29 -29.10
N ALA H 176 -21.86 -22.38 -29.58
CA ALA H 176 -21.94 -22.88 -30.95
C ALA H 176 -21.12 -22.11 -31.98
N ILE H 177 -19.88 -22.55 -32.21
CA ILE H 177 -19.02 -21.93 -33.24
C ILE H 177 -19.36 -22.52 -34.58
N HIS H 178 -19.84 -21.69 -35.49
CA HIS H 178 -20.36 -22.21 -36.74
C HIS H 178 -19.66 -21.62 -37.97
N GLY H 179 -20.10 -20.44 -38.42
CA GLY H 179 -19.36 -19.68 -39.44
C GLY H 179 -17.89 -19.49 -39.06
N LEU H 180 -16.99 -19.73 -40.00
CA LEU H 180 -15.57 -19.53 -39.78
C LEU H 180 -14.95 -19.16 -41.10
N ARG H 181 -14.10 -18.13 -41.11
CA ARG H 181 -13.25 -17.86 -42.27
C ARG H 181 -12.00 -17.10 -41.88
N LEU H 182 -11.07 -16.98 -42.82
CA LEU H 182 -9.73 -16.47 -42.51
C LEU H 182 -9.46 -15.11 -43.11
N GLN H 183 -8.64 -14.34 -42.41
CA GLN H 183 -8.13 -13.10 -42.98
C GLN H 183 -7.32 -13.45 -44.23
N LYS H 184 -7.48 -12.67 -45.29
CA LYS H 184 -6.84 -12.97 -46.57
C LYS H 184 -5.52 -12.22 -46.77
N VAL H 185 -5.47 -10.98 -46.28
CA VAL H 185 -4.46 -10.00 -46.67
C VAL H 185 -4.20 -9.13 -45.45
N PRO H 186 -2.94 -8.81 -45.12
CA PRO H 186 -1.66 -9.20 -45.76
C PRO H 186 -1.42 -10.70 -45.65
N HIS H 187 -1.98 -11.33 -44.62
CA HIS H 187 -1.95 -12.78 -44.44
C HIS H 187 -2.98 -13.19 -43.41
N THR H 188 -3.11 -14.50 -43.15
CA THR H 188 -4.03 -14.97 -42.10
C THR H 188 -3.46 -14.67 -40.71
N LYS H 189 -3.73 -13.46 -40.22
CA LYS H 189 -3.41 -13.13 -38.83
C LYS H 189 -4.53 -13.58 -37.91
N TYR H 190 -5.77 -13.31 -38.35
CA TYR H 190 -6.94 -13.68 -37.59
C TYR H 190 -7.72 -14.83 -38.18
N VAL H 191 -8.19 -15.69 -37.29
CA VAL H 191 -9.23 -16.62 -37.62
C VAL H 191 -10.52 -15.96 -37.14
N PHE H 192 -11.47 -15.75 -38.05
CA PHE H 192 -12.77 -15.21 -37.63
C PHE H 192 -13.77 -16.33 -37.45
N ALA H 193 -14.52 -16.28 -36.35
CA ALA H 193 -15.49 -17.33 -36.03
C ALA H 193 -16.76 -16.75 -35.40
N ASN H 194 -17.90 -17.15 -35.94
CA ASN H 194 -19.21 -16.79 -35.41
C ASN H 194 -19.66 -17.75 -34.30
N ALA H 195 -20.14 -17.18 -33.19
CA ALA H 195 -20.99 -17.91 -32.25
C ALA H 195 -22.46 -17.70 -32.65
N GLU H 196 -23.13 -18.78 -33.01
CA GLU H 196 -24.47 -18.72 -33.60
C GLU H 196 -25.64 -18.34 -32.67
N PHE H 197 -25.51 -18.71 -31.39
CA PHE H 197 -26.65 -18.69 -30.48
C PHE H 197 -26.55 -17.60 -29.41
N ILE H 198 -27.68 -16.89 -29.24
CA ILE H 198 -27.81 -15.84 -28.25
C ILE H 198 -27.91 -16.46 -26.85
N ILE H 199 -27.07 -16.01 -25.93
CA ILE H 199 -27.10 -16.51 -24.56
C ILE H 199 -27.01 -15.36 -23.50
N PRO H 200 -27.53 -15.60 -22.27
CA PRO H 200 -27.37 -14.58 -21.25
C PRO H 200 -25.94 -14.45 -20.80
N HIS H 201 -25.56 -13.24 -20.38
CA HIS H 201 -24.22 -12.96 -19.82
C HIS H 201 -24.30 -12.18 -18.53
N PRO H 202 -23.99 -12.82 -17.38
CA PRO H 202 -23.54 -14.19 -17.20
C PRO H 202 -24.66 -15.20 -17.41
N ASN H 203 -24.29 -16.38 -17.91
CA ASN H 203 -25.22 -17.46 -18.09
C ASN H 203 -25.28 -18.26 -16.79
N ASP H 204 -25.90 -17.67 -15.76
CA ASP H 204 -25.84 -18.23 -14.41
C ASP H 204 -27.12 -18.93 -13.97
N GLY H 205 -28.17 -18.81 -14.78
CA GLY H 205 -29.44 -19.43 -14.51
C GLY H 205 -30.45 -18.45 -13.95
N LYS H 206 -30.05 -17.19 -13.83
CA LYS H 206 -30.97 -16.20 -13.28
C LYS H 206 -31.82 -15.56 -14.36
N VAL H 207 -31.24 -15.36 -15.55
CA VAL H 207 -31.98 -14.79 -16.67
C VAL H 207 -31.90 -15.77 -17.85
N PHE H 208 -33.07 -16.06 -18.46
CA PHE H 208 -33.13 -16.92 -19.62
C PHE H 208 -33.54 -16.15 -20.87
N ASP H 209 -34.08 -14.95 -20.66
CA ASP H 209 -34.70 -14.14 -21.72
C ASP H 209 -33.70 -13.60 -22.75
N LEU H 210 -33.98 -13.85 -24.02
CA LEU H 210 -33.10 -13.49 -25.15
C LEU H 210 -33.13 -11.98 -25.42
N GLN H 211 -34.20 -11.32 -24.99
CA GLN H 211 -34.33 -9.88 -25.20
C GLN H 211 -33.72 -9.10 -24.03
N ASP H 212 -33.16 -9.81 -23.04
CA ASP H 212 -32.50 -9.12 -21.93
C ASP H 212 -31.31 -8.36 -22.47
N GLU H 213 -31.03 -7.22 -21.85
N GLU H 213 -31.07 -7.21 -21.84
CA GLU H 213 -29.94 -6.33 -22.26
CA GLU H 213 -29.96 -6.30 -22.10
C GLU H 213 -28.57 -7.02 -22.30
C GLU H 213 -28.61 -7.00 -22.26
N ASN H 214 -28.36 -8.01 -21.43
CA ASN H 214 -27.09 -8.77 -21.44
C ASN H 214 -27.20 -10.16 -22.11
N SER H 215 -28.24 -10.35 -22.91
CA SER H 215 -28.33 -11.54 -23.76
C SER H 215 -27.92 -11.18 -25.18
N TYR H 216 -26.94 -11.92 -25.70
CA TYR H 216 -26.29 -11.59 -26.98
C TYR H 216 -25.32 -12.68 -27.38
N THR H 217 -24.87 -12.65 -28.63
CA THR H 217 -23.75 -13.47 -29.07
C THR H 217 -22.63 -12.57 -29.54
N MET H 218 -21.48 -13.17 -29.86
CA MET H 218 -20.29 -12.41 -30.23
C MET H 218 -19.58 -12.98 -31.44
N TYR H 219 -18.94 -12.07 -32.16
CA TYR H 219 -18.01 -12.39 -33.21
C TYR H 219 -16.63 -12.55 -32.57
N ASN H 220 -15.86 -13.52 -33.05
CA ASN H 220 -14.66 -13.97 -32.37
C ASN H 220 -13.46 -13.93 -33.30
N ALA H 221 -12.35 -13.35 -32.83
CA ALA H 221 -11.10 -13.33 -33.61
C ALA H 221 -10.00 -14.07 -32.83
N ILE H 222 -9.37 -15.03 -33.50
CA ILE H 222 -8.37 -15.88 -32.88
C ILE H 222 -7.09 -15.61 -33.62
N ASP H 223 -6.00 -15.44 -32.88
CA ASP H 223 -4.71 -15.19 -33.50
C ASP H 223 -4.34 -16.53 -34.16
N ALA H 224 -4.12 -16.51 -35.47
CA ALA H 224 -3.94 -17.75 -36.21
C ALA H 224 -2.70 -18.54 -35.78
N GLU H 225 -1.66 -17.83 -35.37
CA GLU H 225 -0.37 -18.41 -35.03
C GLU H 225 -0.28 -18.96 -33.61
N THR H 226 -0.90 -18.28 -32.65
CA THR H 226 -0.84 -18.69 -31.25
C THR H 226 -2.05 -19.52 -30.86
N MET H 227 -3.12 -19.37 -31.65
CA MET H 227 -4.41 -20.04 -31.38
C MET H 227 -4.99 -19.64 -30.01
N GLU H 228 -4.75 -18.38 -29.67
CA GLU H 228 -5.28 -17.76 -28.46
C GLU H 228 -6.28 -16.72 -28.93
N MET H 229 -7.26 -16.42 -28.11
CA MET H 229 -8.22 -15.38 -28.47
C MET H 229 -7.51 -14.04 -28.63
N ALA H 230 -7.88 -13.31 -29.69
CA ALA H 230 -7.46 -11.92 -29.86
C ALA H 230 -8.52 -10.93 -29.36
N PHE H 231 -9.76 -11.10 -29.77
CA PHE H 231 -10.83 -10.26 -29.26
C PHE H 231 -12.21 -10.83 -29.55
N GLN H 232 -13.23 -10.19 -29.01
CA GLN H 232 -14.61 -10.59 -29.21
C GLN H 232 -15.45 -9.33 -29.39
N VAL H 233 -16.41 -9.38 -30.31
CA VAL H 233 -17.30 -8.24 -30.56
C VAL H 233 -18.76 -8.59 -30.37
N ILE H 234 -19.38 -7.95 -29.39
CA ILE H 234 -20.77 -8.16 -29.13
C ILE H 234 -21.57 -7.61 -30.30
N VAL H 235 -22.52 -8.39 -30.79
CA VAL H 235 -23.40 -7.94 -31.88
C VAL H 235 -24.88 -8.05 -31.52
N ASP H 236 -25.70 -7.25 -32.20
CA ASP H 236 -27.15 -7.44 -32.19
C ASP H 236 -27.47 -8.75 -32.94
N GLY H 237 -28.68 -9.27 -32.75
CA GLY H 237 -29.14 -10.44 -33.48
C GLY H 237 -28.18 -11.59 -33.29
N ASN H 238 -27.92 -12.34 -34.36
CA ASN H 238 -27.01 -13.45 -34.26
C ASN H 238 -26.03 -13.49 -35.43
N LEU H 239 -25.38 -14.63 -35.62
CA LEU H 239 -24.31 -14.81 -36.59
C LEU H 239 -24.39 -16.18 -37.27
N ASP H 240 -24.35 -16.21 -38.60
CA ASP H 240 -24.43 -17.47 -39.35
C ASP H 240 -23.09 -17.82 -40.03
N ASN H 241 -22.84 -17.27 -41.22
CA ASN H 241 -21.54 -17.43 -41.90
C ASN H 241 -20.73 -16.10 -41.92
N THR H 242 -19.46 -16.15 -42.30
CA THR H 242 -18.61 -14.97 -42.33
C THR H 242 -17.58 -15.05 -43.45
N ASP H 243 -17.12 -13.89 -43.95
CA ASP H 243 -15.94 -13.82 -44.84
C ASP H 243 -15.19 -12.52 -44.57
N ALA H 244 -14.05 -12.35 -45.21
CA ALA H 244 -13.19 -11.20 -45.01
C ALA H 244 -12.87 -10.59 -46.38
N ASP H 245 -12.38 -9.35 -46.37
CA ASP H 245 -12.04 -8.69 -47.62
C ASP H 245 -10.62 -9.03 -48.06
N TYR H 246 -10.16 -8.34 -49.10
CA TYR H 246 -8.80 -8.48 -49.60
C TYR H 246 -7.92 -7.29 -49.17
N THR H 247 -8.17 -6.74 -47.98
CA THR H 247 -7.29 -5.71 -47.42
C THR H 247 -6.87 -5.98 -45.98
N GLY H 248 -7.72 -6.68 -45.23
CA GLY H 248 -7.51 -6.88 -43.81
C GLY H 248 -8.32 -5.94 -42.93
N ARG H 249 -8.93 -4.93 -43.53
CA ARG H 249 -9.74 -3.97 -42.74
C ARG H 249 -11.14 -4.49 -42.40
N PHE H 250 -11.83 -5.03 -43.39
CA PHE H 250 -13.21 -5.43 -43.16
C PHE H 250 -13.42 -6.93 -43.05
N ALA H 251 -14.43 -7.31 -42.27
CA ALA H 251 -14.99 -8.66 -42.27
C ALA H 251 -16.50 -8.52 -42.21
N ALA H 252 -17.21 -9.54 -42.66
CA ALA H 252 -18.67 -9.48 -42.65
C ALA H 252 -19.27 -10.80 -42.24
N ALA H 253 -20.47 -10.75 -41.68
CA ALA H 253 -21.20 -11.97 -41.30
C ALA H 253 -22.67 -11.79 -41.56
N THR H 254 -23.33 -12.89 -41.92
CA THR H 254 -24.79 -12.94 -42.02
C THR H 254 -25.43 -13.16 -40.66
N CYS H 255 -26.70 -12.75 -40.56
CA CYS H 255 -27.51 -12.94 -39.37
C CYS H 255 -28.92 -13.32 -39.82
N TYR H 256 -29.51 -14.31 -39.15
CA TYR H 256 -30.87 -14.71 -39.45
C TYR H 256 -31.84 -14.47 -38.31
N ASN H 257 -31.31 -14.09 -37.15
CA ASN H 257 -32.17 -13.92 -35.96
C ASN H 257 -32.04 -12.51 -35.40
N SER H 258 -32.31 -11.50 -36.20
CA SER H 258 -32.29 -10.12 -35.71
C SER H 258 -33.41 -9.89 -34.70
N GLU H 259 -34.41 -10.76 -34.77
CA GLU H 259 -35.57 -10.76 -33.91
C GLU H 259 -35.25 -11.22 -32.48
N LYS H 260 -34.08 -11.83 -32.29
CA LYS H 260 -33.73 -12.49 -31.03
C LYS H 260 -34.83 -13.44 -30.53
N ALA H 261 -35.39 -14.24 -31.45
CA ALA H 261 -36.51 -15.15 -31.15
C ALA H 261 -36.06 -16.60 -30.90
N PHE H 262 -36.83 -17.35 -30.13
CA PHE H 262 -36.58 -18.80 -30.01
C PHE H 262 -37.52 -19.67 -30.89
N ASP H 263 -38.65 -19.10 -31.28
CA ASP H 263 -39.67 -19.85 -31.99
C ASP H 263 -39.47 -19.65 -33.48
N LEU H 264 -39.87 -20.65 -34.25
CA LEU H 264 -39.64 -20.63 -35.68
C LEU H 264 -40.26 -19.40 -36.37
N GLY H 265 -41.55 -19.18 -36.14
CA GLY H 265 -42.25 -18.02 -36.69
C GLY H 265 -41.51 -16.73 -36.38
N GLY H 266 -41.16 -16.51 -35.10
CA GLY H 266 -40.43 -15.32 -34.68
C GLY H 266 -39.13 -15.10 -35.46
N MET H 267 -38.41 -16.18 -35.77
CA MET H 267 -37.08 -16.04 -36.42
C MET H 267 -37.18 -15.61 -37.88
N MET H 268 -38.38 -15.67 -38.45
CA MET H 268 -38.62 -15.29 -39.84
C MET H 268 -39.53 -14.07 -39.94
N ARG H 269 -39.70 -13.32 -38.85
CA ARG H 269 -40.69 -12.24 -38.85
C ARG H 269 -40.22 -11.06 -39.70
N ASN H 270 -38.95 -10.68 -39.56
CA ASN H 270 -38.45 -9.47 -40.20
C ASN H 270 -38.26 -9.72 -41.69
N GLU H 271 -38.74 -8.78 -42.51
CA GLU H 271 -38.54 -8.86 -43.93
C GLU H 271 -37.03 -8.89 -44.28
N ARG H 272 -36.23 -8.14 -43.52
CA ARG H 272 -34.78 -8.25 -43.58
C ARG H 272 -34.16 -8.54 -42.21
N ASP H 273 -33.12 -9.37 -42.22
CA ASP H 273 -32.14 -9.34 -41.16
C ASP H 273 -30.98 -8.50 -41.71
N TRP H 274 -29.75 -8.99 -41.66
CA TRP H 274 -28.64 -8.18 -42.14
C TRP H 274 -27.39 -8.98 -42.36
N VAL H 275 -26.45 -8.37 -43.07
CA VAL H 275 -25.04 -8.69 -42.86
C VAL H 275 -24.42 -7.57 -42.06
N VAL H 276 -23.77 -7.96 -40.98
CA VAL H 276 -23.07 -7.03 -40.11
C VAL H 276 -21.66 -6.95 -40.62
N VAL H 277 -21.21 -5.72 -40.92
CA VAL H 277 -19.86 -5.50 -41.36
C VAL H 277 -18.94 -4.99 -40.20
N PHE H 278 -17.83 -5.68 -39.98
CA PHE H 278 -16.84 -5.26 -38.98
C PHE H 278 -15.71 -4.42 -39.61
N ASP H 279 -15.42 -3.27 -39.02
CA ASP H 279 -14.18 -2.53 -39.28
C ASP H 279 -13.16 -3.09 -38.27
N ILE H 280 -12.39 -4.09 -38.69
CA ILE H 280 -11.35 -4.70 -37.83
C ILE H 280 -10.24 -3.72 -37.41
N HIS H 281 -9.88 -2.78 -38.29
CA HIS H 281 -8.92 -1.71 -37.92
C HIS H 281 -9.36 -0.94 -36.67
N ALA H 282 -10.64 -0.56 -36.63
CA ALA H 282 -11.20 0.17 -35.48
C ALA H 282 -11.19 -0.70 -34.23
N VAL H 283 -11.56 -1.97 -34.38
CA VAL H 283 -11.47 -2.92 -33.26
C VAL H 283 -10.05 -3.02 -32.69
N GLU H 284 -9.08 -3.14 -33.58
CA GLU H 284 -7.69 -3.26 -33.15
C GLU H 284 -7.29 -2.02 -32.37
N ALA H 285 -7.73 -0.86 -32.83
CA ALA H 285 -7.36 0.41 -32.20
C ALA H 285 -7.91 0.48 -30.78
N ALA H 286 -9.15 0.03 -30.59
CA ALA H 286 -9.75 0.00 -29.24
C ALA H 286 -9.02 -0.96 -28.30
N VAL H 287 -8.68 -2.15 -28.78
CA VAL H 287 -7.88 -3.10 -28.00
C VAL H 287 -6.54 -2.48 -27.56
N LYS H 288 -5.77 -1.95 -28.51
CA LYS H 288 -4.51 -1.23 -28.20
C LYS H 288 -4.70 -0.15 -27.13
N ALA H 289 -5.84 0.53 -27.15
CA ALA H 289 -6.13 1.61 -26.19
C ALA H 289 -6.63 1.10 -24.83
N GLY H 290 -6.90 -0.21 -24.72
CA GLY H 290 -7.49 -0.75 -23.48
C GLY H 290 -8.95 -0.35 -23.32
N ASP H 291 -9.59 0.00 -24.42
CA ASP H 291 -10.98 0.48 -24.45
C ASP H 291 -11.93 -0.71 -24.66
N PHE H 292 -11.99 -1.61 -23.68
CA PHE H 292 -12.76 -2.85 -23.79
C PHE H 292 -13.15 -3.37 -22.41
N ILE H 293 -13.99 -4.41 -22.37
CA ILE H 293 -14.30 -5.08 -21.11
C ILE H 293 -13.88 -6.53 -21.18
N THR H 294 -13.95 -7.22 -20.06
CA THR H 294 -13.73 -8.66 -20.03
C THR H 294 -14.97 -9.32 -19.45
N LEU H 295 -15.22 -10.57 -19.83
CA LEU H 295 -16.39 -11.32 -19.33
C LEU H 295 -15.97 -12.49 -18.47
N GLY H 296 -16.45 -12.52 -17.22
CA GLY H 296 -16.13 -13.60 -16.28
C GLY H 296 -14.63 -13.75 -16.19
N ASP H 297 -14.18 -15.00 -16.13
CA ASP H 297 -12.75 -15.32 -15.96
C ASP H 297 -11.89 -15.19 -17.23
N SER H 298 -12.49 -14.86 -18.37
CA SER H 298 -11.73 -14.72 -19.61
C SER H 298 -11.06 -13.33 -19.70
N LYS H 299 -9.78 -13.31 -20.07
CA LYS H 299 -9.04 -12.06 -20.24
C LYS H 299 -9.24 -11.43 -21.62
N THR H 300 -9.99 -12.11 -22.49
CA THR H 300 -10.22 -11.65 -23.86
C THR H 300 -10.87 -10.27 -23.93
N PRO H 301 -10.23 -9.32 -24.65
CA PRO H 301 -10.88 -8.04 -24.93
C PRO H 301 -12.25 -8.26 -25.59
N VAL H 302 -13.29 -7.69 -24.98
CA VAL H 302 -14.63 -7.70 -25.56
C VAL H 302 -15.03 -6.28 -25.91
N LEU H 303 -15.45 -6.11 -27.15
CA LEU H 303 -15.89 -4.80 -27.62
C LEU H 303 -17.37 -4.83 -27.94
N ASP H 304 -18.05 -3.71 -27.70
CA ASP H 304 -19.49 -3.63 -27.96
C ASP H 304 -19.77 -3.11 -29.35
N GLY H 305 -20.16 -4.01 -30.24
CA GLY H 305 -20.57 -3.66 -31.61
C GLY H 305 -22.08 -3.59 -31.82
N ARG H 306 -22.83 -3.57 -30.72
CA ARG H 306 -24.28 -3.35 -30.79
C ARG H 306 -24.58 -1.89 -31.12
N LYS H 307 -25.79 -1.64 -31.60
CA LYS H 307 -26.32 -0.28 -31.65
C LYS H 307 -26.95 0.08 -30.31
N LYS H 308 -26.90 1.36 -29.94
CA LYS H 308 -27.72 1.83 -28.82
C LYS H 308 -28.53 3.05 -29.22
N ASP H 309 -29.84 3.02 -29.01
CA ASP H 309 -30.71 4.16 -29.31
C ASP H 309 -30.46 4.66 -30.73
N GLY H 310 -30.33 3.73 -31.67
CA GLY H 310 -30.02 4.06 -33.07
C GLY H 310 -28.62 4.60 -33.41
N LYS H 311 -27.78 4.86 -32.41
CA LYS H 311 -26.43 5.33 -32.71
C LYS H 311 -25.49 4.13 -32.91
N ASP H 312 -24.80 4.14 -34.04
CA ASP H 312 -23.89 3.07 -34.41
C ASP H 312 -22.67 3.04 -33.51
N SER H 313 -22.21 1.83 -33.21
CA SER H 313 -20.88 1.60 -32.68
C SER H 313 -19.84 1.88 -33.76
N LYS H 314 -18.62 2.17 -33.33
CA LYS H 314 -17.49 2.46 -34.22
C LYS H 314 -17.01 1.19 -34.96
N PHE H 315 -17.39 0.03 -34.42
CA PHE H 315 -16.88 -1.29 -34.86
C PHE H 315 -17.74 -1.99 -35.92
N THR H 316 -19.00 -1.59 -36.05
CA THR H 316 -19.92 -2.33 -36.90
C THR H 316 -20.86 -1.45 -37.73
N ARG H 317 -21.34 -2.06 -38.81
CA ARG H 317 -22.44 -1.50 -39.57
C ARG H 317 -23.36 -2.65 -39.92
N TYR H 318 -24.66 -2.39 -39.84
CA TYR H 318 -25.65 -3.39 -40.12
C TYR H 318 -26.33 -3.09 -41.47
N VAL H 319 -25.97 -3.88 -42.48
CA VAL H 319 -26.57 -3.71 -43.81
C VAL H 319 -27.79 -4.62 -43.98
N PRO H 320 -29.01 -4.06 -44.02
CA PRO H 320 -30.22 -4.89 -44.12
C PRO H 320 -30.28 -5.77 -45.38
N VAL H 321 -30.56 -7.06 -45.17
CA VAL H 321 -30.51 -8.07 -46.21
C VAL H 321 -31.63 -9.07 -45.99
N PRO H 322 -32.47 -9.30 -47.02
CA PRO H 322 -33.50 -10.35 -46.94
C PRO H 322 -32.90 -11.74 -47.21
N LYS H 323 -33.32 -12.79 -46.51
CA LYS H 323 -34.19 -12.80 -45.35
C LYS H 323 -33.81 -14.12 -44.65
N ASN H 324 -33.47 -14.07 -43.37
CA ASN H 324 -32.67 -15.14 -42.79
C ASN H 324 -31.51 -15.55 -43.72
N PRO H 325 -30.72 -14.56 -44.20
CA PRO H 325 -29.66 -14.89 -45.15
C PRO H 325 -28.64 -15.87 -44.55
N HIS H 326 -27.96 -16.61 -45.41
CA HIS H 326 -27.14 -17.71 -44.96
C HIS H 326 -25.67 -17.57 -45.38
N GLY H 327 -25.35 -18.00 -46.61
CA GLY H 327 -24.00 -17.87 -47.11
C GLY H 327 -23.50 -16.44 -47.11
N CYS H 328 -22.21 -16.27 -46.86
CA CYS H 328 -21.57 -14.95 -46.86
C CYS H 328 -20.19 -15.11 -47.48
N ASN H 329 -20.06 -14.67 -48.74
CA ASN H 329 -18.92 -15.03 -49.60
C ASN H 329 -18.32 -13.82 -50.31
N THR H 330 -16.98 -13.73 -50.28
CA THR H 330 -16.24 -12.61 -50.86
C THR H 330 -15.84 -12.96 -52.28
N SER H 331 -16.21 -12.12 -53.24
CA SER H 331 -15.80 -12.39 -54.63
C SER H 331 -14.26 -12.39 -54.73
N SER H 332 -13.73 -13.28 -55.57
CA SER H 332 -12.29 -13.50 -55.68
C SER H 332 -11.56 -12.29 -56.24
N ASP H 333 -12.31 -11.39 -56.88
CA ASP H 333 -11.79 -10.07 -57.31
C ASP H 333 -11.84 -9.01 -56.20
N GLY H 334 -12.21 -9.40 -54.99
CA GLY H 334 -12.22 -8.50 -53.83
C GLY H 334 -13.34 -7.46 -53.79
N LYS H 335 -14.15 -7.43 -54.83
CA LYS H 335 -15.17 -6.40 -54.99
C LYS H 335 -16.38 -6.52 -54.07
N TYR H 336 -16.86 -7.75 -53.82
CA TYR H 336 -18.13 -7.92 -53.08
C TYR H 336 -18.15 -8.91 -51.91
N PHE H 337 -18.89 -8.55 -50.86
CA PHE H 337 -19.40 -9.53 -49.93
C PHE H 337 -20.78 -9.91 -50.51
N ILE H 338 -20.98 -11.19 -50.83
CA ILE H 338 -22.27 -11.66 -51.38
C ILE H 338 -22.99 -12.57 -50.38
N ALA H 339 -24.13 -12.08 -49.90
CA ALA H 339 -24.97 -12.79 -48.95
C ALA H 339 -26.04 -13.54 -49.70
N ALA H 340 -26.20 -14.83 -49.40
CA ALA H 340 -27.27 -15.64 -49.97
C ALA H 340 -28.59 -15.49 -49.19
N GLY H 341 -29.69 -15.19 -49.89
CA GLY H 341 -30.94 -14.75 -49.29
C GLY H 341 -31.81 -15.80 -48.60
N LYS H 342 -31.58 -17.08 -48.91
CA LYS H 342 -32.32 -18.23 -48.35
C LYS H 342 -33.86 -18.10 -48.46
N LEU H 343 -34.51 -17.39 -47.54
CA LEU H 343 -35.97 -17.20 -47.61
C LEU H 343 -36.40 -16.15 -48.63
N SER H 344 -35.44 -15.37 -49.10
CA SER H 344 -35.67 -14.46 -50.22
C SER H 344 -34.96 -15.09 -51.42
N PRO H 345 -35.61 -15.10 -52.59
CA PRO H 345 -34.98 -15.78 -53.72
C PRO H 345 -33.84 -14.98 -54.39
N THR H 346 -32.95 -14.40 -53.58
CA THR H 346 -31.93 -13.47 -54.07
C THR H 346 -30.58 -13.69 -53.42
N CYS H 347 -29.55 -13.04 -53.99
CA CYS H 347 -28.32 -12.74 -53.24
C CYS H 347 -28.26 -11.23 -53.14
N SER H 348 -27.57 -10.72 -52.13
CA SER H 348 -27.35 -9.30 -51.96
C SER H 348 -25.85 -9.07 -52.08
N MET H 349 -25.44 -8.11 -52.91
CA MET H 349 -24.02 -7.82 -53.13
C MET H 349 -23.66 -6.51 -52.45
N ILE H 350 -22.77 -6.60 -51.48
CA ILE H 350 -22.30 -5.43 -50.76
C ILE H 350 -20.98 -5.06 -51.40
N ALA H 351 -20.95 -3.84 -51.93
CA ALA H 351 -19.76 -3.31 -52.57
C ALA H 351 -18.74 -2.92 -51.53
N ILE H 352 -17.66 -3.71 -51.45
CA ILE H 352 -16.59 -3.44 -50.47
C ILE H 352 -15.96 -2.03 -50.60
N ASP H 353 -15.89 -1.52 -51.83
CA ASP H 353 -15.46 -0.12 -52.16
C ASP H 353 -16.13 0.96 -51.34
N LYS H 354 -17.39 0.70 -50.97
CA LYS H 354 -18.27 1.71 -50.39
C LYS H 354 -18.25 1.71 -48.86
N LEU H 355 -17.59 0.71 -48.29
CA LEU H 355 -17.57 0.52 -46.82
C LEU H 355 -16.84 1.63 -46.06
N PRO H 356 -15.68 2.12 -46.57
CA PRO H 356 -14.99 3.26 -45.94
C PRO H 356 -15.92 4.48 -45.75
N ASP H 357 -16.66 4.85 -46.79
CA ASP H 357 -17.70 5.89 -46.69
C ASP H 357 -18.82 5.56 -45.69
N LEU H 358 -19.34 4.34 -45.73
CA LEU H 358 -20.36 3.94 -44.77
C LEU H 358 -19.90 4.19 -43.32
N PHE H 359 -18.67 3.77 -43.01
CA PHE H 359 -18.11 3.95 -41.67
C PHE H 359 -17.74 5.40 -41.35
N ALA H 360 -17.58 6.21 -42.39
CA ALA H 360 -17.21 7.60 -42.23
C ALA H 360 -18.44 8.50 -42.12
N GLY H 361 -19.62 7.90 -42.22
CA GLY H 361 -20.88 8.64 -42.10
C GLY H 361 -21.23 9.44 -43.34
N LYS H 362 -20.58 9.15 -44.45
CA LYS H 362 -20.88 9.87 -45.70
C LYS H 362 -22.10 9.32 -46.43
N LEU H 363 -22.59 8.15 -46.00
CA LEU H 363 -23.75 7.57 -46.65
C LEU H 363 -25.01 7.73 -45.79
N ALA H 364 -26.12 8.04 -46.45
CA ALA H 364 -27.39 8.31 -45.78
C ALA H 364 -28.07 7.06 -45.22
N ASP H 365 -27.74 5.90 -45.79
CA ASP H 365 -28.47 4.65 -45.52
C ASP H 365 -27.54 3.41 -45.70
N PRO H 366 -27.52 2.49 -44.72
CA PRO H 366 -26.65 1.31 -44.84
C PRO H 366 -26.99 0.48 -46.07
N ARG H 367 -28.21 0.63 -46.58
CA ARG H 367 -28.59 0.00 -47.84
C ARG H 367 -27.79 0.57 -49.02
N ASP H 368 -27.22 1.76 -48.89
CA ASP H 368 -26.47 2.35 -50.01
C ASP H 368 -25.27 1.49 -50.51
N VAL H 369 -24.78 0.58 -49.68
CA VAL H 369 -23.69 -0.30 -50.13
C VAL H 369 -24.18 -1.55 -50.88
N ILE H 370 -25.48 -1.78 -50.92
CA ILE H 370 -26.03 -2.83 -51.78
C ILE H 370 -26.03 -2.31 -53.21
N VAL H 371 -25.21 -2.92 -54.07
CA VAL H 371 -25.12 -2.51 -55.47
C VAL H 371 -25.74 -3.57 -56.39
N GLY H 372 -26.11 -4.71 -55.83
CA GLY H 372 -26.84 -5.73 -56.56
C GLY H 372 -27.71 -6.54 -55.64
N GLU H 373 -28.87 -6.94 -56.15
CA GLU H 373 -29.71 -7.86 -55.42
C GLU H 373 -30.48 -8.75 -56.39
N PRO H 374 -29.76 -9.56 -57.18
CA PRO H 374 -30.31 -10.43 -58.24
C PRO H 374 -31.30 -11.52 -57.78
N GLU H 375 -32.45 -11.62 -58.46
CA GLU H 375 -33.38 -12.72 -58.24
C GLU H 375 -32.80 -13.96 -58.92
N LEU H 376 -32.68 -15.06 -58.18
CA LEU H 376 -31.93 -16.18 -58.70
C LEU H 376 -32.72 -17.48 -58.72
N GLY H 377 -33.56 -17.69 -57.73
CA GLY H 377 -34.32 -18.92 -57.63
C GLY H 377 -34.62 -19.23 -56.19
N LEU H 378 -35.26 -20.36 -55.95
CA LEU H 378 -35.79 -20.65 -54.62
C LEU H 378 -34.75 -21.26 -53.70
N GLY H 379 -34.49 -20.59 -52.58
CA GLY H 379 -33.58 -21.06 -51.54
C GLY H 379 -32.07 -20.90 -51.72
N PRO H 380 -31.61 -19.72 -52.17
CA PRO H 380 -30.15 -19.50 -52.31
C PRO H 380 -29.44 -19.65 -50.95
N LEU H 381 -28.42 -20.51 -50.89
CA LEU H 381 -27.72 -20.80 -49.64
C LEU H 381 -26.27 -20.39 -49.64
N HIS H 382 -25.57 -20.57 -50.76
CA HIS H 382 -24.13 -20.31 -50.83
C HIS H 382 -23.68 -19.87 -52.19
N THR H 383 -22.55 -19.16 -52.24
CA THR H 383 -22.04 -18.63 -53.51
C THR H 383 -20.55 -18.88 -53.65
N THR H 384 -20.12 -19.21 -54.86
CA THR H 384 -18.70 -19.42 -55.16
C THR H 384 -18.34 -18.75 -56.52
N PHE H 385 -17.07 -18.75 -56.89
CA PHE H 385 -16.59 -17.92 -58.02
C PHE H 385 -15.63 -18.63 -58.95
N ASP H 386 -15.71 -18.34 -60.25
CA ASP H 386 -14.80 -18.97 -61.21
C ASP H 386 -13.58 -18.12 -61.55
N GLY H 387 -13.53 -16.92 -60.98
CA GLY H 387 -12.41 -15.99 -61.25
C GLY H 387 -12.52 -15.37 -62.63
N ARG H 388 -13.59 -15.68 -63.35
CA ARG H 388 -13.82 -15.13 -64.68
C ARG H 388 -14.94 -14.10 -64.66
N GLY H 389 -15.36 -13.66 -63.48
CA GLY H 389 -16.48 -12.74 -63.37
C GLY H 389 -17.84 -13.36 -63.07
N ASN H 390 -17.91 -14.69 -62.98
CA ASN H 390 -19.17 -15.38 -62.68
C ASN H 390 -19.23 -15.86 -61.23
N ALA H 391 -20.44 -15.84 -60.67
CA ALA H 391 -20.75 -16.44 -59.38
C ALA H 391 -21.65 -17.66 -59.57
N TYR H 392 -21.51 -18.64 -58.68
CA TYR H 392 -22.30 -19.86 -58.75
C TYR H 392 -22.99 -20.03 -57.40
N THR H 393 -24.31 -20.15 -57.41
CA THR H 393 -25.08 -20.17 -56.18
C THR H 393 -25.97 -21.42 -56.11
N THR H 394 -26.00 -22.05 -54.94
CA THR H 394 -26.88 -23.19 -54.70
C THR H 394 -28.28 -22.69 -54.42
N LEU H 395 -29.25 -23.38 -54.99
CA LEU H 395 -30.65 -23.14 -54.75
C LEU H 395 -31.14 -24.38 -54.07
N PHE H 396 -31.30 -24.31 -52.75
CA PHE H 396 -31.71 -25.47 -51.99
C PHE H 396 -33.06 -26.00 -52.44
N ILE H 397 -34.03 -25.10 -52.64
CA ILE H 397 -35.39 -25.53 -52.91
C ILE H 397 -35.54 -26.02 -54.35
N ASP H 398 -35.07 -25.22 -55.30
CA ASP H 398 -35.09 -25.61 -56.72
C ASP H 398 -34.13 -26.78 -57.03
N SER H 399 -33.20 -27.05 -56.09
N SER H 399 -33.23 -27.07 -56.07
CA SER H 399 -32.16 -28.08 -56.22
CA SER H 399 -32.13 -28.06 -56.18
C SER H 399 -31.31 -27.94 -57.48
C SER H 399 -31.31 -27.93 -57.47
N GLN H 400 -30.70 -26.76 -57.61
CA GLN H 400 -29.85 -26.42 -58.75
C GLN H 400 -28.64 -25.63 -58.29
N VAL H 401 -27.64 -25.55 -59.18
CA VAL H 401 -26.59 -24.55 -59.10
C VAL H 401 -26.88 -23.52 -60.19
N VAL H 402 -27.08 -22.27 -59.79
CA VAL H 402 -27.25 -21.18 -60.75
C VAL H 402 -25.94 -20.40 -60.95
N LYS H 403 -25.50 -20.31 -62.21
CA LYS H 403 -24.35 -19.54 -62.63
C LYS H 403 -24.80 -18.17 -63.15
N TRP H 404 -24.18 -17.11 -62.64
CA TRP H 404 -24.60 -15.77 -62.99
C TRP H 404 -23.48 -14.76 -63.08
N ASN H 405 -23.68 -13.77 -63.93
CA ASN H 405 -22.70 -12.72 -64.15
C ASN H 405 -22.85 -11.57 -63.15
N MET H 406 -21.79 -11.31 -62.40
CA MET H 406 -21.90 -10.41 -61.26
C MET H 406 -22.03 -8.97 -61.72
N GLU H 407 -21.17 -8.57 -62.65
CA GLU H 407 -21.22 -7.22 -63.24
C GLU H 407 -22.58 -6.91 -63.85
N GLU H 408 -23.16 -7.90 -64.54
CA GLU H 408 -24.49 -7.74 -65.13
C GLU H 408 -25.62 -7.61 -64.09
N ALA H 409 -25.53 -8.42 -63.03
CA ALA H 409 -26.40 -8.28 -61.88
C ALA H 409 -26.33 -6.88 -61.28
N VAL H 410 -25.12 -6.31 -61.18
CA VAL H 410 -24.95 -4.95 -60.66
C VAL H 410 -25.65 -3.91 -61.53
N ARG H 411 -25.55 -4.09 -62.84
CA ARG H 411 -26.27 -3.25 -63.81
C ARG H 411 -27.78 -3.46 -63.72
N ALA H 412 -28.22 -4.71 -63.60
CA ALA H 412 -29.65 -5.00 -63.51
C ALA H 412 -30.27 -4.31 -62.30
N TYR H 413 -29.48 -4.19 -61.23
CA TYR H 413 -29.91 -3.45 -60.03
C TYR H 413 -30.17 -1.97 -60.31
N LYS H 414 -29.45 -1.42 -61.29
CA LYS H 414 -29.61 -0.03 -61.69
C LYS H 414 -30.68 0.15 -62.77
N GLY H 415 -31.49 -0.89 -63.00
CA GLY H 415 -32.60 -0.77 -63.93
C GLY H 415 -32.41 -1.35 -65.32
N GLU H 416 -31.16 -1.67 -65.67
CA GLU H 416 -30.89 -2.29 -66.98
C GLU H 416 -31.54 -3.66 -67.18
N LYS H 417 -32.16 -3.85 -68.34
CA LYS H 417 -32.75 -5.14 -68.72
C LYS H 417 -31.61 -5.99 -69.21
N VAL H 418 -31.09 -6.85 -68.37
CA VAL H 418 -30.00 -7.73 -68.78
C VAL H 418 -30.13 -9.07 -68.08
N ASN H 419 -29.87 -10.14 -68.82
CA ASN H 419 -29.94 -11.46 -68.25
C ASN H 419 -28.61 -11.85 -67.64
N TYR H 420 -28.47 -11.61 -66.34
CA TYR H 420 -27.26 -11.99 -65.61
C TYR H 420 -27.17 -13.50 -65.37
N ILE H 421 -28.25 -14.23 -65.66
CA ILE H 421 -28.31 -15.68 -65.44
C ILE H 421 -27.86 -16.42 -66.67
N LYS H 422 -26.77 -17.18 -66.52
CA LYS H 422 -26.16 -17.90 -67.63
C LYS H 422 -26.70 -19.32 -67.80
N GLN H 423 -26.87 -20.03 -66.69
CA GLN H 423 -27.22 -21.45 -66.74
C GLN H 423 -27.75 -21.91 -65.39
N LYS H 424 -28.63 -22.88 -65.41
CA LYS H 424 -29.08 -23.59 -64.21
C LYS H 424 -28.84 -25.08 -64.42
N LEU H 425 -28.12 -25.70 -63.50
CA LEU H 425 -27.77 -27.11 -63.58
C LEU H 425 -28.46 -27.81 -62.44
N ASP H 426 -29.27 -28.83 -62.77
CA ASP H 426 -29.93 -29.65 -61.78
C ASP H 426 -28.90 -30.47 -60.98
N VAL H 427 -29.06 -30.46 -59.66
CA VAL H 427 -28.20 -31.25 -58.77
C VAL H 427 -29.07 -32.13 -57.88
N HIS H 428 -28.45 -33.08 -57.18
CA HIS H 428 -29.18 -34.24 -56.68
C HIS H 428 -28.79 -34.64 -55.25
N TYR H 429 -29.42 -34.07 -54.23
CA TYR H 429 -30.58 -33.17 -54.32
C TYR H 429 -30.49 -32.20 -53.15
N GLN H 430 -31.06 -31.01 -53.30
CA GLN H 430 -31.04 -29.98 -52.25
C GLN H 430 -29.60 -29.61 -51.81
N PRO H 431 -28.88 -28.82 -52.62
CA PRO H 431 -27.50 -28.50 -52.30
C PRO H 431 -27.38 -27.47 -51.15
N GLY H 432 -26.33 -27.62 -50.34
CA GLY H 432 -26.02 -26.64 -49.30
C GLY H 432 -24.87 -25.77 -49.76
N HIS H 433 -23.66 -26.11 -49.37
CA HIS H 433 -22.48 -25.34 -49.81
C HIS H 433 -22.05 -25.78 -51.21
N LEU H 434 -21.28 -24.93 -51.87
CA LEU H 434 -20.59 -25.35 -53.09
C LEU H 434 -19.23 -24.66 -53.11
N HIS H 435 -18.28 -25.22 -53.85
CA HIS H 435 -16.91 -24.70 -53.81
C HIS H 435 -16.25 -24.84 -55.17
N ALA H 436 -15.79 -23.72 -55.73
CA ALA H 436 -14.96 -23.72 -56.94
C ALA H 436 -13.48 -23.68 -56.53
N SER H 437 -12.62 -24.37 -57.28
CA SER H 437 -11.20 -24.45 -56.97
C SER H 437 -10.56 -23.05 -56.86
N LEU H 438 -9.87 -22.82 -55.74
CA LEU H 438 -9.14 -21.57 -55.44
C LEU H 438 -10.05 -20.33 -55.33
N CYS H 439 -11.35 -20.54 -55.10
CA CYS H 439 -12.37 -19.46 -55.06
C CYS H 439 -12.14 -18.44 -53.97
N GLU H 440 -11.52 -18.87 -52.87
CA GLU H 440 -11.25 -17.98 -51.76
C GLU H 440 -10.00 -17.12 -51.96
N THR H 441 -9.41 -17.18 -53.15
CA THR H 441 -8.15 -16.48 -53.42
C THR H 441 -8.23 -15.72 -54.74
N ASN H 442 -7.23 -14.86 -55.00
CA ASN H 442 -7.20 -14.14 -56.27
C ASN H 442 -6.71 -14.99 -57.44
N GLU H 443 -6.41 -16.25 -57.17
CA GLU H 443 -6.08 -17.21 -58.23
C GLU H 443 -7.23 -18.14 -58.61
N ALA H 444 -8.44 -17.83 -58.13
CA ALA H 444 -9.63 -18.60 -58.51
C ALA H 444 -9.53 -19.03 -59.99
N ASP H 445 -9.46 -20.33 -60.21
CA ASP H 445 -9.04 -20.82 -61.53
C ASP H 445 -10.17 -21.35 -62.43
N GLY H 446 -11.40 -21.30 -61.93
CA GLY H 446 -12.59 -21.71 -62.69
C GLY H 446 -12.54 -23.07 -63.34
N LYS H 447 -11.83 -24.02 -62.72
CA LYS H 447 -11.73 -25.37 -63.28
C LYS H 447 -12.74 -26.35 -62.74
N TRP H 448 -12.75 -26.54 -61.43
CA TRP H 448 -13.65 -27.50 -60.79
C TRP H 448 -14.64 -26.83 -59.85
N LEU H 449 -15.84 -27.40 -59.76
CA LEU H 449 -16.84 -26.99 -58.77
C LEU H 449 -17.41 -28.21 -58.06
N VAL H 450 -17.50 -28.11 -56.72
CA VAL H 450 -18.17 -29.16 -55.95
C VAL H 450 -19.42 -28.60 -55.27
N ALA H 451 -20.57 -29.21 -55.54
CA ALA H 451 -21.83 -28.90 -54.84
C ALA H 451 -22.11 -30.04 -53.87
N LEU H 452 -22.36 -29.68 -52.62
CA LEU H 452 -22.55 -30.65 -51.56
C LEU H 452 -24.03 -30.65 -51.18
N SER H 453 -24.74 -31.66 -51.68
CA SER H 453 -26.20 -31.77 -51.58
C SER H 453 -26.65 -32.71 -50.49
N LYS H 454 -27.75 -32.36 -49.84
CA LYS H 454 -28.13 -33.01 -48.59
C LYS H 454 -28.98 -34.28 -48.75
N PHE H 455 -29.63 -34.48 -49.89
CA PHE H 455 -30.49 -35.65 -50.08
C PHE H 455 -30.07 -36.47 -51.28
N SER H 456 -29.47 -37.63 -51.04
CA SER H 456 -29.00 -38.43 -52.16
C SER H 456 -30.08 -39.34 -52.75
N LYS H 457 -31.21 -39.48 -52.06
CA LYS H 457 -32.33 -40.24 -52.58
C LYS H 457 -31.84 -41.57 -53.18
N ASP H 458 -32.07 -41.83 -54.47
N ASP H 458 -32.01 -41.68 -54.51
CA ASP H 458 -31.60 -43.11 -55.04
CA ASP H 458 -31.78 -42.89 -55.30
C ASP H 458 -30.43 -42.91 -56.01
C ASP H 458 -30.43 -42.90 -56.02
N ARG H 459 -29.56 -41.95 -55.70
CA ARG H 459 -28.32 -41.75 -56.48
C ARG H 459 -27.22 -42.80 -56.21
N PHE H 460 -27.34 -43.50 -55.10
CA PHE H 460 -26.41 -44.57 -54.74
C PHE H 460 -27.21 -45.79 -54.35
N LEU H 461 -26.59 -46.97 -54.34
CA LEU H 461 -27.23 -48.18 -53.76
C LEU H 461 -27.89 -47.89 -52.40
N PRO H 462 -29.09 -48.47 -52.16
CA PRO H 462 -29.76 -48.33 -50.87
C PRO H 462 -28.84 -48.90 -49.79
N VAL H 463 -28.74 -48.19 -48.65
CA VAL H 463 -27.91 -48.62 -47.54
C VAL H 463 -28.63 -48.53 -46.20
N GLY H 464 -29.96 -48.50 -46.23
CA GLY H 464 -30.75 -48.39 -45.00
C GLY H 464 -31.36 -47.00 -44.87
N PRO H 465 -31.98 -46.71 -43.70
CA PRO H 465 -32.71 -45.46 -43.47
C PRO H 465 -31.81 -44.21 -43.50
N LEU H 466 -30.57 -44.36 -43.08
CA LEU H 466 -29.59 -43.29 -43.18
C LEU H 466 -28.97 -43.29 -44.57
N HIS H 467 -28.97 -42.13 -45.22
CA HIS H 467 -28.46 -42.00 -46.58
C HIS H 467 -27.14 -41.20 -46.57
N PRO H 468 -26.26 -41.45 -47.55
CA PRO H 468 -25.09 -40.56 -47.63
C PRO H 468 -25.48 -39.20 -48.20
N GLU H 469 -24.57 -38.24 -48.10
CA GLU H 469 -24.71 -36.98 -48.80
C GLU H 469 -24.12 -37.13 -50.20
N ASN H 470 -24.51 -36.24 -51.10
CA ASN H 470 -24.02 -36.33 -52.47
C ASN H 470 -23.25 -35.07 -52.86
N ASP H 471 -21.94 -35.20 -52.87
CA ASP H 471 -21.05 -34.15 -53.24
C ASP H 471 -20.71 -34.40 -54.70
N GLN H 472 -21.21 -33.53 -55.57
CA GLN H 472 -21.12 -33.70 -57.01
C GLN H 472 -20.05 -32.80 -57.65
N LEU H 473 -19.14 -33.45 -58.38
CA LEU H 473 -18.05 -32.77 -59.06
C LEU H 473 -18.57 -32.23 -60.41
N ILE H 474 -18.35 -30.94 -60.64
CA ILE H 474 -18.89 -30.24 -61.80
C ILE H 474 -17.77 -29.52 -62.54
N ASP H 475 -17.67 -29.77 -63.86
CA ASP H 475 -16.67 -29.11 -64.71
C ASP H 475 -17.14 -27.71 -65.01
N ILE H 476 -16.33 -26.73 -64.65
CA ILE H 476 -16.67 -25.35 -64.92
C ILE H 476 -15.66 -24.60 -65.79
N SER H 477 -14.67 -25.33 -66.33
CA SER H 477 -13.63 -24.76 -67.23
C SER H 477 -14.13 -24.07 -68.49
N GLY H 478 -15.25 -24.53 -69.07
CA GLY H 478 -15.91 -23.85 -70.19
C GLY H 478 -17.21 -23.14 -69.81
N ASP H 479 -17.97 -22.70 -70.83
CA ASP H 479 -19.23 -21.96 -70.65
C ASP H 479 -20.38 -22.75 -70.02
N GLU H 480 -20.48 -24.03 -70.37
CA GLU H 480 -21.51 -24.89 -69.85
C GLU H 480 -20.96 -25.74 -68.69
N MET H 481 -21.46 -25.52 -67.48
CA MET H 481 -21.25 -26.44 -66.36
C MET H 481 -21.65 -27.85 -66.80
N LYS H 482 -20.76 -28.81 -66.54
CA LYS H 482 -21.07 -30.22 -66.78
C LYS H 482 -20.91 -31.02 -65.50
N LEU H 483 -21.96 -31.78 -65.15
CA LEU H 483 -21.93 -32.70 -64.03
C LEU H 483 -21.15 -33.95 -64.44
N VAL H 484 -20.07 -34.25 -63.71
CA VAL H 484 -19.20 -35.37 -64.07
C VAL H 484 -19.09 -36.49 -63.02
N HIS H 485 -19.42 -36.21 -61.75
CA HIS H 485 -19.24 -37.21 -60.68
C HIS H 485 -20.15 -37.03 -59.46
N ASP H 486 -20.79 -38.11 -59.04
CA ASP H 486 -21.54 -38.16 -57.78
C ASP H 486 -20.65 -38.81 -56.71
N GLY H 487 -20.38 -38.07 -55.63
CA GLY H 487 -19.50 -38.55 -54.56
C GLY H 487 -20.27 -38.75 -53.26
N PRO H 488 -20.50 -40.02 -52.87
CA PRO H 488 -21.20 -40.24 -51.60
C PRO H 488 -20.26 -39.95 -50.42
N THR H 489 -20.76 -39.28 -49.39
CA THR H 489 -19.97 -38.97 -48.20
C THR H 489 -20.82 -39.15 -46.96
N PHE H 490 -20.15 -39.53 -45.88
CA PHE H 490 -20.79 -39.84 -44.62
C PHE H 490 -20.93 -38.62 -43.69
N ALA H 491 -22.06 -38.51 -42.99
CA ALA H 491 -22.20 -37.53 -41.91
C ALA H 491 -22.08 -36.08 -42.39
N GLU H 492 -22.49 -35.84 -43.62
CA GLU H 492 -22.79 -34.50 -44.06
C GLU H 492 -21.59 -33.54 -44.00
N PRO H 493 -20.62 -33.72 -44.90
CA PRO H 493 -19.73 -32.59 -45.12
C PRO H 493 -20.62 -31.38 -45.41
N HIS H 494 -20.25 -30.21 -44.94
CA HIS H 494 -21.10 -29.11 -45.29
C HIS H 494 -20.38 -28.44 -46.43
N ASP H 495 -19.13 -28.08 -46.15
CA ASP H 495 -18.28 -27.39 -47.08
C ASP H 495 -16.92 -28.11 -47.21
N CYS H 496 -16.14 -27.72 -48.23
CA CYS H 496 -14.80 -28.22 -48.46
C CYS H 496 -13.96 -27.10 -49.08
N ILE H 497 -12.64 -27.31 -49.16
CA ILE H 497 -11.73 -26.41 -49.84
C ILE H 497 -10.79 -27.22 -50.73
N MET H 498 -10.53 -26.71 -51.93
CA MET H 498 -9.53 -27.27 -52.83
C MET H 498 -8.26 -26.42 -52.86
N ALA H 499 -7.11 -27.10 -52.92
CA ALA H 499 -5.79 -26.46 -53.13
C ALA H 499 -5.04 -27.20 -54.25
N ARG H 500 -4.28 -26.45 -55.05
CA ARG H 500 -3.37 -27.06 -56.02
C ARG H 500 -2.40 -28.05 -55.34
N ARG H 501 -2.00 -29.07 -56.09
CA ARG H 501 -1.08 -30.04 -55.54
C ARG H 501 0.19 -29.33 -55.11
N ASP H 502 0.62 -28.33 -55.90
CA ASP H 502 1.82 -27.55 -55.56
C ASP H 502 1.64 -26.48 -54.48
N GLN H 503 0.44 -26.32 -53.92
CA GLN H 503 0.25 -25.45 -52.75
C GLN H 503 0.37 -26.21 -51.42
N ILE H 504 0.63 -27.52 -51.50
CA ILE H 504 0.71 -28.39 -50.31
C ILE H 504 2.04 -29.14 -50.32
N LYS H 505 2.77 -29.03 -49.21
CA LYS H 505 4.03 -29.74 -49.06
C LYS H 505 4.04 -30.48 -47.72
N THR H 506 4.18 -31.79 -47.78
CA THR H 506 4.05 -32.63 -46.60
C THR H 506 5.39 -33.25 -46.18
N LYS H 507 5.54 -33.58 -44.90
CA LYS H 507 6.75 -34.25 -44.44
C LYS H 507 6.66 -35.74 -44.77
N LYS H 508 7.78 -36.35 -45.12
CA LYS H 508 7.80 -37.77 -45.45
C LYS H 508 7.86 -38.57 -44.16
N ILE H 509 8.59 -38.03 -43.20
CA ILE H 509 8.82 -38.63 -41.89
C ILE H 509 8.83 -37.51 -40.88
N TRP H 510 8.53 -37.81 -39.63
CA TRP H 510 8.57 -36.80 -38.58
C TRP H 510 9.99 -36.28 -38.34
N ASP H 511 10.10 -35.00 -37.96
CA ASP H 511 11.35 -34.46 -37.42
C ASP H 511 11.36 -34.78 -35.94
N ARG H 512 12.51 -35.18 -35.41
CA ARG H 512 12.63 -35.52 -33.99
C ARG H 512 12.33 -34.36 -33.03
N ASN H 513 12.47 -33.12 -33.52
CA ASN H 513 12.18 -31.92 -32.72
C ASN H 513 10.83 -31.27 -33.04
N ASP H 514 9.88 -32.06 -33.52
CA ASP H 514 8.56 -31.53 -33.87
C ASP H 514 7.78 -31.03 -32.63
N PRO H 515 7.21 -29.82 -32.71
CA PRO H 515 6.44 -29.29 -31.59
C PRO H 515 5.30 -30.21 -31.11
N PHE H 516 4.71 -30.97 -32.02
CA PHE H 516 3.56 -31.85 -31.71
C PHE H 516 3.75 -32.76 -30.48
N PHE H 517 4.87 -33.47 -30.42
CA PHE H 517 5.21 -34.30 -29.24
C PHE H 517 6.40 -33.76 -28.42
N ALA H 518 6.83 -32.53 -28.73
CA ALA H 518 7.92 -31.88 -27.95
C ALA H 518 7.67 -31.81 -26.43
N PRO H 519 6.41 -31.62 -26.00
CA PRO H 519 6.17 -31.69 -24.56
C PRO H 519 6.43 -33.06 -23.97
N THR H 520 6.18 -34.12 -24.73
CA THR H 520 6.55 -35.48 -24.28
C THR H 520 8.08 -35.62 -24.17
N VAL H 521 8.80 -34.96 -25.08
CA VAL H 521 10.27 -35.03 -25.08
C VAL H 521 10.80 -34.35 -23.82
N GLU H 522 10.30 -33.14 -23.54
CA GLU H 522 10.80 -32.36 -22.41
C GLU H 522 10.50 -32.92 -21.03
N MET H 523 9.31 -33.50 -20.86
CA MET H 523 8.95 -34.23 -19.63
C MET H 523 9.92 -35.38 -19.44
N ALA H 524 10.21 -36.08 -20.54
CA ALA H 524 11.01 -37.30 -20.50
C ALA H 524 12.43 -37.01 -20.03
N LYS H 525 12.87 -35.77 -20.23
CA LYS H 525 14.11 -35.25 -19.67
C LYS H 525 14.14 -35.25 -18.14
N LYS H 526 12.98 -35.07 -17.50
CA LYS H 526 12.91 -35.24 -16.03
C LYS H 526 13.28 -36.68 -15.62
N ASP H 527 13.08 -37.63 -16.52
CA ASP H 527 13.42 -39.02 -16.26
C ASP H 527 14.81 -39.38 -16.77
N GLY H 528 15.51 -38.42 -17.36
CA GLY H 528 16.84 -38.68 -17.93
C GLY H 528 16.81 -39.60 -19.13
N ILE H 529 15.78 -39.44 -19.97
CA ILE H 529 15.60 -40.32 -21.13
C ILE H 529 16.10 -39.67 -22.43
N ASN H 530 16.87 -40.43 -23.19
CA ASN H 530 17.10 -40.15 -24.61
C ASN H 530 16.14 -41.04 -25.37
N LEU H 531 15.14 -40.42 -25.99
CA LEU H 531 14.07 -41.19 -26.61
C LEU H 531 14.53 -42.02 -27.80
N ASP H 532 15.54 -41.52 -28.52
CA ASP H 532 16.05 -42.14 -29.75
C ASP H 532 16.75 -43.48 -29.55
N THR H 533 17.06 -43.81 -28.30
CA THR H 533 17.83 -45.01 -28.01
C THR H 533 17.25 -45.87 -26.89
N ASP H 534 16.54 -45.24 -25.95
CA ASP H 534 16.31 -45.87 -24.65
C ASP H 534 15.19 -46.88 -24.56
N ASN H 535 15.49 -47.97 -23.89
CA ASN H 535 14.50 -48.92 -23.45
C ASN H 535 14.66 -49.12 -21.94
N LYS H 536 13.80 -48.46 -21.18
CA LYS H 536 13.85 -48.43 -19.72
C LYS H 536 12.45 -48.37 -19.10
N VAL H 537 12.31 -49.03 -17.94
CA VAL H 537 11.09 -48.99 -17.16
C VAL H 537 11.39 -48.23 -15.88
N ILE H 538 10.79 -47.04 -15.76
CA ILE H 538 10.94 -46.16 -14.59
C ILE H 538 9.76 -46.32 -13.61
N ARG H 539 10.07 -46.52 -12.34
CA ARG H 539 9.05 -46.69 -11.29
C ARG H 539 9.06 -45.55 -10.29
N ASP H 540 7.89 -45.02 -9.97
CA ASP H 540 7.80 -43.98 -8.96
C ASP H 540 6.50 -44.07 -8.18
N GLY H 541 6.54 -44.79 -7.06
CA GLY H 541 5.34 -45.05 -6.29
C GLY H 541 4.36 -45.90 -7.08
N ASN H 542 3.21 -45.31 -7.42
CA ASN H 542 2.18 -46.07 -8.10
C ASN H 542 2.23 -45.90 -9.62
N LYS H 543 3.20 -45.10 -10.07
CA LYS H 543 3.34 -44.83 -11.48
C LYS H 543 4.46 -45.65 -12.09
N VAL H 544 4.21 -46.15 -13.30
CA VAL H 544 5.23 -46.86 -14.06
C VAL H 544 5.29 -46.19 -15.43
N ARG H 545 6.47 -45.70 -15.77
CA ARG H 545 6.71 -45.06 -17.05
C ARG H 545 7.62 -45.93 -17.91
N VAL H 546 7.04 -46.55 -18.94
CA VAL H 546 7.81 -47.34 -19.88
C VAL H 546 8.27 -46.41 -20.99
N TYR H 547 9.55 -46.43 -21.31
CA TYR H 547 10.06 -45.71 -22.47
C TYR H 547 10.73 -46.70 -23.40
N MET H 548 10.28 -46.74 -24.65
CA MET H 548 10.85 -47.70 -25.58
C MET H 548 11.05 -47.14 -26.99
N THR H 549 11.97 -47.76 -27.71
CA THR H 549 12.05 -47.57 -29.14
C THR H 549 11.36 -48.76 -29.81
N SER H 550 11.07 -48.64 -31.09
CA SER H 550 10.43 -49.70 -31.84
C SER H 550 10.92 -49.67 -33.27
N MET H 551 10.98 -50.87 -33.85
CA MET H 551 11.50 -51.07 -35.17
C MET H 551 11.03 -52.43 -35.64
N ALA H 552 10.40 -52.49 -36.82
CA ALA H 552 9.79 -53.71 -37.29
C ALA H 552 10.85 -54.80 -37.34
N PRO H 553 10.52 -56.00 -36.83
CA PRO H 553 9.26 -56.38 -36.20
C PRO H 553 9.28 -56.49 -34.65
N ALA H 554 10.03 -55.64 -33.94
CA ALA H 554 10.11 -55.74 -32.47
C ALA H 554 9.90 -54.45 -31.69
N PHE H 555 9.13 -54.56 -30.62
CA PHE H 555 9.05 -53.53 -29.60
C PHE H 555 10.37 -53.50 -28.83
N GLY H 556 10.90 -52.30 -28.58
CA GLY H 556 12.12 -52.16 -27.79
C GLY H 556 12.00 -52.80 -26.42
N VAL H 557 10.88 -52.56 -25.76
CA VAL H 557 10.56 -53.23 -24.50
C VAL H 557 9.46 -54.25 -24.79
N GLN H 558 9.75 -55.53 -24.53
CA GLN H 558 8.78 -56.60 -24.85
C GLN H 558 8.13 -57.26 -23.63
N GLU H 559 8.59 -56.89 -22.45
CA GLU H 559 7.96 -57.32 -21.21
C GLU H 559 8.12 -56.26 -20.15
N PHE H 560 7.14 -56.16 -19.26
CA PHE H 560 7.28 -55.39 -18.03
C PHE H 560 6.21 -55.81 -17.03
N THR H 561 6.58 -55.80 -15.76
CA THR H 561 5.73 -56.24 -14.66
C THR H 561 5.36 -55.00 -13.85
N VAL H 562 4.09 -54.92 -13.46
CA VAL H 562 3.57 -53.81 -12.66
C VAL H 562 2.72 -54.39 -11.53
N LYS H 563 2.27 -53.51 -10.65
CA LYS H 563 1.38 -53.89 -9.56
C LYS H 563 -0.05 -53.51 -9.94
N GLN H 564 -1.00 -54.38 -9.63
CA GLN H 564 -2.40 -54.10 -9.90
C GLN H 564 -2.76 -52.75 -9.31
N GLY H 565 -3.34 -51.89 -10.13
CA GLY H 565 -3.70 -50.55 -9.70
C GLY H 565 -2.77 -49.48 -10.21
N ASP H 566 -1.55 -49.86 -10.61
CA ASP H 566 -0.57 -48.89 -11.10
C ASP H 566 -1.07 -48.06 -12.29
N GLU H 567 -0.69 -46.79 -12.32
CA GLU H 567 -0.92 -45.98 -13.50
C GLU H 567 0.27 -46.19 -14.45
N VAL H 568 -0.03 -46.71 -15.63
CA VAL H 568 1.00 -47.08 -16.57
C VAL H 568 1.03 -46.08 -17.73
N THR H 569 2.20 -45.49 -18.00
CA THR H 569 2.38 -44.64 -19.16
C THR H 569 3.37 -45.36 -20.05
N VAL H 570 2.99 -45.58 -21.31
CA VAL H 570 3.90 -46.15 -22.30
C VAL H 570 4.25 -45.10 -23.37
N THR H 571 5.55 -44.76 -23.44
CA THR H 571 6.08 -43.88 -24.47
C THR H 571 6.88 -44.66 -25.51
N ILE H 572 6.48 -44.56 -26.78
CA ILE H 572 7.14 -45.25 -27.88
C ILE H 572 7.69 -44.27 -28.90
N THR H 573 8.94 -44.47 -29.26
CA THR H 573 9.58 -43.74 -30.34
C THR H 573 9.91 -44.72 -31.48
N ASN H 574 9.27 -44.52 -32.63
CA ASN H 574 9.47 -45.33 -33.83
C ASN H 574 10.79 -44.96 -34.52
N ILE H 575 11.75 -45.88 -34.51
CA ILE H 575 13.09 -45.56 -35.03
C ILE H 575 13.43 -46.13 -36.41
N ASP H 576 12.47 -46.82 -37.03
CA ASP H 576 12.50 -47.09 -38.46
C ASP H 576 12.60 -45.75 -39.17
N GLN H 577 13.36 -45.68 -40.26
CA GLN H 577 13.51 -44.42 -41.00
C GLN H 577 12.92 -44.50 -42.40
N ILE H 578 12.47 -45.70 -42.78
CA ILE H 578 11.79 -45.93 -44.06
C ILE H 578 10.36 -45.38 -44.01
N GLU H 579 9.99 -44.62 -45.04
CA GLU H 579 8.64 -44.08 -45.18
C GLU H 579 7.61 -45.18 -45.10
N ASP H 580 6.48 -44.87 -44.48
CA ASP H 580 5.29 -45.76 -44.49
C ASP H 580 5.37 -46.90 -43.48
N VAL H 581 6.54 -47.10 -42.84
CA VAL H 581 6.64 -48.14 -41.82
C VAL H 581 6.22 -47.61 -40.43
N SER H 582 4.90 -47.56 -40.22
CA SER H 582 4.31 -47.13 -38.97
C SER H 582 4.06 -48.34 -38.10
N HIS H 583 4.00 -48.11 -36.79
CA HIS H 583 3.58 -49.16 -35.85
C HIS H 583 2.35 -48.74 -35.05
N GLY H 584 1.75 -49.71 -34.38
CA GLY H 584 0.67 -49.45 -33.46
C GLY H 584 1.08 -49.98 -32.11
N PHE H 585 0.21 -49.76 -31.13
CA PHE H 585 0.41 -50.29 -29.79
C PHE H 585 -0.98 -50.42 -29.22
N VAL H 586 -1.39 -51.66 -28.99
CA VAL H 586 -2.70 -51.93 -28.42
C VAL H 586 -2.53 -52.85 -27.21
N VAL H 587 -3.05 -52.42 -26.08
CA VAL H 587 -3.08 -53.28 -24.90
C VAL H 587 -4.42 -53.98 -24.84
N VAL H 588 -4.41 -55.30 -25.02
CA VAL H 588 -5.63 -56.09 -25.12
C VAL H 588 -6.53 -55.90 -23.91
N ASN H 589 -7.82 -55.72 -24.17
CA ASN H 589 -8.84 -55.58 -23.15
C ASN H 589 -8.64 -54.40 -22.20
N HIS H 590 -7.83 -53.44 -22.61
CA HIS H 590 -7.62 -52.24 -21.77
C HIS H 590 -8.11 -50.96 -22.42
N GLY H 591 -8.67 -51.09 -23.63
CA GLY H 591 -9.13 -49.91 -24.34
C GLY H 591 -8.01 -48.93 -24.65
N VAL H 592 -6.86 -49.46 -25.03
CA VAL H 592 -5.67 -48.63 -25.29
C VAL H 592 -5.18 -48.90 -26.72
N SER H 593 -4.97 -47.84 -27.48
CA SER H 593 -4.62 -47.99 -28.89
C SER H 593 -3.98 -46.71 -29.42
N MET H 594 -2.94 -46.83 -30.23
CA MET H 594 -2.27 -45.66 -30.79
C MET H 594 -1.35 -45.92 -32.01
N GLU H 595 -1.18 -44.88 -32.84
CA GLU H 595 -0.23 -44.88 -33.98
C GLU H 595 1.10 -44.33 -33.55
N ILE H 596 2.18 -44.90 -34.10
CA ILE H 596 3.51 -44.30 -34.01
C ILE H 596 4.19 -44.42 -35.38
N SER H 597 4.32 -43.28 -36.05
CA SER H 597 4.89 -43.26 -37.39
C SER H 597 6.38 -42.96 -37.33
N PRO H 598 7.11 -43.22 -38.44
CA PRO H 598 8.57 -43.17 -38.36
C PRO H 598 9.07 -41.85 -37.79
N GLN H 599 9.98 -41.95 -36.82
CA GLN H 599 10.61 -40.81 -36.12
C GLN H 599 9.65 -40.03 -35.21
N GLN H 600 8.51 -40.66 -34.91
CA GLN H 600 7.51 -40.06 -34.02
C GLN H 600 7.65 -40.64 -32.62
N THR H 601 7.33 -39.82 -31.62
CA THR H 601 7.09 -40.31 -30.25
C THR H 601 5.62 -40.14 -29.89
N SER H 602 4.98 -41.22 -29.42
CA SER H 602 3.60 -41.19 -28.89
C SER H 602 3.55 -41.87 -27.55
N SER H 603 2.67 -41.39 -26.69
CA SER H 603 2.51 -41.96 -25.36
C SER H 603 1.06 -41.99 -24.99
N ILE H 604 0.73 -42.97 -24.17
CA ILE H 604 -0.62 -43.19 -23.74
C ILE H 604 -0.52 -43.67 -22.30
N THR H 605 -1.57 -43.39 -21.52
CA THR H 605 -1.59 -43.69 -20.10
C THR H 605 -2.86 -44.47 -19.79
N PHE H 606 -2.75 -45.45 -18.89
CA PHE H 606 -3.87 -46.33 -18.56
C PHE H 606 -3.64 -46.98 -17.20
N VAL H 607 -4.70 -47.50 -16.60
CA VAL H 607 -4.60 -48.16 -15.32
C VAL H 607 -4.56 -49.66 -15.51
N ALA H 608 -3.54 -50.30 -14.94
CA ALA H 608 -3.44 -51.75 -14.97
C ALA H 608 -4.33 -52.32 -13.87
N ASP H 609 -5.64 -52.27 -14.09
CA ASP H 609 -6.59 -52.64 -13.06
C ASP H 609 -6.88 -54.15 -12.99
N LYS H 610 -6.29 -54.91 -13.91
CA LYS H 610 -6.54 -56.34 -14.01
C LYS H 610 -5.28 -57.18 -13.81
N PRO H 611 -5.30 -58.06 -12.78
CA PRO H 611 -4.16 -58.92 -12.52
C PRO H 611 -3.94 -59.91 -13.67
N GLY H 612 -2.70 -60.32 -13.83
CA GLY H 612 -2.39 -61.38 -14.74
C GLY H 612 -1.59 -60.91 -15.91
N LEU H 613 -1.41 -61.83 -16.87
CA LEU H 613 -0.68 -61.57 -18.09
C LEU H 613 -1.59 -60.84 -19.06
N HIS H 614 -1.05 -59.81 -19.70
CA HIS H 614 -1.83 -59.03 -20.64
C HIS H 614 -1.00 -58.64 -21.83
N TRP H 615 -1.39 -59.20 -22.98
CA TRP H 615 -0.68 -58.97 -24.23
C TRP H 615 -0.91 -57.58 -24.79
N TYR H 616 0.15 -57.01 -25.32
CA TYR H 616 0.04 -55.86 -26.20
C TYR H 616 0.64 -56.22 -27.56
N TYR H 617 0.14 -55.59 -28.61
CA TYR H 617 0.62 -55.90 -29.96
C TYR H 617 0.69 -54.67 -30.84
N CYS H 618 1.43 -54.78 -31.94
CA CYS H 618 1.50 -53.72 -32.94
C CYS H 618 0.31 -53.82 -33.89
N SER H 619 -0.51 -52.78 -33.94
CA SER H 619 -1.76 -52.80 -34.71
C SER H 619 -1.58 -52.45 -36.19
N TRP H 620 -0.47 -51.81 -36.54
CA TRP H 620 -0.18 -51.39 -37.91
C TRP H 620 0.69 -52.42 -38.66
N PHE H 621 0.12 -53.07 -39.68
CA PHE H 621 0.83 -54.09 -40.47
C PHE H 621 2.12 -53.48 -41.01
N CYS H 622 3.25 -54.03 -40.58
CA CYS H 622 4.52 -53.33 -40.77
C CYS H 622 5.63 -54.17 -41.36
N HIS H 623 5.37 -55.47 -41.51
CA HIS H 623 6.41 -56.46 -41.74
C HIS H 623 5.80 -57.85 -41.91
N ALA H 624 6.56 -58.76 -42.52
CA ALA H 624 6.10 -60.15 -42.65
C ALA H 624 5.84 -60.80 -41.28
N LEU H 625 6.57 -60.33 -40.27
CA LEU H 625 6.40 -60.84 -38.90
C LEU H 625 5.63 -59.86 -37.99
N HIS H 626 4.67 -59.17 -38.59
CA HIS H 626 3.81 -58.21 -37.88
C HIS H 626 2.97 -58.88 -36.80
N MET H 627 2.42 -60.05 -37.12
CA MET H 627 1.64 -60.84 -36.17
C MET H 627 2.43 -61.11 -34.88
N GLU H 628 3.73 -61.33 -35.03
CA GLU H 628 4.57 -61.70 -33.91
C GLU H 628 5.20 -60.49 -33.18
N MET H 629 4.95 -59.28 -33.69
CA MET H 629 5.38 -58.06 -33.02
C MET H 629 4.48 -57.75 -31.82
N VAL H 630 4.82 -58.36 -30.69
CA VAL H 630 3.97 -58.37 -29.49
C VAL H 630 4.81 -58.20 -28.24
N GLY H 631 4.13 -58.07 -27.10
CA GLY H 631 4.76 -58.01 -25.79
C GLY H 631 3.80 -58.37 -24.67
N ARG H 632 4.34 -58.48 -23.46
CA ARG H 632 3.57 -58.95 -22.32
C ARG H 632 3.67 -57.99 -21.15
N MET H 633 2.52 -57.57 -20.63
CA MET H 633 2.43 -56.79 -19.41
C MET H 633 1.96 -57.73 -18.32
N MET H 634 2.81 -57.93 -17.33
CA MET H 634 2.49 -58.87 -16.26
C MET H 634 2.07 -58.10 -15.02
N VAL H 635 0.83 -58.29 -14.60
CA VAL H 635 0.30 -57.52 -13.50
C VAL H 635 0.18 -58.42 -12.28
N GLU H 636 0.88 -58.02 -11.21
CA GLU H 636 0.86 -58.76 -9.95
C GLU H 636 -0.39 -58.39 -9.18
N PRO H 637 -1.00 -59.36 -8.46
CA PRO H 637 -2.28 -59.13 -7.76
C PRO H 637 -2.20 -58.07 -6.67
N ALA H 638 -3.38 -57.54 -6.30
CA ALA H 638 -3.54 -56.44 -5.36
C ALA H 638 -3.02 -56.73 -3.94
#